data_5VTO
#
_entry.id   5VTO
#
_entity_poly.entity_id   1
_entity_poly.type   'polypeptide(L)'
_entity_poly.pdbx_seq_one_letter_code
;KAGVRSVFLAGPFMGLVNPETNSMPSAEQLPFLTLIEHFEKQGLEVFNAHRREAWGAQVLTPEECTPLDQLEIRKADVFV
AIPGIPPSPGTHVEIGWASAFDKPIVLLLEEGREEEYGFLVRGLGTVAAVEFVHYKDIALAKPQIDAAIRKVVDRVNNPA
ATP
;
_entity_poly.pdbx_strand_id   A,B
#
# COMPACT_ATOMS: atom_id res chain seq x y z
N LYS A 1 17.05 18.28 9.82
CA LYS A 1 17.04 18.50 11.29
C LYS A 1 15.62 18.32 11.81
N ALA A 2 15.16 19.29 12.60
CA ALA A 2 13.82 19.24 13.15
C ALA A 2 12.97 20.37 12.59
N GLY A 3 12.79 20.38 11.28
CA GLY A 3 12.00 21.42 10.64
C GLY A 3 11.34 20.89 9.37
N VAL A 4 10.81 19.67 9.45
CA VAL A 4 10.13 19.06 8.31
C VAL A 4 9.61 20.15 7.37
N ARG A 5 10.19 20.21 6.18
CA ARG A 5 9.76 21.21 5.21
C ARG A 5 8.35 20.94 4.69
N SER A 6 7.95 19.67 4.74
CA SER A 6 6.61 19.30 4.27
C SER A 6 6.19 17.94 4.82
N VAL A 7 5.05 17.91 5.49
CA VAL A 7 4.55 16.65 6.06
C VAL A 7 3.35 16.11 5.27
N PHE A 8 3.42 14.83 4.90
CA PHE A 8 2.34 14.19 4.15
C PHE A 8 1.30 13.62 5.11
N LEU A 9 0.01 13.84 4.83
CA LEU A 9 -1.06 13.37 5.71
C LEU A 9 -2.20 12.72 4.92
N ALA A 10 -2.55 11.49 5.31
CA ALA A 10 -3.63 10.76 4.64
C ALA A 10 -4.54 10.07 5.65
N GLY A 11 -5.68 9.58 5.15
CA GLY A 11 -6.64 8.89 6.01
C GLY A 11 -7.05 7.56 5.39
N PRO A 12 -7.86 6.79 6.06
CA PRO A 12 -8.32 5.47 5.57
C PRO A 12 -9.20 5.59 4.33
N PHE A 13 -9.32 6.82 3.82
CA PHE A 13 -10.12 7.07 2.63
C PHE A 13 -11.07 5.90 2.36
N MET A 14 -11.26 5.59 1.08
CA MET A 14 -12.14 4.49 0.70
C MET A 14 -12.55 3.68 1.93
N GLY A 15 -11.54 3.23 2.67
CA GLY A 15 -11.80 2.45 3.88
C GLY A 15 -12.70 3.23 4.84
N LEU A 16 -12.14 4.23 5.51
CA LEU A 16 -12.92 5.03 6.46
C LEU A 16 -14.26 5.40 5.82
N VAL A 17 -14.22 5.65 4.52
CA VAL A 17 -15.43 6.01 3.79
C VAL A 17 -16.03 4.78 3.12
N ASN A 18 -17.03 5.00 2.28
CA ASN A 18 -17.68 3.89 1.58
C ASN A 18 -16.93 3.55 0.30
N PRO A 19 -16.98 2.30 -0.07
CA PRO A 19 -16.30 1.78 -1.29
C PRO A 19 -16.49 2.70 -2.49
N GLU A 20 -15.82 3.84 -2.46
CA GLU A 20 -15.91 4.80 -3.54
C GLU A 20 -17.14 5.67 -3.38
N THR A 21 -17.37 6.13 -2.16
CA THR A 21 -18.51 6.98 -1.87
C THR A 21 -18.11 8.07 -0.90
N ASN A 22 -19.10 8.81 -0.37
CA ASN A 22 -18.80 9.89 0.56
C ASN A 22 -19.49 9.67 1.91
N SER A 23 -18.66 9.60 2.95
CA SER A 23 -19.15 9.40 4.31
C SER A 23 -18.01 9.56 5.31
N MET A 24 -17.19 10.57 5.06
CA MET A 24 -16.04 10.85 5.92
C MET A 24 -16.47 11.60 7.18
N PRO A 25 -15.92 11.23 8.30
CA PRO A 25 -16.24 11.88 9.61
C PRO A 25 -15.69 13.30 9.70
N SER A 26 -16.58 14.25 9.96
CA SER A 26 -16.17 15.64 10.10
C SER A 26 -15.21 15.77 11.28
N ALA A 27 -15.46 14.97 12.31
CA ALA A 27 -14.63 14.99 13.50
C ALA A 27 -13.26 14.39 13.19
N GLU A 28 -13.13 13.80 12.02
CA GLU A 28 -11.86 13.19 11.59
C GLU A 28 -11.08 14.21 10.77
N GLN A 29 -11.73 14.75 9.74
CA GLN A 29 -11.09 15.74 8.90
C GLN A 29 -10.70 16.96 9.74
N LEU A 30 -11.60 17.37 10.63
CA LEU A 30 -11.33 18.51 11.50
C LEU A 30 -10.00 18.32 12.20
N PRO A 31 -9.84 17.21 12.87
CA PRO A 31 -8.57 16.89 13.57
C PRO A 31 -7.40 17.07 12.62
N PHE A 32 -7.53 16.50 11.42
CA PHE A 32 -6.50 16.63 10.41
C PHE A 32 -6.21 18.11 10.18
N LEU A 33 -7.23 18.94 10.37
CA LEU A 33 -7.05 20.38 10.19
C LEU A 33 -6.16 20.92 11.29
N THR A 34 -6.46 20.52 12.52
CA THR A 34 -5.67 20.95 13.67
C THR A 34 -4.22 20.55 13.48
N LEU A 35 -4.00 19.26 13.25
CA LEU A 35 -2.66 18.75 13.04
C LEU A 35 -2.03 19.41 11.81
N ILE A 36 -2.74 19.31 10.68
CA ILE A 36 -2.26 19.90 9.44
C ILE A 36 -1.98 21.38 9.64
N GLU A 37 -2.62 21.98 10.66
CA GLU A 37 -2.41 23.39 10.95
C GLU A 37 -1.02 23.58 11.54
N HIS A 38 -0.76 22.89 12.66
CA HIS A 38 0.53 22.97 13.31
C HIS A 38 1.63 22.64 12.32
N PHE A 39 1.26 21.93 11.26
CA PHE A 39 2.21 21.58 10.22
C PHE A 39 2.53 22.79 9.37
N GLU A 40 1.49 23.41 8.83
CA GLU A 40 1.66 24.61 8.01
C GLU A 40 2.04 25.79 8.88
N LYS A 41 1.93 25.61 10.19
CA LYS A 41 2.26 26.66 11.15
C LYS A 41 3.74 26.63 11.48
N GLN A 42 4.26 25.46 11.77
CA GLN A 42 5.68 25.32 12.10
C GLN A 42 6.54 25.47 10.85
N GLY A 43 5.99 25.03 9.72
CA GLY A 43 6.72 25.12 8.46
C GLY A 43 6.69 23.78 7.72
N LEU A 44 5.73 22.94 8.07
CA LEU A 44 5.59 21.63 7.45
C LEU A 44 4.45 21.60 6.46
N GLU A 45 4.77 21.84 5.19
CA GLU A 45 3.77 21.83 4.14
C GLU A 45 3.08 20.48 4.10
N VAL A 46 1.80 20.46 4.44
CA VAL A 46 1.04 19.21 4.44
C VAL A 46 0.70 18.79 3.02
N PHE A 47 1.23 17.66 2.60
CA PHE A 47 0.96 17.14 1.27
C PHE A 47 0.02 15.95 1.35
N ASN A 48 -0.33 15.39 0.20
CA ASN A 48 -1.23 14.23 0.16
C ASN A 48 -2.68 14.63 0.37
N ALA A 49 -3.09 14.77 1.63
CA ALA A 49 -4.47 15.13 1.96
C ALA A 49 -5.14 15.85 0.79
N HIS A 50 -6.46 15.97 0.86
CA HIS A 50 -7.22 16.63 -0.20
C HIS A 50 -8.17 17.65 0.41
N ARG A 51 -7.88 18.06 1.64
CA ARG A 51 -8.70 19.03 2.34
C ARG A 51 -9.95 19.37 1.54
N ARG A 52 -9.90 20.47 0.80
CA ARG A 52 -11.06 20.88 0.00
C ARG A 52 -11.97 19.70 -0.29
N GLU A 53 -11.58 18.91 -1.28
CA GLU A 53 -12.35 17.73 -1.68
C GLU A 53 -12.67 16.86 -0.46
N ALA A 54 -11.74 16.80 0.48
CA ALA A 54 -11.97 16.00 1.68
C ALA A 54 -13.02 16.66 2.57
N TRP A 55 -13.40 17.88 2.19
CA TRP A 55 -14.38 18.65 2.95
C TRP A 55 -15.60 18.98 2.10
N GLY A 56 -15.53 18.71 0.80
CA GLY A 56 -16.65 19.01 -0.08
C GLY A 56 -17.11 17.77 -0.82
N ALA A 57 -16.17 16.90 -1.16
CA ALA A 57 -16.48 15.66 -1.87
C ALA A 57 -15.31 14.68 -1.78
N GLN A 58 -14.91 14.36 -0.55
CA GLN A 58 -13.79 13.43 -0.33
C GLN A 58 -13.95 12.19 -1.20
N VAL A 59 -13.22 11.15 -0.86
CA VAL A 59 -13.29 9.90 -1.61
C VAL A 59 -13.08 10.18 -3.09
N LEU A 60 -12.04 10.93 -3.39
CA LEU A 60 -11.72 11.27 -4.76
C LEU A 60 -11.82 10.04 -5.64
N THR A 61 -11.16 10.09 -6.77
CA THR A 61 -11.17 8.98 -7.68
C THR A 61 -9.75 8.59 -8.07
N PRO A 62 -9.52 7.32 -8.21
CA PRO A 62 -8.20 6.75 -8.56
C PRO A 62 -7.38 7.69 -9.45
N GLU A 63 -8.01 8.18 -10.51
CA GLU A 63 -7.35 9.08 -11.45
C GLU A 63 -6.95 10.37 -10.75
N GLU A 64 -7.21 10.44 -9.45
CA GLU A 64 -6.89 11.63 -8.68
C GLU A 64 -6.12 11.26 -7.41
N CYS A 65 -6.74 10.45 -6.57
CA CYS A 65 -6.12 10.05 -5.31
C CYS A 65 -4.85 9.23 -5.56
N THR A 66 -4.88 8.37 -6.58
CA THR A 66 -3.72 7.54 -6.88
C THR A 66 -2.57 8.40 -7.38
N PRO A 67 -2.80 9.22 -8.38
CA PRO A 67 -1.75 10.10 -8.95
C PRO A 67 -1.23 11.11 -7.93
N LEU A 68 -2.13 11.65 -7.14
CA LEU A 68 -1.74 12.63 -6.12
C LEU A 68 -1.12 11.95 -4.90
N ASP A 69 -1.65 10.80 -4.53
CA ASP A 69 -1.11 10.09 -3.38
C ASP A 69 0.34 9.71 -3.62
N GLN A 70 0.61 9.12 -4.78
CA GLN A 70 1.97 8.72 -5.13
C GLN A 70 2.87 9.94 -5.33
N LEU A 71 2.41 10.89 -6.13
CA LEU A 71 3.19 12.08 -6.39
C LEU A 71 3.44 12.83 -5.09
N GLU A 72 2.46 12.78 -4.19
CA GLU A 72 2.59 13.44 -2.91
C GLU A 72 3.47 12.61 -1.99
N ILE A 73 3.49 11.30 -2.23
CA ILE A 73 4.31 10.40 -1.44
C ILE A 73 5.78 10.78 -1.60
N ARG A 74 6.18 11.06 -2.84
CA ARG A 74 7.56 11.44 -3.11
C ARG A 74 7.70 12.96 -3.10
N LYS A 75 6.56 13.66 -3.16
CA LYS A 75 6.59 15.11 -3.14
C LYS A 75 6.58 15.61 -1.71
N ALA A 76 6.31 14.70 -0.77
CA ALA A 76 6.29 15.07 0.63
C ALA A 76 7.65 14.80 1.28
N ASP A 77 8.07 15.68 2.17
CA ASP A 77 9.35 15.52 2.83
C ASP A 77 9.29 14.38 3.85
N VAL A 78 8.28 14.41 4.72
CA VAL A 78 8.13 13.39 5.73
C VAL A 78 6.74 12.75 5.65
N PHE A 79 6.71 11.43 5.61
CA PHE A 79 5.43 10.71 5.53
C PHE A 79 4.73 10.69 6.87
N VAL A 80 3.58 11.36 6.95
CA VAL A 80 2.81 11.42 8.19
C VAL A 80 1.35 11.11 7.89
N ALA A 81 0.87 9.95 8.34
CA ALA A 81 -0.52 9.58 8.07
C ALA A 81 -1.28 9.20 9.34
N ILE A 82 -2.45 8.62 9.14
CA ILE A 82 -3.30 8.22 10.25
C ILE A 82 -4.03 6.92 9.93
N PRO A 83 -3.70 5.87 10.62
CA PRO A 83 -4.34 4.54 10.43
C PRO A 83 -5.82 4.72 10.20
N GLY A 84 -6.55 4.55 11.27
CA GLY A 84 -8.00 4.69 11.25
C GLY A 84 -8.69 3.40 10.79
N ILE A 85 -8.26 2.25 11.33
CA ILE A 85 -8.90 1.00 10.95
C ILE A 85 -10.37 1.24 10.60
N PRO A 86 -10.93 0.46 9.71
CA PRO A 86 -10.22 -0.64 9.00
C PRO A 86 -8.86 -0.20 8.48
N PRO A 87 -7.99 -1.15 8.22
CA PRO A 87 -6.63 -0.88 7.71
C PRO A 87 -6.65 0.14 6.57
N SER A 88 -6.73 1.42 6.93
CA SER A 88 -6.74 2.47 5.92
C SER A 88 -6.25 1.93 4.59
N PRO A 89 -7.12 1.72 3.64
CA PRO A 89 -6.74 1.20 2.30
C PRO A 89 -5.90 2.21 1.54
N GLY A 90 -6.45 3.40 1.35
CA GLY A 90 -5.74 4.45 0.63
C GLY A 90 -4.42 4.73 1.33
N THR A 91 -4.49 4.98 2.63
CA THR A 91 -3.28 5.24 3.39
C THR A 91 -2.32 4.07 3.20
N HIS A 92 -2.57 2.94 3.88
CA HIS A 92 -1.71 1.78 3.72
C HIS A 92 -0.96 1.82 2.40
N VAL A 93 -1.69 1.70 1.30
CA VAL A 93 -1.05 1.74 -0.01
C VAL A 93 -0.04 2.87 -0.04
N GLU A 94 -0.46 4.01 0.47
CA GLU A 94 0.41 5.17 0.53
C GLU A 94 1.54 4.88 1.52
N ILE A 95 1.25 4.00 2.47
CA ILE A 95 2.23 3.59 3.47
C ILE A 95 3.26 2.69 2.80
N GLY A 96 2.81 1.53 2.32
CA GLY A 96 3.69 0.62 1.62
C GLY A 96 4.49 1.42 0.61
N TRP A 97 3.81 2.40 0.02
CA TRP A 97 4.44 3.29 -0.93
C TRP A 97 5.65 3.94 -0.30
N ALA A 98 5.43 4.54 0.86
CA ALA A 98 6.50 5.19 1.59
C ALA A 98 7.58 4.17 1.92
N SER A 99 7.21 2.90 1.92
CA SER A 99 8.16 1.84 2.20
C SER A 99 9.17 1.74 1.07
N ALA A 100 8.68 1.51 -0.16
CA ALA A 100 9.58 1.44 -1.30
C ALA A 100 10.11 2.83 -1.63
N PHE A 101 9.21 3.80 -1.50
CA PHE A 101 9.53 5.19 -1.74
C PHE A 101 10.79 5.57 -0.99
N ASP A 102 10.87 5.07 0.25
CA ASP A 102 12.02 5.34 1.10
C ASP A 102 11.77 6.60 1.95
N LYS A 103 10.78 7.39 1.56
CA LYS A 103 10.45 8.62 2.29
C LYS A 103 10.07 8.30 3.73
N PRO A 104 10.67 8.97 4.67
CA PRO A 104 10.41 8.77 6.12
C PRO A 104 8.93 8.52 6.38
N ILE A 105 8.63 7.89 7.50
CA ILE A 105 7.24 7.58 7.82
C ILE A 105 6.94 7.83 9.29
N VAL A 106 5.68 8.16 9.54
CA VAL A 106 5.20 8.44 10.88
C VAL A 106 3.67 8.41 10.88
N LEU A 107 3.11 7.36 11.44
CA LEU A 107 1.66 7.23 11.48
C LEU A 107 1.11 7.56 12.85
N LEU A 108 -0.10 8.09 12.87
CA LEU A 108 -0.75 8.44 14.12
C LEU A 108 -1.54 7.23 14.59
N LEU A 109 -0.84 6.24 15.13
CA LEU A 109 -1.47 5.03 15.60
C LEU A 109 -2.81 5.37 16.26
N GLU A 110 -3.85 4.63 15.87
CA GLU A 110 -5.17 4.87 16.42
C GLU A 110 -5.45 3.96 17.61
N GLU A 111 -4.85 4.30 18.76
CA GLU A 111 -5.04 3.53 19.98
C GLU A 111 -6.13 2.49 19.79
N GLY A 112 -5.73 1.29 19.39
CA GLY A 112 -6.69 0.21 19.13
C GLY A 112 -6.64 -0.20 17.67
N ARG A 113 -6.93 0.77 16.79
CA ARG A 113 -6.88 0.51 15.36
C ARG A 113 -5.44 0.19 14.98
N GLU A 114 -4.57 1.15 15.23
CA GLU A 114 -3.15 0.96 14.96
C GLU A 114 -2.78 -0.46 15.29
N GLU A 115 -3.46 -1.01 16.29
CA GLU A 115 -3.24 -2.39 16.69
C GLU A 115 -3.78 -3.31 15.61
N GLU A 116 -5.02 -3.03 15.18
CA GLU A 116 -5.63 -3.82 14.12
C GLU A 116 -4.71 -3.85 12.91
N TYR A 117 -4.08 -2.70 12.61
CA TYR A 117 -3.14 -2.61 11.49
C TYR A 117 -2.08 -3.67 11.63
N GLY A 118 -1.09 -3.35 12.46
CA GLY A 118 0.02 -4.24 12.76
C GLY A 118 0.67 -4.74 11.48
N PHE A 119 -0.11 -5.45 10.68
CA PHE A 119 0.37 -6.03 9.44
C PHE A 119 1.49 -5.19 8.81
N LEU A 120 1.13 -4.15 8.06
CA LEU A 120 2.15 -3.36 7.39
C LEU A 120 2.56 -2.14 8.19
N VAL A 121 1.71 -1.70 9.08
CA VAL A 121 2.07 -0.57 9.90
C VAL A 121 3.23 -0.97 10.79
N ARG A 122 3.04 -2.05 11.54
CA ARG A 122 4.10 -2.56 12.39
C ARG A 122 5.24 -3.06 11.51
N GLY A 123 4.90 -3.86 10.49
CA GLY A 123 5.91 -4.38 9.58
C GLY A 123 6.77 -3.25 9.02
N LEU A 124 6.14 -2.09 8.78
CA LEU A 124 6.88 -0.94 8.25
C LEU A 124 7.75 -0.33 9.33
N GLY A 125 7.26 -0.39 10.57
CA GLY A 125 8.00 0.16 11.69
C GLY A 125 9.34 -0.54 11.88
N THR A 126 9.37 -1.82 11.53
CA THR A 126 10.59 -2.60 11.69
C THR A 126 11.44 -2.63 10.42
N VAL A 127 10.80 -2.50 9.26
CA VAL A 127 11.56 -2.56 8.00
C VAL A 127 12.06 -1.20 7.54
N ALA A 128 11.21 -0.18 7.58
CA ALA A 128 11.61 1.14 7.12
C ALA A 128 11.35 2.21 8.16
N ALA A 129 11.98 3.38 7.96
CA ALA A 129 11.80 4.50 8.88
C ALA A 129 10.31 4.74 9.10
N VAL A 130 9.73 3.94 9.98
CA VAL A 130 8.30 4.07 10.26
C VAL A 130 8.06 4.21 11.75
N GLU A 131 7.60 5.39 12.16
CA GLU A 131 7.33 5.65 13.58
C GLU A 131 5.86 5.37 13.91
N PHE A 132 5.62 4.94 15.15
CA PHE A 132 4.26 4.63 15.59
C PHE A 132 3.84 5.55 16.72
N VAL A 133 2.92 6.46 16.41
CA VAL A 133 2.46 7.41 17.40
C VAL A 133 0.95 7.28 17.65
N HIS A 134 0.60 6.60 18.74
CA HIS A 134 -0.81 6.45 19.10
C HIS A 134 -1.36 7.82 19.47
N TYR A 135 -2.59 8.12 19.06
CA TYR A 135 -3.16 9.43 19.37
C TYR A 135 -4.60 9.33 19.85
N LYS A 136 -4.80 9.64 21.12
CA LYS A 136 -6.14 9.61 21.70
C LYS A 136 -6.74 11.01 21.68
N ASP A 137 -5.95 11.95 21.17
CA ASP A 137 -6.37 13.34 21.07
C ASP A 137 -5.35 14.12 20.24
N ILE A 138 -5.72 14.43 19.01
CA ILE A 138 -4.81 15.16 18.14
C ILE A 138 -4.13 16.26 18.93
N ALA A 139 -4.85 16.80 19.90
CA ALA A 139 -4.32 17.86 20.74
C ALA A 139 -3.02 17.40 21.40
N LEU A 140 -2.90 16.10 21.61
CA LEU A 140 -1.70 15.54 22.21
C LEU A 140 -0.86 14.87 21.14
N ALA A 141 -1.50 14.56 20.02
CA ALA A 141 -0.81 13.93 18.91
C ALA A 141 0.16 14.92 18.27
N LYS A 142 -0.36 16.04 17.81
CA LYS A 142 0.48 17.06 17.19
C LYS A 142 1.89 17.03 17.79
N PRO A 143 1.97 17.12 19.10
CA PRO A 143 3.29 17.12 19.82
C PRO A 143 3.93 15.74 19.87
N GLN A 144 3.12 14.72 20.15
CA GLN A 144 3.62 13.36 20.22
C GLN A 144 4.17 12.93 18.87
N ILE A 145 3.33 13.03 17.86
CA ILE A 145 3.72 12.69 16.51
C ILE A 145 4.85 13.61 16.06
N ASP A 146 4.80 14.87 16.48
CA ASP A 146 5.83 15.84 16.11
C ASP A 146 7.17 15.42 16.72
N ALA A 147 7.13 14.93 17.95
CA ALA A 147 8.34 14.49 18.62
C ALA A 147 8.90 13.27 17.91
N ALA A 148 8.06 12.26 17.71
CA ALA A 148 8.48 11.05 17.02
C ALA A 148 8.78 11.39 15.57
N ILE A 149 8.33 12.57 15.15
CA ILE A 149 8.54 13.02 13.79
C ILE A 149 9.98 13.49 13.63
N ARG A 150 10.39 14.41 14.50
CA ARG A 150 11.75 14.93 14.47
C ARG A 150 12.71 13.89 15.02
N LYS A 151 12.20 13.06 15.92
CA LYS A 151 13.01 12.01 16.53
C LYS A 151 13.29 10.91 15.50
N VAL A 152 12.24 10.39 14.90
CA VAL A 152 12.38 9.34 13.90
C VAL A 152 13.09 9.88 12.66
N VAL A 153 12.79 11.13 12.31
CA VAL A 153 13.40 11.76 11.15
C VAL A 153 14.89 11.97 11.39
N ASP A 154 15.25 12.30 12.63
CA ASP A 154 16.64 12.52 12.98
C ASP A 154 17.40 11.20 12.97
N ARG A 155 16.77 10.17 13.50
CA ARG A 155 17.39 8.86 13.56
C ARG A 155 17.60 8.29 12.16
N VAL A 156 16.73 8.64 11.22
CA VAL A 156 16.85 8.13 9.86
C VAL A 156 17.57 9.12 8.93
N ASN A 157 17.69 10.37 9.38
CA ASN A 157 18.35 11.38 8.56
C ASN A 157 19.83 11.51 8.92
N ASN A 158 20.13 11.54 10.21
CA ASN A 158 21.52 11.67 10.67
C ASN A 158 22.24 10.32 10.55
N PRO A 159 23.52 10.32 10.75
CA PRO A 159 24.36 9.08 10.66
C PRO A 159 23.68 7.86 11.27
N ALA A 160 24.12 6.68 10.85
CA ALA A 160 23.57 5.44 11.36
C ALA A 160 24.66 4.62 12.04
N ALA A 161 25.86 4.69 11.48
CA ALA A 161 27.00 3.96 12.03
C ALA A 161 27.63 4.75 13.18
N THR A 162 28.94 4.94 13.12
CA THR A 162 29.62 5.69 14.17
C THR A 162 29.80 7.16 13.76
N PRO A 163 29.71 8.05 14.70
CA PRO A 163 29.84 9.52 14.46
C PRO A 163 31.30 9.93 14.29
N LYS B 1 10.81 -10.54 -22.38
CA LYS B 1 9.87 -11.00 -23.44
C LYS B 1 8.60 -11.54 -22.79
N ALA B 2 8.19 -12.74 -23.20
CA ALA B 2 6.99 -13.34 -22.63
C ALA B 2 7.34 -14.61 -21.86
N GLY B 3 8.18 -14.46 -20.85
CA GLY B 3 8.57 -15.61 -20.03
C GLY B 3 8.86 -15.19 -18.59
N VAL B 4 7.97 -14.38 -18.03
CA VAL B 4 8.13 -13.91 -16.66
C VAL B 4 8.94 -14.92 -15.87
N ARG B 5 10.12 -14.49 -15.41
CA ARG B 5 10.98 -15.38 -14.65
C ARG B 5 10.41 -15.64 -13.26
N SER B 6 9.61 -14.70 -12.76
CA SER B 6 9.02 -14.86 -11.44
C SER B 6 7.81 -13.93 -11.27
N VAL B 7 6.67 -14.53 -10.94
CA VAL B 7 5.45 -13.74 -10.75
C VAL B 7 5.08 -13.62 -9.27
N PHE B 8 4.84 -12.39 -8.83
CA PHE B 8 4.46 -12.14 -7.44
C PHE B 8 2.93 -12.27 -7.30
N LEU B 9 2.47 -12.94 -6.25
CA LEU B 9 1.04 -13.13 -6.05
C LEU B 9 0.66 -12.90 -4.59
N ALA B 10 -0.33 -12.03 -4.36
CA ALA B 10 -0.79 -11.74 -3.00
C ALA B 10 -2.31 -11.70 -2.95
N GLY B 11 -2.84 -11.69 -1.72
CA GLY B 11 -4.27 -11.63 -1.52
C GLY B 11 -4.64 -10.52 -0.55
N PRO B 12 -5.91 -10.33 -0.30
CA PRO B 12 -6.40 -9.28 0.62
C PRO B 12 -5.99 -9.54 2.06
N PHE B 13 -5.20 -10.58 2.27
CA PHE B 13 -4.74 -10.93 3.61
C PHE B 13 -5.60 -10.25 4.69
N MET B 14 -4.94 -9.77 5.74
CA MET B 14 -5.65 -9.11 6.83
C MET B 14 -7.09 -8.79 6.43
N GLY B 15 -7.25 -8.15 5.28
CA GLY B 15 -8.57 -7.78 4.79
C GLY B 15 -9.43 -9.02 4.61
N LEU B 16 -9.13 -9.81 3.57
CA LEU B 16 -9.91 -11.02 3.31
C LEU B 16 -10.07 -11.79 4.61
N VAL B 17 -9.04 -11.75 5.43
CA VAL B 17 -9.06 -12.44 6.71
C VAL B 17 -9.47 -11.48 7.83
N ASN B 18 -9.39 -11.95 9.07
CA ASN B 18 -9.75 -11.14 10.21
C ASN B 18 -8.57 -10.27 10.65
N PRO B 19 -8.85 -9.11 11.16
CA PRO B 19 -7.82 -8.13 11.63
C PRO B 19 -6.70 -8.81 12.41
N GLU B 20 -5.86 -9.54 11.70
CA GLU B 20 -4.74 -10.24 12.33
C GLU B 20 -5.21 -11.56 12.92
N THR B 21 -6.01 -12.29 12.15
CA THR B 21 -6.52 -13.58 12.59
C THR B 21 -6.49 -14.57 11.44
N ASN B 22 -7.11 -15.73 11.62
CA ASN B 22 -7.13 -16.74 10.57
C ASN B 22 -8.55 -17.09 10.14
N SER B 23 -8.83 -16.87 8.86
CA SER B 23 -10.14 -17.15 8.29
C SER B 23 -10.09 -16.98 6.78
N MET B 24 -9.02 -17.47 6.18
CA MET B 24 -8.84 -17.37 4.74
C MET B 24 -9.64 -18.45 4.02
N PRO B 25 -10.28 -18.10 2.94
CA PRO B 25 -11.09 -19.06 2.15
C PRO B 25 -10.23 -20.10 1.42
N SER B 26 -10.53 -21.38 1.63
CA SER B 26 -9.79 -22.43 0.97
C SER B 26 -10.00 -22.33 -0.53
N ALA B 27 -11.24 -22.02 -0.93
CA ALA B 27 -11.57 -21.88 -2.34
C ALA B 27 -10.83 -20.69 -2.96
N GLU B 28 -10.17 -19.91 -2.10
CA GLU B 28 -9.41 -18.74 -2.55
C GLU B 28 -7.95 -19.13 -2.72
N GLN B 29 -7.39 -19.73 -1.67
CA GLN B 29 -6.00 -20.17 -1.71
C GLN B 29 -5.83 -21.23 -2.80
N LEU B 30 -6.82 -22.12 -2.90
CA LEU B 30 -6.77 -23.17 -3.90
C LEU B 30 -6.57 -22.55 -5.27
N PRO B 31 -7.42 -21.63 -5.64
CA PRO B 31 -7.32 -20.92 -6.94
C PRO B 31 -5.91 -20.40 -7.12
N PHE B 32 -5.39 -19.76 -6.08
CA PHE B 32 -4.04 -19.23 -6.14
C PHE B 32 -3.08 -20.37 -6.46
N LEU B 33 -3.42 -21.57 -6.02
CA LEU B 33 -2.58 -22.72 -6.30
C LEU B 33 -2.60 -23.01 -7.79
N THR B 34 -3.79 -23.02 -8.37
CA THR B 34 -3.95 -23.29 -9.79
C THR B 34 -3.15 -22.26 -10.60
N LEU B 35 -3.43 -20.99 -10.37
CA LEU B 35 -2.72 -19.93 -11.07
C LEU B 35 -1.22 -20.03 -10.78
N ILE B 36 -0.88 -20.04 -9.49
CA ILE B 36 0.50 -20.15 -9.06
C ILE B 36 1.16 -21.37 -9.68
N GLU B 37 0.34 -22.35 -10.04
CA GLU B 37 0.84 -23.57 -10.65
C GLU B 37 1.32 -23.26 -12.06
N HIS B 38 0.40 -22.74 -12.88
CA HIS B 38 0.75 -22.37 -14.25
C HIS B 38 1.96 -21.46 -14.23
N PHE B 39 2.14 -20.76 -13.12
CA PHE B 39 3.26 -19.86 -12.97
C PHE B 39 4.56 -20.65 -12.82
N GLU B 40 4.57 -21.57 -11.86
CA GLU B 40 5.76 -22.39 -11.65
C GLU B 40 5.87 -23.45 -12.74
N LYS B 41 4.81 -23.56 -13.54
CA LYS B 41 4.77 -24.52 -14.63
C LYS B 41 5.41 -23.95 -15.88
N GLN B 42 5.04 -22.71 -16.23
CA GLN B 42 5.60 -22.08 -17.41
C GLN B 42 7.04 -21.63 -17.15
N GLY B 43 7.30 -21.23 -15.91
CA GLY B 43 8.64 -20.77 -15.53
C GLY B 43 8.58 -19.47 -14.74
N LEU B 44 7.39 -19.17 -14.21
CA LEU B 44 7.18 -17.96 -13.44
C LEU B 44 7.20 -18.25 -11.94
N GLU B 45 8.37 -18.09 -11.32
CA GLU B 45 8.50 -18.33 -9.89
C GLU B 45 7.56 -17.42 -9.12
N VAL B 46 6.59 -18.02 -8.45
CA VAL B 46 5.63 -17.23 -7.69
C VAL B 46 6.23 -16.75 -6.37
N PHE B 47 6.34 -15.44 -6.23
CA PHE B 47 6.89 -14.85 -5.02
C PHE B 47 5.78 -14.20 -4.20
N ASN B 48 6.14 -13.61 -3.06
CA ASN B 48 5.16 -12.95 -2.19
C ASN B 48 4.32 -13.96 -1.42
N ALA B 49 3.29 -14.50 -2.05
CA ALA B 49 2.41 -15.48 -1.40
C ALA B 49 3.12 -16.18 -0.25
N HIS B 50 2.35 -16.85 0.58
CA HIS B 50 2.91 -17.57 1.73
C HIS B 50 2.37 -19.00 1.77
N ARG B 51 1.88 -19.46 0.63
CA ARG B 51 1.33 -20.81 0.52
C ARG B 51 1.29 -21.49 1.88
N ARG B 52 2.31 -22.28 2.17
CA ARG B 52 2.38 -23.00 3.45
C ARG B 52 1.55 -22.29 4.51
N GLU B 53 2.14 -21.25 5.10
CA GLU B 53 1.46 -20.49 6.14
C GLU B 53 0.07 -20.07 5.68
N ALA B 54 -0.07 -19.84 4.40
CA ALA B 54 -1.37 -19.45 3.86
C ALA B 54 -2.31 -20.65 3.85
N TRP B 55 -1.75 -21.82 4.10
CA TRP B 55 -2.53 -23.06 4.11
C TRP B 55 -2.50 -23.72 5.48
N GLY B 56 -1.68 -23.18 6.38
CA GLY B 56 -1.58 -23.75 7.73
C GLY B 56 -1.87 -22.71 8.79
N ALA B 57 -1.43 -21.47 8.55
CA ALA B 57 -1.66 -20.39 9.49
C ALA B 57 -1.45 -19.03 8.82
N GLN B 58 -2.19 -18.81 7.73
CA GLN B 58 -2.10 -17.55 6.99
C GLN B 58 -2.13 -16.36 7.95
N VAL B 59 -2.39 -15.18 7.40
CA VAL B 59 -2.45 -13.97 8.21
C VAL B 59 -1.19 -13.83 9.04
N LEU B 60 -0.04 -14.05 8.39
CA LEU B 60 1.24 -13.94 9.08
C LEU B 60 1.27 -12.72 9.98
N THR B 61 2.47 -12.30 10.30
CA THR B 61 2.62 -11.14 11.16
C THR B 61 3.56 -10.12 10.53
N PRO B 62 3.26 -8.86 10.69
CA PRO B 62 4.03 -7.73 10.12
C PRO B 62 5.52 -8.05 10.00
N GLU B 63 6.10 -8.58 11.08
CA GLU B 63 7.51 -8.93 11.10
C GLU B 63 7.80 -10.04 10.09
N GLU B 64 6.77 -10.45 9.36
CA GLU B 64 6.94 -11.50 8.36
C GLU B 64 6.34 -11.08 7.02
N CYS B 65 5.06 -10.76 7.02
CA CYS B 65 4.37 -10.36 5.80
C CYS B 65 4.94 -9.06 5.25
N THR B 66 5.29 -8.14 6.12
CA THR B 66 5.83 -6.85 5.69
C THR B 66 7.21 -7.03 5.06
N PRO B 67 8.11 -7.67 5.75
CA PRO B 67 9.48 -7.91 5.25
C PRO B 67 9.51 -8.76 3.98
N LEU B 68 8.64 -9.76 3.94
CA LEU B 68 8.57 -10.65 2.79
C LEU B 68 7.80 -10.02 1.64
N ASP B 69 6.74 -9.28 1.97
CA ASP B 69 5.94 -8.63 0.95
C ASP B 69 6.80 -7.64 0.18
N GLN B 70 7.50 -6.77 0.91
CA GLN B 70 8.36 -5.77 0.29
C GLN B 70 9.54 -6.43 -0.41
N LEU B 71 10.24 -7.32 0.30
CA LEU B 71 11.38 -8.00 -0.30
C LEU B 71 10.95 -8.77 -1.53
N GLU B 72 9.76 -9.35 -1.47
CA GLU B 72 9.23 -10.09 -2.59
C GLU B 72 8.75 -9.13 -3.67
N ILE B 73 8.34 -7.93 -3.24
CA ILE B 73 7.87 -6.92 -4.19
C ILE B 73 8.99 -6.59 -5.16
N ARG B 74 10.21 -6.44 -4.63
CA ARG B 74 11.36 -6.13 -5.48
C ARG B 74 12.07 -7.41 -5.90
N LYS B 75 11.79 -8.51 -5.19
CA LYS B 75 12.41 -9.79 -5.52
C LYS B 75 11.62 -10.51 -6.61
N ALA B 76 10.42 -9.99 -6.89
CA ALA B 76 9.56 -10.59 -7.91
C ALA B 76 9.79 -9.90 -9.25
N ASP B 77 9.77 -10.69 -10.33
CA ASP B 77 9.97 -10.15 -11.67
C ASP B 77 8.77 -9.34 -12.13
N VAL B 78 7.59 -9.94 -12.03
CA VAL B 78 6.36 -9.26 -12.43
C VAL B 78 5.35 -9.27 -11.29
N PHE B 79 4.78 -8.11 -10.99
CA PHE B 79 3.81 -8.00 -9.92
C PHE B 79 2.44 -8.53 -10.37
N VAL B 80 2.02 -9.62 -9.74
CA VAL B 80 0.72 -10.24 -10.07
C VAL B 80 -0.03 -10.53 -8.79
N ALA B 81 -1.13 -9.83 -8.56
CA ALA B 81 -1.89 -10.03 -7.32
C ALA B 81 -3.38 -10.26 -7.60
N ILE B 82 -4.18 -10.20 -6.54
CA ILE B 82 -5.61 -10.40 -6.65
C ILE B 82 -6.35 -9.51 -5.67
N PRO B 83 -7.08 -8.56 -6.19
CA PRO B 83 -7.89 -7.64 -5.37
C PRO B 83 -8.49 -8.37 -4.20
N GLY B 84 -9.74 -8.71 -4.39
CA GLY B 84 -10.49 -9.45 -3.39
C GLY B 84 -11.13 -8.54 -2.35
N ILE B 85 -11.75 -7.45 -2.79
CA ILE B 85 -12.38 -6.53 -1.84
C ILE B 85 -12.88 -7.32 -0.62
N PRO B 86 -12.90 -6.70 0.54
CA PRO B 86 -12.49 -5.28 0.72
C PRO B 86 -11.15 -5.00 0.07
N PRO B 87 -10.88 -3.74 -0.19
CA PRO B 87 -9.61 -3.29 -0.82
C PRO B 87 -8.40 -3.99 -0.22
N SER B 88 -8.18 -5.24 -0.62
CA SER B 88 -7.05 -6.01 -0.12
C SER B 88 -6.04 -5.08 0.56
N PRO B 89 -5.99 -5.09 1.86
CA PRO B 89 -5.05 -4.21 2.63
C PRO B 89 -3.60 -4.60 2.38
N GLY B 90 -3.28 -5.87 2.60
CA GLY B 90 -1.93 -6.35 2.39
C GLY B 90 -1.53 -6.16 0.94
N THR B 91 -2.37 -6.65 0.03
CA THR B 91 -2.09 -6.50 -1.38
C THR B 91 -1.91 -5.01 -1.69
N HIS B 92 -3.00 -4.25 -1.72
CA HIS B 92 -2.89 -2.81 -1.98
C HIS B 92 -1.52 -2.29 -1.58
N VAL B 93 -1.22 -2.31 -0.29
CA VAL B 93 0.06 -1.82 0.18
C VAL B 93 1.16 -2.38 -0.70
N GLU B 94 1.03 -3.65 -1.03
CA GLU B 94 2.00 -4.30 -1.89
C GLU B 94 1.83 -3.78 -3.32
N ILE B 95 0.64 -3.26 -3.59
CA ILE B 95 0.34 -2.68 -4.89
C ILE B 95 1.01 -1.32 -4.97
N GLY B 96 0.59 -0.40 -4.10
CA GLY B 96 1.20 0.91 -4.07
C GLY B 96 2.70 0.73 -4.02
N TRP B 97 3.12 -0.34 -3.36
CA TRP B 97 4.53 -0.67 -3.27
C TRP B 97 5.07 -0.83 -4.67
N ALA B 98 4.42 -1.70 -5.43
CA ALA B 98 4.82 -1.95 -6.81
C ALA B 98 4.78 -0.64 -7.60
N SER B 99 4.01 0.32 -7.12
CA SER B 99 3.91 1.61 -7.80
C SER B 99 5.24 2.33 -7.69
N ALA B 100 5.72 2.55 -6.46
CA ALA B 100 7.01 3.22 -6.29
C ALA B 100 8.12 2.26 -6.67
N PHE B 101 7.92 1.01 -6.30
CA PHE B 101 8.88 -0.05 -6.61
C PHE B 101 9.25 0.01 -8.08
N ASP B 102 8.24 0.28 -8.91
CA ASP B 102 8.42 0.36 -10.36
C ASP B 102 8.24 -1.01 -11.01
N LYS B 103 8.25 -2.05 -10.19
CA LYS B 103 8.08 -3.41 -10.69
C LYS B 103 6.73 -3.54 -11.39
N PRO B 104 6.72 -4.07 -12.59
CA PRO B 104 5.47 -4.25 -13.37
C PRO B 104 4.31 -4.71 -12.48
N ILE B 105 3.08 -4.50 -12.93
CA ILE B 105 1.93 -4.90 -12.14
C ILE B 105 0.84 -5.53 -12.99
N VAL B 106 0.06 -6.38 -12.36
CA VAL B 106 -1.04 -7.08 -13.02
C VAL B 106 -1.92 -7.71 -11.95
N LEU B 107 -3.10 -7.13 -11.75
CA LEU B 107 -4.01 -7.64 -10.74
C LEU B 107 -5.14 -8.43 -11.38
N LEU B 108 -5.64 -9.40 -10.63
CA LEU B 108 -6.75 -10.21 -11.10
C LEU B 108 -8.06 -9.57 -10.65
N LEU B 109 -8.42 -8.49 -11.33
CA LEU B 109 -9.63 -7.76 -10.99
C LEU B 109 -10.74 -8.72 -10.59
N GLU B 110 -11.36 -8.47 -9.44
CA GLU B 110 -12.42 -9.33 -8.96
C GLU B 110 -13.78 -8.85 -9.45
N GLU B 111 -14.11 -9.20 -10.69
CA GLU B 111 -15.37 -8.81 -11.28
C GLU B 111 -16.32 -8.31 -10.19
N GLY B 112 -16.30 -7.01 -9.95
CA GLY B 112 -17.13 -6.41 -8.91
C GLY B 112 -16.26 -5.75 -7.86
N ARG B 113 -15.41 -6.55 -7.21
CA ARG B 113 -14.50 -6.03 -6.20
C ARG B 113 -13.53 -5.06 -6.88
N GLU B 114 -12.82 -5.58 -7.87
CA GLU B 114 -11.88 -4.78 -8.63
C GLU B 114 -12.49 -3.40 -8.83
N GLU B 115 -13.80 -3.39 -8.96
CA GLU B 115 -14.54 -2.14 -9.15
C GLU B 115 -14.52 -1.36 -7.84
N GLU B 116 -14.80 -2.06 -6.74
CA GLU B 116 -14.77 -1.43 -5.42
C GLU B 116 -13.41 -0.78 -5.22
N TYR B 117 -12.36 -1.49 -5.63
CA TYR B 117 -10.99 -0.98 -5.52
C TYR B 117 -10.90 0.38 -6.16
N GLY B 118 -10.81 0.37 -7.49
CA GLY B 118 -10.71 1.57 -8.30
C GLY B 118 -9.66 2.53 -7.76
N PHE B 119 -9.86 2.98 -6.54
CA PHE B 119 -8.94 3.92 -5.90
C PHE B 119 -7.50 3.77 -6.39
N LEU B 120 -6.76 2.83 -5.82
CA LEU B 120 -5.36 2.68 -6.21
C LEU B 120 -5.17 1.63 -7.28
N VAL B 121 -6.12 0.74 -7.42
CA VAL B 121 -6.00 -0.27 -8.44
C VAL B 121 -6.11 0.42 -9.78
N ARG B 122 -7.19 1.15 -9.95
CA ARG B 122 -7.41 1.91 -11.17
C ARG B 122 -6.35 3.01 -11.27
N GLY B 123 -6.15 3.75 -10.19
CA GLY B 123 -5.15 4.81 -10.19
C GLY B 123 -3.79 4.27 -10.60
N LEU B 124 -3.49 3.02 -10.20
CA LEU B 124 -2.21 2.41 -10.55
C LEU B 124 -2.20 2.03 -12.02
N GLY B 125 -3.37 1.65 -12.52
CA GLY B 125 -3.49 1.25 -13.92
C GLY B 125 -3.15 2.42 -14.84
N THR B 126 -3.43 3.63 -14.37
CA THR B 126 -3.16 4.83 -15.19
C THR B 126 -1.81 5.46 -14.87
N VAL B 127 -1.28 5.26 -13.67
CA VAL B 127 -0.01 5.89 -13.31
C VAL B 127 1.20 4.99 -13.59
N ALA B 128 1.09 3.71 -13.26
CA ALA B 128 2.21 2.80 -13.47
C ALA B 128 1.80 1.53 -14.22
N ALA B 129 2.79 0.82 -14.74
CA ALA B 129 2.53 -0.41 -15.46
C ALA B 129 1.62 -1.29 -14.61
N VAL B 130 0.32 -1.02 -14.69
CA VAL B 130 -0.65 -1.76 -13.90
C VAL B 130 -1.78 -2.27 -14.79
N GLU B 131 -1.81 -3.59 -14.99
CA GLU B 131 -2.83 -4.20 -15.82
C GLU B 131 -4.03 -4.63 -14.99
N PHE B 132 -5.22 -4.58 -15.59
CA PHE B 132 -6.43 -4.97 -14.89
C PHE B 132 -7.08 -6.18 -15.55
N VAL B 133 -7.02 -7.32 -14.88
CA VAL B 133 -7.59 -8.54 -15.43
C VAL B 133 -8.68 -9.10 -14.54
N HIS B 134 -9.94 -8.88 -14.93
CA HIS B 134 -11.06 -9.42 -14.18
C HIS B 134 -11.05 -10.93 -14.30
N TYR B 135 -11.36 -11.64 -13.22
CA TYR B 135 -11.36 -13.09 -13.29
C TYR B 135 -12.57 -13.70 -12.60
N LYS B 136 -13.44 -14.31 -13.39
CA LYS B 136 -14.64 -14.96 -12.87
C LYS B 136 -14.38 -16.45 -12.71
N ASP B 137 -13.18 -16.86 -13.11
CA ASP B 137 -12.77 -18.26 -13.01
C ASP B 137 -11.27 -18.36 -13.28
N ILE B 138 -10.49 -18.54 -12.23
CA ILE B 138 -9.05 -18.66 -12.39
C ILE B 138 -8.74 -19.48 -13.62
N ALA B 139 -9.61 -20.45 -13.90
CA ALA B 139 -9.45 -21.32 -15.05
C ALA B 139 -9.34 -20.49 -16.34
N LEU B 140 -9.91 -19.29 -16.30
CA LEU B 140 -9.88 -18.40 -17.45
C LEU B 140 -8.93 -17.23 -17.16
N ALA B 141 -8.64 -17.03 -15.89
CA ALA B 141 -7.74 -15.97 -15.46
C ALA B 141 -6.32 -16.30 -15.88
N LYS B 142 -5.81 -17.45 -15.42
CA LYS B 142 -4.46 -17.85 -15.77
C LYS B 142 -4.09 -17.36 -17.17
N PRO B 143 -4.92 -17.65 -18.14
CA PRO B 143 -4.68 -17.23 -19.55
C PRO B 143 -4.95 -15.75 -19.78
N GLN B 144 -6.03 -15.25 -19.20
CA GLN B 144 -6.37 -13.84 -19.34
C GLN B 144 -5.28 -12.97 -18.73
N ILE B 145 -5.01 -13.23 -17.46
CA ILE B 145 -3.98 -12.51 -16.74
C ILE B 145 -2.63 -12.76 -17.38
N ASP B 146 -2.42 -13.97 -17.88
CA ASP B 146 -1.16 -14.31 -18.53
C ASP B 146 -0.99 -13.48 -19.79
N ALA B 147 -2.09 -13.30 -20.52
CA ALA B 147 -2.05 -12.50 -21.75
C ALA B 147 -1.75 -11.06 -21.41
N ALA B 148 -2.50 -10.50 -20.47
CA ALA B 148 -2.27 -9.12 -20.05
C ALA B 148 -0.94 -9.03 -19.32
N ILE B 149 -0.43 -10.19 -18.93
CA ILE B 149 0.85 -10.25 -18.22
C ILE B 149 1.99 -10.02 -19.21
N ARG B 150 2.01 -10.82 -20.27
CA ARG B 150 3.03 -10.69 -21.30
C ARG B 150 2.75 -9.45 -22.15
N LYS B 151 1.49 -9.09 -22.26
CA LYS B 151 1.09 -7.93 -23.03
C LYS B 151 1.49 -6.65 -22.31
N VAL B 152 1.12 -6.54 -21.04
CA VAL B 152 1.45 -5.36 -20.26
C VAL B 152 2.95 -5.32 -20.00
N VAL B 153 3.54 -6.49 -19.76
CA VAL B 153 4.97 -6.58 -19.52
C VAL B 153 5.75 -6.17 -20.75
N ASP B 154 5.22 -6.53 -21.92
CA ASP B 154 5.88 -6.18 -23.17
C ASP B 154 5.75 -4.69 -23.45
N ARG B 155 4.57 -4.16 -23.16
CA ARG B 155 4.31 -2.74 -23.39
C ARG B 155 5.16 -1.87 -22.48
N VAL B 156 5.51 -2.40 -21.32
CA VAL B 156 6.31 -1.64 -20.36
C VAL B 156 7.79 -2.04 -20.40
N ASN B 157 8.09 -3.17 -21.03
CA ASN B 157 9.47 -3.63 -21.12
C ASN B 157 10.11 -3.18 -22.42
N ASN B 158 9.38 -3.32 -23.52
CA ASN B 158 9.91 -2.91 -24.82
C ASN B 158 9.83 -1.40 -24.98
N PRO B 159 10.48 -0.88 -25.98
CA PRO B 159 10.51 0.58 -26.28
C PRO B 159 9.17 1.26 -25.98
N ALA B 160 9.24 2.57 -25.76
CA ALA B 160 8.03 3.35 -25.47
C ALA B 160 7.85 4.44 -26.52
N ALA B 161 8.96 4.98 -27.01
CA ALA B 161 8.91 6.02 -28.03
C ALA B 161 8.80 5.39 -29.41
N THR B 162 9.69 5.77 -30.31
CA THR B 162 9.67 5.22 -31.67
C THR B 162 10.65 4.05 -31.79
N PRO B 163 10.32 3.06 -32.57
CA PRO B 163 11.18 1.86 -32.78
C PRO B 163 12.32 2.15 -33.75
N LYS A 1 11.72 23.35 13.96
CA LYS A 1 12.30 24.43 13.11
C LYS A 1 13.55 23.91 12.40
N ALA A 2 13.37 23.42 11.19
CA ALA A 2 14.48 22.89 10.40
C ALA A 2 14.49 21.37 10.43
N GLY A 3 13.30 20.78 10.38
CA GLY A 3 13.19 19.32 10.41
C GLY A 3 12.34 18.83 9.24
N VAL A 4 11.02 19.03 9.34
CA VAL A 4 10.12 18.59 8.29
C VAL A 4 9.75 19.76 7.37
N ARG A 5 10.18 19.68 6.11
CA ARG A 5 9.87 20.73 5.15
C ARG A 5 8.42 20.58 4.71
N SER A 6 7.95 19.33 4.68
CA SER A 6 6.57 19.05 4.29
C SER A 6 6.13 17.70 4.83
N VAL A 7 4.99 17.69 5.49
CA VAL A 7 4.46 16.46 6.07
C VAL A 7 3.32 15.90 5.23
N PHE A 8 3.53 14.70 4.70
CA PHE A 8 2.49 14.05 3.89
C PHE A 8 1.45 13.41 4.79
N LEU A 9 0.17 13.70 4.54
CA LEU A 9 -0.89 13.12 5.36
C LEU A 9 -1.96 12.45 4.51
N ALA A 10 -2.52 11.36 5.03
CA ALA A 10 -3.55 10.60 4.32
C ALA A 10 -4.40 9.81 5.30
N GLY A 11 -5.32 8.99 4.78
CA GLY A 11 -6.19 8.19 5.63
C GLY A 11 -6.88 7.09 4.85
N PRO A 12 -7.74 6.36 5.51
CA PRO A 12 -8.52 5.25 4.89
C PRO A 12 -9.67 5.76 4.03
N PHE A 13 -9.36 6.68 3.12
CA PHE A 13 -10.37 7.26 2.25
C PHE A 13 -11.63 6.39 2.21
N MET A 14 -11.81 5.64 1.12
CA MET A 14 -12.98 4.80 1.00
C MET A 14 -13.37 4.23 2.36
N GLY A 15 -12.38 4.00 3.22
CA GLY A 15 -12.64 3.47 4.55
C GLY A 15 -13.50 4.44 5.37
N LEU A 16 -12.86 5.46 5.93
CA LEU A 16 -13.58 6.44 6.73
C LEU A 16 -14.89 6.81 6.03
N VAL A 17 -14.92 6.60 4.73
CA VAL A 17 -16.10 6.91 3.92
C VAL A 17 -16.74 5.63 3.41
N ASN A 18 -17.63 5.77 2.42
CA ASN A 18 -18.29 4.61 1.82
C ASN A 18 -17.52 4.21 0.57
N PRO A 19 -17.04 3.00 0.54
CA PRO A 19 -16.24 2.49 -0.61
C PRO A 19 -16.59 3.16 -1.94
N GLU A 20 -16.06 4.36 -2.14
CA GLU A 20 -16.30 5.11 -3.38
C GLU A 20 -17.55 5.98 -3.28
N THR A 21 -17.61 6.77 -2.21
CA THR A 21 -18.73 7.67 -1.99
C THR A 21 -18.20 9.07 -1.66
N ASN A 22 -18.97 9.81 -0.89
CA ASN A 22 -18.57 11.16 -0.51
C ASN A 22 -19.21 11.57 0.81
N SER A 23 -18.69 11.01 1.92
CA SER A 23 -19.21 11.33 3.25
C SER A 23 -18.09 11.31 4.29
N MET A 24 -17.12 12.19 4.13
CA MET A 24 -16.00 12.28 5.06
C MET A 24 -16.46 12.83 6.41
N PRO A 25 -16.10 12.17 7.49
CA PRO A 25 -16.50 12.62 8.86
C PRO A 25 -16.01 14.03 9.16
N SER A 26 -16.96 14.94 9.36
CA SER A 26 -16.61 16.33 9.64
C SER A 26 -15.71 16.42 10.87
N ALA A 27 -16.08 15.69 11.91
CA ALA A 27 -15.29 15.68 13.15
C ALA A 27 -13.89 15.13 12.90
N GLU A 28 -13.70 14.53 11.74
CA GLU A 28 -12.40 13.95 11.38
C GLU A 28 -11.55 14.98 10.64
N GLN A 29 -12.10 15.51 9.55
CA GLN A 29 -11.38 16.50 8.77
C GLN A 29 -10.94 17.64 9.67
N LEU A 30 -11.80 17.98 10.63
CA LEU A 30 -11.51 19.04 11.58
C LEU A 30 -10.17 18.75 12.26
N PRO A 31 -10.12 17.69 13.00
CA PRO A 31 -8.87 17.27 13.69
C PRO A 31 -7.69 17.47 12.76
N PHE A 32 -7.87 17.06 11.50
CA PHE A 32 -6.83 17.21 10.50
C PHE A 32 -6.54 18.68 10.26
N LEU A 33 -7.58 19.52 10.38
CA LEU A 33 -7.38 20.94 10.19
C LEU A 33 -6.43 21.44 11.28
N THR A 34 -6.66 20.96 12.50
CA THR A 34 -5.82 21.34 13.63
C THR A 34 -4.36 21.00 13.35
N LEU A 35 -4.10 19.73 13.08
CA LEU A 35 -2.73 19.29 12.77
C LEU A 35 -2.24 20.01 11.53
N ILE A 36 -2.87 19.71 10.41
CA ILE A 36 -2.50 20.34 9.17
C ILE A 36 -2.19 21.80 9.44
N GLU A 37 -2.81 22.32 10.50
CA GLU A 37 -2.60 23.70 10.91
C GLU A 37 -1.21 23.86 11.51
N HIS A 38 -0.90 23.04 12.52
CA HIS A 38 0.40 23.09 13.16
C HIS A 38 1.48 22.80 12.12
N PHE A 39 1.05 22.20 11.02
CA PHE A 39 1.95 21.87 9.93
C PHE A 39 2.26 23.12 9.12
N GLU A 40 1.21 23.81 8.69
CA GLU A 40 1.37 25.04 7.92
C GLU A 40 1.88 26.15 8.82
N LYS A 41 1.72 25.97 10.13
CA LYS A 41 2.17 26.96 11.10
C LYS A 41 3.59 26.65 11.56
N GLN A 42 3.91 25.35 11.60
CA GLN A 42 5.25 24.93 12.03
C GLN A 42 6.24 25.06 10.87
N GLY A 43 5.75 24.81 9.66
CA GLY A 43 6.60 24.89 8.47
C GLY A 43 6.66 23.53 7.79
N LEU A 44 5.65 22.72 8.06
CA LEU A 44 5.56 21.38 7.50
C LEU A 44 4.44 21.31 6.47
N GLU A 45 4.80 21.56 5.21
CA GLU A 45 3.82 21.55 4.13
C GLU A 45 3.05 20.22 4.12
N VAL A 46 1.78 20.27 4.51
CA VAL A 46 0.95 19.07 4.55
C VAL A 46 0.70 18.56 3.14
N PHE A 47 1.57 17.66 2.68
CA PHE A 47 1.42 17.10 1.35
C PHE A 47 0.41 15.96 1.35
N ASN A 48 -0.35 15.85 0.27
CA ASN A 48 -1.35 14.80 0.14
C ASN A 48 -2.71 15.30 0.58
N ALA A 49 -3.25 14.67 1.62
CA ALA A 49 -4.56 15.06 2.12
C ALA A 49 -5.45 15.50 0.97
N HIS A 50 -6.49 16.24 1.30
CA HIS A 50 -7.41 16.74 0.29
C HIS A 50 -8.16 17.94 0.82
N ARG A 51 -7.97 18.21 2.11
CA ARG A 51 -8.62 19.33 2.76
C ARG A 51 -9.75 19.89 1.90
N ARG A 52 -9.58 21.12 1.41
CA ARG A 52 -10.60 21.75 0.59
C ARG A 52 -11.44 20.70 -0.12
N GLU A 53 -10.75 19.68 -0.64
CA GLU A 53 -11.43 18.60 -1.33
C GLU A 53 -11.95 17.57 -0.34
N ALA A 54 -11.12 17.25 0.66
CA ALA A 54 -11.51 16.29 1.68
C ALA A 54 -12.79 16.75 2.38
N TRP A 55 -13.22 17.96 2.05
CA TRP A 55 -14.45 18.50 2.63
C TRP A 55 -15.44 18.83 1.52
N GLY A 56 -14.96 19.47 0.45
CA GLY A 56 -15.81 19.81 -0.68
C GLY A 56 -16.00 18.62 -1.60
N ALA A 57 -14.90 18.05 -2.08
CA ALA A 57 -14.96 16.90 -2.98
C ALA A 57 -15.03 15.61 -2.17
N GLN A 58 -13.92 15.24 -1.54
CA GLN A 58 -13.87 14.03 -0.72
C GLN A 58 -13.74 12.79 -1.59
N VAL A 59 -13.64 11.63 -0.95
CA VAL A 59 -13.52 10.37 -1.67
C VAL A 59 -13.22 10.64 -3.13
N LEU A 60 -12.18 11.43 -3.35
CA LEU A 60 -11.78 11.78 -4.70
C LEU A 60 -11.83 10.55 -5.58
N THR A 61 -11.28 10.67 -6.79
CA THR A 61 -11.27 9.54 -7.69
C THR A 61 -9.84 9.16 -8.02
N PRO A 62 -9.59 7.91 -8.23
CA PRO A 62 -8.24 7.39 -8.54
C PRO A 62 -7.41 8.37 -9.37
N GLU A 63 -7.98 8.88 -10.46
CA GLU A 63 -7.28 9.81 -11.34
C GLU A 63 -6.97 11.13 -10.63
N GLU A 64 -7.30 11.18 -9.35
CA GLU A 64 -7.06 12.39 -8.58
C GLU A 64 -6.31 12.05 -7.29
N CYS A 65 -7.00 11.36 -6.39
CA CYS A 65 -6.42 10.96 -5.13
C CYS A 65 -5.18 10.10 -5.30
N THR A 66 -5.22 9.17 -6.27
CA THR A 66 -4.08 8.28 -6.50
C THR A 66 -2.86 9.06 -6.99
N PRO A 67 -3.03 9.81 -8.04
CA PRO A 67 -1.92 10.62 -8.63
C PRO A 67 -1.26 11.53 -7.60
N LEU A 68 -2.03 12.43 -7.01
CA LEU A 68 -1.46 13.34 -6.02
C LEU A 68 -1.01 12.57 -4.78
N ASP A 69 -1.60 11.40 -4.57
CA ASP A 69 -1.24 10.58 -3.43
C ASP A 69 0.15 10.00 -3.62
N GLN A 70 0.32 9.22 -4.69
CA GLN A 70 1.60 8.59 -4.99
C GLN A 70 2.70 9.63 -5.16
N LEU A 71 2.36 10.75 -5.80
CA LEU A 71 3.35 11.80 -6.00
C LEU A 71 3.73 12.43 -4.68
N GLU A 72 2.72 12.66 -3.85
CA GLU A 72 2.95 13.25 -2.54
C GLU A 72 3.73 12.27 -1.66
N ILE A 73 3.68 10.99 -2.01
CA ILE A 73 4.41 9.99 -1.25
C ILE A 73 5.89 10.11 -1.53
N ARG A 74 6.26 9.91 -2.80
CA ARG A 74 7.66 9.99 -3.17
C ARG A 74 8.10 11.46 -3.23
N LYS A 75 7.16 12.37 -3.04
CA LYS A 75 7.47 13.81 -3.06
C LYS A 75 7.64 14.33 -1.63
N ALA A 76 6.55 14.35 -0.87
CA ALA A 76 6.59 14.81 0.51
C ALA A 76 7.96 14.54 1.14
N ASP A 77 8.42 15.47 1.98
CA ASP A 77 9.72 15.31 2.64
C ASP A 77 9.65 14.26 3.74
N VAL A 78 8.55 14.26 4.47
CA VAL A 78 8.35 13.30 5.56
C VAL A 78 6.97 12.67 5.43
N PHE A 79 6.90 11.34 5.49
CA PHE A 79 5.62 10.66 5.37
C PHE A 79 4.90 10.58 6.71
N VAL A 80 3.62 10.95 6.70
CA VAL A 80 2.80 10.91 7.90
C VAL A 80 1.39 10.48 7.53
N ALA A 81 1.04 9.23 7.84
CA ALA A 81 -0.29 8.70 7.52
C ALA A 81 -1.09 8.40 8.78
N ILE A 82 -2.26 7.78 8.60
CA ILE A 82 -3.12 7.44 9.72
C ILE A 82 -3.96 6.20 9.45
N PRO A 83 -3.55 5.08 9.97
CA PRO A 83 -4.29 3.81 9.81
C PRO A 83 -5.78 4.03 9.82
N GLY A 84 -6.37 3.73 10.94
CA GLY A 84 -7.81 3.89 11.15
C GLY A 84 -8.57 2.63 10.70
N ILE A 85 -8.16 1.48 11.22
CA ILE A 85 -8.82 0.22 10.86
C ILE A 85 -10.28 0.47 10.50
N PRO A 86 -10.83 -0.34 9.62
CA PRO A 86 -10.08 -1.45 8.96
C PRO A 86 -8.75 -1.00 8.40
N PRO A 87 -7.90 -1.94 8.06
CA PRO A 87 -6.55 -1.65 7.50
C PRO A 87 -6.60 -0.56 6.44
N SER A 88 -6.75 0.67 6.89
CA SER A 88 -6.81 1.81 5.97
C SER A 88 -6.14 1.44 4.65
N PRO A 89 -6.90 0.91 3.73
CA PRO A 89 -6.37 0.50 2.39
C PRO A 89 -5.71 1.66 1.65
N GLY A 90 -6.42 2.77 1.54
CA GLY A 90 -5.89 3.93 0.85
C GLY A 90 -4.55 4.31 1.47
N THR A 91 -4.54 4.42 2.79
CA THR A 91 -3.32 4.77 3.49
C THR A 91 -2.28 3.67 3.29
N HIS A 92 -2.47 2.53 3.95
CA HIS A 92 -1.53 1.42 3.80
C HIS A 92 -0.79 1.48 2.48
N VAL A 93 -1.51 1.81 1.42
CA VAL A 93 -0.86 1.92 0.10
C VAL A 93 0.03 3.13 0.06
N GLU A 94 -0.48 4.27 0.50
CA GLU A 94 0.31 5.49 0.53
C GLU A 94 1.47 5.30 1.49
N ILE A 95 1.21 4.61 2.59
CA ILE A 95 2.23 4.33 3.58
C ILE A 95 3.30 3.45 2.96
N GLY A 96 2.88 2.29 2.47
CA GLY A 96 3.82 1.40 1.83
C GLY A 96 4.57 2.19 0.77
N TRP A 97 3.82 3.00 0.03
CA TRP A 97 4.41 3.83 -1.00
C TRP A 97 5.62 4.55 -0.45
N ALA A 98 5.47 5.06 0.76
CA ALA A 98 6.56 5.75 1.42
C ALA A 98 7.70 4.79 1.71
N SER A 99 7.36 3.54 2.01
CA SER A 99 8.38 2.52 2.31
C SER A 99 9.12 2.13 1.04
N ALA A 100 8.36 1.76 0.00
CA ALA A 100 8.96 1.37 -1.27
C ALA A 100 9.69 2.56 -1.86
N PHE A 101 9.23 3.76 -1.54
CA PHE A 101 9.87 4.96 -2.06
C PHE A 101 10.96 5.43 -1.12
N ASP A 102 10.97 4.88 0.10
CA ASP A 102 11.97 5.24 1.09
C ASP A 102 11.53 6.43 1.92
N LYS A 103 10.65 7.24 1.34
CA LYS A 103 10.16 8.41 2.04
C LYS A 103 9.88 8.07 3.51
N PRO A 104 10.58 8.70 4.43
CA PRO A 104 10.39 8.46 5.88
C PRO A 104 8.92 8.23 6.20
N ILE A 105 8.65 7.46 7.25
CA ILE A 105 7.25 7.18 7.60
C ILE A 105 6.93 7.51 9.05
N VAL A 106 5.73 8.04 9.24
CA VAL A 106 5.24 8.39 10.57
C VAL A 106 3.72 8.37 10.56
N LEU A 107 3.13 7.47 11.36
CA LEU A 107 1.68 7.37 11.36
C LEU A 107 1.09 7.67 12.72
N LEU A 108 -0.12 8.20 12.71
CA LEU A 108 -0.83 8.50 13.94
C LEU A 108 -1.62 7.27 14.34
N LEU A 109 -0.90 6.25 14.76
CA LEU A 109 -1.52 5.00 15.15
C LEU A 109 -2.86 5.27 15.83
N GLU A 110 -3.83 4.41 15.59
CA GLU A 110 -5.15 4.60 16.18
C GLU A 110 -5.34 3.67 17.37
N GLU A 111 -4.66 3.98 18.48
CA GLU A 111 -4.77 3.18 19.69
C GLU A 111 -5.86 2.12 19.54
N GLY A 112 -5.48 0.95 19.05
CA GLY A 112 -6.41 -0.15 18.82
C GLY A 112 -6.36 -0.58 17.36
N ARG A 113 -6.66 0.36 16.47
CA ARG A 113 -6.62 0.10 15.04
C ARG A 113 -5.18 -0.20 14.64
N GLU A 114 -4.30 0.76 14.91
CA GLU A 114 -2.89 0.60 14.61
C GLU A 114 -2.44 -0.81 14.99
N GLU A 115 -3.04 -1.31 16.06
CA GLU A 115 -2.74 -2.66 16.53
C GLU A 115 -3.27 -3.67 15.52
N GLU A 116 -4.52 -3.46 15.10
CA GLU A 116 -5.13 -4.34 14.12
C GLU A 116 -4.24 -4.40 12.89
N TYR A 117 -3.61 -3.27 12.60
CA TYR A 117 -2.70 -3.18 11.46
C TYR A 117 -1.55 -4.15 11.65
N GLY A 118 -0.81 -3.93 12.73
CA GLY A 118 0.33 -4.76 13.10
C GLY A 118 1.03 -5.34 11.88
N PHE A 119 0.30 -6.17 11.15
CA PHE A 119 0.83 -6.82 9.97
C PHE A 119 1.87 -5.94 9.26
N LEU A 120 1.41 -4.99 8.45
CA LEU A 120 2.36 -4.14 7.72
C LEU A 120 2.73 -2.89 8.50
N VAL A 121 1.83 -2.44 9.37
CA VAL A 121 2.14 -1.26 10.15
C VAL A 121 3.33 -1.56 11.04
N ARG A 122 3.21 -2.63 11.83
CA ARG A 122 4.29 -3.04 12.69
C ARG A 122 5.48 -3.47 11.84
N GLY A 123 5.22 -4.36 10.88
CA GLY A 123 6.29 -4.80 10.00
C GLY A 123 6.98 -3.59 9.39
N LEU A 124 6.26 -2.47 9.36
CA LEU A 124 6.80 -1.23 8.80
C LEU A 124 7.75 -0.57 9.78
N GLY A 125 7.35 -0.54 11.05
CA GLY A 125 8.18 0.08 12.07
C GLY A 125 9.50 -0.67 12.20
N THR A 126 9.49 -1.92 11.77
CA THR A 126 10.70 -2.75 11.85
C THR A 126 11.52 -2.68 10.55
N VAL A 127 10.85 -2.56 9.41
CA VAL A 127 11.56 -2.51 8.13
C VAL A 127 12.11 -1.13 7.83
N ALA A 128 11.23 -0.12 7.78
CA ALA A 128 11.68 1.23 7.49
C ALA A 128 11.24 2.21 8.57
N ALA A 129 11.91 3.35 8.61
CA ALA A 129 11.59 4.38 9.61
C ALA A 129 10.09 4.65 9.64
N VAL A 130 9.41 3.94 10.52
CA VAL A 130 7.97 4.10 10.67
C VAL A 130 7.62 4.45 12.11
N GLU A 131 7.47 5.74 12.39
CA GLU A 131 7.14 6.19 13.74
C GLU A 131 5.70 5.83 14.09
N PHE A 132 5.51 5.11 15.19
CA PHE A 132 4.17 4.73 15.60
C PHE A 132 3.62 5.72 16.63
N VAL A 133 2.84 6.68 16.15
CA VAL A 133 2.27 7.67 17.04
C VAL A 133 0.85 7.29 17.44
N HIS A 134 0.71 6.64 18.59
CA HIS A 134 -0.61 6.27 19.07
C HIS A 134 -1.29 7.53 19.58
N TYR A 135 -2.45 7.85 19.02
CA TYR A 135 -3.13 9.07 19.44
C TYR A 135 -4.57 8.83 19.81
N LYS A 136 -4.90 9.21 21.03
CA LYS A 136 -6.25 9.09 21.54
C LYS A 136 -6.82 10.49 21.71
N ASP A 137 -5.99 11.48 21.36
CA ASP A 137 -6.35 12.89 21.43
C ASP A 137 -5.39 13.70 20.56
N ILE A 138 -5.92 14.67 19.82
CA ILE A 138 -5.10 15.49 18.94
C ILE A 138 -4.25 16.48 19.74
N ALA A 139 -4.90 17.26 20.59
CA ALA A 139 -4.18 18.24 21.39
C ALA A 139 -2.95 17.61 22.02
N LEU A 140 -2.87 16.29 21.93
CA LEU A 140 -1.74 15.55 22.50
C LEU A 140 -0.98 14.85 21.37
N ALA A 141 -1.70 14.46 20.34
CA ALA A 141 -1.10 13.78 19.20
C ALA A 141 -0.07 14.68 18.53
N LYS A 142 -0.32 15.99 18.55
CA LYS A 142 0.60 16.94 17.94
C LYS A 142 1.97 16.85 18.60
N PRO A 143 2.03 16.99 19.90
CA PRO A 143 3.31 16.93 20.66
C PRO A 143 4.01 15.59 20.49
N GLN A 144 3.25 14.51 20.50
CA GLN A 144 3.84 13.18 20.34
C GLN A 144 4.30 12.98 18.90
N ILE A 145 3.48 13.43 17.96
CA ILE A 145 3.80 13.30 16.55
C ILE A 145 4.99 14.18 16.21
N ASP A 146 5.17 15.25 16.99
CA ASP A 146 6.28 16.17 16.77
C ASP A 146 7.59 15.54 17.20
N ALA A 147 7.65 15.05 18.43
CA ALA A 147 8.86 14.42 18.93
C ALA A 147 9.15 13.15 18.15
N ALA A 148 8.09 12.44 17.76
CA ALA A 148 8.27 11.20 17.00
C ALA A 148 8.75 11.52 15.59
N ILE A 149 8.29 12.65 15.05
CA ILE A 149 8.68 13.07 13.72
C ILE A 149 10.13 13.54 13.72
N ARG A 150 10.45 14.43 14.66
CA ARG A 150 11.81 14.95 14.77
C ARG A 150 12.80 13.80 14.97
N LYS A 151 12.42 12.84 15.81
CA LYS A 151 13.27 11.69 16.08
C LYS A 151 13.41 10.81 14.84
N VAL A 152 12.32 10.60 14.14
CA VAL A 152 12.36 9.78 12.93
C VAL A 152 13.13 10.49 11.83
N VAL A 153 13.08 11.82 11.83
CA VAL A 153 13.79 12.61 10.82
C VAL A 153 15.29 12.51 11.05
N ASP A 154 15.72 12.64 12.30
CA ASP A 154 17.14 12.55 12.61
C ASP A 154 17.55 11.08 12.61
N ARG A 155 16.55 10.21 12.70
CA ARG A 155 16.79 8.76 12.70
C ARG A 155 17.14 8.27 11.30
N VAL A 156 16.48 8.82 10.29
CA VAL A 156 16.73 8.41 8.91
C VAL A 156 17.79 9.29 8.25
N ASN A 157 17.74 10.60 8.53
CA ASN A 157 18.70 11.53 7.94
C ASN A 157 19.94 11.66 8.81
N ASN A 158 19.79 11.45 10.12
CA ASN A 158 20.90 11.54 11.04
C ASN A 158 22.02 12.40 10.44
N PRO A 159 21.83 13.69 10.42
CA PRO A 159 22.82 14.66 9.86
C PRO A 159 24.04 14.80 10.77
N ALA A 160 23.88 14.45 12.04
CA ALA A 160 24.98 14.54 12.99
C ALA A 160 24.58 13.92 14.32
N ALA A 161 24.59 14.72 15.38
CA ALA A 161 24.21 14.24 16.70
C ALA A 161 24.80 15.11 17.80
N THR A 162 25.93 15.74 17.52
CA THR A 162 26.57 16.59 18.51
C THR A 162 27.67 17.42 17.87
N PRO A 163 27.86 18.63 18.33
CA PRO A 163 28.91 19.56 17.81
C PRO A 163 30.30 18.96 17.94
N LYS B 1 9.26 -16.24 -22.59
CA LYS B 1 10.71 -16.59 -22.58
C LYS B 1 11.54 -15.33 -22.83
N ALA B 2 12.02 -14.73 -21.73
CA ALA B 2 12.84 -13.52 -21.82
C ALA B 2 11.99 -12.30 -21.53
N GLY B 3 11.10 -12.43 -20.55
CA GLY B 3 10.23 -11.33 -20.18
C GLY B 3 10.30 -11.06 -18.69
N VAL B 4 9.68 -11.95 -17.90
CA VAL B 4 9.68 -11.78 -16.45
C VAL B 4 10.71 -12.70 -15.80
N ARG B 5 11.75 -12.11 -15.22
CA ARG B 5 12.78 -12.90 -14.55
C ARG B 5 12.23 -13.43 -13.23
N SER B 6 11.32 -12.68 -12.64
CA SER B 6 10.71 -13.08 -11.37
C SER B 6 9.40 -12.33 -11.17
N VAL B 7 8.34 -13.09 -10.87
CA VAL B 7 7.03 -12.49 -10.66
C VAL B 7 6.69 -12.41 -9.17
N PHE B 8 6.47 -11.19 -8.69
CA PHE B 8 6.12 -10.99 -7.28
C PHE B 8 4.64 -11.26 -7.08
N LEU B 9 4.29 -12.02 -6.05
CA LEU B 9 2.89 -12.34 -5.79
C LEU B 9 2.53 -12.15 -4.31
N ALA B 10 1.32 -11.67 -4.07
CA ALA B 10 0.84 -11.46 -2.71
C ALA B 10 -0.68 -11.51 -2.67
N GLY B 11 -1.25 -11.17 -1.52
CA GLY B 11 -2.69 -11.19 -1.36
C GLY B 11 -3.13 -10.48 -0.07
N PRO B 12 -4.41 -10.47 0.17
CA PRO B 12 -5.00 -9.82 1.36
C PRO B 12 -4.75 -10.63 2.64
N PHE B 13 -3.51 -11.02 2.87
CA PHE B 13 -3.15 -11.80 4.05
C PHE B 13 -4.24 -11.73 5.10
N MET B 14 -4.01 -10.97 6.15
CA MET B 14 -4.99 -10.86 7.22
C MET B 14 -6.41 -10.92 6.65
N GLY B 15 -6.59 -10.43 5.43
CA GLY B 15 -7.90 -10.44 4.79
C GLY B 15 -8.38 -11.86 4.57
N LEU B 16 -7.88 -12.51 3.53
CA LEU B 16 -8.27 -13.88 3.22
C LEU B 16 -8.29 -14.69 4.50
N VAL B 17 -7.54 -14.24 5.49
CA VAL B 17 -7.45 -14.92 6.78
C VAL B 17 -8.13 -14.08 7.86
N ASN B 18 -7.88 -14.44 9.11
CA ASN B 18 -8.44 -13.70 10.24
C ASN B 18 -7.43 -12.65 10.69
N PRO B 19 -7.81 -11.41 10.67
CA PRO B 19 -6.92 -10.29 11.07
C PRO B 19 -5.88 -10.68 12.11
N GLU B 20 -4.82 -11.35 11.64
CA GLU B 20 -3.73 -11.79 12.50
C GLU B 20 -3.99 -13.18 13.05
N THR B 21 -4.28 -14.11 12.16
CA THR B 21 -4.54 -15.50 12.54
C THR B 21 -3.73 -16.43 11.65
N ASN B 22 -4.24 -17.63 11.46
CA ASN B 22 -3.55 -18.62 10.63
C ASN B 22 -4.55 -19.60 10.01
N SER B 23 -5.30 -19.13 9.02
CA SER B 23 -6.28 -19.97 8.34
C SER B 23 -6.39 -19.57 6.88
N MET B 24 -5.36 -19.88 6.12
CA MET B 24 -5.34 -19.56 4.69
C MET B 24 -6.18 -20.58 3.91
N PRO B 25 -7.07 -20.10 3.08
CA PRO B 25 -7.95 -20.98 2.27
C PRO B 25 -7.16 -21.96 1.41
N SER B 26 -7.30 -23.25 1.70
CA SER B 26 -6.57 -24.26 0.94
C SER B 26 -6.86 -24.14 -0.54
N ALA B 27 -8.15 -24.00 -0.87
CA ALA B 27 -8.56 -23.88 -2.27
C ALA B 27 -7.95 -22.62 -2.91
N GLU B 28 -7.39 -21.75 -2.07
CA GLU B 28 -6.78 -20.51 -2.54
C GLU B 28 -5.29 -20.72 -2.82
N GLN B 29 -4.57 -21.17 -1.80
CA GLN B 29 -3.14 -21.43 -1.94
C GLN B 29 -2.92 -22.36 -3.12
N LEU B 30 -3.83 -23.30 -3.30
CA LEU B 30 -3.72 -24.25 -4.41
C LEU B 30 -3.60 -23.47 -5.71
N PRO B 31 -4.63 -22.75 -6.06
CA PRO B 31 -4.63 -21.92 -7.28
C PRO B 31 -3.28 -21.22 -7.44
N PHE B 32 -2.79 -20.68 -6.33
CA PHE B 32 -1.49 -20.00 -6.35
C PHE B 32 -0.40 -21.00 -6.72
N LEU B 33 -0.56 -22.24 -6.29
CA LEU B 33 0.41 -23.27 -6.61
C LEU B 33 0.46 -23.44 -8.13
N THR B 34 -0.72 -23.52 -8.74
CA THR B 34 -0.82 -23.65 -10.19
C THR B 34 -0.05 -22.53 -10.87
N LEU B 35 -0.43 -21.29 -10.59
CA LEU B 35 0.25 -20.15 -11.19
C LEU B 35 1.72 -20.15 -10.78
N ILE B 36 1.96 -20.00 -9.49
CA ILE B 36 3.31 -20.01 -8.97
C ILE B 36 4.08 -21.11 -9.71
N GLU B 37 3.33 -22.09 -10.19
CA GLU B 37 3.91 -23.20 -10.93
C GLU B 37 4.34 -22.70 -12.31
N HIS B 38 3.38 -22.20 -13.09
CA HIS B 38 3.68 -21.69 -14.41
C HIS B 38 4.80 -20.65 -14.32
N PHE B 39 4.98 -20.11 -13.12
CA PHE B 39 6.02 -19.11 -12.89
C PHE B 39 7.39 -19.79 -12.80
N GLU B 40 7.48 -20.79 -11.94
CA GLU B 40 8.74 -21.52 -11.77
C GLU B 40 9.00 -22.40 -12.98
N LYS B 41 7.95 -22.63 -13.77
CA LYS B 41 8.08 -23.45 -14.97
C LYS B 41 8.37 -22.55 -16.18
N GLN B 42 7.81 -21.35 -16.16
CA GLN B 42 8.02 -20.41 -17.26
C GLN B 42 9.37 -19.73 -17.13
N GLY B 43 9.78 -19.48 -15.89
CA GLY B 43 11.05 -18.84 -15.62
C GLY B 43 10.82 -17.53 -14.88
N LEU B 44 9.66 -17.45 -14.22
CA LEU B 44 9.27 -16.26 -13.47
C LEU B 44 9.33 -16.55 -11.98
N GLU B 45 10.49 -16.27 -11.39
CA GLU B 45 10.68 -16.51 -9.97
C GLU B 45 9.59 -15.83 -9.15
N VAL B 46 8.69 -16.64 -8.57
CA VAL B 46 7.61 -16.09 -7.76
C VAL B 46 8.16 -15.47 -6.50
N PHE B 47 8.36 -14.15 -6.52
CA PHE B 47 8.89 -13.47 -5.36
C PHE B 47 7.75 -13.07 -4.43
N ASN B 48 8.03 -13.08 -3.13
CA ASN B 48 7.02 -12.72 -2.15
C ASN B 48 6.26 -13.94 -1.67
N ALA B 49 4.96 -13.98 -1.92
CA ALA B 49 4.14 -15.11 -1.49
C ALA B 49 4.68 -15.66 -0.17
N HIS B 50 4.30 -16.88 0.15
CA HIS B 50 4.75 -17.52 1.37
C HIS B 50 4.63 -19.03 1.24
N ARG B 51 4.01 -19.44 0.15
CA ARG B 51 3.81 -20.86 -0.13
C ARG B 51 4.09 -21.70 1.10
N ARG B 52 5.16 -22.50 1.04
CA ARG B 52 5.51 -23.36 2.16
C ARG B 52 4.97 -22.77 3.46
N GLU B 53 5.16 -21.47 3.63
CA GLU B 53 4.67 -20.78 4.82
C GLU B 53 3.18 -20.45 4.66
N ALA B 54 2.80 -19.99 3.48
CA ALA B 54 1.40 -19.65 3.22
C ALA B 54 0.51 -20.86 3.48
N TRP B 55 1.14 -22.00 3.72
CA TRP B 55 0.40 -23.21 4.01
C TRP B 55 0.77 -23.74 5.39
N GLY B 56 2.06 -23.72 5.69
CA GLY B 56 2.54 -24.19 6.99
C GLY B 56 2.43 -23.09 8.05
N ALA B 57 3.03 -21.94 7.78
CA ALA B 57 2.99 -20.82 8.72
C ALA B 57 1.74 -19.98 8.48
N GLN B 58 1.70 -19.29 7.35
CA GLN B 58 0.56 -18.45 7.01
C GLN B 58 0.56 -17.16 7.82
N VAL B 59 -0.43 -16.31 7.53
CA VAL B 59 -0.56 -15.03 8.25
C VAL B 59 0.71 -14.72 9.02
N LEU B 60 1.84 -14.84 8.33
CA LEU B 60 3.13 -14.57 8.94
C LEU B 60 3.04 -13.37 9.86
N THR B 61 4.18 -12.89 10.33
CA THR B 61 4.22 -11.75 11.21
C THR B 61 4.99 -10.61 10.56
N PRO B 62 4.56 -9.40 10.79
CA PRO B 62 5.18 -8.19 10.21
C PRO B 62 6.70 -8.34 10.02
N GLU B 63 7.39 -8.77 11.06
CA GLU B 63 8.84 -8.93 11.02
C GLU B 63 9.24 -10.01 10.02
N GLU B 64 8.25 -10.60 9.35
CA GLU B 64 8.52 -11.63 8.37
C GLU B 64 7.88 -11.29 7.04
N CYS B 65 6.55 -11.30 7.03
CA CYS B 65 5.78 -11.00 5.82
C CYS B 65 6.09 -9.59 5.30
N THR B 66 6.21 -8.63 6.21
CA THR B 66 6.49 -7.24 5.80
C THR B 66 7.86 -7.12 5.16
N PRO B 67 8.89 -7.55 5.85
CA PRO B 67 10.28 -7.49 5.35
C PRO B 67 10.43 -8.14 3.97
N LEU B 68 10.14 -9.44 3.89
CA LEU B 68 10.26 -10.13 2.61
C LEU B 68 9.28 -9.58 1.60
N ASP B 69 8.20 -8.98 2.09
CA ASP B 69 7.20 -8.41 1.22
C ASP B 69 7.74 -7.15 0.55
N GLN B 70 8.10 -6.17 1.37
CA GLN B 70 8.65 -4.91 0.86
C GLN B 70 9.89 -5.14 0.02
N LEU B 71 10.74 -6.06 0.46
CA LEU B 71 11.96 -6.35 -0.27
C LEU B 71 11.61 -6.98 -1.62
N GLU B 72 10.65 -7.89 -1.60
CA GLU B 72 10.24 -8.55 -2.82
C GLU B 72 9.55 -7.56 -3.75
N ILE B 73 9.06 -6.46 -3.17
CA ILE B 73 8.39 -5.43 -3.97
C ILE B 73 9.43 -4.67 -4.78
N ARG B 74 10.38 -4.05 -4.09
CA ARG B 74 11.42 -3.29 -4.76
C ARG B 74 12.46 -4.23 -5.36
N LYS B 75 12.32 -5.53 -5.07
CA LYS B 75 13.25 -6.54 -5.58
C LYS B 75 12.67 -7.20 -6.83
N ALA B 76 11.61 -7.99 -6.64
CA ALA B 76 10.96 -8.68 -7.74
C ALA B 76 11.11 -7.90 -9.05
N ASP B 77 11.26 -8.62 -10.15
CA ASP B 77 11.41 -7.98 -11.46
C ASP B 77 10.08 -7.41 -11.95
N VAL B 78 9.01 -8.18 -11.75
CA VAL B 78 7.68 -7.75 -12.17
C VAL B 78 6.71 -7.94 -11.01
N PHE B 79 5.96 -6.89 -10.69
CA PHE B 79 5.02 -6.96 -9.59
C PHE B 79 3.71 -7.58 -10.04
N VAL B 80 3.23 -8.54 -9.27
CA VAL B 80 1.97 -9.22 -9.56
C VAL B 80 1.24 -9.51 -8.26
N ALA B 81 0.17 -8.78 -8.00
CA ALA B 81 -0.59 -8.96 -6.76
C ALA B 81 -2.01 -9.44 -7.04
N ILE B 82 -2.82 -9.50 -5.99
CA ILE B 82 -4.20 -9.94 -6.13
C ILE B 82 -5.11 -9.30 -5.10
N PRO B 83 -5.84 -8.30 -5.49
CA PRO B 83 -6.80 -7.62 -4.59
C PRO B 83 -7.47 -8.59 -3.66
N GLY B 84 -8.69 -8.92 -4.02
CA GLY B 84 -9.50 -9.84 -3.25
C GLY B 84 -10.27 -9.12 -2.14
N ILE B 85 -11.02 -8.09 -2.52
CA ILE B 85 -11.78 -7.33 -1.54
C ILE B 85 -12.15 -8.21 -0.35
N PRO B 86 -12.29 -7.64 0.81
CA PRO B 86 -12.09 -6.16 1.01
C PRO B 86 -10.77 -5.68 0.41
N PRO B 87 -10.60 -4.39 0.33
CA PRO B 87 -9.38 -3.78 -0.25
C PRO B 87 -8.10 -4.43 0.28
N SER B 88 -7.82 -5.63 -0.20
CA SER B 88 -6.63 -6.36 0.23
C SER B 88 -5.59 -5.40 0.81
N PRO B 89 -5.67 -5.15 2.09
CA PRO B 89 -4.73 -4.22 2.79
C PRO B 89 -3.27 -4.62 2.59
N GLY B 90 -2.96 -5.87 2.94
CA GLY B 90 -1.60 -6.36 2.80
C GLY B 90 -1.11 -6.11 1.38
N THR B 91 -1.92 -6.52 0.41
CA THR B 91 -1.57 -6.32 -0.99
C THR B 91 -1.47 -4.82 -1.29
N HIS B 92 -2.61 -4.15 -1.42
CA HIS B 92 -2.61 -2.72 -1.69
C HIS B 92 -1.31 -2.08 -1.25
N VAL B 93 -0.81 -2.46 -0.10
CA VAL B 93 0.44 -1.90 0.39
C VAL B 93 1.59 -2.42 -0.47
N GLU B 94 1.63 -3.74 -0.66
CA GLU B 94 2.66 -4.33 -1.50
C GLU B 94 2.54 -3.80 -2.91
N ILE B 95 1.30 -3.63 -3.36
CA ILE B 95 1.04 -3.11 -4.70
C ILE B 95 1.56 -1.69 -4.79
N GLY B 96 1.07 -0.83 -3.91
CA GLY B 96 1.53 0.55 -3.91
C GLY B 96 3.04 0.55 -3.81
N TRP B 97 3.56 -0.34 -2.97
CA TRP B 97 4.99 -0.46 -2.80
C TRP B 97 5.64 -0.55 -4.17
N ALA B 98 5.04 -1.36 -5.02
CA ALA B 98 5.54 -1.51 -6.37
C ALA B 98 5.43 -0.19 -7.14
N SER B 99 4.39 0.59 -6.84
CA SER B 99 4.21 1.87 -7.51
C SER B 99 5.25 2.88 -7.02
N ALA B 100 5.33 3.07 -5.69
CA ALA B 100 6.28 3.99 -5.11
C ALA B 100 7.70 3.55 -5.44
N PHE B 101 7.89 2.25 -5.60
CA PHE B 101 9.20 1.72 -5.93
C PHE B 101 9.40 1.69 -7.44
N ASP B 102 8.30 1.82 -8.17
CA ASP B 102 8.34 1.82 -9.63
C ASP B 102 8.19 0.41 -10.18
N LYS B 103 8.53 -0.57 -9.36
CA LYS B 103 8.43 -1.97 -9.78
C LYS B 103 7.13 -2.20 -10.56
N PRO B 104 7.22 -2.59 -11.80
CA PRO B 104 6.04 -2.83 -12.65
C PRO B 104 4.92 -3.49 -11.85
N ILE B 105 3.67 -3.25 -12.25
CA ILE B 105 2.54 -3.82 -11.51
C ILE B 105 1.61 -4.62 -12.41
N VAL B 106 1.11 -5.70 -11.85
CA VAL B 106 0.18 -6.59 -12.54
C VAL B 106 -0.64 -7.33 -11.50
N LEU B 107 -1.96 -7.11 -11.50
CA LEU B 107 -2.80 -7.76 -10.50
C LEU B 107 -3.86 -8.65 -11.14
N LEU B 108 -4.21 -9.70 -10.41
CA LEU B 108 -5.25 -10.60 -10.87
C LEU B 108 -6.58 -10.10 -10.34
N LEU B 109 -7.02 -8.99 -10.93
CA LEU B 109 -8.27 -8.37 -10.50
C LEU B 109 -9.29 -9.44 -10.16
N GLU B 110 -10.06 -9.20 -9.12
CA GLU B 110 -11.06 -10.17 -8.70
C GLU B 110 -12.44 -9.80 -9.23
N GLU B 111 -12.64 -9.99 -10.53
CA GLU B 111 -13.92 -9.69 -11.15
C GLU B 111 -14.95 -9.38 -10.07
N GLY B 112 -15.03 -8.09 -9.71
CA GLY B 112 -15.96 -7.65 -8.68
C GLY B 112 -15.19 -6.92 -7.58
N ARG B 113 -14.25 -7.63 -6.96
CA ARG B 113 -13.44 -7.04 -5.90
C ARG B 113 -12.57 -5.94 -6.50
N GLU B 114 -11.80 -6.32 -7.53
CA GLU B 114 -10.94 -5.38 -8.23
C GLU B 114 -11.70 -4.09 -8.49
N GLU B 115 -13.00 -4.24 -8.70
CA GLU B 115 -13.86 -3.09 -8.94
C GLU B 115 -14.00 -2.30 -7.64
N GLU B 116 -14.28 -3.01 -6.56
CA GLU B 116 -14.41 -2.38 -5.25
C GLU B 116 -13.15 -1.57 -4.97
N TYR B 117 -12.02 -2.08 -5.47
CA TYR B 117 -10.74 -1.40 -5.30
C TYR B 117 -10.80 -0.04 -5.99
N GLY B 118 -11.02 -0.10 -7.30
CA GLY B 118 -11.12 1.08 -8.14
C GLY B 118 -10.24 2.21 -7.62
N PHE B 119 -10.58 2.69 -6.43
CA PHE B 119 -9.84 3.77 -5.81
C PHE B 119 -8.36 3.76 -6.20
N LEU B 120 -7.55 2.93 -5.53
CA LEU B 120 -6.13 2.90 -5.83
C LEU B 120 -5.78 1.87 -6.90
N VAL B 121 -6.59 0.84 -7.01
CA VAL B 121 -6.33 -0.16 -8.03
C VAL B 121 -6.45 0.50 -9.40
N ARG B 122 -7.59 1.11 -9.64
CA ARG B 122 -7.81 1.83 -10.89
C ARG B 122 -6.84 2.99 -10.98
N GLY B 123 -6.81 3.82 -9.94
CA GLY B 123 -5.89 4.94 -9.92
C GLY B 123 -4.48 4.46 -10.23
N LEU B 124 -4.22 3.18 -9.94
CA LEU B 124 -2.92 2.58 -10.19
C LEU B 124 -2.73 2.30 -11.67
N GLY B 125 -3.77 1.76 -12.29
CA GLY B 125 -3.73 1.44 -13.71
C GLY B 125 -3.49 2.70 -14.53
N THR B 126 -3.86 3.83 -13.96
CA THR B 126 -3.71 5.11 -14.65
C THR B 126 -2.38 5.81 -14.30
N VAL B 127 -1.91 5.64 -13.07
CA VAL B 127 -0.67 6.28 -12.65
C VAL B 127 0.56 5.49 -13.10
N ALA B 128 0.66 4.23 -12.69
CA ALA B 128 1.83 3.42 -13.07
C ALA B 128 1.39 2.14 -13.77
N ALA B 129 2.32 1.56 -14.51
CA ALA B 129 2.06 0.34 -15.23
C ALA B 129 1.37 -0.68 -14.33
N VAL B 130 0.04 -0.68 -14.35
CA VAL B 130 -0.73 -1.60 -13.54
C VAL B 130 -1.68 -2.40 -14.42
N GLU B 131 -1.28 -3.64 -14.72
CA GLU B 131 -2.09 -4.51 -15.56
C GLU B 131 -3.26 -5.06 -14.76
N PHE B 132 -4.46 -4.85 -15.27
CA PHE B 132 -5.67 -5.34 -14.59
C PHE B 132 -6.11 -6.67 -15.18
N VAL B 133 -5.73 -7.75 -14.51
CA VAL B 133 -6.10 -9.08 -14.97
C VAL B 133 -7.31 -9.60 -14.21
N HIS B 134 -8.49 -9.42 -14.79
CA HIS B 134 -9.70 -9.92 -14.17
C HIS B 134 -9.74 -11.43 -14.36
N TYR B 135 -9.74 -12.18 -13.27
CA TYR B 135 -9.74 -13.64 -13.40
C TYR B 135 -10.88 -14.30 -12.66
N LYS B 136 -11.68 -15.04 -13.41
CA LYS B 136 -12.80 -15.76 -12.85
C LYS B 136 -12.48 -17.25 -12.91
N ASP B 137 -11.27 -17.52 -13.39
CA ASP B 137 -10.76 -18.88 -13.52
C ASP B 137 -9.24 -18.82 -13.72
N ILE B 138 -8.52 -19.71 -13.05
CA ILE B 138 -7.07 -19.74 -13.15
C ILE B 138 -6.61 -20.28 -14.49
N ALA B 139 -7.09 -21.47 -14.84
CA ALA B 139 -6.72 -22.10 -16.10
C ALA B 139 -6.83 -21.09 -17.25
N LEU B 140 -7.48 -19.96 -16.95
CA LEU B 140 -7.65 -18.90 -17.95
C LEU B 140 -6.88 -17.65 -17.51
N ALA B 141 -6.71 -17.50 -16.21
CA ALA B 141 -5.99 -16.36 -15.66
C ALA B 141 -4.52 -16.41 -16.04
N LYS B 142 -4.00 -17.62 -16.23
CA LYS B 142 -2.60 -17.78 -16.60
C LYS B 142 -2.36 -17.16 -17.97
N PRO B 143 -3.18 -17.50 -18.93
CA PRO B 143 -3.06 -16.96 -20.31
C PRO B 143 -3.27 -15.45 -20.36
N GLN B 144 -4.28 -14.96 -19.64
CA GLN B 144 -4.56 -13.52 -19.63
C GLN B 144 -3.47 -12.79 -18.87
N ILE B 145 -3.03 -13.38 -17.76
CA ILE B 145 -1.98 -12.77 -16.95
C ILE B 145 -0.66 -12.80 -17.70
N ASP B 146 -0.53 -13.75 -18.61
CA ASP B 146 0.70 -13.88 -19.39
C ASP B 146 0.78 -12.77 -20.42
N ALA B 147 -0.26 -12.62 -21.22
CA ALA B 147 -0.28 -11.57 -22.24
C ALA B 147 -0.25 -10.19 -21.59
N ALA B 148 -0.95 -10.06 -20.47
CA ALA B 148 -0.99 -8.78 -19.77
C ALA B 148 0.38 -8.48 -19.15
N ILE B 149 1.06 -9.53 -18.70
CA ILE B 149 2.38 -9.37 -18.10
C ILE B 149 3.40 -8.98 -19.17
N ARG B 150 3.39 -9.73 -20.26
CA ARG B 150 4.32 -9.46 -21.36
C ARG B 150 4.10 -8.06 -21.90
N LYS B 151 2.84 -7.68 -22.04
CA LYS B 151 2.49 -6.35 -22.55
C LYS B 151 2.95 -5.27 -21.58
N VAL B 152 2.69 -5.48 -20.29
CA VAL B 152 3.08 -4.51 -19.27
C VAL B 152 4.61 -4.43 -19.15
N VAL B 153 5.28 -5.54 -19.43
CA VAL B 153 6.75 -5.57 -19.36
C VAL B 153 7.34 -4.77 -20.51
N ASP B 154 6.80 -4.94 -21.71
CA ASP B 154 7.30 -4.21 -22.86
C ASP B 154 6.75 -2.80 -22.83
N ARG B 155 5.71 -2.61 -22.02
CA ARG B 155 5.07 -1.31 -21.88
C ARG B 155 5.92 -0.39 -21.00
N VAL B 156 6.51 -0.95 -19.95
CA VAL B 156 7.33 -0.16 -19.04
C VAL B 156 8.79 -0.17 -19.49
N ASN B 157 9.27 -1.32 -19.95
CA ASN B 157 10.66 -1.44 -20.38
C ASN B 157 10.80 -1.11 -21.86
N ASN B 158 9.75 -1.37 -22.63
CA ASN B 158 9.78 -1.08 -24.06
C ASN B 158 11.22 -1.04 -24.57
N PRO B 159 11.84 -2.19 -24.70
CA PRO B 159 13.24 -2.31 -25.19
C PRO B 159 13.37 -2.01 -26.68
N ALA B 160 12.25 -2.08 -27.39
CA ALA B 160 12.24 -1.81 -28.83
C ALA B 160 10.80 -1.88 -29.36
N ALA B 161 10.57 -2.74 -30.34
CA ALA B 161 9.22 -2.88 -30.90
C ALA B 161 9.27 -3.53 -32.28
N THR B 162 10.40 -3.38 -32.98
CA THR B 162 10.53 -3.96 -34.31
C THR B 162 11.97 -3.90 -34.79
N PRO B 163 12.42 -4.92 -35.47
CA PRO B 163 13.81 -5.00 -36.01
C PRO B 163 14.13 -3.83 -36.95
N LYS A 1 12.43 21.69 17.77
CA LYS A 1 12.64 23.04 17.18
C LYS A 1 12.37 22.99 15.68
N ALA A 2 13.06 22.09 14.99
CA ALA A 2 12.88 21.95 13.55
C ALA A 2 13.28 20.56 13.07
N GLY A 3 13.12 20.31 11.77
CA GLY A 3 13.46 19.01 11.20
C GLY A 3 12.44 18.58 10.15
N VAL A 4 11.39 19.39 10.00
CA VAL A 4 10.35 19.09 9.02
C VAL A 4 10.02 20.33 8.19
N ARG A 5 10.12 20.19 6.86
CA ARG A 5 9.83 21.31 5.96
C ARG A 5 8.50 21.07 5.25
N SER A 6 8.07 19.81 5.23
CA SER A 6 6.81 19.44 4.59
C SER A 6 6.32 18.10 5.12
N VAL A 7 5.16 18.13 5.78
CA VAL A 7 4.59 16.91 6.33
C VAL A 7 3.51 16.34 5.42
N PHE A 8 3.63 15.05 5.11
CA PHE A 8 2.63 14.38 4.27
C PHE A 8 1.57 13.74 5.17
N LEU A 9 0.31 13.98 4.86
CA LEU A 9 -0.76 13.42 5.69
C LEU A 9 -1.85 12.75 4.86
N ALA A 10 -2.27 11.57 5.30
CA ALA A 10 -3.32 10.83 4.62
C ALA A 10 -4.15 10.07 5.66
N GLY A 11 -5.47 10.15 5.53
CA GLY A 11 -6.34 9.46 6.48
C GLY A 11 -6.66 8.06 5.98
N PRO A 12 -7.43 7.32 6.74
CA PRO A 12 -7.81 5.93 6.37
C PRO A 12 -8.70 5.90 5.13
N PHE A 13 -8.95 7.07 4.56
CA PHE A 13 -9.78 7.18 3.36
C PHE A 13 -10.58 5.91 3.10
N MET A 14 -10.94 5.70 1.83
CA MET A 14 -11.70 4.53 1.44
C MET A 14 -12.09 3.69 2.66
N GLY A 15 -11.10 2.97 3.20
CA GLY A 15 -11.34 2.13 4.36
C GLY A 15 -12.21 2.85 5.38
N LEU A 16 -11.70 3.98 5.89
CA LEU A 16 -12.44 4.77 6.88
C LEU A 16 -13.78 5.20 6.30
N VAL A 17 -13.76 5.57 5.02
CA VAL A 17 -14.96 6.00 4.33
C VAL A 17 -15.69 4.80 3.76
N ASN A 18 -16.63 5.04 2.86
CA ASN A 18 -17.38 3.95 2.25
C ASN A 18 -16.73 3.47 0.96
N PRO A 19 -16.83 2.20 0.71
CA PRO A 19 -16.25 1.55 -0.50
C PRO A 19 -16.30 2.44 -1.73
N GLU A 20 -15.31 3.31 -1.87
CA GLU A 20 -15.25 4.22 -3.01
C GLU A 20 -16.50 5.10 -3.04
N THR A 21 -16.75 5.77 -1.91
CA THR A 21 -17.91 6.63 -1.78
C THR A 21 -17.99 7.18 -0.36
N ASN A 22 -18.85 8.17 -0.16
CA ASN A 22 -19.04 8.76 1.15
C ASN A 22 -18.06 9.92 1.36
N SER A 23 -17.97 10.40 2.60
CA SER A 23 -17.07 11.50 2.93
C SER A 23 -16.55 11.33 4.35
N MET A 24 -15.25 11.09 4.49
CA MET A 24 -14.67 10.92 5.81
C MET A 24 -15.33 11.87 6.80
N PRO A 25 -15.57 11.40 7.99
CA PRO A 25 -16.20 12.21 9.07
C PRO A 25 -15.64 13.62 9.14
N SER A 26 -16.53 14.58 9.35
CA SER A 26 -16.12 15.97 9.45
C SER A 26 -15.23 16.18 10.66
N ALA A 27 -15.64 15.61 11.79
CA ALA A 27 -14.85 15.72 13.01
C ALA A 27 -13.52 14.99 12.82
N GLU A 28 -13.34 14.43 11.64
CA GLU A 28 -12.12 13.71 11.31
C GLU A 28 -11.20 14.65 10.54
N GLN A 29 -11.70 15.14 9.41
CA GLN A 29 -10.93 16.08 8.60
C GLN A 29 -10.59 17.30 9.44
N LEU A 30 -11.54 17.76 10.25
CA LEU A 30 -11.32 18.92 11.11
C LEU A 30 -10.04 18.71 11.91
N PRO A 31 -10.01 17.67 12.71
CA PRO A 31 -8.79 17.36 13.52
C PRO A 31 -7.55 17.41 12.64
N PHE A 32 -7.70 16.92 11.41
CA PHE A 32 -6.60 16.94 10.46
C PHE A 32 -6.23 18.38 10.17
N LEU A 33 -7.23 19.24 10.06
CA LEU A 33 -6.98 20.65 9.82
C LEU A 33 -6.23 21.24 11.00
N THR A 34 -6.46 20.67 12.18
CA THR A 34 -5.79 21.13 13.39
C THR A 34 -4.30 20.84 13.28
N LEU A 35 -3.97 19.56 13.13
CA LEU A 35 -2.58 19.16 12.97
C LEU A 35 -1.99 19.88 11.77
N ILE A 36 -2.68 19.75 10.64
CA ILE A 36 -2.25 20.41 9.41
C ILE A 36 -2.04 21.89 9.68
N GLU A 37 -2.76 22.40 10.69
CA GLU A 37 -2.62 23.81 11.07
C GLU A 37 -1.26 24.03 11.70
N HIS A 38 -0.89 23.14 12.61
CA HIS A 38 0.40 23.24 13.27
C HIS A 38 1.49 23.08 12.22
N PHE A 39 1.14 22.45 11.12
CA PHE A 39 2.06 22.25 10.02
C PHE A 39 2.25 23.56 9.26
N GLU A 40 1.15 24.27 9.02
CA GLU A 40 1.22 25.54 8.32
C GLU A 40 1.72 26.61 9.28
N LYS A 41 1.63 26.31 10.57
CA LYS A 41 2.08 27.24 11.61
C LYS A 41 3.58 27.15 11.80
N GLN A 42 4.10 25.94 11.92
CA GLN A 42 5.54 25.75 12.10
C GLN A 42 6.27 25.99 10.79
N GLY A 43 5.65 25.56 9.70
CA GLY A 43 6.23 25.72 8.37
C GLY A 43 6.27 24.39 7.64
N LEU A 44 5.56 23.41 8.18
CA LEU A 44 5.51 22.07 7.60
C LEU A 44 4.45 21.98 6.51
N GLU A 45 4.91 22.04 5.26
CA GLU A 45 4.00 21.97 4.11
C GLU A 45 3.27 20.64 4.11
N VAL A 46 1.94 20.69 4.19
CA VAL A 46 1.16 19.47 4.19
C VAL A 46 0.95 18.99 2.76
N PHE A 47 1.49 17.81 2.47
CA PHE A 47 1.38 17.24 1.14
C PHE A 47 0.42 16.06 1.15
N ASN A 48 -0.41 15.96 0.11
CA ASN A 48 -1.36 14.88 -0.02
C ASN A 48 -2.75 15.31 0.46
N ALA A 49 -3.13 14.87 1.65
CA ALA A 49 -4.45 15.23 2.19
C ALA A 49 -5.43 15.44 1.03
N HIS A 50 -6.46 16.22 1.28
CA HIS A 50 -7.45 16.50 0.25
C HIS A 50 -8.22 17.76 0.58
N ARG A 51 -7.88 18.38 1.71
CA ARG A 51 -8.54 19.60 2.14
C ARG A 51 -9.80 19.85 1.31
N ARG A 52 -9.70 20.78 0.37
CA ARG A 52 -10.83 21.10 -0.50
C ARG A 52 -11.76 19.90 -0.65
N GLU A 53 -11.34 18.96 -1.48
CA GLU A 53 -12.14 17.75 -1.72
C GLU A 53 -12.49 17.07 -0.40
N ALA A 54 -11.51 16.97 0.50
CA ALA A 54 -11.73 16.34 1.79
C ALA A 54 -12.89 17.02 2.50
N TRP A 55 -13.25 18.20 2.03
CA TRP A 55 -14.34 18.97 2.63
C TRP A 55 -15.50 19.11 1.64
N GLY A 56 -15.25 18.75 0.39
CA GLY A 56 -16.29 18.87 -0.64
C GLY A 56 -16.95 17.53 -0.92
N ALA A 57 -16.27 16.44 -0.59
CA ALA A 57 -16.82 15.11 -0.82
C ALA A 57 -15.92 14.02 -0.24
N GLN A 58 -14.63 14.07 -0.54
CA GLN A 58 -13.71 13.06 -0.02
C GLN A 58 -13.72 11.84 -0.93
N VAL A 59 -13.15 10.74 -0.43
CA VAL A 59 -13.08 9.50 -1.21
C VAL A 59 -12.90 9.81 -2.68
N LEU A 60 -11.99 10.71 -2.98
CA LEU A 60 -11.72 11.07 -4.36
C LEU A 60 -11.63 9.82 -5.20
N THR A 61 -11.00 9.93 -6.35
CA THR A 61 -10.88 8.78 -7.22
C THR A 61 -9.41 8.49 -7.49
N PRO A 62 -9.10 7.25 -7.72
CA PRO A 62 -7.70 6.81 -7.96
C PRO A 62 -6.95 7.73 -8.91
N GLU A 63 -7.61 8.12 -10.00
CA GLU A 63 -7.00 9.00 -10.99
C GLU A 63 -6.63 10.33 -10.37
N GLU A 64 -6.97 10.51 -9.10
CA GLU A 64 -6.67 11.76 -8.41
C GLU A 64 -5.90 11.50 -7.12
N CYS A 65 -6.52 10.77 -6.21
CA CYS A 65 -5.90 10.48 -4.92
C CYS A 65 -4.67 9.60 -5.09
N THR A 66 -4.70 8.67 -6.03
CA THR A 66 -3.55 7.79 -6.24
C THR A 66 -2.35 8.58 -6.74
N PRO A 67 -2.47 9.22 -7.86
CA PRO A 67 -1.36 10.03 -8.46
C PRO A 67 -0.87 11.12 -7.51
N LEU A 68 -1.81 11.85 -6.91
CA LEU A 68 -1.46 12.92 -5.99
C LEU A 68 -0.89 12.35 -4.69
N ASP A 69 -1.59 11.38 -4.10
CA ASP A 69 -1.12 10.77 -2.87
C ASP A 69 0.23 10.10 -3.09
N GLN A 70 0.31 9.29 -4.13
CA GLN A 70 1.56 8.59 -4.45
C GLN A 70 2.69 9.58 -4.68
N LEU A 71 2.38 10.66 -5.41
CA LEU A 71 3.39 11.68 -5.68
C LEU A 71 3.80 12.36 -4.39
N GLU A 72 2.81 12.82 -3.64
CA GLU A 72 3.05 13.47 -2.37
C GLU A 72 3.74 12.50 -1.43
N ILE A 73 3.64 11.21 -1.75
CA ILE A 73 4.26 10.17 -0.95
C ILE A 73 5.76 10.17 -1.19
N ARG A 74 6.16 9.85 -2.41
CA ARG A 74 7.57 9.83 -2.76
C ARG A 74 8.15 11.25 -2.74
N LYS A 75 7.28 12.24 -2.59
CA LYS A 75 7.72 13.64 -2.58
C LYS A 75 7.87 14.15 -1.15
N ALA A 76 6.75 14.21 -0.42
CA ALA A 76 6.77 14.72 0.94
C ALA A 76 8.15 14.51 1.58
N ASP A 77 8.50 15.40 2.50
CA ASP A 77 9.79 15.28 3.19
C ASP A 77 9.63 14.35 4.38
N VAL A 78 8.47 14.44 5.04
CA VAL A 78 8.19 13.59 6.19
C VAL A 78 6.83 12.90 6.00
N PHE A 79 6.85 11.60 5.73
CA PHE A 79 5.61 10.88 5.52
C PHE A 79 4.85 10.69 6.84
N VAL A 80 3.59 11.10 6.82
CA VAL A 80 2.74 10.96 7.99
C VAL A 80 1.34 10.55 7.57
N ALA A 81 0.86 9.43 8.10
CA ALA A 81 -0.46 8.94 7.75
C ALA A 81 -1.26 8.60 9.00
N ILE A 82 -2.47 8.08 8.80
CA ILE A 82 -3.32 7.72 9.92
C ILE A 82 -4.08 6.44 9.65
N PRO A 83 -3.55 5.34 10.10
CA PRO A 83 -4.22 4.04 9.94
C PRO A 83 -5.72 4.20 10.02
N GLY A 84 -6.23 3.88 11.17
CA GLY A 84 -7.67 4.01 11.43
C GLY A 84 -8.43 2.76 11.02
N ILE A 85 -8.02 1.61 11.52
CA ILE A 85 -8.69 0.35 11.18
C ILE A 85 -10.16 0.60 10.87
N PRO A 86 -10.72 -0.18 9.98
CA PRO A 86 -9.98 -1.28 9.29
C PRO A 86 -8.75 -0.76 8.53
N PRO A 87 -7.81 -1.63 8.25
CA PRO A 87 -6.56 -1.26 7.52
C PRO A 87 -6.86 -0.45 6.26
N SER A 88 -6.92 0.86 6.43
CA SER A 88 -7.21 1.75 5.30
C SER A 88 -6.38 1.35 4.09
N PRO A 89 -7.01 0.75 3.12
CA PRO A 89 -6.34 0.32 1.87
C PRO A 89 -5.56 1.44 1.22
N GLY A 90 -6.18 2.62 1.14
CA GLY A 90 -5.55 3.77 0.53
C GLY A 90 -4.36 4.24 1.36
N THR A 91 -4.62 4.60 2.61
CA THR A 91 -3.55 5.05 3.47
C THR A 91 -2.45 3.99 3.50
N HIS A 92 -2.74 2.84 4.09
CA HIS A 92 -1.77 1.76 4.13
C HIS A 92 -0.89 1.81 2.89
N VAL A 93 -1.48 1.52 1.75
CA VAL A 93 -0.72 1.55 0.51
C VAL A 93 0.08 2.84 0.44
N GLU A 94 -0.43 3.88 1.09
CA GLU A 94 0.28 5.15 1.12
C GLU A 94 1.44 5.04 2.09
N ILE A 95 1.21 4.31 3.16
CA ILE A 95 2.25 4.07 4.16
C ILE A 95 3.34 3.24 3.53
N GLY A 96 2.96 2.03 3.12
CA GLY A 96 3.91 1.15 2.47
C GLY A 96 4.47 1.86 1.25
N TRP A 97 3.64 2.71 0.66
CA TRP A 97 4.04 3.49 -0.50
C TRP A 97 5.31 4.24 -0.17
N ALA A 98 5.30 4.94 0.95
CA ALA A 98 6.46 5.68 1.39
C ALA A 98 7.57 4.70 1.73
N SER A 99 7.18 3.47 2.05
CA SER A 99 8.16 2.43 2.37
C SER A 99 8.92 2.05 1.11
N ALA A 100 8.20 1.64 0.07
CA ALA A 100 8.82 1.27 -1.19
C ALA A 100 9.64 2.44 -1.72
N PHE A 101 9.11 3.64 -1.53
CA PHE A 101 9.79 4.85 -1.97
C PHE A 101 10.91 5.20 -1.00
N ASP A 102 10.85 4.62 0.19
CA ASP A 102 11.87 4.84 1.21
C ASP A 102 11.61 6.12 1.99
N LYS A 103 10.77 6.98 1.46
CA LYS A 103 10.47 8.24 2.14
C LYS A 103 10.17 8.00 3.61
N PRO A 104 10.81 8.74 4.49
CA PRO A 104 10.58 8.59 5.95
C PRO A 104 9.10 8.42 6.27
N ILE A 105 8.78 7.62 7.27
CA ILE A 105 7.37 7.40 7.58
C ILE A 105 7.05 7.52 9.06
N VAL A 106 5.83 7.97 9.31
CA VAL A 106 5.32 8.16 10.66
C VAL A 106 3.79 8.10 10.62
N LEU A 107 3.22 7.20 11.41
CA LEU A 107 1.76 7.04 11.42
C LEU A 107 1.15 7.53 12.73
N LEU A 108 -0.12 7.91 12.65
CA LEU A 108 -0.86 8.37 13.82
C LEU A 108 -1.79 7.27 14.30
N LEU A 109 -1.18 6.22 14.84
CA LEU A 109 -1.93 5.07 15.34
C LEU A 109 -3.20 5.50 16.05
N GLU A 110 -4.24 4.72 15.86
CA GLU A 110 -5.53 5.01 16.49
C GLU A 110 -5.75 4.15 17.73
N GLU A 111 -4.73 4.09 18.58
CA GLU A 111 -4.82 3.30 19.81
C GLU A 111 -5.64 2.04 19.59
N GLY A 112 -4.96 0.95 19.25
CA GLY A 112 -5.63 -0.33 19.03
C GLY A 112 -5.67 -0.68 17.54
N ARG A 113 -6.26 0.21 16.75
CA ARG A 113 -6.34 -0.01 15.31
C ARG A 113 -4.96 -0.37 14.79
N GLU A 114 -3.97 0.41 15.19
CA GLU A 114 -2.60 0.18 14.78
C GLU A 114 -2.28 -1.30 14.96
N GLU A 115 -2.69 -1.84 16.10
CA GLU A 115 -2.46 -3.25 16.39
C GLU A 115 -3.12 -4.09 15.31
N GLU A 116 -4.33 -3.70 14.95
CA GLU A 116 -5.06 -4.40 13.90
C GLU A 116 -4.29 -4.29 12.60
N TYR A 117 -3.66 -3.15 12.39
CA TYR A 117 -2.86 -2.94 11.18
C TYR A 117 -1.75 -3.98 11.15
N GLY A 118 -0.90 -3.93 12.17
CA GLY A 118 0.21 -4.87 12.32
C GLY A 118 0.87 -5.18 10.99
N PHE A 119 0.21 -5.96 10.18
CA PHE A 119 0.74 -6.36 8.89
C PHE A 119 1.64 -5.29 8.27
N LEU A 120 1.01 -4.30 7.63
CA LEU A 120 1.77 -3.27 6.94
C LEU A 120 2.26 -2.18 7.88
N VAL A 121 1.51 -1.92 8.93
CA VAL A 121 1.92 -0.88 9.87
C VAL A 121 3.12 -1.36 10.68
N ARG A 122 2.94 -2.42 11.45
CA ARG A 122 4.02 -2.95 12.25
C ARG A 122 5.18 -3.37 11.35
N GLY A 123 4.85 -4.02 10.24
CA GLY A 123 5.89 -4.45 9.30
C GLY A 123 6.70 -3.26 8.82
N LEU A 124 6.03 -2.12 8.60
CA LEU A 124 6.72 -0.94 8.13
C LEU A 124 7.54 -0.32 9.25
N GLY A 125 7.02 -0.42 10.48
CA GLY A 125 7.71 0.13 11.63
C GLY A 125 9.05 -0.56 11.85
N THR A 126 9.13 -1.84 11.50
CA THR A 126 10.36 -2.59 11.68
C THR A 126 11.28 -2.54 10.45
N VAL A 127 10.69 -2.41 9.25
CA VAL A 127 11.49 -2.37 8.03
C VAL A 127 11.96 -0.95 7.71
N ALA A 128 11.01 -0.02 7.58
CA ALA A 128 11.33 1.37 7.28
C ALA A 128 11.14 2.26 8.50
N ALA A 129 11.84 3.38 8.51
CA ALA A 129 11.74 4.31 9.63
C ALA A 129 10.31 4.78 9.81
N VAL A 130 9.49 3.91 10.41
CA VAL A 130 8.10 4.24 10.63
C VAL A 130 7.82 4.41 12.12
N GLU A 131 7.65 5.66 12.54
CA GLU A 131 7.37 5.93 13.94
C GLU A 131 5.89 5.73 14.23
N PHE A 132 5.59 4.77 15.09
CA PHE A 132 4.21 4.49 15.44
C PHE A 132 3.74 5.45 16.53
N VAL A 133 2.87 6.38 16.14
CA VAL A 133 2.36 7.35 17.10
C VAL A 133 0.98 6.96 17.59
N HIS A 134 0.89 6.40 18.79
CA HIS A 134 -0.41 6.01 19.33
C HIS A 134 -1.26 7.26 19.53
N TYR A 135 -2.55 7.12 19.24
CA TYR A 135 -3.47 8.24 19.32
C TYR A 135 -3.92 8.58 20.74
N LYS A 136 -4.64 9.69 20.83
CA LYS A 136 -5.17 10.18 22.10
C LYS A 136 -5.07 11.70 22.16
N ASP A 137 -6.22 12.36 22.24
CA ASP A 137 -6.25 13.81 22.29
C ASP A 137 -5.39 14.39 21.17
N ILE A 138 -6.01 15.14 20.28
CA ILE A 138 -5.30 15.73 19.15
C ILE A 138 -4.14 16.57 19.65
N ALA A 139 -4.39 17.35 20.69
CA ALA A 139 -3.36 18.21 21.23
C ALA A 139 -2.19 17.38 21.76
N LEU A 140 -2.41 16.07 21.89
CA LEU A 140 -1.38 15.16 22.35
C LEU A 140 -0.80 14.41 21.16
N ALA A 141 -1.63 14.20 20.15
CA ALA A 141 -1.19 13.52 18.94
C ALA A 141 -0.35 14.47 18.11
N LYS A 142 -0.57 15.77 18.30
CA LYS A 142 0.18 16.79 17.59
C LYS A 142 1.65 16.74 18.01
N PRO A 143 1.89 16.81 19.28
CA PRO A 143 3.26 16.78 19.87
C PRO A 143 3.88 15.39 19.79
N GLN A 144 3.07 14.38 20.06
CA GLN A 144 3.54 13.00 20.01
C GLN A 144 3.91 12.63 18.58
N ILE A 145 3.10 13.11 17.63
CA ILE A 145 3.34 12.84 16.21
C ILE A 145 4.55 13.64 15.74
N ASP A 146 4.66 14.87 16.25
CA ASP A 146 5.76 15.75 15.90
C ASP A 146 7.08 15.20 16.46
N ALA A 147 7.03 14.73 17.71
CA ALA A 147 8.21 14.17 18.35
C ALA A 147 8.66 12.93 17.59
N ALA A 148 7.70 12.09 17.22
CA ALA A 148 8.01 10.89 16.48
C ALA A 148 8.41 11.25 15.05
N ILE A 149 7.94 12.41 14.60
CA ILE A 149 8.26 12.89 13.26
C ILE A 149 9.73 13.32 13.19
N ARG A 150 10.17 14.03 14.22
CA ARG A 150 11.55 14.49 14.28
C ARG A 150 12.47 13.32 14.59
N LYS A 151 11.95 12.36 15.34
CA LYS A 151 12.74 11.18 15.68
C LYS A 151 12.98 10.35 14.43
N VAL A 152 11.92 10.18 13.64
CA VAL A 152 12.02 9.44 12.39
C VAL A 152 12.85 10.24 11.40
N VAL A 153 12.62 11.54 11.35
CA VAL A 153 13.35 12.42 10.45
C VAL A 153 14.82 12.45 10.81
N ASP A 154 15.12 12.42 12.11
CA ASP A 154 16.49 12.47 12.59
C ASP A 154 17.16 11.10 12.41
N ARG A 155 16.36 10.04 12.43
CA ARG A 155 16.90 8.69 12.29
C ARG A 155 17.10 8.33 10.82
N VAL A 156 16.37 8.98 9.92
CA VAL A 156 16.50 8.70 8.50
C VAL A 156 17.33 9.79 7.81
N ASN A 157 17.45 10.94 8.45
CA ASN A 157 18.20 12.03 7.87
C ASN A 157 19.40 12.41 8.74
N ASN A 158 19.46 11.81 9.93
CA ASN A 158 20.56 12.11 10.85
C ASN A 158 21.36 13.31 10.36
N PRO A 159 21.11 14.46 10.93
CA PRO A 159 21.81 15.72 10.55
C PRO A 159 23.33 15.62 10.76
N ALA A 160 24.02 16.72 10.52
CA ALA A 160 25.47 16.76 10.68
C ALA A 160 25.83 17.45 12.00
N ALA A 161 26.58 16.76 12.85
CA ALA A 161 26.98 17.33 14.13
C ALA A 161 27.81 16.35 14.97
N THR A 162 29.00 16.03 14.49
CA THR A 162 29.88 15.11 15.22
C THR A 162 30.93 15.89 16.01
N PRO A 163 31.05 15.59 17.28
CA PRO A 163 32.01 16.27 18.18
C PRO A 163 33.40 15.63 18.15
N LYS B 1 7.00 -15.41 -25.28
CA LYS B 1 8.23 -16.24 -25.31
C LYS B 1 9.06 -15.99 -24.05
N ALA B 2 9.34 -14.71 -23.80
CA ALA B 2 10.13 -14.33 -22.63
C ALA B 2 9.87 -12.88 -22.25
N GLY B 3 10.53 -12.44 -21.18
CA GLY B 3 10.37 -11.07 -20.70
C GLY B 3 10.25 -11.02 -19.18
N VAL B 4 10.30 -12.19 -18.55
CA VAL B 4 10.21 -12.27 -17.10
C VAL B 4 11.26 -13.23 -16.54
N ARG B 5 12.07 -12.72 -15.61
CA ARG B 5 13.11 -13.53 -15.00
C ARG B 5 12.71 -13.87 -13.56
N SER B 6 11.84 -13.05 -12.98
CA SER B 6 11.38 -13.28 -11.62
C SER B 6 10.04 -12.57 -11.37
N VAL B 7 9.01 -13.38 -11.14
CA VAL B 7 7.67 -12.85 -10.89
C VAL B 7 7.36 -12.74 -9.40
N PHE B 8 6.92 -11.56 -8.97
CA PHE B 8 6.56 -11.35 -7.57
C PHE B 8 5.07 -11.63 -7.41
N LEU B 9 4.70 -12.39 -6.38
CA LEU B 9 3.30 -12.71 -6.15
C LEU B 9 2.91 -12.54 -4.70
N ALA B 10 1.76 -11.93 -4.48
CA ALA B 10 1.23 -11.69 -3.14
C ALA B 10 -0.29 -11.77 -3.15
N GLY B 11 -0.85 -12.56 -2.25
CA GLY B 11 -2.31 -12.70 -2.19
C GLY B 11 -2.94 -11.63 -1.31
N PRO B 12 -4.24 -11.62 -1.23
CA PRO B 12 -4.98 -10.62 -0.41
C PRO B 12 -4.65 -10.76 1.08
N PHE B 13 -3.80 -11.74 1.40
CA PHE B 13 -3.40 -12.00 2.78
C PHE B 13 -4.33 -11.31 3.77
N MET B 14 -3.80 -11.02 4.94
CA MET B 14 -4.59 -10.37 5.99
C MET B 14 -6.03 -10.18 5.55
N GLY B 15 -6.25 -9.23 4.64
CA GLY B 15 -7.59 -8.95 4.15
C GLY B 15 -8.33 -10.24 3.84
N LEU B 16 -7.81 -11.02 2.91
CA LEU B 16 -8.43 -12.29 2.53
C LEU B 16 -8.51 -13.19 3.76
N VAL B 17 -7.47 -13.16 4.56
CA VAL B 17 -7.42 -13.96 5.77
C VAL B 17 -8.09 -13.23 6.93
N ASN B 18 -7.88 -13.73 8.13
CA ASN B 18 -8.48 -13.12 9.31
C ASN B 18 -7.57 -12.05 9.91
N PRO B 19 -8.17 -11.01 10.43
CA PRO B 19 -7.44 -9.88 11.04
C PRO B 19 -6.18 -10.32 11.76
N GLU B 20 -5.09 -10.45 11.01
CA GLU B 20 -3.82 -10.87 11.58
C GLU B 20 -3.96 -12.26 12.22
N THR B 21 -4.51 -13.19 11.47
CA THR B 21 -4.71 -14.54 11.96
C THR B 21 -5.36 -15.41 10.88
N ASN B 22 -5.41 -16.72 11.13
CA ASN B 22 -6.02 -17.64 10.17
C ASN B 22 -4.99 -18.10 9.14
N SER B 23 -5.48 -18.76 8.08
CA SER B 23 -4.62 -19.24 7.01
C SER B 23 -5.35 -19.20 5.67
N MET B 24 -4.90 -18.32 4.78
CA MET B 24 -5.53 -18.20 3.46
C MET B 24 -5.98 -19.57 2.98
N PRO B 25 -7.15 -19.62 2.38
CA PRO B 25 -7.73 -20.89 1.85
C PRO B 25 -6.69 -21.75 1.13
N SER B 26 -6.78 -23.06 1.34
CA SER B 26 -5.84 -23.98 0.70
C SER B 26 -6.05 -23.98 -0.81
N ALA B 27 -7.31 -24.00 -1.24
CA ALA B 27 -7.62 -23.99 -2.66
C ALA B 27 -7.18 -22.66 -3.25
N GLU B 28 -6.66 -21.80 -2.40
CA GLU B 28 -6.19 -20.48 -2.82
C GLU B 28 -4.69 -20.55 -3.07
N GLN B 29 -3.96 -20.92 -2.01
CA GLN B 29 -2.52 -21.06 -2.11
C GLN B 29 -2.17 -22.07 -3.20
N LEU B 30 -2.95 -23.14 -3.25
CA LEU B 30 -2.73 -24.18 -4.25
C LEU B 30 -2.68 -23.54 -5.64
N PRO B 31 -3.73 -22.88 -6.03
CA PRO B 31 -3.79 -22.19 -7.33
C PRO B 31 -2.54 -21.35 -7.54
N PHE B 32 -2.10 -20.70 -6.46
CA PHE B 32 -0.90 -19.90 -6.50
C PHE B 32 0.29 -20.79 -6.84
N LEU B 33 0.28 -22.01 -6.28
CA LEU B 33 1.35 -22.95 -6.56
C LEU B 33 1.29 -23.34 -8.03
N THR B 34 0.09 -23.28 -8.59
CA THR B 34 -0.11 -23.60 -10.00
C THR B 34 0.59 -22.54 -10.85
N LEU B 35 0.13 -21.30 -10.72
CA LEU B 35 0.74 -20.19 -11.44
C LEU B 35 2.23 -20.16 -11.13
N ILE B 36 2.54 -20.17 -9.84
CA ILE B 36 3.92 -20.17 -9.40
C ILE B 36 4.65 -21.32 -10.07
N GLU B 37 3.91 -22.38 -10.40
CA GLU B 37 4.50 -23.53 -11.06
C GLU B 37 4.94 -23.14 -12.47
N HIS B 38 4.08 -22.40 -13.17
CA HIS B 38 4.41 -21.94 -14.51
C HIS B 38 5.57 -20.97 -14.43
N PHE B 39 5.72 -20.36 -13.26
CA PHE B 39 6.82 -19.43 -13.04
C PHE B 39 8.13 -20.19 -12.91
N GLU B 40 8.09 -21.27 -12.13
CA GLU B 40 9.29 -22.09 -11.95
C GLU B 40 9.52 -22.93 -13.21
N LYS B 41 8.47 -23.08 -14.02
CA LYS B 41 8.55 -23.85 -15.24
C LYS B 41 9.21 -23.03 -16.35
N GLN B 42 8.73 -21.80 -16.52
CA GLN B 42 9.27 -20.93 -17.56
C GLN B 42 10.64 -20.41 -17.14
N GLY B 43 10.78 -20.12 -15.86
CA GLY B 43 12.04 -19.61 -15.32
C GLY B 43 11.81 -18.33 -14.55
N LEU B 44 10.55 -18.05 -14.23
CA LEU B 44 10.19 -16.84 -13.49
C LEU B 44 10.30 -17.07 -11.99
N GLU B 45 11.39 -16.57 -11.39
CA GLU B 45 11.59 -16.72 -9.96
C GLU B 45 10.48 -16.02 -9.19
N VAL B 46 9.75 -16.79 -8.39
CA VAL B 46 8.66 -16.24 -7.60
C VAL B 46 9.20 -15.59 -6.34
N PHE B 47 9.01 -14.27 -6.24
CA PHE B 47 9.48 -13.53 -5.07
C PHE B 47 8.30 -13.10 -4.21
N ASN B 48 8.48 -13.20 -2.89
CA ASN B 48 7.43 -12.82 -1.96
C ASN B 48 6.65 -14.02 -1.48
N ALA B 49 5.45 -14.20 -2.01
CA ALA B 49 4.61 -15.32 -1.60
C ALA B 49 4.94 -15.72 -0.17
N HIS B 50 4.67 -16.96 0.16
CA HIS B 50 4.95 -17.45 1.50
C HIS B 50 5.06 -18.97 1.49
N ARG B 51 4.80 -19.57 0.34
CA ARG B 51 4.85 -21.03 0.21
C ARG B 51 4.88 -21.67 1.59
N ARG B 52 6.03 -22.16 1.98
CA ARG B 52 6.19 -22.80 3.28
C ARG B 52 5.14 -22.29 4.26
N GLU B 53 5.37 -21.11 4.80
CA GLU B 53 4.43 -20.52 5.75
C GLU B 53 3.03 -20.48 5.17
N ALA B 54 2.91 -20.09 3.91
CA ALA B 54 1.60 -20.03 3.26
C ALA B 54 0.92 -21.38 3.37
N TRP B 55 1.69 -22.40 3.70
CA TRP B 55 1.14 -23.75 3.83
C TRP B 55 1.23 -24.23 5.28
N GLY B 56 1.98 -23.51 6.10
CA GLY B 56 2.14 -23.90 7.50
C GLY B 56 1.25 -23.07 8.42
N ALA B 57 0.77 -21.92 7.94
CA ALA B 57 -0.07 -21.06 8.77
C ALA B 57 -0.59 -19.87 7.98
N GLN B 58 0.32 -19.13 7.36
CA GLN B 58 -0.06 -17.96 6.59
C GLN B 58 -0.15 -16.74 7.50
N VAL B 59 -0.78 -15.67 6.99
CA VAL B 59 -0.92 -14.45 7.77
C VAL B 59 0.30 -14.22 8.63
N LEU B 60 1.47 -14.42 8.04
CA LEU B 60 2.71 -14.22 8.78
C LEU B 60 2.61 -12.94 9.60
N THR B 61 3.74 -12.42 10.02
CA THR B 61 3.74 -11.21 10.82
C THR B 61 4.53 -10.12 10.11
N PRO B 62 4.17 -8.89 10.33
CA PRO B 62 4.84 -7.73 9.69
C PRO B 62 6.35 -7.84 9.70
N GLU B 63 6.90 -8.25 10.84
CA GLU B 63 8.34 -8.40 10.99
C GLU B 63 8.89 -9.43 10.01
N GLU B 64 7.99 -10.04 9.24
CA GLU B 64 8.40 -11.05 8.26
C GLU B 64 7.82 -10.74 6.89
N CYS B 65 6.50 -10.75 6.81
CA CYS B 65 5.81 -10.50 5.56
C CYS B 65 6.08 -9.10 5.04
N THR B 66 6.20 -8.12 5.93
CA THR B 66 6.46 -6.74 5.48
C THR B 66 7.86 -6.63 4.88
N PRO B 67 8.87 -6.94 5.64
CA PRO B 67 10.29 -6.87 5.17
C PRO B 67 10.53 -7.71 3.91
N LEU B 68 10.01 -8.93 3.92
CA LEU B 68 10.18 -9.83 2.79
C LEU B 68 9.31 -9.39 1.61
N ASP B 69 8.05 -9.09 1.88
CA ASP B 69 7.15 -8.64 0.83
C ASP B 69 7.65 -7.34 0.22
N GLN B 70 7.96 -6.38 1.09
CA GLN B 70 8.45 -5.07 0.64
C GLN B 70 9.75 -5.23 -0.14
N LEU B 71 10.64 -6.08 0.36
CA LEU B 71 11.91 -6.30 -0.32
C LEU B 71 11.65 -6.96 -1.67
N GLU B 72 10.89 -8.05 -1.64
CA GLU B 72 10.55 -8.76 -2.85
C GLU B 72 9.77 -7.83 -3.78
N ILE B 73 9.22 -6.75 -3.21
CA ILE B 73 8.47 -5.77 -3.99
C ILE B 73 9.42 -4.92 -4.80
N ARG B 74 10.26 -4.15 -4.11
CA ARG B 74 11.23 -3.29 -4.77
C ARG B 74 12.30 -4.12 -5.47
N LYS B 75 12.27 -5.43 -5.22
CA LYS B 75 13.25 -6.33 -5.83
C LYS B 75 12.69 -7.01 -7.07
N ALA B 76 11.67 -7.86 -6.87
CA ALA B 76 11.06 -8.58 -7.99
C ALA B 76 11.25 -7.82 -9.29
N ASP B 77 11.35 -8.57 -10.40
CA ASP B 77 11.52 -7.96 -11.70
C ASP B 77 10.16 -7.60 -12.28
N VAL B 78 9.18 -8.44 -12.00
CA VAL B 78 7.82 -8.21 -12.47
C VAL B 78 6.87 -8.33 -11.30
N PHE B 79 6.32 -7.19 -10.85
CA PHE B 79 5.41 -7.22 -9.71
C PHE B 79 4.06 -7.80 -10.10
N VAL B 80 3.63 -8.79 -9.34
CA VAL B 80 2.35 -9.43 -9.60
C VAL B 80 1.67 -9.75 -8.27
N ALA B 81 0.43 -9.29 -8.13
CA ALA B 81 -0.31 -9.51 -6.90
C ALA B 81 -1.72 -9.98 -7.21
N ILE B 82 -2.54 -10.11 -6.17
CA ILE B 82 -3.91 -10.56 -6.35
C ILE B 82 -4.85 -9.87 -5.37
N PRO B 83 -5.45 -8.78 -5.78
CA PRO B 83 -6.41 -8.05 -4.93
C PRO B 83 -7.17 -9.01 -4.05
N GLY B 84 -8.37 -9.31 -4.49
CA GLY B 84 -9.24 -10.25 -3.79
C GLY B 84 -10.07 -9.55 -2.70
N ILE B 85 -10.80 -8.50 -3.08
CA ILE B 85 -11.62 -7.78 -2.11
C ILE B 85 -12.04 -8.69 -0.96
N PRO B 86 -12.19 -8.14 0.21
CA PRO B 86 -11.97 -6.68 0.47
C PRO B 86 -10.55 -6.25 0.09
N PRO B 87 -10.36 -4.98 -0.15
CA PRO B 87 -9.04 -4.43 -0.54
C PRO B 87 -7.93 -4.92 0.37
N SER B 88 -7.38 -6.08 0.05
CA SER B 88 -6.32 -6.68 0.85
C SER B 88 -5.31 -5.61 1.26
N PRO B 89 -5.34 -5.23 2.51
CA PRO B 89 -4.40 -4.20 3.05
C PRO B 89 -2.93 -4.54 2.78
N GLY B 90 -2.58 -5.80 3.01
CA GLY B 90 -1.21 -6.26 2.81
C GLY B 90 -0.85 -6.20 1.33
N THR B 91 -1.60 -6.93 0.51
CA THR B 91 -1.34 -6.92 -0.92
C THR B 91 -1.35 -5.48 -1.42
N HIS B 92 -2.52 -4.86 -1.44
CA HIS B 92 -2.61 -3.47 -1.87
C HIS B 92 -1.31 -2.75 -1.58
N VAL B 93 -1.04 -2.53 -0.29
CA VAL B 93 0.19 -1.85 0.09
C VAL B 93 1.35 -2.45 -0.68
N GLU B 94 1.24 -3.73 -1.01
CA GLU B 94 2.29 -4.39 -1.77
C GLU B 94 2.23 -3.91 -3.22
N ILE B 95 1.00 -3.70 -3.70
CA ILE B 95 0.78 -3.21 -5.04
C ILE B 95 1.29 -1.77 -5.12
N GLY B 96 0.67 -0.90 -4.32
CA GLY B 96 1.12 0.48 -4.29
C GLY B 96 2.59 0.51 -3.92
N TRP B 97 3.00 -0.48 -3.15
CA TRP B 97 4.39 -0.61 -2.75
C TRP B 97 5.26 -0.62 -3.98
N ALA B 98 4.91 -1.47 -4.93
CA ALA B 98 5.65 -1.56 -6.17
C ALA B 98 5.49 -0.25 -6.94
N SER B 99 4.41 0.48 -6.63
CA SER B 99 4.18 1.75 -7.29
C SER B 99 5.20 2.78 -6.80
N ALA B 100 5.26 2.99 -5.48
CA ALA B 100 6.21 3.93 -4.91
C ALA B 100 7.61 3.54 -5.35
N PHE B 101 7.86 2.25 -5.36
CA PHE B 101 9.17 1.74 -5.77
C PHE B 101 9.31 1.82 -7.28
N ASP B 102 8.19 1.93 -7.97
CA ASP B 102 8.19 2.03 -9.42
C ASP B 102 8.26 0.67 -10.09
N LYS B 103 8.60 -0.36 -9.31
CA LYS B 103 8.70 -1.70 -9.88
C LYS B 103 7.45 -2.03 -10.68
N PRO B 104 7.63 -2.48 -11.90
CA PRO B 104 6.50 -2.85 -12.79
C PRO B 104 5.41 -3.59 -12.01
N ILE B 105 4.14 -3.34 -12.33
CA ILE B 105 3.08 -4.00 -11.60
C ILE B 105 2.04 -4.65 -12.49
N VAL B 106 1.47 -5.73 -11.96
CA VAL B 106 0.44 -6.49 -12.65
C VAL B 106 -0.40 -7.25 -11.60
N LEU B 107 -1.70 -6.99 -11.59
CA LEU B 107 -2.56 -7.65 -10.61
C LEU B 107 -3.46 -8.69 -11.25
N LEU B 108 -3.87 -9.66 -10.44
CA LEU B 108 -4.74 -10.73 -10.90
C LEU B 108 -6.17 -10.46 -10.40
N LEU B 109 -6.77 -9.41 -10.94
CA LEU B 109 -8.12 -9.02 -10.57
C LEU B 109 -9.02 -10.23 -10.34
N GLU B 110 -9.87 -10.10 -9.34
CA GLU B 110 -10.79 -11.19 -9.01
C GLU B 110 -12.18 -10.91 -9.58
N GLU B 111 -12.22 -10.52 -10.84
CA GLU B 111 -13.51 -10.23 -11.49
C GLU B 111 -14.50 -9.59 -10.51
N GLY B 112 -14.54 -8.26 -10.50
CA GLY B 112 -15.45 -7.53 -9.61
C GLY B 112 -14.70 -6.90 -8.44
N ARG B 113 -14.01 -7.72 -7.67
CA ARG B 113 -13.25 -7.23 -6.53
C ARG B 113 -12.37 -6.08 -6.99
N GLU B 114 -11.68 -6.30 -8.11
CA GLU B 114 -10.82 -5.29 -8.68
C GLU B 114 -11.58 -3.97 -8.71
N GLU B 115 -12.82 -4.02 -9.15
CA GLU B 115 -13.66 -2.84 -9.21
C GLU B 115 -13.78 -2.24 -7.82
N GLU B 116 -13.96 -3.12 -6.84
CA GLU B 116 -14.07 -2.67 -5.45
C GLU B 116 -12.77 -2.01 -5.04
N TYR B 117 -11.67 -2.54 -5.55
CA TYR B 117 -10.36 -1.97 -5.23
C TYR B 117 -10.32 -0.53 -5.69
N GLY B 118 -10.51 -0.35 -7.00
CA GLY B 118 -10.53 0.96 -7.62
C GLY B 118 -9.48 1.90 -7.04
N PHE B 119 -9.74 2.37 -5.83
CA PHE B 119 -8.82 3.30 -5.18
C PHE B 119 -7.36 3.05 -5.55
N LEU B 120 -6.73 2.06 -4.91
CA LEU B 120 -5.32 1.79 -5.15
C LEU B 120 -5.09 0.95 -6.39
N VAL B 121 -6.03 0.07 -6.71
CA VAL B 121 -5.86 -0.77 -7.88
C VAL B 121 -6.00 0.04 -9.16
N ARG B 122 -7.16 0.65 -9.34
CA ARG B 122 -7.39 1.47 -10.52
C ARG B 122 -6.40 2.63 -10.53
N GLY B 123 -6.23 3.27 -9.38
CA GLY B 123 -5.30 4.39 -9.29
C GLY B 123 -3.90 3.98 -9.73
N LEU B 124 -3.50 2.75 -9.40
CA LEU B 124 -2.18 2.29 -9.79
C LEU B 124 -2.15 1.95 -11.27
N GLY B 125 -3.26 1.43 -11.76
CA GLY B 125 -3.37 1.06 -13.16
C GLY B 125 -3.14 2.27 -14.06
N THR B 126 -3.56 3.44 -13.59
CA THR B 126 -3.43 4.66 -14.40
C THR B 126 -2.12 5.40 -14.11
N VAL B 127 -1.60 5.29 -12.90
CA VAL B 127 -0.35 5.98 -12.55
C VAL B 127 0.87 5.14 -12.93
N ALA B 128 0.95 3.92 -12.39
CA ALA B 128 2.08 3.04 -12.68
C ALA B 128 1.67 1.92 -13.62
N ALA B 129 2.65 1.35 -14.32
CA ALA B 129 2.39 0.27 -15.26
C ALA B 129 1.75 -0.91 -14.55
N VAL B 130 0.47 -0.75 -14.23
CA VAL B 130 -0.26 -1.79 -13.53
C VAL B 130 -1.27 -2.45 -14.48
N GLU B 131 -0.94 -3.65 -14.94
CA GLU B 131 -1.82 -4.38 -15.83
C GLU B 131 -2.90 -5.08 -15.03
N PHE B 132 -4.16 -4.71 -15.27
CA PHE B 132 -5.26 -5.29 -14.55
C PHE B 132 -5.71 -6.59 -15.22
N VAL B 133 -5.37 -7.71 -14.60
CA VAL B 133 -5.74 -9.01 -15.15
C VAL B 133 -6.99 -9.55 -14.50
N HIS B 134 -8.12 -9.44 -15.20
CA HIS B 134 -9.38 -9.96 -14.66
C HIS B 134 -9.27 -11.47 -14.49
N TYR B 135 -9.86 -11.97 -13.42
CA TYR B 135 -9.79 -13.39 -13.09
C TYR B 135 -10.74 -14.25 -13.89
N LYS B 136 -10.56 -15.56 -13.71
CA LYS B 136 -11.40 -16.56 -14.36
C LYS B 136 -10.54 -17.75 -14.78
N ASP B 137 -10.88 -18.91 -14.26
CA ASP B 137 -10.12 -20.13 -14.58
C ASP B 137 -8.63 -19.84 -14.45
N ILE B 138 -7.98 -20.57 -13.54
CA ILE B 138 -6.55 -20.37 -13.32
C ILE B 138 -5.78 -20.57 -14.62
N ALA B 139 -6.16 -21.59 -15.38
CA ALA B 139 -5.49 -21.87 -16.64
C ALA B 139 -5.66 -20.71 -17.61
N LEU B 140 -6.57 -19.79 -17.28
CA LEU B 140 -6.82 -18.62 -18.11
C LEU B 140 -6.16 -17.40 -17.49
N ALA B 141 -6.05 -17.43 -16.16
CA ALA B 141 -5.42 -16.35 -15.43
C ALA B 141 -3.90 -16.45 -15.60
N LYS B 142 -3.44 -17.68 -15.88
CA LYS B 142 -2.02 -17.95 -16.09
C LYS B 142 -1.53 -17.22 -17.35
N PRO B 143 -2.20 -17.45 -18.44
CA PRO B 143 -1.85 -16.81 -19.75
C PRO B 143 -2.24 -15.34 -19.80
N GLN B 144 -3.40 -15.03 -19.24
CA GLN B 144 -3.87 -13.65 -19.21
C GLN B 144 -2.95 -12.81 -18.34
N ILE B 145 -2.51 -13.40 -17.24
CA ILE B 145 -1.61 -12.71 -16.33
C ILE B 145 -0.22 -12.60 -16.95
N ASP B 146 0.17 -13.64 -17.68
CA ASP B 146 1.48 -13.66 -18.34
C ASP B 146 1.50 -12.66 -19.48
N ALA B 147 0.40 -12.61 -20.23
CA ALA B 147 0.31 -11.68 -21.35
C ALA B 147 0.36 -10.25 -20.83
N ALA B 148 -0.39 -9.99 -19.77
CA ALA B 148 -0.41 -8.67 -19.17
C ALA B 148 0.92 -8.39 -18.49
N ILE B 149 1.60 -9.47 -18.08
CA ILE B 149 2.90 -9.36 -17.43
C ILE B 149 3.94 -8.89 -18.45
N ARG B 150 3.92 -9.51 -19.62
CA ARG B 150 4.86 -9.14 -20.67
C ARG B 150 4.50 -7.78 -21.24
N LYS B 151 3.22 -7.47 -21.24
CA LYS B 151 2.76 -6.18 -21.75
C LYS B 151 3.25 -5.06 -20.83
N VAL B 152 3.15 -5.30 -19.53
CA VAL B 152 3.59 -4.33 -18.54
C VAL B 152 5.11 -4.27 -18.54
N VAL B 153 5.73 -5.45 -18.65
CA VAL B 153 7.18 -5.55 -18.67
C VAL B 153 7.75 -4.90 -19.93
N ASP B 154 7.02 -5.04 -21.04
CA ASP B 154 7.45 -4.48 -22.31
C ASP B 154 7.20 -2.98 -22.34
N ARG B 155 6.18 -2.54 -21.62
CA ARG B 155 5.84 -1.12 -21.59
C ARG B 155 6.70 -0.35 -20.59
N VAL B 156 7.22 -1.06 -19.59
CA VAL B 156 8.05 -0.41 -18.57
C VAL B 156 9.53 -0.66 -18.85
N ASN B 157 9.82 -1.68 -19.64
CA ASN B 157 11.20 -2.02 -19.97
C ASN B 157 11.44 -1.93 -21.47
N ASN B 158 10.39 -1.70 -22.24
CA ASN B 158 10.52 -1.58 -23.68
C ASN B 158 11.93 -1.98 -24.11
N PRO B 159 12.08 -3.18 -24.60
CA PRO B 159 13.41 -3.70 -25.06
C PRO B 159 13.99 -2.89 -26.21
N ALA B 160 15.16 -3.32 -26.68
CA ALA B 160 15.83 -2.64 -27.78
C ALA B 160 15.52 -3.34 -29.09
N ALA B 161 14.97 -2.60 -30.05
CA ALA B 161 14.66 -3.19 -31.34
C ALA B 161 14.01 -2.17 -32.27
N THR B 162 14.78 -1.16 -32.66
CA THR B 162 14.27 -0.13 -33.56
C THR B 162 14.75 -0.40 -34.98
N PRO B 163 13.85 -0.41 -35.92
CA PRO B 163 14.16 -0.68 -37.35
C PRO B 163 14.59 0.57 -38.11
N LYS A 1 14.57 26.02 10.10
CA LYS A 1 13.10 25.85 10.29
C LYS A 1 12.79 24.37 10.51
N ALA A 2 13.43 23.78 11.51
CA ALA A 2 13.21 22.36 11.81
C ALA A 2 13.67 21.48 10.65
N GLY A 3 13.15 20.26 10.60
CA GLY A 3 13.52 19.33 9.53
C GLY A 3 12.28 18.82 8.81
N VAL A 4 11.12 19.15 9.34
CA VAL A 4 9.85 18.72 8.73
C VAL A 4 9.35 19.79 7.78
N ARG A 5 10.07 19.96 6.68
CA ARG A 5 9.70 20.96 5.67
C ARG A 5 8.26 20.75 5.21
N SER A 6 7.89 19.50 5.04
CA SER A 6 6.53 19.17 4.60
C SER A 6 6.08 17.84 5.20
N VAL A 7 4.84 17.80 5.67
CA VAL A 7 4.31 16.58 6.26
C VAL A 7 3.13 16.05 5.44
N PHE A 8 3.29 14.82 4.92
CA PHE A 8 2.22 14.21 4.15
C PHE A 8 1.21 13.57 5.08
N LEU A 9 -0.08 13.72 4.77
CA LEU A 9 -1.13 13.15 5.61
C LEU A 9 -2.11 12.33 4.80
N ALA A 10 -2.58 11.24 5.41
CA ALA A 10 -3.55 10.36 4.77
C ALA A 10 -4.26 9.52 5.82
N GLY A 11 -5.51 9.17 5.54
CA GLY A 11 -6.27 8.35 6.47
C GLY A 11 -6.90 7.17 5.75
N PRO A 12 -7.71 6.40 6.44
CA PRO A 12 -8.38 5.21 5.84
C PRO A 12 -9.20 5.57 4.60
N PHE A 13 -9.06 6.82 4.16
CA PHE A 13 -9.79 7.29 2.98
C PHE A 13 -10.98 6.39 2.65
N MET A 14 -11.19 6.14 1.35
CA MET A 14 -12.31 5.31 0.91
C MET A 14 -12.72 4.32 2.01
N GLY A 15 -11.75 3.88 2.82
CA GLY A 15 -12.05 2.95 3.90
C GLY A 15 -12.99 3.60 4.91
N LEU A 16 -12.53 4.68 5.55
CA LEU A 16 -13.35 5.39 6.51
C LEU A 16 -14.62 5.87 5.84
N VAL A 17 -14.52 6.07 4.53
CA VAL A 17 -15.65 6.53 3.74
C VAL A 17 -16.35 5.38 3.06
N ASN A 18 -17.59 5.62 2.65
CA ASN A 18 -18.34 4.60 1.95
C ASN A 18 -17.61 4.30 0.63
N PRO A 19 -17.04 3.14 0.54
CA PRO A 19 -16.28 2.70 -0.65
C PRO A 19 -16.82 3.32 -1.95
N GLU A 20 -16.47 4.60 -2.16
CA GLU A 20 -16.89 5.33 -3.34
C GLU A 20 -17.95 6.38 -3.00
N THR A 21 -17.71 7.10 -1.91
CA THR A 21 -18.65 8.13 -1.47
C THR A 21 -17.91 9.39 -1.04
N ASN A 22 -18.59 10.23 -0.29
CA ASN A 22 -18.00 11.47 0.18
C ASN A 22 -18.67 11.93 1.47
N SER A 23 -18.58 11.10 2.50
CA SER A 23 -19.19 11.42 3.78
C SER A 23 -18.15 11.36 4.90
N MET A 24 -17.01 11.99 4.67
CA MET A 24 -15.94 12.01 5.66
C MET A 24 -16.39 12.78 6.89
N PRO A 25 -15.99 12.32 8.04
CA PRO A 25 -16.36 12.98 9.33
C PRO A 25 -15.79 14.39 9.45
N SER A 26 -16.68 15.38 9.54
CA SER A 26 -16.24 16.77 9.66
C SER A 26 -15.25 16.90 10.81
N ALA A 27 -15.50 16.18 11.89
CA ALA A 27 -14.62 16.21 13.04
C ALA A 27 -13.34 15.45 12.74
N GLU A 28 -13.24 14.95 11.52
CA GLU A 28 -12.04 14.23 11.09
C GLU A 28 -11.14 15.16 10.29
N GLN A 29 -11.70 15.70 9.21
CA GLN A 29 -10.94 16.63 8.39
C GLN A 29 -10.59 17.86 9.22
N LEU A 30 -11.50 18.24 10.10
CA LEU A 30 -11.28 19.39 10.97
C LEU A 30 -10.01 19.18 11.78
N PRO A 31 -9.93 18.12 12.53
CA PRO A 31 -8.72 17.82 13.32
C PRO A 31 -7.49 17.93 12.43
N PHE A 32 -7.60 17.36 11.23
CA PHE A 32 -6.52 17.45 10.27
C PHE A 32 -6.23 18.92 9.98
N LEU A 33 -7.27 19.74 10.10
CA LEU A 33 -7.12 21.17 9.89
C LEU A 33 -6.24 21.75 11.00
N THR A 34 -6.45 21.25 12.22
CA THR A 34 -5.68 21.70 13.38
C THR A 34 -4.20 21.41 13.17
N LEU A 35 -3.88 20.14 12.97
CA LEU A 35 -2.49 19.75 12.76
C LEU A 35 -1.98 20.35 11.47
N ILE A 36 -2.77 20.21 10.42
CA ILE A 36 -2.41 20.76 9.13
C ILE A 36 -1.97 22.21 9.31
N GLU A 37 -2.58 22.87 10.29
CA GLU A 37 -2.24 24.26 10.59
C GLU A 37 -0.89 24.34 11.28
N HIS A 38 -0.69 23.50 12.30
CA HIS A 38 0.60 23.49 13.00
C HIS A 38 1.68 23.06 12.03
N PHE A 39 1.25 22.45 10.93
CA PHE A 39 2.17 22.00 9.91
C PHE A 39 2.57 23.18 9.04
N GLU A 40 1.59 23.82 8.42
CA GLU A 40 1.86 24.98 7.58
C GLU A 40 2.27 26.16 8.44
N LYS A 41 2.23 25.97 9.75
CA LYS A 41 2.62 27.03 10.69
C LYS A 41 4.10 26.91 11.01
N GLN A 42 4.52 25.71 11.41
CA GLN A 42 5.93 25.49 11.72
C GLN A 42 6.76 25.56 10.45
N GLY A 43 6.16 25.12 9.34
CA GLY A 43 6.84 25.11 8.04
C GLY A 43 6.72 23.74 7.39
N LEU A 44 5.70 23.00 7.81
CA LEU A 44 5.46 21.66 7.29
C LEU A 44 4.25 21.64 6.37
N GLU A 45 4.50 21.75 5.06
CA GLU A 45 3.42 21.74 4.10
C GLU A 45 2.75 20.38 4.07
N VAL A 46 1.44 20.35 4.21
CA VAL A 46 0.71 19.09 4.21
C VAL A 46 0.59 18.54 2.79
N PHE A 47 1.21 17.39 2.56
CA PHE A 47 1.18 16.75 1.25
C PHE A 47 0.13 15.66 1.22
N ASN A 48 -0.39 15.36 0.03
CA ASN A 48 -1.43 14.33 -0.12
C ASN A 48 -2.77 14.84 0.35
N ALA A 49 -3.07 14.67 1.65
CA ALA A 49 -4.36 15.13 2.18
C ALA A 49 -5.37 15.27 1.04
N HIS A 50 -6.14 16.34 1.09
CA HIS A 50 -7.13 16.60 0.05
C HIS A 50 -7.78 17.96 0.31
N ARG A 51 -7.51 18.51 1.47
CA ARG A 51 -8.06 19.80 1.84
C ARG A 51 -9.17 20.23 0.89
N ARG A 52 -8.95 21.35 0.19
CA ARG A 52 -9.94 21.85 -0.75
C ARG A 52 -10.76 20.69 -1.31
N GLU A 53 -10.11 19.53 -1.43
CA GLU A 53 -10.77 18.34 -1.94
C GLU A 53 -11.56 17.64 -0.83
N ALA A 54 -10.89 17.38 0.29
CA ALA A 54 -11.55 16.72 1.41
C ALA A 54 -12.61 17.64 2.03
N TRP A 55 -12.66 18.88 1.54
CA TRP A 55 -13.63 19.85 2.05
C TRP A 55 -14.67 20.17 1.00
N GLY A 56 -14.28 20.07 -0.27
CA GLY A 56 -15.20 20.34 -1.36
C GLY A 56 -15.45 19.07 -2.16
N ALA A 57 -15.15 17.93 -1.56
CA ALA A 57 -15.33 16.64 -2.22
C ALA A 57 -14.90 15.51 -1.30
N GLN A 58 -13.60 15.30 -1.17
CA GLN A 58 -13.08 14.23 -0.32
C GLN A 58 -13.03 12.92 -1.10
N VAL A 59 -12.79 11.82 -0.41
CA VAL A 59 -12.73 10.52 -1.06
C VAL A 59 -12.39 10.70 -2.53
N LEU A 60 -11.48 11.63 -2.78
CA LEU A 60 -11.05 11.93 -4.14
C LEU A 60 -11.19 10.70 -5.03
N THR A 61 -11.17 10.91 -6.34
CA THR A 61 -11.33 9.81 -7.26
C THR A 61 -9.97 9.24 -7.68
N PRO A 62 -9.89 7.94 -7.79
CA PRO A 62 -8.65 7.22 -8.16
C PRO A 62 -7.79 8.01 -9.15
N GLU A 63 -8.45 8.61 -10.15
CA GLU A 63 -7.73 9.38 -11.17
C GLU A 63 -6.97 10.55 -10.55
N GLU A 64 -7.34 10.91 -9.33
CA GLU A 64 -6.67 12.01 -8.65
C GLU A 64 -6.00 11.53 -7.37
N CYS A 65 -6.78 10.84 -6.53
CA CYS A 65 -6.27 10.33 -5.26
C CYS A 65 -4.99 9.50 -5.46
N THR A 66 -5.01 8.58 -6.42
CA THR A 66 -3.84 7.73 -6.65
C THR A 66 -2.63 8.55 -7.08
N PRO A 67 -2.63 9.08 -8.27
CA PRO A 67 -1.50 9.90 -8.78
C PRO A 67 -1.01 10.91 -7.74
N LEU A 68 -1.91 11.78 -7.30
CA LEU A 68 -1.56 12.79 -6.31
C LEU A 68 -1.13 12.15 -5.00
N ASP A 69 -1.60 10.94 -4.75
CA ASP A 69 -1.23 10.24 -3.53
C ASP A 69 0.27 9.97 -3.50
N GLN A 70 0.75 9.30 -4.54
CA GLN A 70 2.17 8.97 -4.65
C GLN A 70 3.03 10.22 -4.77
N LEU A 71 2.62 11.13 -5.67
CA LEU A 71 3.38 12.35 -5.87
C LEU A 71 3.58 13.07 -4.54
N GLU A 72 2.53 13.09 -3.73
CA GLU A 72 2.61 13.73 -2.43
C GLU A 72 3.31 12.80 -1.45
N ILE A 73 3.25 11.51 -1.73
CA ILE A 73 3.89 10.52 -0.88
C ILE A 73 5.41 10.65 -0.95
N ARG A 74 5.91 11.08 -2.11
CA ARG A 74 7.35 11.26 -2.27
C ARG A 74 7.73 12.72 -2.09
N LYS A 75 6.87 13.62 -2.56
CA LYS A 75 7.14 15.05 -2.42
C LYS A 75 7.22 15.41 -0.93
N ALA A 76 6.42 14.70 -0.13
CA ALA A 76 6.39 14.93 1.31
C ALA A 76 7.74 14.60 1.95
N ASP A 77 8.35 15.59 2.60
CA ASP A 77 9.64 15.38 3.24
C ASP A 77 9.48 14.48 4.47
N VAL A 78 8.29 14.49 5.05
CA VAL A 78 8.01 13.66 6.20
C VAL A 78 6.67 12.96 6.00
N PHE A 79 6.73 11.68 5.64
CA PHE A 79 5.52 10.92 5.40
C PHE A 79 4.78 10.63 6.70
N VAL A 80 3.58 11.18 6.82
CA VAL A 80 2.76 10.96 8.00
C VAL A 80 1.38 10.44 7.59
N ALA A 81 0.98 9.32 8.17
CA ALA A 81 -0.32 8.73 7.83
C ALA A 81 -1.10 8.40 9.10
N ILE A 82 -2.25 7.75 8.94
CA ILE A 82 -3.07 7.39 10.09
C ILE A 82 -3.88 6.12 9.83
N PRO A 83 -3.40 5.02 10.29
CA PRO A 83 -4.11 3.74 10.15
C PRO A 83 -5.60 3.93 10.31
N GLY A 84 -6.07 3.53 11.46
CA GLY A 84 -7.48 3.65 11.81
C GLY A 84 -8.28 2.41 11.44
N ILE A 85 -7.86 1.25 11.93
CA ILE A 85 -8.59 0.01 11.62
C ILE A 85 -10.04 0.32 11.28
N PRO A 86 -10.63 -0.44 10.40
CA PRO A 86 -9.93 -1.58 9.73
C PRO A 86 -8.64 -1.13 9.06
N PRO A 87 -7.76 -2.03 8.78
CA PRO A 87 -6.46 -1.72 8.12
C PRO A 87 -6.61 -0.66 7.03
N SER A 88 -6.58 0.61 7.42
CA SER A 88 -6.71 1.69 6.45
C SER A 88 -6.14 1.25 5.11
N PRO A 89 -6.99 0.91 4.17
CA PRO A 89 -6.53 0.46 2.82
C PRO A 89 -5.81 1.56 2.06
N GLY A 90 -6.45 2.72 1.94
CA GLY A 90 -5.85 3.84 1.23
C GLY A 90 -4.54 4.22 1.89
N THR A 91 -4.57 4.43 3.20
CA THR A 91 -3.35 4.77 3.91
C THR A 91 -2.31 3.71 3.64
N HIS A 92 -2.53 2.49 4.12
CA HIS A 92 -1.61 1.40 3.87
C HIS A 92 -0.88 1.60 2.56
N VAL A 93 -1.64 1.52 1.46
CA VAL A 93 -1.06 1.70 0.13
C VAL A 93 -0.08 2.86 0.17
N GLU A 94 -0.51 3.92 0.82
CA GLU A 94 0.35 5.10 0.95
C GLU A 94 1.54 4.75 1.83
N ILE A 95 1.33 3.82 2.75
CA ILE A 95 2.39 3.36 3.64
C ILE A 95 3.37 2.50 2.83
N GLY A 96 2.86 1.39 2.29
CA GLY A 96 3.69 0.51 1.48
C GLY A 96 4.36 1.35 0.40
N TRP A 97 3.68 2.42 0.02
CA TRP A 97 4.22 3.33 -0.98
C TRP A 97 5.43 4.03 -0.38
N ALA A 98 5.27 4.50 0.85
CA ALA A 98 6.37 5.15 1.54
C ALA A 98 7.48 4.14 1.73
N SER A 99 7.16 2.86 1.51
CA SER A 99 8.14 1.80 1.64
C SER A 99 9.05 1.79 0.43
N ALA A 100 8.49 1.46 -0.75
CA ALA A 100 9.30 1.47 -1.96
C ALA A 100 9.72 2.89 -2.26
N PHE A 101 9.07 3.81 -1.58
CA PHE A 101 9.36 5.23 -1.73
C PHE A 101 10.66 5.54 -1.00
N ASP A 102 10.71 5.21 0.28
CA ASP A 102 11.91 5.44 1.08
C ASP A 102 11.80 6.72 1.92
N LYS A 103 10.71 7.48 1.74
CA LYS A 103 10.54 8.71 2.50
C LYS A 103 10.14 8.40 3.95
N PRO A 104 10.78 9.03 4.89
CA PRO A 104 10.50 8.83 6.35
C PRO A 104 9.02 8.63 6.63
N ILE A 105 8.69 7.60 7.40
CA ILE A 105 7.30 7.33 7.71
C ILE A 105 6.98 7.66 9.16
N VAL A 106 5.72 8.02 9.38
CA VAL A 106 5.25 8.36 10.72
C VAL A 106 3.72 8.33 10.73
N LEU A 107 3.16 7.26 11.26
CA LEU A 107 1.71 7.13 11.32
C LEU A 107 1.18 7.46 12.70
N LEU A 108 -0.06 7.93 12.73
CA LEU A 108 -0.72 8.27 13.99
C LEU A 108 -1.54 7.09 14.47
N LEU A 109 -0.84 6.09 15.01
CA LEU A 109 -1.49 4.89 15.51
C LEU A 109 -2.83 5.23 16.13
N GLU A 110 -3.83 4.39 15.84
CA GLU A 110 -5.16 4.61 16.37
C GLU A 110 -5.39 3.74 17.60
N GLU A 111 -4.38 3.67 18.45
CA GLU A 111 -4.45 2.88 19.67
C GLU A 111 -5.27 1.61 19.43
N GLY A 112 -4.62 0.46 19.53
CA GLY A 112 -5.31 -0.81 19.31
C GLY A 112 -5.40 -1.11 17.82
N ARG A 113 -5.85 -0.13 17.04
CA ARG A 113 -5.97 -0.30 15.59
C ARG A 113 -4.63 -0.73 15.01
N GLU A 114 -3.59 0.01 15.38
CA GLU A 114 -2.25 -0.30 14.92
C GLU A 114 -2.00 -1.79 15.13
N GLU A 115 -2.26 -2.22 16.36
CA GLU A 115 -2.09 -3.62 16.71
C GLU A 115 -2.80 -4.49 15.68
N GLU A 116 -3.97 -4.03 15.26
CA GLU A 116 -4.75 -4.75 14.27
C GLU A 116 -4.05 -4.67 12.92
N TYR A 117 -3.42 -3.53 12.64
CA TYR A 117 -2.68 -3.38 11.40
C TYR A 117 -1.57 -4.42 11.35
N GLY A 118 -0.66 -4.27 12.31
CA GLY A 118 0.47 -5.17 12.45
C GLY A 118 1.06 -5.56 11.10
N PHE A 119 0.34 -6.39 10.38
CA PHE A 119 0.80 -6.86 9.08
C PHE A 119 1.85 -5.92 8.46
N LEU A 120 1.39 -4.86 7.80
CA LEU A 120 2.35 -3.96 7.14
C LEU A 120 2.74 -2.78 8.01
N VAL A 121 1.80 -2.24 8.78
CA VAL A 121 2.16 -1.10 9.63
C VAL A 121 3.31 -1.51 10.53
N ARG A 122 3.23 -2.71 11.07
CA ARG A 122 4.29 -3.21 11.91
C ARG A 122 5.48 -3.61 11.05
N GLY A 123 5.23 -4.47 10.08
CA GLY A 123 6.28 -4.90 9.17
C GLY A 123 7.03 -3.70 8.63
N LEU A 124 6.40 -2.52 8.68
CA LEU A 124 7.03 -1.31 8.18
C LEU A 124 7.89 -0.70 9.28
N GLY A 125 7.32 -0.56 10.46
CA GLY A 125 8.06 -0.02 11.58
C GLY A 125 9.40 -0.73 11.70
N THR A 126 9.47 -1.93 11.13
CA THR A 126 10.69 -2.74 11.19
C THR A 126 11.54 -2.62 9.92
N VAL A 127 10.92 -2.65 8.74
CA VAL A 127 11.69 -2.58 7.49
C VAL A 127 12.13 -1.16 7.17
N ALA A 128 11.30 -0.17 7.49
CA ALA A 128 11.64 1.23 7.20
C ALA A 128 11.38 2.11 8.42
N ALA A 129 12.08 3.24 8.48
CA ALA A 129 11.90 4.16 9.59
C ALA A 129 10.44 4.57 9.71
N VAL A 130 9.69 3.80 10.49
CA VAL A 130 8.28 4.08 10.67
C VAL A 130 7.97 4.36 12.14
N GLU A 131 7.62 5.61 12.43
CA GLU A 131 7.30 6.00 13.80
C GLU A 131 5.81 5.79 14.06
N PHE A 132 5.52 4.98 15.07
CA PHE A 132 4.14 4.69 15.43
C PHE A 132 3.67 5.62 16.55
N VAL A 133 2.84 6.59 16.21
CA VAL A 133 2.33 7.54 17.22
C VAL A 133 0.85 7.32 17.49
N HIS A 134 0.54 6.66 18.61
CA HIS A 134 -0.85 6.42 18.98
C HIS A 134 -1.52 7.74 19.32
N TYR A 135 -2.84 7.82 19.13
CA TYR A 135 -3.54 9.06 19.43
C TYR A 135 -5.04 8.87 19.60
N LYS A 136 -5.57 9.45 20.67
CA LYS A 136 -7.00 9.41 20.96
C LYS A 136 -7.49 10.85 21.14
N ASP A 137 -6.50 11.75 21.18
CA ASP A 137 -6.75 13.17 21.31
C ASP A 137 -5.71 13.90 20.46
N ILE A 138 -6.17 14.76 19.57
CA ILE A 138 -5.27 15.47 18.68
C ILE A 138 -4.32 16.36 19.45
N ALA A 139 -4.86 17.17 20.35
CA ALA A 139 -4.03 18.07 21.13
C ALA A 139 -2.87 17.30 21.76
N LEU A 140 -2.97 15.97 21.75
CA LEU A 140 -1.92 15.12 22.30
C LEU A 140 -1.10 14.51 21.17
N ALA A 141 -1.80 14.17 20.09
CA ALA A 141 -1.15 13.58 18.92
C ALA A 141 -0.16 14.54 18.29
N LYS A 142 -0.38 15.84 18.52
CA LYS A 142 0.50 16.87 17.97
C LYS A 142 1.92 16.70 18.51
N PRO A 143 2.07 16.83 19.80
CA PRO A 143 3.40 16.69 20.47
C PRO A 143 3.94 15.27 20.33
N GLN A 144 3.04 14.29 20.32
CA GLN A 144 3.45 12.91 20.17
C GLN A 144 4.00 12.68 18.77
N ILE A 145 3.22 13.11 17.78
CA ILE A 145 3.62 12.97 16.39
C ILE A 145 4.87 13.80 16.11
N ASP A 146 5.02 14.90 16.85
CA ASP A 146 6.17 15.78 16.67
C ASP A 146 7.43 15.11 17.21
N ALA A 147 7.35 14.50 18.38
CA ALA A 147 8.50 13.85 18.98
C ALA A 147 8.96 12.68 18.10
N ALA A 148 8.01 11.85 17.69
CA ALA A 148 8.34 10.71 16.84
C ALA A 148 8.76 11.19 15.46
N ILE A 149 8.23 12.34 15.04
CA ILE A 149 8.56 12.89 13.73
C ILE A 149 10.00 13.39 13.69
N ARG A 150 10.45 14.00 14.78
CA ARG A 150 11.81 14.53 14.82
C ARG A 150 12.82 13.42 15.04
N LYS A 151 12.49 12.49 15.95
CA LYS A 151 13.37 11.37 16.23
C LYS A 151 13.52 10.49 15.01
N VAL A 152 12.40 10.26 14.32
CA VAL A 152 12.40 9.43 13.12
C VAL A 152 13.21 10.10 12.01
N VAL A 153 12.93 11.39 11.78
CA VAL A 153 13.66 12.12 10.74
C VAL A 153 15.13 12.28 11.11
N ASP A 154 15.41 12.23 12.41
CA ASP A 154 16.78 12.35 12.90
C ASP A 154 17.49 11.01 12.82
N ARG A 155 16.73 9.93 12.84
CA ARG A 155 17.32 8.61 12.76
C ARG A 155 17.68 8.28 11.31
N VAL A 156 16.87 8.78 10.38
CA VAL A 156 17.11 8.53 8.96
C VAL A 156 17.88 9.68 8.31
N ASN A 157 17.78 10.88 8.89
CA ASN A 157 18.46 12.04 8.33
C ASN A 157 19.22 12.81 9.40
N ASN A 158 18.91 12.54 10.66
CA ASN A 158 19.57 13.23 11.77
C ASN A 158 19.39 14.73 11.63
N PRO A 159 19.49 15.44 12.72
CA PRO A 159 19.32 16.92 12.73
C PRO A 159 20.37 17.59 11.84
N ALA A 160 20.18 18.87 11.58
CA ALA A 160 21.09 19.62 10.73
C ALA A 160 22.32 20.08 11.54
N ALA A 161 22.36 19.73 12.82
CA ALA A 161 23.48 20.12 13.67
C ALA A 161 24.11 18.90 14.34
N THR A 162 25.28 19.10 14.93
CA THR A 162 25.99 18.02 15.61
C THR A 162 26.56 18.51 16.93
N PRO A 163 25.79 19.27 17.67
CA PRO A 163 26.20 19.84 18.98
C PRO A 163 25.83 18.92 20.14
N LYS B 1 11.29 -18.74 -23.01
CA LYS B 1 10.34 -19.29 -22.01
C LYS B 1 9.35 -18.19 -21.60
N ALA B 2 8.79 -17.50 -22.61
CA ALA B 2 7.84 -16.44 -22.34
C ALA B 2 8.55 -15.23 -21.74
N GLY B 3 7.77 -14.36 -21.12
CA GLY B 3 8.33 -13.16 -20.50
C GLY B 3 7.97 -13.09 -19.01
N VAL B 4 7.14 -14.04 -18.57
CA VAL B 4 6.74 -14.08 -17.17
C VAL B 4 7.62 -15.04 -16.40
N ARG B 5 8.89 -14.68 -16.26
CA ARG B 5 9.85 -15.51 -15.54
C ARG B 5 9.33 -15.84 -14.14
N SER B 6 8.70 -14.85 -13.51
CA SER B 6 8.18 -15.05 -12.16
C SER B 6 6.94 -14.20 -11.93
N VAL B 7 5.93 -14.78 -11.32
CA VAL B 7 4.70 -14.07 -11.04
C VAL B 7 4.44 -13.93 -9.54
N PHE B 8 4.37 -12.68 -9.08
CA PHE B 8 4.10 -12.42 -7.67
C PHE B 8 2.60 -12.52 -7.41
N LEU B 9 2.21 -13.13 -6.29
CA LEU B 9 0.80 -13.27 -5.97
C LEU B 9 0.51 -12.80 -4.55
N ALA B 10 -0.66 -12.18 -4.39
CA ALA B 10 -1.07 -11.68 -3.08
C ALA B 10 -2.59 -11.46 -3.05
N GLY B 11 -3.19 -11.66 -1.89
CA GLY B 11 -4.63 -11.49 -1.74
C GLY B 11 -4.94 -10.55 -0.57
N PRO B 12 -6.20 -10.36 -0.27
CA PRO B 12 -6.63 -9.48 0.84
C PRO B 12 -5.99 -9.90 2.17
N PHE B 13 -5.06 -10.84 2.10
CA PHE B 13 -4.38 -11.32 3.30
C PHE B 13 -5.17 -10.97 4.55
N MET B 14 -4.45 -10.56 5.60
CA MET B 14 -5.09 -10.21 6.86
C MET B 14 -6.53 -9.75 6.63
N GLY B 15 -6.79 -9.10 5.50
CA GLY B 15 -8.15 -8.65 5.19
C GLY B 15 -9.10 -9.84 5.12
N LEU B 16 -8.83 -10.74 4.17
CA LEU B 16 -9.66 -11.94 4.02
C LEU B 16 -9.61 -12.77 5.29
N VAL B 17 -8.51 -12.63 6.03
CA VAL B 17 -8.32 -13.38 7.27
C VAL B 17 -8.71 -12.53 8.46
N ASN B 18 -8.94 -13.20 9.59
CA ASN B 18 -9.27 -12.47 10.80
C ASN B 18 -8.08 -11.61 11.19
N PRO B 19 -8.21 -10.33 11.06
CA PRO B 19 -7.11 -9.38 11.38
C PRO B 19 -6.19 -9.90 12.47
N GLU B 20 -5.28 -10.79 12.09
CA GLU B 20 -4.32 -11.37 13.04
C GLU B 20 -4.67 -12.82 13.35
N THR B 21 -5.07 -13.55 12.34
CA THR B 21 -5.44 -14.95 12.51
C THR B 21 -4.81 -15.78 11.41
N ASN B 22 -5.35 -16.98 11.22
CA ASN B 22 -4.84 -17.88 10.20
C ASN B 22 -5.93 -18.85 9.76
N SER B 23 -7.02 -18.30 9.24
CA SER B 23 -8.14 -19.12 8.81
C SER B 23 -8.43 -18.87 7.33
N MET B 24 -7.40 -18.88 6.53
CA MET B 24 -7.55 -18.66 5.09
C MET B 24 -8.35 -19.79 4.47
N PRO B 25 -9.18 -19.47 3.51
CA PRO B 25 -10.02 -20.48 2.81
C PRO B 25 -9.17 -21.48 2.03
N SER B 26 -9.31 -22.76 2.40
CA SER B 26 -8.57 -23.82 1.75
C SER B 26 -8.81 -23.76 0.24
N ALA B 27 -10.05 -23.45 -0.12
CA ALA B 27 -10.43 -23.33 -1.52
C ALA B 27 -9.86 -22.05 -2.11
N GLU B 28 -9.11 -21.29 -1.30
CA GLU B 28 -8.50 -20.05 -1.75
C GLU B 28 -7.04 -20.32 -2.08
N GLN B 29 -6.30 -20.81 -1.09
CA GLN B 29 -4.90 -21.13 -1.29
C GLN B 29 -4.79 -22.23 -2.35
N LEU B 30 -5.76 -23.12 -2.36
CA LEU B 30 -5.78 -24.22 -3.33
C LEU B 30 -5.80 -23.66 -4.74
N PRO B 31 -6.78 -22.84 -5.06
CA PRO B 31 -6.86 -22.22 -6.39
C PRO B 31 -5.51 -21.61 -6.73
N PHE B 32 -4.95 -20.90 -5.76
CA PHE B 32 -3.63 -20.32 -5.93
C PHE B 32 -2.65 -21.42 -6.27
N LEU B 33 -2.92 -22.62 -5.74
CA LEU B 33 -2.04 -23.76 -6.01
C LEU B 33 -2.15 -24.11 -7.49
N THR B 34 -3.37 -24.02 -8.02
CA THR B 34 -3.62 -24.32 -9.43
C THR B 34 -2.81 -23.39 -10.32
N LEU B 35 -3.03 -22.09 -10.16
CA LEU B 35 -2.31 -21.11 -10.95
C LEU B 35 -0.82 -21.14 -10.60
N ILE B 36 -0.54 -21.18 -9.30
CA ILE B 36 0.84 -21.24 -8.85
C ILE B 36 1.55 -22.35 -9.60
N GLU B 37 0.81 -23.41 -9.90
CA GLU B 37 1.36 -24.54 -10.63
C GLU B 37 1.60 -24.16 -12.10
N HIS B 38 0.59 -23.56 -12.74
CA HIS B 38 0.76 -23.14 -14.12
C HIS B 38 1.85 -22.10 -14.20
N PHE B 39 2.16 -21.53 -13.05
CA PHE B 39 3.20 -20.53 -12.96
C PHE B 39 4.56 -21.21 -12.95
N GLU B 40 4.78 -22.06 -11.96
CA GLU B 40 6.04 -22.78 -11.86
C GLU B 40 6.14 -23.82 -12.97
N LYS B 41 5.07 -23.94 -13.76
CA LYS B 41 5.05 -24.89 -14.86
C LYS B 41 5.54 -24.22 -16.13
N GLN B 42 4.96 -23.07 -16.45
CA GLN B 42 5.38 -22.33 -17.64
C GLN B 42 6.77 -21.75 -17.42
N GLY B 43 7.06 -21.41 -16.18
CA GLY B 43 8.36 -20.85 -15.82
C GLY B 43 8.18 -19.56 -15.03
N LEU B 44 7.03 -19.45 -14.38
CA LEU B 44 6.71 -18.25 -13.60
C LEU B 44 6.75 -18.57 -12.11
N GLU B 45 7.87 -18.26 -11.48
CA GLU B 45 8.02 -18.51 -10.06
C GLU B 45 7.11 -17.58 -9.26
N VAL B 46 6.28 -18.18 -8.42
CA VAL B 46 5.35 -17.40 -7.61
C VAL B 46 6.10 -16.68 -6.49
N PHE B 47 6.11 -15.35 -6.55
CA PHE B 47 6.77 -14.55 -5.53
C PHE B 47 5.76 -14.01 -4.53
N ASN B 48 6.24 -13.75 -3.31
CA ASN B 48 5.36 -13.24 -2.27
C ASN B 48 4.53 -14.37 -1.66
N ALA B 49 3.36 -14.63 -2.25
CA ALA B 49 2.49 -15.68 -1.74
C ALA B 49 2.83 -16.00 -0.30
N HIS B 50 2.87 -17.27 0.02
CA HIS B 50 3.20 -17.72 1.35
C HIS B 50 3.25 -19.25 1.38
N ARG B 51 2.75 -19.86 0.32
CA ARG B 51 2.74 -21.31 0.19
C ARG B 51 3.05 -21.97 1.53
N ARG B 52 4.14 -22.74 1.57
CA ARG B 52 4.53 -23.41 2.81
C ARG B 52 3.99 -22.65 4.01
N GLU B 53 3.94 -21.33 3.87
CA GLU B 53 3.45 -20.46 4.94
C GLU B 53 1.93 -20.41 4.92
N ALA B 54 1.35 -20.14 3.76
CA ALA B 54 -0.10 -20.07 3.63
C ALA B 54 -0.71 -21.45 3.83
N TRP B 55 0.15 -22.45 3.95
CA TRP B 55 -0.28 -23.82 4.14
C TRP B 55 0.08 -24.33 5.53
N GLY B 56 1.17 -23.79 6.08
CA GLY B 56 1.61 -24.19 7.41
C GLY B 56 1.51 -23.02 8.38
N ALA B 57 0.73 -22.01 7.99
CA ALA B 57 0.55 -20.83 8.81
C ALA B 57 -0.37 -19.82 8.12
N GLN B 58 0.14 -19.11 7.13
CA GLN B 58 -0.67 -18.12 6.42
C GLN B 58 -0.65 -16.80 7.18
N VAL B 59 -1.49 -15.87 6.74
CA VAL B 59 -1.56 -14.57 7.40
C VAL B 59 -0.24 -14.29 8.08
N LEU B 60 0.83 -14.62 7.37
CA LEU B 60 2.18 -14.42 7.89
C LEU B 60 2.22 -13.22 8.81
N THR B 61 3.26 -13.15 9.63
CA THR B 61 3.38 -12.05 10.58
C THR B 61 4.15 -10.90 9.95
N PRO B 62 3.74 -9.71 10.24
CA PRO B 62 4.36 -8.47 9.73
C PRO B 62 5.87 -8.58 9.57
N GLU B 63 6.52 -9.17 10.57
CA GLU B 63 7.98 -9.33 10.55
C GLU B 63 8.43 -10.17 9.36
N GLU B 64 7.49 -10.89 8.77
CA GLU B 64 7.82 -11.73 7.62
C GLU B 64 7.02 -11.29 6.40
N CYS B 65 5.71 -11.16 6.58
CA CYS B 65 4.84 -10.74 5.49
C CYS B 65 5.31 -9.44 4.84
N THR B 66 5.57 -8.42 5.66
CA THR B 66 5.99 -7.13 5.12
C THR B 66 7.30 -7.25 4.34
N PRO B 67 8.41 -7.45 5.01
CA PRO B 67 9.73 -7.58 4.33
C PRO B 67 9.66 -8.46 3.09
N LEU B 68 9.22 -9.70 3.28
CA LEU B 68 9.11 -10.65 2.19
C LEU B 68 8.11 -10.18 1.16
N ASP B 69 7.17 -9.35 1.57
CA ASP B 69 6.17 -8.84 0.66
C ASP B 69 6.82 -7.97 -0.39
N GLN B 70 7.55 -6.95 0.07
CA GLN B 70 8.23 -6.03 -0.83
C GLN B 70 9.33 -6.73 -1.62
N LEU B 71 10.14 -7.53 -0.94
CA LEU B 71 11.23 -8.23 -1.60
C LEU B 71 10.68 -9.04 -2.77
N GLU B 72 9.54 -9.67 -2.53
CA GLU B 72 8.90 -10.47 -3.56
C GLU B 72 8.17 -9.56 -4.53
N ILE B 73 7.80 -8.38 -4.05
CA ILE B 73 7.10 -7.41 -4.86
C ILE B 73 8.01 -6.88 -5.96
N ARG B 74 9.32 -6.80 -5.67
CA ARG B 74 10.27 -6.32 -6.66
C ARG B 74 10.93 -7.49 -7.37
N LYS B 75 11.26 -8.53 -6.61
CA LYS B 75 11.87 -9.72 -7.18
C LYS B 75 10.96 -10.31 -8.25
N ALA B 76 9.65 -10.14 -8.06
CA ALA B 76 8.66 -10.65 -9.01
C ALA B 76 8.77 -9.91 -10.35
N ASP B 77 9.05 -10.66 -11.42
CA ASP B 77 9.17 -10.05 -12.73
C ASP B 77 7.81 -9.57 -13.23
N VAL B 78 6.75 -10.22 -12.75
CA VAL B 78 5.39 -9.86 -13.12
C VAL B 78 4.53 -9.78 -11.86
N PHE B 79 4.29 -8.57 -11.39
CA PHE B 79 3.50 -8.38 -10.19
C PHE B 79 2.04 -8.72 -10.42
N VAL B 80 1.57 -9.78 -9.76
CA VAL B 80 0.17 -10.20 -9.89
C VAL B 80 -0.49 -10.25 -8.51
N ALA B 81 -1.59 -9.52 -8.35
CA ALA B 81 -2.29 -9.50 -7.07
C ALA B 81 -3.77 -9.81 -7.25
N ILE B 82 -4.54 -9.72 -6.15
CA ILE B 82 -5.98 -10.00 -6.22
C ILE B 82 -6.76 -9.18 -5.21
N PRO B 83 -7.32 -8.10 -5.63
CA PRO B 83 -8.15 -7.23 -4.77
C PRO B 83 -8.96 -8.06 -3.82
N GLY B 84 -10.21 -8.18 -4.15
CA GLY B 84 -11.17 -8.96 -3.38
C GLY B 84 -11.85 -8.15 -2.29
N ILE B 85 -12.50 -7.05 -2.67
CA ILE B 85 -13.20 -6.22 -1.67
C ILE B 85 -13.61 -7.05 -0.45
N PRO B 86 -13.60 -6.45 0.72
CA PRO B 86 -13.22 -5.02 0.89
C PRO B 86 -11.84 -4.73 0.32
N PRO B 87 -11.57 -3.49 0.02
CA PRO B 87 -10.27 -3.07 -0.56
C PRO B 87 -9.07 -3.81 0.03
N SER B 88 -8.78 -4.99 -0.51
CA SER B 88 -7.65 -5.77 -0.03
C SER B 88 -6.56 -4.85 0.52
N PRO B 89 -6.47 -4.75 1.81
CA PRO B 89 -5.46 -3.88 2.47
C PRO B 89 -4.04 -4.36 2.21
N GLY B 90 -3.79 -5.63 2.52
CA GLY B 90 -2.48 -6.21 2.31
C GLY B 90 -2.09 -6.11 0.84
N THR B 91 -2.97 -6.58 -0.02
CA THR B 91 -2.73 -6.51 -1.45
C THR B 91 -2.44 -5.07 -1.84
N HIS B 92 -3.45 -4.20 -1.72
CA HIS B 92 -3.25 -2.79 -2.02
C HIS B 92 -1.82 -2.38 -1.75
N VAL B 93 -1.45 -2.39 -0.49
CA VAL B 93 -0.10 -2.03 -0.08
C VAL B 93 0.89 -2.62 -1.06
N GLU B 94 0.66 -3.89 -1.40
CA GLU B 94 1.52 -4.57 -2.35
C GLU B 94 1.36 -3.93 -3.73
N ILE B 95 0.16 -3.38 -3.96
CA ILE B 95 -0.12 -2.71 -5.21
C ILE B 95 0.60 -1.37 -5.24
N GLY B 96 0.25 -0.50 -4.29
CA GLY B 96 0.91 0.79 -4.18
C GLY B 96 2.41 0.56 -4.15
N TRP B 97 2.79 -0.60 -3.62
CA TRP B 97 4.18 -0.97 -3.55
C TRP B 97 4.69 -1.18 -4.95
N ALA B 98 3.94 -1.93 -5.74
CA ALA B 98 4.30 -2.17 -7.13
C ALA B 98 4.30 -0.84 -7.87
N SER B 99 3.72 0.18 -7.24
CA SER B 99 3.67 1.51 -7.83
C SER B 99 5.04 2.17 -7.70
N ALA B 100 5.48 2.43 -6.46
CA ALA B 100 6.80 3.05 -6.28
C ALA B 100 7.86 2.04 -6.67
N PHE B 101 7.44 0.80 -6.82
CA PHE B 101 8.31 -0.30 -7.21
C PHE B 101 8.62 -0.19 -8.71
N ASP B 102 7.55 -0.06 -9.51
CA ASP B 102 7.68 0.08 -10.95
C ASP B 102 7.57 -1.27 -11.68
N LYS B 103 7.44 -2.35 -10.93
CA LYS B 103 7.31 -3.68 -11.53
C LYS B 103 5.92 -3.88 -12.12
N PRO B 104 5.85 -4.38 -13.33
CA PRO B 104 4.56 -4.62 -14.02
C PRO B 104 3.49 -5.12 -13.07
N ILE B 105 2.30 -4.52 -13.13
CA ILE B 105 1.21 -4.93 -12.25
C ILE B 105 0.11 -5.65 -13.02
N VAL B 106 -0.57 -6.55 -12.33
CA VAL B 106 -1.66 -7.32 -12.93
C VAL B 106 -2.48 -7.98 -11.83
N LEU B 107 -3.63 -7.39 -11.53
CA LEU B 107 -4.49 -7.92 -10.47
C LEU B 107 -5.64 -8.72 -11.04
N LEU B 108 -6.10 -9.69 -10.25
CA LEU B 108 -7.23 -10.51 -10.67
C LEU B 108 -8.51 -9.91 -10.13
N LEU B 109 -8.99 -8.87 -10.83
CA LEU B 109 -10.20 -8.19 -10.43
C LEU B 109 -11.23 -9.20 -9.92
N GLU B 110 -11.88 -8.85 -8.81
CA GLU B 110 -12.88 -9.73 -8.24
C GLU B 110 -14.27 -9.32 -8.68
N GLU B 111 -14.39 -8.97 -9.96
CA GLU B 111 -15.66 -8.55 -10.53
C GLU B 111 -16.45 -7.73 -9.51
N GLY B 112 -16.70 -6.47 -9.85
CA GLY B 112 -17.45 -5.59 -8.95
C GLY B 112 -16.55 -5.08 -7.83
N ARG B 113 -15.78 -5.99 -7.23
CA ARG B 113 -14.87 -5.60 -6.15
C ARG B 113 -13.92 -4.54 -6.65
N GLU B 114 -13.30 -4.80 -7.79
CA GLU B 114 -12.39 -3.87 -8.38
C GLU B 114 -13.03 -2.49 -8.41
N GLU B 115 -14.27 -2.46 -8.91
CA GLU B 115 -15.01 -1.23 -8.98
C GLU B 115 -15.04 -0.58 -7.60
N GLU B 116 -15.16 -1.42 -6.58
CA GLU B 116 -15.15 -0.92 -5.21
C GLU B 116 -13.77 -0.40 -4.86
N TYR B 117 -12.73 -1.06 -5.39
CA TYR B 117 -11.37 -0.62 -5.13
C TYR B 117 -11.19 0.78 -5.70
N GLY B 118 -11.34 0.87 -7.02
CA GLY B 118 -11.22 2.12 -7.75
C GLY B 118 -10.08 2.98 -7.22
N PHE B 119 -10.29 3.56 -6.05
CA PHE B 119 -9.30 4.42 -5.44
C PHE B 119 -7.91 4.17 -6.02
N LEU B 120 -7.20 3.18 -5.48
CA LEU B 120 -5.84 2.93 -5.94
C LEU B 120 -5.76 1.89 -7.04
N VAL B 121 -6.57 0.84 -6.96
CA VAL B 121 -6.52 -0.17 -8.01
C VAL B 121 -6.75 0.50 -9.35
N ARG B 122 -7.72 1.41 -9.39
CA ARG B 122 -8.01 2.13 -10.62
C ARG B 122 -6.90 3.16 -10.84
N GLY B 123 -6.69 4.01 -9.83
CA GLY B 123 -5.65 5.02 -9.93
C GLY B 123 -4.35 4.40 -10.39
N LEU B 124 -4.20 3.09 -10.20
CA LEU B 124 -2.98 2.42 -10.61
C LEU B 124 -3.08 2.05 -12.08
N GLY B 125 -4.20 1.44 -12.44
CA GLY B 125 -4.42 1.07 -13.83
C GLY B 125 -4.11 2.26 -14.74
N THR B 126 -4.14 3.45 -14.15
CA THR B 126 -3.87 4.66 -14.93
C THR B 126 -2.45 5.19 -14.75
N VAL B 127 -1.94 5.20 -13.51
CA VAL B 127 -0.59 5.72 -13.26
C VAL B 127 0.49 4.72 -13.68
N ALA B 128 0.24 3.43 -13.51
CA ALA B 128 1.23 2.41 -13.87
C ALA B 128 0.58 1.28 -14.64
N ALA B 129 1.40 0.56 -15.40
CA ALA B 129 0.90 -0.57 -16.19
C ALA B 129 0.21 -1.57 -15.28
N VAL B 130 -1.07 -1.37 -15.07
CA VAL B 130 -1.85 -2.25 -14.21
C VAL B 130 -2.95 -2.95 -15.00
N GLU B 131 -2.80 -4.25 -15.20
CA GLU B 131 -3.79 -5.01 -15.95
C GLU B 131 -4.86 -5.53 -14.99
N PHE B 132 -6.10 -5.16 -15.25
CA PHE B 132 -7.22 -5.59 -14.42
C PHE B 132 -7.90 -6.81 -15.01
N VAL B 133 -7.68 -7.97 -14.39
CA VAL B 133 -8.27 -9.21 -14.87
C VAL B 133 -9.36 -9.73 -13.93
N HIS B 134 -10.62 -9.50 -14.28
CA HIS B 134 -11.73 -9.96 -13.47
C HIS B 134 -11.76 -11.49 -13.46
N TYR B 135 -12.29 -12.09 -12.40
CA TYR B 135 -12.34 -13.55 -12.33
C TYR B 135 -13.34 -14.05 -11.29
N LYS B 136 -14.16 -15.03 -11.72
CA LYS B 136 -15.13 -15.65 -10.85
C LYS B 136 -14.90 -17.17 -10.90
N ASP B 137 -14.02 -17.55 -11.83
CA ASP B 137 -13.62 -18.93 -12.02
C ASP B 137 -12.15 -18.95 -12.39
N ILE B 138 -11.36 -19.72 -11.64
CA ILE B 138 -9.92 -19.76 -11.87
C ILE B 138 -9.60 -20.30 -13.27
N ALA B 139 -10.20 -21.43 -13.62
CA ALA B 139 -9.94 -22.03 -14.92
C ALA B 139 -10.13 -21.00 -16.04
N LEU B 140 -10.74 -19.87 -15.70
CA LEU B 140 -10.96 -18.80 -16.66
C LEU B 140 -9.97 -17.67 -16.41
N ALA B 141 -9.69 -17.44 -15.13
CA ALA B 141 -8.75 -16.40 -14.72
C ALA B 141 -7.36 -16.71 -15.23
N LYS B 142 -7.09 -17.99 -15.48
CA LYS B 142 -5.79 -18.39 -15.98
C LYS B 142 -5.52 -17.75 -17.32
N PRO B 143 -6.29 -18.07 -18.32
CA PRO B 143 -6.12 -17.50 -19.69
C PRO B 143 -6.33 -15.99 -19.69
N GLN B 144 -7.23 -15.53 -18.83
CA GLN B 144 -7.52 -14.10 -18.75
C GLN B 144 -6.32 -13.36 -18.16
N ILE B 145 -5.81 -13.89 -17.06
CA ILE B 145 -4.66 -13.30 -16.40
C ILE B 145 -3.42 -13.42 -17.29
N ASP B 146 -3.41 -14.46 -18.12
CA ASP B 146 -2.29 -14.68 -19.03
C ASP B 146 -2.29 -13.66 -20.15
N ALA B 147 -3.46 -13.42 -20.73
CA ALA B 147 -3.56 -12.46 -21.81
C ALA B 147 -3.19 -11.08 -21.33
N ALA B 148 -3.76 -10.68 -20.20
CA ALA B 148 -3.46 -9.36 -19.65
C ALA B 148 -2.03 -9.30 -19.15
N ILE B 149 -1.50 -10.44 -18.75
CA ILE B 149 -0.13 -10.50 -18.23
C ILE B 149 0.89 -10.31 -19.36
N ARG B 150 0.62 -10.89 -20.52
CA ARG B 150 1.53 -10.77 -21.65
C ARG B 150 1.41 -9.41 -22.33
N LYS B 151 0.19 -8.94 -22.49
CA LYS B 151 -0.04 -7.65 -23.12
C LYS B 151 0.55 -6.54 -22.26
N VAL B 152 0.38 -6.68 -20.95
CA VAL B 152 0.88 -5.69 -20.01
C VAL B 152 2.41 -5.70 -20.00
N VAL B 153 2.98 -6.89 -19.89
CA VAL B 153 4.43 -7.02 -19.88
C VAL B 153 5.01 -6.60 -21.23
N ASP B 154 4.18 -6.71 -22.27
CA ASP B 154 4.61 -6.35 -23.61
C ASP B 154 4.47 -4.84 -23.81
N ARG B 155 3.57 -4.21 -23.06
CA ARG B 155 3.39 -2.78 -23.17
C ARG B 155 4.49 -2.05 -22.40
N VAL B 156 4.95 -2.66 -21.32
CA VAL B 156 5.99 -2.06 -20.50
C VAL B 156 7.38 -2.61 -20.86
N ASN B 157 7.42 -3.81 -21.43
CA ASN B 157 8.69 -4.42 -21.78
C ASN B 157 8.66 -5.01 -23.20
N ASN B 158 7.46 -5.12 -23.75
CA ASN B 158 7.30 -5.67 -25.09
C ASN B 158 7.93 -7.06 -25.18
N PRO B 159 7.50 -7.85 -26.12
CA PRO B 159 8.04 -9.22 -26.32
C PRO B 159 9.53 -9.19 -26.64
N ALA B 160 10.16 -10.36 -26.62
CA ALA B 160 11.58 -10.45 -26.90
C ALA B 160 11.85 -10.49 -28.41
N ALA B 161 10.78 -10.41 -29.19
CA ALA B 161 10.92 -10.44 -30.64
C ALA B 161 10.24 -9.24 -31.29
N THR B 162 10.52 -9.03 -32.58
CA THR B 162 9.93 -7.92 -33.30
C THR B 162 9.48 -8.38 -34.70
N PRO B 163 8.85 -9.52 -34.76
CA PRO B 163 8.35 -10.11 -36.04
C PRO B 163 6.91 -9.69 -36.33
N LYS A 1 19.42 21.58 9.52
CA LYS A 1 18.24 22.31 8.97
C LYS A 1 16.96 21.71 9.51
N ALA A 2 17.06 20.53 10.11
CA ALA A 2 15.89 19.85 10.66
C ALA A 2 14.75 20.84 10.88
N GLY A 3 13.56 20.47 10.44
CA GLY A 3 12.39 21.33 10.58
C GLY A 3 11.32 20.92 9.59
N VAL A 4 10.90 19.67 9.66
CA VAL A 4 9.87 19.15 8.78
C VAL A 4 9.29 20.27 7.92
N ARG A 5 9.80 20.42 6.70
CA ARG A 5 9.33 21.48 5.80
C ARG A 5 7.92 21.17 5.30
N SER A 6 7.62 19.88 5.15
CA SER A 6 6.31 19.46 4.68
C SER A 6 6.00 18.03 5.12
N VAL A 7 4.81 17.83 5.63
CA VAL A 7 4.40 16.50 6.09
C VAL A 7 3.30 15.92 5.20
N PHE A 8 3.42 14.63 4.92
CA PHE A 8 2.42 13.94 4.09
C PHE A 8 1.26 13.49 4.97
N LEU A 9 0.05 13.89 4.61
CA LEU A 9 -1.11 13.51 5.41
C LEU A 9 -2.03 12.56 4.64
N ALA A 10 -2.26 11.39 5.21
CA ALA A 10 -3.12 10.38 4.60
C ALA A 10 -3.95 9.70 5.69
N GLY A 11 -5.06 9.08 5.31
CA GLY A 11 -5.91 8.41 6.28
C GLY A 11 -6.75 7.33 5.62
N PRO A 12 -7.80 6.92 6.28
CA PRO A 12 -8.72 5.87 5.76
C PRO A 12 -9.59 6.36 4.61
N PHE A 13 -9.18 7.47 3.99
CA PHE A 13 -9.93 8.03 2.87
C PHE A 13 -11.14 7.18 2.55
N MET A 14 -11.14 6.56 1.37
CA MET A 14 -12.26 5.72 0.98
C MET A 14 -12.93 5.11 2.21
N GLY A 15 -12.23 4.19 2.87
CA GLY A 15 -12.78 3.55 4.05
C GLY A 15 -13.61 4.54 4.85
N LEU A 16 -12.94 5.43 5.58
CA LEU A 16 -13.65 6.44 6.36
C LEU A 16 -14.92 6.86 5.62
N VAL A 17 -14.85 6.76 4.31
CA VAL A 17 -15.96 7.13 3.45
C VAL A 17 -16.60 5.90 2.83
N ASN A 18 -17.63 6.14 2.01
CA ASN A 18 -18.30 5.05 1.34
C ASN A 18 -17.63 4.81 -0.01
N PRO A 19 -17.32 3.58 -0.31
CA PRO A 19 -16.65 3.17 -1.56
C PRO A 19 -16.97 4.09 -2.75
N GLU A 20 -16.33 5.26 -2.78
CA GLU A 20 -16.53 6.22 -3.88
C GLU A 20 -17.83 7.00 -3.70
N THR A 21 -18.02 7.58 -2.51
CA THR A 21 -19.21 8.36 -2.21
C THR A 21 -19.22 8.72 -0.72
N ASN A 22 -20.31 9.32 -0.25
CA ASN A 22 -20.43 9.69 1.16
C ASN A 22 -19.91 11.11 1.37
N SER A 23 -19.53 11.42 2.60
CA SER A 23 -19.02 12.75 2.92
C SER A 23 -18.02 12.68 4.07
N MET A 24 -16.76 12.93 3.76
CA MET A 24 -15.71 12.90 4.78
C MET A 24 -16.17 13.58 6.06
N PRO A 25 -16.44 12.80 7.07
CA PRO A 25 -16.91 13.32 8.40
C PRO A 25 -16.08 14.52 8.87
N SER A 26 -16.79 15.54 9.36
CA SER A 26 -16.12 16.75 9.83
C SER A 26 -15.27 16.45 11.05
N ALA A 27 -15.81 15.66 11.98
CA ALA A 27 -15.07 15.32 13.18
C ALA A 27 -13.75 14.65 12.82
N GLU A 28 -13.56 14.36 11.54
CA GLU A 28 -12.32 13.74 11.09
C GLU A 28 -11.45 14.78 10.41
N GLN A 29 -11.94 15.31 9.28
CA GLN A 29 -11.19 16.33 8.57
C GLN A 29 -10.79 17.44 9.53
N LEU A 30 -11.63 17.66 10.53
CA LEU A 30 -11.36 18.68 11.55
C LEU A 30 -10.05 18.37 12.24
N PRO A 31 -10.00 17.28 12.98
CA PRO A 31 -8.76 16.86 13.67
C PRO A 31 -7.57 17.04 12.73
N PHE A 32 -7.82 16.82 11.44
CA PHE A 32 -6.79 16.98 10.43
C PHE A 32 -6.53 18.46 10.22
N LEU A 33 -7.56 19.27 10.40
CA LEU A 33 -7.42 20.71 10.25
C LEU A 33 -6.48 21.24 11.32
N THR A 34 -6.60 20.70 12.52
CA THR A 34 -5.75 21.10 13.62
C THR A 34 -4.35 20.58 13.40
N LEU A 35 -4.21 19.26 13.30
CA LEU A 35 -2.91 18.66 13.06
C LEU A 35 -2.26 19.35 11.88
N ILE A 36 -3.01 19.45 10.79
CA ILE A 36 -2.54 20.12 9.60
C ILE A 36 -2.27 21.60 9.90
N GLU A 37 -2.99 22.12 10.90
CA GLU A 37 -2.84 23.50 11.30
C GLU A 37 -1.46 23.74 11.90
N HIS A 38 -1.09 22.93 12.89
CA HIS A 38 0.24 23.09 13.48
C HIS A 38 1.30 22.75 12.44
N PHE A 39 0.90 21.95 11.48
CA PHE A 39 1.81 21.55 10.41
C PHE A 39 2.22 22.77 9.60
N GLU A 40 1.24 23.54 9.13
CA GLU A 40 1.51 24.74 8.35
C GLU A 40 1.86 25.89 9.28
N LYS A 41 1.61 25.71 10.57
CA LYS A 41 1.92 26.74 11.55
C LYS A 41 3.40 26.68 11.89
N GLN A 42 3.92 25.47 12.06
CA GLN A 42 5.34 25.30 12.35
C GLN A 42 6.16 25.46 11.08
N GLY A 43 5.61 24.97 9.97
CA GLY A 43 6.29 25.04 8.67
C GLY A 43 6.23 23.68 7.96
N LEU A 44 5.28 22.86 8.37
CA LEU A 44 5.10 21.53 7.80
C LEU A 44 4.00 21.52 6.75
N GLU A 45 4.39 21.72 5.50
CA GLU A 45 3.44 21.73 4.41
C GLU A 45 2.75 20.37 4.28
N VAL A 46 1.47 20.34 4.61
CA VAL A 46 0.71 19.09 4.54
C VAL A 46 0.49 18.66 3.10
N PHE A 47 1.38 17.82 2.61
CA PHE A 47 1.28 17.31 1.25
C PHE A 47 0.25 16.20 1.16
N ASN A 48 -0.45 16.13 0.04
CA ASN A 48 -1.47 15.11 -0.18
C ASN A 48 -2.80 15.48 0.45
N ALA A 49 -3.03 15.03 1.69
CA ALA A 49 -4.29 15.32 2.37
C ALA A 49 -5.40 15.43 1.34
N HIS A 50 -6.29 16.38 1.57
CA HIS A 50 -7.40 16.62 0.67
C HIS A 50 -8.01 17.97 0.99
N ARG A 51 -7.78 18.41 2.23
CA ARG A 51 -8.27 19.69 2.70
C ARG A 51 -9.31 20.27 1.73
N ARG A 52 -8.94 21.36 1.06
CA ARG A 52 -9.84 22.00 0.11
C ARG A 52 -10.81 20.99 -0.49
N GLU A 53 -10.30 19.81 -0.79
CA GLU A 53 -11.13 18.75 -1.37
C GLU A 53 -11.82 17.95 -0.28
N ALA A 54 -11.08 17.59 0.76
CA ALA A 54 -11.66 16.83 1.85
C ALA A 54 -12.87 17.56 2.43
N TRP A 55 -13.03 18.83 2.05
CA TRP A 55 -14.15 19.63 2.55
C TRP A 55 -15.12 19.99 1.42
N GLY A 56 -14.58 20.29 0.24
CA GLY A 56 -15.42 20.67 -0.90
C GLY A 56 -15.38 19.62 -2.00
N ALA A 57 -15.20 18.36 -1.62
CA ALA A 57 -15.13 17.28 -2.60
C ALA A 57 -14.21 16.16 -2.11
N GLN A 58 -14.33 15.84 -0.83
CA GLN A 58 -13.50 14.79 -0.24
C GLN A 58 -13.57 13.50 -1.05
N VAL A 59 -13.03 12.44 -0.47
CA VAL A 59 -13.03 11.14 -1.14
C VAL A 59 -12.62 11.29 -2.60
N LEU A 60 -11.47 11.92 -2.81
CA LEU A 60 -10.96 12.12 -4.15
C LEU A 60 -10.90 10.79 -4.89
N THR A 61 -11.40 10.77 -6.12
CA THR A 61 -11.40 9.56 -6.91
C THR A 61 -9.99 9.01 -7.05
N PRO A 62 -9.88 7.72 -7.11
CA PRO A 62 -8.57 7.02 -7.24
C PRO A 62 -7.65 7.69 -8.26
N GLU A 63 -8.25 8.23 -9.32
CA GLU A 63 -7.50 8.88 -10.38
C GLU A 63 -6.86 10.18 -9.90
N GLU A 64 -7.14 10.53 -8.64
CA GLU A 64 -6.59 11.74 -8.06
C GLU A 64 -5.89 11.42 -6.75
N CYS A 65 -6.61 10.74 -5.86
CA CYS A 65 -6.05 10.36 -4.57
C CYS A 65 -4.77 9.55 -4.74
N THR A 66 -4.80 8.59 -5.66
CA THR A 66 -3.62 7.75 -5.89
C THR A 66 -2.45 8.58 -6.40
N PRO A 67 -2.53 9.08 -7.60
CA PRO A 67 -1.44 9.90 -8.20
C PRO A 67 -0.89 10.92 -7.22
N LEU A 68 -1.77 11.78 -6.69
CA LEU A 68 -1.33 12.79 -5.73
C LEU A 68 -0.71 12.14 -4.51
N ASP A 69 -1.24 10.98 -4.13
CA ASP A 69 -0.70 10.29 -2.97
C ASP A 69 0.71 9.80 -3.28
N GLN A 70 0.90 9.25 -4.47
CA GLN A 70 2.20 8.73 -4.88
C GLN A 70 3.23 9.86 -4.99
N LEU A 71 2.86 10.90 -5.73
CA LEU A 71 3.75 12.03 -5.91
C LEU A 71 3.93 12.80 -4.61
N GLU A 72 2.87 12.84 -3.80
CA GLU A 72 2.94 13.51 -2.51
C GLU A 72 3.67 12.61 -1.51
N ILE A 73 3.75 11.32 -1.85
CA ILE A 73 4.44 10.36 -1.00
C ILE A 73 5.95 10.58 -1.09
N ARG A 74 6.45 10.63 -2.32
CA ARG A 74 7.88 10.85 -2.54
C ARG A 74 8.21 12.32 -2.39
N LYS A 75 7.25 13.19 -2.70
CA LYS A 75 7.46 14.62 -2.60
C LYS A 75 7.50 15.05 -1.13
N ALA A 76 6.51 14.61 -0.36
CA ALA A 76 6.44 14.94 1.06
C ALA A 76 7.79 14.71 1.75
N ASP A 77 8.18 15.65 2.60
CA ASP A 77 9.45 15.53 3.33
C ASP A 77 9.35 14.48 4.43
N VAL A 78 8.23 14.50 5.13
CA VAL A 78 8.00 13.54 6.21
C VAL A 78 6.67 12.85 6.02
N PHE A 79 6.72 11.54 5.81
CA PHE A 79 5.50 10.77 5.60
C PHE A 79 4.71 10.66 6.90
N VAL A 80 3.51 11.20 6.91
CA VAL A 80 2.65 11.14 8.10
C VAL A 80 1.30 10.58 7.71
N ALA A 81 1.03 9.35 8.14
CA ALA A 81 -0.22 8.70 7.82
C ALA A 81 -1.06 8.50 9.07
N ILE A 82 -2.30 8.06 8.85
CA ILE A 82 -3.22 7.81 9.94
C ILE A 82 -4.03 6.56 9.69
N PRO A 83 -3.66 5.48 10.31
CA PRO A 83 -4.37 4.20 10.15
C PRO A 83 -5.83 4.45 9.90
N GLY A 84 -6.57 4.29 10.95
CA GLY A 84 -8.02 4.51 10.92
C GLY A 84 -8.79 3.29 10.45
N ILE A 85 -8.41 2.10 10.93
CA ILE A 85 -9.13 0.90 10.52
C ILE A 85 -10.57 1.26 10.15
N PRO A 86 -11.14 0.57 9.20
CA PRO A 86 -10.46 -0.54 8.47
C PRO A 86 -9.06 -0.16 8.00
N PRO A 87 -8.21 -1.13 7.81
CA PRO A 87 -6.81 -0.90 7.35
C PRO A 87 -6.74 0.01 6.13
N SER A 88 -7.10 1.27 6.32
CA SER A 88 -7.10 2.25 5.23
C SER A 88 -6.31 1.73 4.03
N PRO A 89 -6.95 1.57 2.91
CA PRO A 89 -6.29 1.09 1.66
C PRO A 89 -5.35 2.15 1.10
N GLY A 90 -5.85 3.37 0.97
CA GLY A 90 -5.04 4.46 0.46
C GLY A 90 -3.84 4.67 1.36
N THR A 91 -4.10 4.82 2.65
CA THR A 91 -3.01 4.99 3.60
C THR A 91 -2.05 3.82 3.46
N HIS A 92 -2.42 2.66 3.98
CA HIS A 92 -1.57 1.48 3.85
C HIS A 92 -0.73 1.58 2.59
N VAL A 93 -1.34 1.31 1.45
CA VAL A 93 -0.62 1.38 0.18
C VAL A 93 0.29 2.59 0.20
N GLU A 94 -0.16 3.64 0.87
CA GLU A 94 0.63 4.85 0.98
C GLU A 94 1.84 4.59 1.88
N ILE A 95 1.61 3.84 2.94
CA ILE A 95 2.67 3.48 3.87
C ILE A 95 3.63 2.52 3.16
N GLY A 96 3.10 1.40 2.70
CA GLY A 96 3.93 0.45 1.96
C GLY A 96 4.65 1.22 0.87
N TRP A 97 3.95 2.24 0.36
CA TRP A 97 4.50 3.11 -0.65
C TRP A 97 5.73 3.80 -0.09
N ALA A 98 5.57 4.29 1.14
CA ALA A 98 6.67 4.95 1.82
C ALA A 98 7.77 3.93 2.07
N SER A 99 7.42 2.65 1.95
CA SER A 99 8.40 1.60 2.14
C SER A 99 9.34 1.53 0.95
N ALA A 100 8.79 1.27 -0.24
CA ALA A 100 9.65 1.21 -1.43
C ALA A 100 10.07 2.63 -1.80
N PHE A 101 9.33 3.59 -1.27
CA PHE A 101 9.60 5.01 -1.50
C PHE A 101 10.87 5.43 -0.79
N ASP A 102 10.96 5.08 0.49
CA ASP A 102 12.14 5.40 1.30
C ASP A 102 11.91 6.69 2.11
N LYS A 103 10.84 7.41 1.81
CA LYS A 103 10.55 8.64 2.52
C LYS A 103 10.23 8.34 3.99
N PRO A 104 10.86 9.04 4.89
CA PRO A 104 10.63 8.86 6.34
C PRO A 104 9.16 8.60 6.64
N ILE A 105 8.87 7.79 7.65
CA ILE A 105 7.48 7.49 7.97
C ILE A 105 7.13 7.85 9.40
N VAL A 106 5.86 8.20 9.57
CA VAL A 106 5.32 8.60 10.87
C VAL A 106 3.80 8.52 10.83
N LEU A 107 3.21 7.57 11.54
CA LEU A 107 1.77 7.42 11.53
C LEU A 107 1.17 7.70 12.90
N LEU A 108 -0.12 8.03 12.91
CA LEU A 108 -0.82 8.30 14.16
C LEU A 108 -1.69 7.12 14.53
N LEU A 109 -1.06 6.08 15.05
CA LEU A 109 -1.79 4.89 15.45
C LEU A 109 -3.08 5.29 16.15
N GLU A 110 -4.16 4.55 15.92
CA GLU A 110 -5.44 4.88 16.56
C GLU A 110 -5.63 4.10 17.86
N GLU A 111 -4.62 4.11 18.72
CA GLU A 111 -4.69 3.41 19.99
C GLU A 111 -5.74 2.29 19.93
N GLY A 112 -5.90 1.72 18.75
CA GLY A 112 -6.88 0.65 18.56
C GLY A 112 -6.79 0.10 17.14
N ARG A 113 -7.20 0.93 16.17
CA ARG A 113 -7.14 0.52 14.78
C ARG A 113 -5.71 0.08 14.48
N GLU A 114 -4.76 0.92 14.89
CA GLU A 114 -3.35 0.64 14.70
C GLU A 114 -3.07 -0.80 15.12
N GLU A 115 -3.61 -1.16 16.28
CA GLU A 115 -3.44 -2.51 16.81
C GLU A 115 -3.93 -3.50 15.77
N GLU A 116 -5.07 -3.19 15.17
CA GLU A 116 -5.62 -4.05 14.14
C GLU A 116 -4.66 -4.11 12.96
N TYR A 117 -4.22 -2.95 12.50
CA TYR A 117 -3.28 -2.91 11.38
C TYR A 117 -2.23 -3.99 11.56
N GLY A 118 -1.20 -3.63 12.33
CA GLY A 118 -0.10 -4.55 12.60
C GLY A 118 0.47 -5.07 11.30
N PHE A 119 0.29 -6.37 11.09
CA PHE A 119 0.78 -7.02 9.88
C PHE A 119 1.63 -6.08 9.02
N LEU A 120 1.00 -5.06 8.41
CA LEU A 120 1.75 -4.17 7.54
C LEU A 120 2.30 -2.96 8.28
N VAL A 121 1.43 -2.13 8.82
CA VAL A 121 1.89 -0.95 9.53
C VAL A 121 3.03 -1.36 10.45
N ARG A 122 2.84 -2.49 11.11
CA ARG A 122 3.86 -3.01 12.01
C ARG A 122 5.07 -3.45 11.18
N GLY A 123 4.82 -4.29 10.19
CA GLY A 123 5.89 -4.76 9.34
C GLY A 123 6.75 -3.61 8.83
N LEU A 124 6.13 -2.44 8.61
CA LEU A 124 6.90 -1.30 8.12
C LEU A 124 7.71 -0.70 9.25
N GLY A 125 7.12 -0.64 10.43
CA GLY A 125 7.82 -0.08 11.58
C GLY A 125 9.06 -0.92 11.89
N THR A 126 9.05 -2.17 11.46
CA THR A 126 10.17 -3.05 11.70
C THR A 126 11.20 -2.98 10.56
N VAL A 127 10.73 -2.74 9.33
CA VAL A 127 11.65 -2.69 8.19
C VAL A 127 12.14 -1.27 7.91
N ALA A 128 11.22 -0.34 7.63
CA ALA A 128 11.63 1.03 7.31
C ALA A 128 11.32 1.98 8.46
N ALA A 129 11.92 3.16 8.41
CA ALA A 129 11.72 4.17 9.45
C ALA A 129 10.24 4.52 9.56
N VAL A 130 9.54 3.82 10.44
CA VAL A 130 8.12 4.05 10.64
C VAL A 130 7.82 4.33 12.11
N GLU A 131 7.65 5.61 12.44
CA GLU A 131 7.36 6.00 13.81
C GLU A 131 5.88 5.84 14.13
N PHE A 132 5.55 4.91 15.01
CA PHE A 132 4.16 4.68 15.38
C PHE A 132 3.75 5.59 16.53
N VAL A 133 2.86 6.53 16.24
CA VAL A 133 2.40 7.47 17.25
C VAL A 133 0.99 7.14 17.71
N HIS A 134 0.87 6.57 18.90
CA HIS A 134 -0.43 6.24 19.45
C HIS A 134 -1.11 7.53 19.89
N TYR A 135 -2.31 7.81 19.36
CA TYR A 135 -2.97 9.06 19.72
C TYR A 135 -4.48 8.90 19.91
N LYS A 136 -4.97 9.46 21.01
CA LYS A 136 -6.39 9.42 21.33
C LYS A 136 -6.93 10.84 21.33
N ASP A 137 -6.01 11.79 21.42
CA ASP A 137 -6.36 13.21 21.42
C ASP A 137 -5.35 13.98 20.58
N ILE A 138 -5.82 14.59 19.50
CA ILE A 138 -4.93 15.34 18.63
C ILE A 138 -4.25 16.49 19.39
N ALA A 139 -4.96 17.03 20.38
CA ALA A 139 -4.42 18.14 21.17
C ALA A 139 -3.03 17.82 21.68
N LEU A 140 -2.67 16.55 21.67
CA LEU A 140 -1.35 16.12 22.13
C LEU A 140 -0.64 15.35 21.03
N ALA A 141 -1.42 14.79 20.10
CA ALA A 141 -0.84 14.03 19.01
C ALA A 141 0.00 14.92 18.10
N LYS A 142 -0.31 16.23 18.12
CA LYS A 142 0.44 17.17 17.28
C LYS A 142 1.91 17.22 17.71
N PRO A 143 2.14 17.50 18.97
CA PRO A 143 3.53 17.59 19.52
C PRO A 143 4.22 16.23 19.54
N GLN A 144 3.47 15.19 19.89
CA GLN A 144 4.01 13.84 19.93
C GLN A 144 4.41 13.41 18.53
N ILE A 145 3.57 13.73 17.55
CA ILE A 145 3.85 13.38 16.17
C ILE A 145 5.05 14.16 15.65
N ASP A 146 5.18 15.40 16.09
CA ASP A 146 6.30 16.23 15.67
C ASP A 146 7.60 15.66 16.22
N ALA A 147 7.53 15.10 17.42
CA ALA A 147 8.71 14.52 18.05
C ALA A 147 9.08 13.22 17.35
N ALA A 148 8.12 12.32 17.22
CA ALA A 148 8.35 11.04 16.55
C ALA A 148 8.74 11.29 15.10
N ILE A 149 8.17 12.36 14.54
CA ILE A 149 8.47 12.75 13.17
C ILE A 149 9.91 13.22 13.05
N ARG A 150 10.27 14.14 13.94
CA ARG A 150 11.61 14.70 13.97
C ARG A 150 12.65 13.62 14.30
N LYS A 151 12.26 12.68 15.16
CA LYS A 151 13.18 11.62 15.55
C LYS A 151 13.43 10.69 14.37
N VAL A 152 12.35 10.21 13.78
CA VAL A 152 12.44 9.32 12.64
C VAL A 152 13.14 10.01 11.48
N VAL A 153 12.93 11.33 11.37
CA VAL A 153 13.55 12.11 10.32
C VAL A 153 15.05 12.15 10.50
N ASP A 154 15.49 12.42 11.73
CA ASP A 154 16.92 12.47 12.02
C ASP A 154 17.47 11.05 12.06
N ARG A 155 16.55 10.09 12.12
CA ARG A 155 16.93 8.68 12.16
C ARG A 155 17.39 8.24 10.76
N VAL A 156 16.68 8.69 9.74
CA VAL A 156 17.02 8.32 8.37
C VAL A 156 17.82 9.43 7.67
N ASN A 157 17.63 10.66 8.12
CA ASN A 157 18.33 11.80 7.51
C ASN A 157 19.38 12.37 8.45
N ASN A 158 19.38 11.90 9.68
CA ASN A 158 20.34 12.37 10.68
C ASN A 158 21.21 13.50 10.14
N PRO A 159 20.60 14.63 9.84
CA PRO A 159 21.33 15.81 9.31
C PRO A 159 22.10 16.56 10.40
N ALA A 160 21.61 16.49 11.63
CA ALA A 160 22.26 17.17 12.74
C ALA A 160 22.21 18.67 12.53
N ALA A 161 22.05 19.43 13.62
CA ALA A 161 21.99 20.89 13.52
C ALA A 161 23.17 21.53 14.23
N THR A 162 24.30 21.57 13.53
CA THR A 162 25.52 22.16 14.10
C THR A 162 25.43 22.24 15.63
N PRO A 163 26.21 21.43 16.29
CA PRO A 163 26.23 21.40 17.79
C PRO A 163 26.59 22.75 18.40
N LYS B 1 11.35 -14.24 -24.02
CA LYS B 1 11.45 -15.23 -22.92
C LYS B 1 10.13 -15.28 -22.15
N ALA B 2 9.26 -14.32 -22.45
CA ALA B 2 7.96 -14.25 -21.77
C ALA B 2 7.58 -15.61 -21.22
N GLY B 3 7.14 -15.63 -19.97
CA GLY B 3 6.75 -16.88 -19.33
C GLY B 3 6.82 -16.74 -17.81
N VAL B 4 6.06 -15.80 -17.27
CA VAL B 4 6.05 -15.57 -15.84
C VAL B 4 6.84 -16.64 -15.10
N ARG B 5 8.08 -16.33 -14.75
CA ARG B 5 8.93 -17.28 -14.05
C ARG B 5 8.47 -17.45 -12.60
N SER B 6 7.93 -16.38 -12.04
CA SER B 6 7.45 -16.42 -10.66
C SER B 6 6.41 -15.35 -10.42
N VAL B 7 5.33 -15.71 -9.74
CA VAL B 7 4.26 -14.77 -9.46
C VAL B 7 4.13 -14.48 -7.97
N PHE B 8 3.96 -13.20 -7.63
CA PHE B 8 3.81 -12.79 -6.23
C PHE B 8 2.35 -12.99 -5.81
N LEU B 9 2.14 -13.74 -4.74
CA LEU B 9 0.78 -13.98 -4.26
C LEU B 9 0.55 -13.33 -2.91
N ALA B 10 -0.45 -12.45 -2.86
CA ALA B 10 -0.80 -11.76 -1.64
C ALA B 10 -2.32 -11.65 -1.52
N GLY B 11 -2.82 -11.52 -0.30
CA GLY B 11 -4.26 -11.42 -0.10
C GLY B 11 -4.58 -10.62 1.15
N PRO B 12 -5.80 -10.72 1.61
CA PRO B 12 -6.28 -10.01 2.83
C PRO B 12 -5.66 -10.57 4.10
N PHE B 13 -4.55 -11.30 3.96
CA PHE B 13 -3.88 -11.88 5.11
C PHE B 13 -4.60 -11.50 6.39
N MET B 14 -3.93 -10.74 7.26
CA MET B 14 -4.52 -10.32 8.50
C MET B 14 -6.04 -10.25 8.39
N GLY B 15 -6.52 -9.28 7.61
CA GLY B 15 -7.95 -9.13 7.45
C GLY B 15 -8.62 -10.50 7.40
N LEU B 16 -8.52 -11.16 6.25
CA LEU B 16 -9.11 -12.50 6.13
C LEU B 16 -9.04 -13.20 7.48
N VAL B 17 -8.00 -12.86 8.24
CA VAL B 17 -7.80 -13.46 9.55
C VAL B 17 -8.11 -12.46 10.65
N ASN B 18 -7.94 -12.91 11.90
CA ASN B 18 -8.18 -12.05 13.04
C ASN B 18 -6.88 -11.33 13.40
N PRO B 19 -6.95 -10.05 13.57
CA PRO B 19 -5.79 -9.19 13.92
C PRO B 19 -4.69 -9.91 14.71
N GLU B 20 -3.90 -10.73 14.02
CA GLU B 20 -2.82 -11.47 14.67
C GLU B 20 -3.34 -12.70 15.41
N THR B 21 -4.14 -13.51 14.70
CA THR B 21 -4.71 -14.73 15.28
C THR B 21 -5.69 -15.36 14.29
N ASN B 22 -6.43 -16.37 14.74
CA ASN B 22 -7.39 -17.04 13.89
C ASN B 22 -6.71 -18.13 13.07
N SER B 23 -7.35 -18.53 11.97
CA SER B 23 -6.79 -19.56 11.11
C SER B 23 -7.21 -19.34 9.66
N MET B 24 -6.23 -19.05 8.82
CA MET B 24 -6.49 -18.81 7.42
C MET B 24 -7.47 -19.84 6.86
N PRO B 25 -8.68 -19.43 6.60
CA PRO B 25 -9.73 -20.34 6.05
C PRO B 25 -9.22 -21.22 4.92
N SER B 26 -9.54 -22.51 4.96
CA SER B 26 -9.11 -23.44 3.93
C SER B 26 -9.71 -23.08 2.59
N ALA B 27 -11.00 -22.78 2.58
CA ALA B 27 -11.67 -22.41 1.35
C ALA B 27 -10.96 -21.23 0.67
N GLU B 28 -10.02 -20.62 1.38
CA GLU B 28 -9.26 -19.49 0.83
C GLU B 28 -7.90 -19.99 0.35
N GLN B 29 -7.09 -20.46 1.31
CA GLN B 29 -5.77 -20.99 0.98
C GLN B 29 -5.89 -22.02 -0.14
N LEU B 30 -7.00 -22.75 -0.13
CA LEU B 30 -7.25 -23.76 -1.15
C LEU B 30 -7.21 -23.12 -2.51
N PRO B 31 -8.14 -22.25 -2.81
CA PRO B 31 -8.17 -21.53 -4.10
C PRO B 31 -6.77 -21.08 -4.46
N PHE B 32 -6.02 -20.70 -3.44
CA PHE B 32 -4.64 -20.26 -3.63
C PHE B 32 -3.77 -21.46 -4.00
N LEU B 33 -4.16 -22.63 -3.49
CA LEU B 33 -3.43 -23.86 -3.78
C LEU B 33 -3.57 -24.19 -5.26
N THR B 34 -4.76 -23.92 -5.80
CA THR B 34 -5.02 -24.16 -7.20
C THR B 34 -4.31 -23.12 -8.05
N LEU B 35 -4.65 -21.85 -7.84
CA LEU B 35 -4.02 -20.77 -8.57
C LEU B 35 -2.51 -20.92 -8.48
N ILE B 36 -2.05 -21.15 -7.25
CA ILE B 36 -0.63 -21.34 -7.01
C ILE B 36 -0.17 -22.62 -7.68
N GLU B 37 -1.11 -23.56 -7.83
CA GLU B 37 -0.81 -24.83 -8.47
C GLU B 37 -0.47 -24.63 -9.94
N HIS B 38 -1.34 -23.94 -10.67
CA HIS B 38 -1.06 -23.70 -12.07
C HIS B 38 0.15 -22.78 -12.18
N PHE B 39 0.41 -22.03 -11.10
CA PHE B 39 1.55 -21.13 -11.08
C PHE B 39 2.84 -21.93 -11.12
N GLU B 40 2.97 -22.90 -10.23
CA GLU B 40 4.16 -23.73 -10.18
C GLU B 40 4.09 -24.82 -11.25
N LYS B 41 2.90 -24.98 -11.83
CA LYS B 41 2.70 -25.98 -12.87
C LYS B 41 3.19 -25.41 -14.21
N GLN B 42 2.86 -24.15 -14.47
CA GLN B 42 3.29 -23.51 -15.71
C GLN B 42 4.76 -23.09 -15.58
N GLY B 43 5.12 -22.66 -14.39
CA GLY B 43 6.50 -22.22 -14.12
C GLY B 43 6.50 -20.90 -13.37
N LEU B 44 5.36 -20.57 -12.76
CA LEU B 44 5.22 -19.33 -12.01
C LEU B 44 5.46 -19.55 -10.53
N GLU B 45 6.70 -19.36 -10.11
CA GLU B 45 7.06 -19.53 -8.71
C GLU B 45 6.28 -18.54 -7.85
N VAL B 46 5.34 -19.06 -7.06
CA VAL B 46 4.53 -18.21 -6.20
C VAL B 46 5.36 -17.65 -5.06
N PHE B 47 5.85 -16.44 -5.24
CA PHE B 47 6.65 -15.77 -4.23
C PHE B 47 5.76 -15.15 -3.17
N ASN B 48 6.28 -15.04 -1.94
CA ASN B 48 5.51 -14.47 -0.85
C ASN B 48 4.47 -15.45 -0.31
N ALA B 49 3.24 -15.34 -0.80
CA ALA B 49 2.19 -16.24 -0.33
C ALA B 49 2.43 -16.59 1.13
N HIS B 50 2.12 -17.81 1.49
CA HIS B 50 2.32 -18.27 2.85
C HIS B 50 2.29 -19.79 2.86
N ARG B 51 1.63 -20.33 1.83
CA ARG B 51 1.50 -21.78 1.68
C ARG B 51 1.94 -22.51 2.95
N ARG B 52 3.05 -23.24 2.86
CA ARG B 52 3.56 -23.99 4.00
C ARG B 52 3.14 -23.34 5.31
N GLU B 53 3.21 -22.02 5.35
CA GLU B 53 2.85 -21.27 6.54
C GLU B 53 1.34 -21.01 6.57
N ALA B 54 0.79 -20.65 5.42
CA ALA B 54 -0.65 -20.36 5.35
C ALA B 54 -1.44 -21.59 5.79
N TRP B 55 -0.76 -22.73 5.88
CA TRP B 55 -1.43 -23.97 6.27
C TRP B 55 -0.93 -24.45 7.63
N GLY B 56 0.35 -24.25 7.92
CA GLY B 56 0.91 -24.70 9.19
C GLY B 56 1.38 -23.53 10.06
N ALA B 57 0.75 -22.37 9.89
CA ALA B 57 1.12 -21.19 10.66
C ALA B 57 0.81 -19.92 9.86
N GLN B 58 -0.37 -19.91 9.24
CA GLN B 58 -0.79 -18.76 8.44
C GLN B 58 -0.70 -17.47 9.23
N VAL B 59 -1.27 -16.40 8.66
CA VAL B 59 -1.26 -15.10 9.33
C VAL B 59 0.12 -14.78 9.87
N LEU B 60 1.13 -14.89 9.01
CA LEU B 60 2.50 -14.62 9.42
C LEU B 60 2.60 -13.24 10.07
N THR B 61 3.29 -13.17 11.20
CA THR B 61 3.43 -11.92 11.93
C THR B 61 4.06 -10.85 11.04
N PRO B 62 3.65 -9.64 11.23
CA PRO B 62 4.16 -8.49 10.46
C PRO B 62 5.67 -8.53 10.26
N GLU B 63 6.37 -9.08 11.25
CA GLU B 63 7.83 -9.17 11.19
C GLU B 63 8.28 -10.21 10.17
N GLU B 64 7.32 -10.87 9.55
CA GLU B 64 7.63 -11.88 8.54
C GLU B 64 6.89 -11.58 7.24
N CYS B 65 5.57 -11.41 7.36
CA CYS B 65 4.74 -11.11 6.21
C CYS B 65 5.20 -9.84 5.50
N THR B 66 5.52 -8.80 6.27
CA THR B 66 5.95 -7.55 5.67
C THR B 66 7.27 -7.73 4.92
N PRO B 67 8.34 -8.00 5.63
CA PRO B 67 9.68 -8.21 5.01
C PRO B 67 9.60 -9.12 3.78
N LEU B 68 9.07 -10.32 3.97
CA LEU B 68 8.95 -11.27 2.87
C LEU B 68 8.10 -10.68 1.77
N ASP B 69 7.10 -9.90 2.14
CA ASP B 69 6.23 -9.27 1.16
C ASP B 69 7.00 -8.23 0.37
N GLN B 70 7.82 -7.44 1.06
CA GLN B 70 8.61 -6.41 0.42
C GLN B 70 9.64 -7.02 -0.53
N LEU B 71 10.41 -7.96 0.00
CA LEU B 71 11.45 -8.61 -0.80
C LEU B 71 10.82 -9.49 -1.87
N GLU B 72 9.68 -10.09 -1.55
CA GLU B 72 8.97 -10.93 -2.50
C GLU B 72 8.23 -10.04 -3.51
N ILE B 73 8.05 -8.78 -3.13
CA ILE B 73 7.38 -7.81 -4.00
C ILE B 73 8.30 -7.42 -5.14
N ARG B 74 9.51 -7.02 -4.78
CA ARG B 74 10.50 -6.62 -5.78
C ARG B 74 11.12 -7.85 -6.42
N LYS B 75 11.21 -8.94 -5.65
CA LYS B 75 11.78 -10.18 -6.16
C LYS B 75 10.83 -10.83 -7.16
N ALA B 76 9.56 -10.95 -6.79
CA ALA B 76 8.57 -11.57 -7.65
C ALA B 76 8.63 -10.97 -9.06
N ASP B 77 8.56 -11.83 -10.06
CA ASP B 77 8.61 -11.39 -11.45
C ASP B 77 7.31 -10.69 -11.84
N VAL B 78 6.19 -11.28 -11.46
CA VAL B 78 4.89 -10.71 -11.76
C VAL B 78 4.07 -10.54 -10.48
N PHE B 79 3.78 -9.30 -10.12
CA PHE B 79 3.02 -9.05 -8.92
C PHE B 79 1.57 -9.49 -9.09
N VAL B 80 1.15 -10.46 -8.29
CA VAL B 80 -0.21 -10.96 -8.36
C VAL B 80 -0.83 -10.90 -6.97
N ALA B 81 -1.74 -9.96 -6.77
CA ALA B 81 -2.38 -9.79 -5.47
C ALA B 81 -3.86 -10.16 -5.55
N ILE B 82 -4.51 -10.17 -4.39
CA ILE B 82 -5.93 -10.49 -4.33
C ILE B 82 -6.61 -9.61 -3.31
N PRO B 83 -7.29 -8.60 -3.76
CA PRO B 83 -8.02 -7.68 -2.86
C PRO B 83 -8.52 -8.42 -1.64
N GLY B 84 -9.78 -8.75 -1.71
CA GLY B 84 -10.44 -9.50 -0.63
C GLY B 84 -10.92 -8.59 0.50
N ILE B 85 -11.57 -7.48 0.15
CA ILE B 85 -12.08 -6.59 1.20
C ILE B 85 -12.38 -7.38 2.47
N PRO B 86 -12.19 -6.79 3.62
CA PRO B 86 -11.70 -5.39 3.75
C PRO B 86 -10.48 -5.10 2.89
N PRO B 87 -10.25 -3.86 2.56
CA PRO B 87 -9.09 -3.46 1.72
C PRO B 87 -7.77 -4.03 2.25
N SER B 88 -7.63 -5.34 2.14
CA SER B 88 -6.42 -6.02 2.61
C SER B 88 -5.29 -5.01 2.85
N PRO B 89 -4.82 -4.93 4.06
CA PRO B 89 -3.71 -4.01 4.42
C PRO B 89 -2.39 -4.49 3.83
N GLY B 90 -2.06 -5.75 4.08
CA GLY B 90 -0.82 -6.32 3.55
C GLY B 90 -0.82 -6.23 2.04
N THR B 91 -1.90 -6.70 1.42
CA THR B 91 -2.00 -6.64 -0.03
C THR B 91 -1.83 -5.19 -0.47
N HIS B 92 -2.87 -4.39 -0.28
CA HIS B 92 -2.79 -2.98 -0.65
C HIS B 92 -1.35 -2.51 -0.55
N VAL B 93 -0.90 -2.28 0.68
CA VAL B 93 0.47 -1.82 0.89
C VAL B 93 1.39 -2.57 -0.05
N GLU B 94 1.04 -3.82 -0.32
CA GLU B 94 1.83 -4.64 -1.24
C GLU B 94 1.65 -4.12 -2.66
N ILE B 95 0.43 -3.73 -2.98
CA ILE B 95 0.13 -3.18 -4.29
C ILE B 95 0.80 -1.82 -4.41
N GLY B 96 0.47 -0.92 -3.49
CA GLY B 96 1.11 0.38 -3.49
C GLY B 96 2.60 0.17 -3.52
N TRP B 97 3.03 -0.91 -2.87
CA TRP B 97 4.42 -1.29 -2.86
C TRP B 97 4.86 -1.53 -4.27
N ALA B 98 4.05 -2.29 -5.00
CA ALA B 98 4.32 -2.59 -6.38
C ALA B 98 4.33 -1.29 -7.19
N SER B 99 3.73 -0.25 -6.61
CA SER B 99 3.67 1.05 -7.27
C SER B 99 5.05 1.69 -7.26
N ALA B 100 5.60 1.94 -6.06
CA ALA B 100 6.93 2.52 -5.99
C ALA B 100 7.97 1.48 -6.34
N PHE B 101 7.55 0.22 -6.28
CA PHE B 101 8.42 -0.90 -6.60
C PHE B 101 8.69 -0.93 -8.10
N ASP B 102 7.62 -0.82 -8.89
CA ASP B 102 7.74 -0.83 -10.35
C ASP B 102 7.49 -2.22 -10.92
N LYS B 103 7.43 -3.22 -10.05
CA LYS B 103 7.18 -4.58 -10.49
C LYS B 103 5.78 -4.71 -11.09
N PRO B 104 5.68 -5.31 -12.25
CA PRO B 104 4.39 -5.52 -12.96
C PRO B 104 3.29 -5.90 -11.97
N ILE B 105 2.06 -5.43 -12.19
CA ILE B 105 0.99 -5.75 -11.27
C ILE B 105 -0.16 -6.49 -11.94
N VAL B 106 -0.82 -7.32 -11.14
CA VAL B 106 -1.93 -8.13 -11.59
C VAL B 106 -2.71 -8.63 -10.38
N LEU B 107 -3.93 -8.14 -10.20
CA LEU B 107 -4.72 -8.55 -9.05
C LEU B 107 -6.00 -9.28 -9.46
N LEU B 108 -6.50 -10.12 -8.56
CA LEU B 108 -7.72 -10.87 -8.83
C LEU B 108 -8.90 -10.17 -8.15
N LEU B 109 -9.37 -9.09 -8.77
CA LEU B 109 -10.49 -8.36 -8.22
C LEU B 109 -11.55 -9.33 -7.73
N GLU B 110 -12.23 -8.99 -6.64
CA GLU B 110 -13.24 -9.89 -6.10
C GLU B 110 -14.64 -9.52 -6.60
N GLU B 111 -14.77 -9.35 -7.90
CA GLU B 111 -16.06 -8.99 -8.49
C GLU B 111 -16.98 -8.37 -7.44
N GLY B 112 -16.39 -7.69 -6.47
CA GLY B 112 -17.15 -7.03 -5.41
C GLY B 112 -16.21 -6.24 -4.51
N ARG B 113 -15.38 -6.95 -3.76
CA ARG B 113 -14.42 -6.29 -2.89
C ARG B 113 -13.60 -5.31 -3.71
N GLU B 114 -13.11 -5.79 -4.84
CA GLU B 114 -12.34 -4.97 -5.75
C GLU B 114 -13.06 -3.65 -5.96
N GLU B 115 -14.37 -3.75 -6.18
CA GLU B 115 -15.19 -2.56 -6.39
C GLU B 115 -15.03 -1.63 -5.19
N GLU B 116 -15.06 -2.21 -3.99
CA GLU B 116 -14.90 -1.44 -2.77
C GLU B 116 -13.51 -0.78 -2.76
N TYR B 117 -12.48 -1.58 -3.04
CA TYR B 117 -11.13 -1.06 -3.07
C TYR B 117 -11.10 0.28 -3.79
N GLY B 118 -11.07 0.18 -5.12
CA GLY B 118 -11.04 1.36 -5.98
C GLY B 118 -9.95 2.31 -5.52
N PHE B 119 -10.37 3.45 -5.01
CA PHE B 119 -9.45 4.45 -4.51
C PHE B 119 -7.99 4.09 -4.80
N LEU B 120 -7.47 3.05 -4.14
CA LEU B 120 -6.08 2.69 -4.35
C LEU B 120 -5.90 1.66 -5.46
N VAL B 121 -6.45 0.48 -5.30
CA VAL B 121 -6.30 -0.54 -6.32
C VAL B 121 -6.57 0.09 -7.68
N ARG B 122 -7.62 0.89 -7.73
CA ARG B 122 -7.95 1.60 -8.96
C ARG B 122 -6.88 2.63 -9.28
N GLY B 123 -6.55 3.45 -8.29
CA GLY B 123 -5.52 4.46 -8.48
C GLY B 123 -4.24 3.85 -9.05
N LEU B 124 -3.96 2.59 -8.69
CA LEU B 124 -2.75 1.95 -9.21
C LEU B 124 -2.96 1.49 -10.64
N GLY B 125 -4.17 1.02 -10.93
CA GLY B 125 -4.47 0.57 -12.28
C GLY B 125 -4.37 1.73 -13.26
N THR B 126 -4.51 2.94 -12.73
CA THR B 126 -4.45 4.13 -13.57
C THR B 126 -3.01 4.67 -13.66
N VAL B 127 -2.23 4.51 -12.59
CA VAL B 127 -0.86 5.02 -12.61
C VAL B 127 0.16 3.97 -13.08
N ALA B 128 0.25 2.85 -12.38
CA ALA B 128 1.23 1.82 -12.76
C ALA B 128 0.54 0.62 -13.41
N ALA B 129 1.35 -0.20 -14.09
CA ALA B 129 0.83 -1.39 -14.76
C ALA B 129 0.10 -2.27 -13.76
N VAL B 130 -1.22 -2.10 -13.69
CA VAL B 130 -2.02 -2.88 -12.76
C VAL B 130 -3.19 -3.52 -13.48
N GLU B 131 -3.04 -4.80 -13.82
CA GLU B 131 -4.08 -5.53 -14.52
C GLU B 131 -5.13 -6.05 -13.53
N PHE B 132 -6.33 -5.48 -13.60
CA PHE B 132 -7.41 -5.88 -12.70
C PHE B 132 -8.16 -7.09 -13.27
N VAL B 133 -8.06 -8.22 -12.57
CA VAL B 133 -8.72 -9.43 -13.03
C VAL B 133 -9.92 -9.77 -12.16
N HIS B 134 -11.12 -9.53 -12.67
CA HIS B 134 -12.33 -9.85 -11.94
C HIS B 134 -12.51 -11.36 -11.93
N TYR B 135 -12.66 -11.95 -10.75
CA TYR B 135 -12.80 -13.40 -10.70
C TYR B 135 -13.79 -13.85 -9.63
N LYS B 136 -14.69 -14.74 -10.04
CA LYS B 136 -15.68 -15.30 -9.14
C LYS B 136 -15.43 -16.79 -9.01
N ASP B 137 -14.67 -17.32 -9.97
CA ASP B 137 -14.31 -18.73 -9.99
C ASP B 137 -12.85 -18.89 -10.42
N ILE B 138 -12.03 -19.40 -9.51
CA ILE B 138 -10.60 -19.59 -9.80
C ILE B 138 -10.41 -20.51 -10.99
N ALA B 139 -11.33 -21.46 -11.17
CA ALA B 139 -11.24 -22.40 -12.27
C ALA B 139 -11.03 -21.68 -13.58
N LEU B 140 -11.34 -20.40 -13.61
CA LEU B 140 -11.17 -19.61 -14.82
C LEU B 140 -10.27 -18.41 -14.55
N ALA B 141 -10.15 -18.04 -13.28
CA ALA B 141 -9.32 -16.92 -12.91
C ALA B 141 -7.84 -17.25 -13.16
N LYS B 142 -7.51 -18.55 -13.18
CA LYS B 142 -6.13 -18.96 -13.42
C LYS B 142 -5.70 -18.53 -14.83
N PRO B 143 -6.41 -18.97 -15.82
CA PRO B 143 -6.09 -18.64 -17.24
C PRO B 143 -6.26 -17.14 -17.52
N GLN B 144 -7.30 -16.55 -16.95
CA GLN B 144 -7.54 -15.12 -17.14
C GLN B 144 -6.41 -14.31 -16.53
N ILE B 145 -6.01 -14.70 -15.34
CA ILE B 145 -4.93 -14.00 -14.63
C ILE B 145 -3.62 -14.17 -15.38
N ASP B 146 -3.44 -15.32 -16.03
CA ASP B 146 -2.24 -15.59 -16.78
C ASP B 146 -2.19 -14.69 -18.01
N ALA B 147 -3.34 -14.47 -18.61
CA ALA B 147 -3.42 -13.60 -19.78
C ALA B 147 -3.17 -12.16 -19.39
N ALA B 148 -3.91 -11.67 -18.40
CA ALA B 148 -3.74 -10.31 -17.93
C ALA B 148 -2.33 -10.12 -17.37
N ILE B 149 -1.81 -11.18 -16.78
CA ILE B 149 -0.47 -11.16 -16.21
C ILE B 149 0.56 -11.02 -17.33
N ARG B 150 0.41 -11.86 -18.34
CA ARG B 150 1.31 -11.86 -19.48
C ARG B 150 1.19 -10.58 -20.28
N LYS B 151 -0.03 -10.05 -20.36
CA LYS B 151 -0.27 -8.81 -21.09
C LYS B 151 0.40 -7.64 -20.38
N VAL B 152 0.12 -7.51 -19.09
CA VAL B 152 0.71 -6.44 -18.29
C VAL B 152 2.22 -6.59 -18.27
N VAL B 153 2.68 -7.83 -18.27
CA VAL B 153 4.11 -8.11 -18.26
C VAL B 153 4.75 -7.59 -19.53
N ASP B 154 4.15 -7.92 -20.67
CA ASP B 154 4.68 -7.45 -21.94
C ASP B 154 4.40 -5.97 -22.10
N ARG B 155 3.50 -5.46 -21.26
CA ARG B 155 3.14 -4.06 -21.29
C ARG B 155 4.27 -3.22 -20.71
N VAL B 156 4.87 -3.71 -19.63
CA VAL B 156 5.95 -2.99 -18.97
C VAL B 156 7.32 -3.54 -19.37
N ASN B 157 7.36 -4.81 -19.75
CA ASN B 157 8.60 -5.45 -20.13
C ASN B 157 8.65 -5.73 -21.63
N ASN B 158 7.51 -5.59 -22.29
CA ASN B 158 7.42 -5.83 -23.72
C ASN B 158 8.72 -6.43 -24.27
N PRO B 159 9.06 -7.62 -23.84
CA PRO B 159 10.30 -8.32 -24.30
C PRO B 159 10.15 -8.91 -25.70
N ALA B 160 8.93 -9.24 -26.08
CA ALA B 160 8.68 -9.82 -27.40
C ALA B 160 9.38 -11.16 -27.53
N ALA B 161 8.71 -12.13 -28.17
CA ALA B 161 9.29 -13.45 -28.35
C ALA B 161 9.62 -13.70 -29.82
N THR B 162 10.79 -13.23 -30.25
CA THR B 162 11.21 -13.40 -31.64
C THR B 162 10.02 -13.77 -32.53
N PRO B 163 9.64 -12.86 -33.40
CA PRO B 163 8.49 -13.08 -34.33
C PRO B 163 8.68 -14.31 -35.21
N LYS A 1 9.27 21.91 11.66
CA LYS A 1 9.89 23.04 12.42
C LYS A 1 11.40 22.82 12.50
N ALA A 2 11.88 21.73 11.90
CA ALA A 2 13.30 21.43 11.93
C ALA A 2 13.67 20.50 10.76
N GLY A 3 13.48 19.20 10.96
CA GLY A 3 13.80 18.23 9.92
C GLY A 3 12.64 18.06 8.93
N VAL A 4 11.46 18.47 9.35
CA VAL A 4 10.29 18.34 8.48
C VAL A 4 10.05 19.62 7.68
N ARG A 5 10.45 19.61 6.41
CA ARG A 5 10.26 20.77 5.55
C ARG A 5 8.84 20.73 4.99
N SER A 6 8.37 19.51 4.73
CA SER A 6 7.03 19.29 4.22
C SER A 6 6.49 17.97 4.74
N VAL A 7 5.33 18.01 5.37
CA VAL A 7 4.75 16.80 5.93
C VAL A 7 3.57 16.30 5.09
N PHE A 8 3.57 15.00 4.79
CA PHE A 8 2.50 14.40 4.00
C PHE A 8 1.37 13.95 4.91
N LEU A 9 0.14 14.24 4.51
CA LEU A 9 -1.01 13.88 5.31
C LEU A 9 -1.94 12.92 4.56
N ALA A 10 -2.56 12.01 5.31
CA ALA A 10 -3.48 11.03 4.73
C ALA A 10 -4.35 10.44 5.83
N GLY A 11 -5.39 9.71 5.44
CA GLY A 11 -6.27 9.11 6.43
C GLY A 11 -6.87 7.81 5.93
N PRO A 12 -7.68 7.20 6.75
CA PRO A 12 -8.37 5.92 6.43
C PRO A 12 -9.23 6.03 5.17
N PHE A 13 -9.28 7.23 4.61
CA PHE A 13 -10.07 7.49 3.41
C PHE A 13 -11.05 6.35 3.14
N MET A 14 -11.27 6.07 1.86
CA MET A 14 -12.20 5.01 1.47
C MET A 14 -12.57 4.16 2.67
N GLY A 15 -11.58 3.79 3.46
CA GLY A 15 -11.83 2.99 4.65
C GLY A 15 -12.83 3.70 5.54
N LEU A 16 -12.41 4.81 6.12
CA LEU A 16 -13.29 5.59 6.98
C LEU A 16 -14.48 6.07 6.17
N VAL A 17 -14.34 5.99 4.86
CA VAL A 17 -15.40 6.43 3.94
C VAL A 17 -16.03 5.23 3.24
N ASN A 18 -17.22 5.44 2.68
CA ASN A 18 -17.89 4.37 1.94
C ASN A 18 -17.10 4.07 0.67
N PRO A 19 -16.68 2.85 0.50
CA PRO A 19 -15.88 2.42 -0.68
C PRO A 19 -16.31 3.13 -1.97
N GLU A 20 -15.96 4.41 -2.08
CA GLU A 20 -16.30 5.20 -3.27
C GLU A 20 -17.61 5.96 -3.04
N THR A 21 -17.69 6.67 -1.92
CA THR A 21 -18.87 7.44 -1.57
C THR A 21 -18.71 8.05 -0.18
N ASN A 22 -19.76 8.70 0.30
CA ASN A 22 -19.72 9.32 1.62
C ASN A 22 -18.93 10.62 1.60
N SER A 23 -18.65 11.14 2.78
CA SER A 23 -17.89 12.37 2.92
C SER A 23 -17.11 12.36 4.22
N MET A 24 -15.82 12.12 4.12
CA MET A 24 -14.98 12.07 5.31
C MET A 24 -15.60 12.89 6.42
N PRO A 25 -15.98 12.26 7.50
CA PRO A 25 -16.61 12.93 8.66
C PRO A 25 -15.95 14.27 9.00
N SER A 26 -16.72 15.34 8.84
CA SER A 26 -16.21 16.68 9.12
C SER A 26 -15.51 16.72 10.47
N ALA A 27 -16.29 16.47 11.51
CA ALA A 27 -15.74 16.48 12.87
C ALA A 27 -14.37 15.84 12.91
N GLU A 28 -14.07 15.01 11.91
CA GLU A 28 -12.77 14.36 11.86
C GLU A 28 -11.75 15.25 11.14
N GLN A 29 -12.10 15.66 9.93
CA GLN A 29 -11.22 16.53 9.16
C GLN A 29 -10.81 17.71 10.02
N LEU A 30 -11.73 18.17 10.87
CA LEU A 30 -11.42 19.28 11.75
C LEU A 30 -10.15 18.97 12.52
N PRO A 31 -10.19 17.97 13.37
CA PRO A 31 -9.00 17.52 14.13
C PRO A 31 -7.76 17.57 13.25
N PHE A 32 -7.89 17.03 12.05
CA PHE A 32 -6.77 17.05 11.11
C PHE A 32 -6.44 18.49 10.76
N LEU A 33 -7.45 19.35 10.79
CA LEU A 33 -7.25 20.75 10.51
C LEU A 33 -6.39 21.37 11.61
N THR A 34 -6.67 20.97 12.86
CA THR A 34 -5.90 21.45 13.99
C THR A 34 -4.44 21.07 13.81
N LEU A 35 -4.21 19.77 13.70
CA LEU A 35 -2.86 19.25 13.50
C LEU A 35 -2.25 19.89 12.26
N ILE A 36 -2.79 19.51 11.11
CA ILE A 36 -2.32 20.06 9.85
C ILE A 36 -2.07 21.55 10.01
N GLU A 37 -2.81 22.14 10.95
CA GLU A 37 -2.66 23.56 11.24
C GLU A 37 -1.31 23.81 11.90
N HIS A 38 -0.95 22.95 12.86
CA HIS A 38 0.33 23.07 13.55
C HIS A 38 1.44 22.65 12.60
N PHE A 39 1.05 21.94 11.55
CA PHE A 39 2.00 21.50 10.54
C PHE A 39 2.40 22.70 9.70
N GLU A 40 1.40 23.51 9.32
CA GLU A 40 1.65 24.71 8.54
C GLU A 40 2.14 25.83 9.45
N LYS A 41 1.78 25.71 10.72
CA LYS A 41 2.18 26.70 11.72
C LYS A 41 3.62 26.41 12.15
N GLN A 42 4.00 25.14 12.05
CA GLN A 42 5.34 24.72 12.40
C GLN A 42 6.29 25.02 11.25
N GLY A 43 5.78 24.83 10.04
CA GLY A 43 6.57 25.07 8.84
C GLY A 43 6.67 23.80 8.01
N LEU A 44 5.69 22.92 8.21
CA LEU A 44 5.67 21.65 7.51
C LEU A 44 4.67 21.69 6.37
N GLU A 45 5.18 21.88 5.16
CA GLU A 45 4.32 21.92 4.00
C GLU A 45 3.53 20.63 3.91
N VAL A 46 2.24 20.73 4.21
CA VAL A 46 1.37 19.54 4.16
C VAL A 46 1.15 19.12 2.72
N PHE A 47 1.60 17.92 2.39
CA PHE A 47 1.44 17.41 1.04
C PHE A 47 0.41 16.28 1.01
N ASN A 48 -0.40 16.27 -0.04
CA ASN A 48 -1.41 15.25 -0.21
C ASN A 48 -2.76 15.68 0.37
N ALA A 49 -3.15 15.08 1.49
CA ALA A 49 -4.42 15.40 2.10
C ALA A 49 -5.46 15.64 1.01
N HIS A 50 -6.45 16.46 1.30
CA HIS A 50 -7.49 16.77 0.33
C HIS A 50 -8.20 18.05 0.72
N ARG A 51 -7.80 18.61 1.85
CA ARG A 51 -8.39 19.86 2.35
C ARG A 51 -9.75 20.10 1.71
N ARG A 52 -9.91 21.27 1.09
CA ARG A 52 -11.17 21.62 0.45
C ARG A 52 -11.89 20.35 0.00
N GLU A 53 -11.15 19.43 -0.62
CA GLU A 53 -11.73 18.17 -1.07
C GLU A 53 -12.09 17.30 0.14
N ALA A 54 -11.20 17.27 1.12
CA ALA A 54 -11.42 16.49 2.32
C ALA A 54 -12.47 17.17 3.21
N TRP A 55 -12.95 18.33 2.78
CA TRP A 55 -13.93 19.07 3.56
C TRP A 55 -15.27 19.18 2.83
N GLY A 56 -15.23 19.05 1.50
CA GLY A 56 -16.45 19.14 0.71
C GLY A 56 -16.38 18.28 -0.55
N ALA A 57 -15.70 17.14 -0.46
CA ALA A 57 -15.57 16.25 -1.60
C ALA A 57 -14.54 15.17 -1.32
N GLN A 58 -14.57 14.61 -0.11
CA GLN A 58 -13.62 13.56 0.25
C GLN A 58 -13.96 12.27 -0.46
N VAL A 59 -12.96 11.40 -0.58
CA VAL A 59 -13.13 10.12 -1.24
C VAL A 59 -12.88 10.27 -2.73
N LEU A 60 -11.90 11.08 -3.06
CA LEU A 60 -11.55 11.30 -4.46
C LEU A 60 -11.52 9.97 -5.18
N THR A 61 -11.15 9.98 -6.45
CA THR A 61 -11.09 8.74 -7.21
C THR A 61 -9.66 8.36 -7.49
N PRO A 62 -9.40 7.09 -7.60
CA PRO A 62 -8.04 6.55 -7.85
C PRO A 62 -7.27 7.38 -8.88
N GLU A 63 -7.95 7.74 -9.96
CA GLU A 63 -7.31 8.52 -11.03
C GLU A 63 -6.69 9.80 -10.49
N GLU A 64 -7.12 10.20 -9.31
CA GLU A 64 -6.59 11.42 -8.71
C GLU A 64 -5.81 11.12 -7.44
N CYS A 65 -6.49 10.61 -6.43
CA CYS A 65 -5.87 10.31 -5.15
C CYS A 65 -4.64 9.42 -5.28
N THR A 66 -4.70 8.41 -6.14
CA THR A 66 -3.55 7.51 -6.29
C THR A 66 -2.35 8.24 -6.88
N PRO A 67 -2.49 8.77 -8.06
CA PRO A 67 -1.38 9.51 -8.75
C PRO A 67 -0.76 10.58 -7.85
N LEU A 68 -1.60 11.46 -7.33
CA LEU A 68 -1.12 12.53 -6.46
C LEU A 68 -0.69 11.97 -5.12
N ASP A 69 -1.25 10.83 -4.74
CA ASP A 69 -0.90 10.21 -3.47
C ASP A 69 0.54 9.72 -3.49
N GLN A 70 0.88 8.91 -4.50
CA GLN A 70 2.23 8.39 -4.62
C GLN A 70 3.22 9.53 -4.90
N LEU A 71 2.85 10.41 -5.83
CA LEU A 71 3.70 11.53 -6.18
C LEU A 71 3.87 12.44 -4.98
N GLU A 72 2.75 12.84 -4.38
CA GLU A 72 2.79 13.71 -3.22
C GLU A 72 3.35 12.93 -2.03
N ILE A 73 3.26 11.61 -2.13
CA ILE A 73 3.77 10.73 -1.09
C ILE A 73 5.27 10.99 -0.96
N ARG A 74 5.95 11.09 -2.10
CA ARG A 74 7.37 11.36 -2.09
C ARG A 74 7.66 12.85 -1.94
N LYS A 75 6.93 13.69 -2.70
CA LYS A 75 7.12 15.13 -2.62
C LYS A 75 7.16 15.56 -1.16
N ALA A 76 6.37 14.89 -0.34
CA ALA A 76 6.31 15.20 1.08
C ALA A 76 7.64 14.83 1.74
N ASP A 77 8.32 15.83 2.30
CA ASP A 77 9.60 15.59 2.95
C ASP A 77 9.46 14.51 4.01
N VAL A 78 8.34 14.52 4.73
CA VAL A 78 8.11 13.52 5.77
C VAL A 78 6.72 12.90 5.61
N PHE A 79 6.67 11.56 5.68
CA PHE A 79 5.41 10.86 5.53
C PHE A 79 4.66 10.77 6.86
N VAL A 80 3.46 11.35 6.88
CA VAL A 80 2.62 11.33 8.06
C VAL A 80 1.27 10.71 7.71
N ALA A 81 1.07 9.46 8.09
CA ALA A 81 -0.18 8.77 7.77
C ALA A 81 -1.02 8.51 9.01
N ILE A 82 -2.14 7.82 8.81
CA ILE A 82 -3.05 7.49 9.91
C ILE A 82 -3.86 6.26 9.59
N PRO A 83 -3.49 5.15 10.16
CA PRO A 83 -4.21 3.87 9.95
C PRO A 83 -5.70 4.09 9.92
N GLY A 84 -6.30 3.84 11.05
CA GLY A 84 -7.74 4.02 11.23
C GLY A 84 -8.51 2.79 10.77
N ILE A 85 -8.06 1.59 11.17
CA ILE A 85 -8.75 0.36 10.76
C ILE A 85 -10.24 0.67 10.51
N PRO A 86 -10.87 -0.10 9.66
CA PRO A 86 -10.21 -1.22 8.92
C PRO A 86 -8.91 -0.79 8.23
N PRO A 87 -8.12 -1.74 7.83
CA PRO A 87 -6.82 -1.47 7.15
C PRO A 87 -6.99 -0.53 5.97
N SER A 88 -7.11 0.75 6.25
CA SER A 88 -7.28 1.75 5.20
C SER A 88 -6.29 1.50 4.06
N PRO A 89 -6.78 1.08 2.92
CA PRO A 89 -5.90 0.80 1.74
C PRO A 89 -5.24 2.07 1.24
N GLY A 90 -5.98 3.17 1.23
CA GLY A 90 -5.43 4.45 0.79
C GLY A 90 -4.19 4.74 1.58
N THR A 91 -4.32 4.71 2.90
CA THR A 91 -3.16 4.94 3.76
C THR A 91 -2.21 3.75 3.63
N HIS A 92 -2.57 2.63 4.26
CA HIS A 92 -1.73 1.45 4.16
C HIS A 92 -0.89 1.51 2.91
N VAL A 93 -1.54 1.39 1.76
CA VAL A 93 -0.83 1.45 0.50
C VAL A 93 0.02 2.72 0.44
N GLU A 94 -0.49 3.80 1.03
CA GLU A 94 0.27 5.05 1.05
C GLU A 94 1.54 4.86 1.87
N ILE A 95 1.40 4.15 2.99
CA ILE A 95 2.54 3.86 3.84
C ILE A 95 3.45 2.89 3.10
N GLY A 96 2.91 1.70 2.80
CA GLY A 96 3.66 0.72 2.05
C GLY A 96 4.27 1.41 0.85
N TRP A 97 3.63 2.52 0.46
CA TRP A 97 4.08 3.33 -0.66
C TRP A 97 5.37 4.01 -0.26
N ALA A 98 5.33 4.67 0.89
CA ALA A 98 6.50 5.37 1.41
C ALA A 98 7.62 4.38 1.70
N SER A 99 7.27 3.10 1.77
CA SER A 99 8.27 2.06 2.02
C SER A 99 8.90 1.66 0.69
N ALA A 100 8.06 1.25 -0.26
CA ALA A 100 8.55 0.88 -1.57
C ALA A 100 9.18 2.11 -2.22
N PHE A 101 8.92 3.26 -1.59
CA PHE A 101 9.45 4.54 -2.05
C PHE A 101 10.77 4.80 -1.32
N ASP A 102 10.70 4.83 0.01
CA ASP A 102 11.87 5.05 0.85
C ASP A 102 11.75 6.31 1.70
N LYS A 103 10.71 7.12 1.47
CA LYS A 103 10.53 8.36 2.24
C LYS A 103 10.20 8.06 3.71
N PRO A 104 10.76 8.83 4.62
CA PRO A 104 10.51 8.68 6.08
C PRO A 104 9.02 8.47 6.38
N ILE A 105 8.73 7.71 7.44
CA ILE A 105 7.32 7.46 7.77
C ILE A 105 7.01 7.74 9.25
N VAL A 106 5.78 8.17 9.48
CA VAL A 106 5.29 8.47 10.83
C VAL A 106 3.76 8.49 10.81
N LEU A 107 3.16 7.53 11.48
CA LEU A 107 1.70 7.45 11.51
C LEU A 107 1.15 7.73 12.90
N LEU A 108 -0.07 8.24 12.93
CA LEU A 108 -0.75 8.51 14.18
C LEU A 108 -1.56 7.28 14.57
N LEU A 109 -0.89 6.31 15.16
CA LEU A 109 -1.54 5.07 15.56
C LEU A 109 -2.91 5.33 16.17
N GLU A 110 -3.88 4.50 15.82
CA GLU A 110 -5.23 4.66 16.35
C GLU A 110 -5.37 3.89 17.65
N GLU A 111 -4.38 4.03 18.52
CA GLU A 111 -4.40 3.35 19.80
C GLU A 111 -5.54 2.33 19.83
N GLY A 112 -5.43 1.35 18.95
CA GLY A 112 -6.43 0.30 18.82
C GLY A 112 -6.34 -0.27 17.42
N ARG A 113 -6.62 0.58 16.44
CA ARG A 113 -6.54 0.16 15.05
C ARG A 113 -5.09 -0.15 14.72
N GLU A 114 -4.22 0.81 15.01
CA GLU A 114 -2.79 0.62 14.78
C GLU A 114 -2.45 -0.81 15.14
N GLU A 115 -3.13 -1.30 16.19
CA GLU A 115 -2.94 -2.67 16.63
C GLU A 115 -3.47 -3.61 15.56
N GLU A 116 -4.72 -3.38 15.16
CA GLU A 116 -5.33 -4.20 14.12
C GLU A 116 -4.43 -4.23 12.88
N TYR A 117 -3.65 -3.16 12.70
CA TYR A 117 -2.74 -3.07 11.56
C TYR A 117 -1.60 -4.06 11.73
N GLY A 118 -0.64 -3.68 12.57
CA GLY A 118 0.53 -4.50 12.84
C GLY A 118 1.14 -5.02 11.55
N PHE A 119 0.65 -6.16 11.12
CA PHE A 119 1.15 -6.78 9.90
C PHE A 119 2.04 -5.83 9.10
N LEU A 120 1.41 -4.88 8.41
CA LEU A 120 2.17 -3.96 7.56
C LEU A 120 2.72 -2.77 8.32
N VAL A 121 1.92 -2.15 9.15
CA VAL A 121 2.38 -0.99 9.89
C VAL A 121 3.60 -1.36 10.72
N ARG A 122 3.47 -2.40 11.51
CA ARG A 122 4.57 -2.88 12.33
C ARG A 122 5.71 -3.33 11.44
N GLY A 123 5.40 -4.18 10.46
CA GLY A 123 6.41 -4.66 9.54
C GLY A 123 7.20 -3.49 8.95
N LEU A 124 6.55 -2.33 8.83
CA LEU A 124 7.23 -1.16 8.27
C LEU A 124 8.09 -0.52 9.35
N GLY A 125 7.64 -0.59 10.59
CA GLY A 125 8.41 -0.03 11.70
C GLY A 125 9.72 -0.78 11.89
N THR A 126 9.74 -2.05 11.47
CA THR A 126 10.95 -2.86 11.61
C THR A 126 11.83 -2.74 10.37
N VAL A 127 11.22 -2.57 9.20
CA VAL A 127 11.99 -2.46 7.95
C VAL A 127 12.37 -1.02 7.64
N ALA A 128 11.39 -0.14 7.45
CA ALA A 128 11.67 1.26 7.11
C ALA A 128 11.44 2.18 8.31
N ALA A 129 12.16 3.29 8.34
CA ALA A 129 12.03 4.26 9.43
C ALA A 129 10.56 4.65 9.58
N VAL A 130 9.82 3.82 10.31
CA VAL A 130 8.41 4.06 10.51
C VAL A 130 8.10 4.33 11.99
N GLU A 131 7.75 5.58 12.29
CA GLU A 131 7.42 5.95 13.67
C GLU A 131 5.93 5.74 13.93
N PHE A 132 5.61 5.24 15.11
CA PHE A 132 4.20 5.00 15.47
C PHE A 132 3.78 5.93 16.60
N VAL A 133 2.84 6.83 16.30
CA VAL A 133 2.35 7.77 17.32
C VAL A 133 0.88 7.54 17.64
N HIS A 134 0.61 6.89 18.77
CA HIS A 134 -0.76 6.65 19.18
C HIS A 134 -1.43 7.97 19.53
N TYR A 135 -2.72 8.12 19.24
CA TYR A 135 -3.39 9.37 19.56
C TYR A 135 -4.76 9.16 20.19
N LYS A 136 -4.92 9.68 21.39
CA LYS A 136 -6.18 9.59 22.12
C LYS A 136 -6.81 10.99 22.19
N ASP A 137 -5.96 11.99 21.94
CA ASP A 137 -6.39 13.39 21.94
C ASP A 137 -5.53 14.16 20.92
N ILE A 138 -6.18 14.81 19.96
CA ILE A 138 -5.44 15.55 18.94
C ILE A 138 -4.52 16.58 19.58
N ALA A 139 -5.01 17.26 20.62
CA ALA A 139 -4.21 18.26 21.30
C ALA A 139 -2.97 17.60 21.89
N LEU A 140 -2.90 16.28 21.77
CA LEU A 140 -1.77 15.51 22.27
C LEU A 140 -1.03 14.86 21.11
N ALA A 141 -1.76 14.55 20.04
CA ALA A 141 -1.15 13.94 18.87
C ALA A 141 -0.20 14.94 18.23
N LYS A 142 -0.71 16.08 17.83
CA LYS A 142 0.11 17.11 17.20
C LYS A 142 1.55 17.02 17.72
N PRO A 143 1.73 17.11 19.02
CA PRO A 143 3.07 17.03 19.66
C PRO A 143 3.67 15.62 19.61
N GLN A 144 2.82 14.63 19.84
CA GLN A 144 3.28 13.24 19.80
C GLN A 144 3.83 12.92 18.42
N ILE A 145 3.03 13.21 17.41
CA ILE A 145 3.40 12.98 16.02
C ILE A 145 4.66 13.78 15.69
N ASP A 146 4.74 14.98 16.24
CA ASP A 146 5.88 15.84 16.00
C ASP A 146 7.15 15.24 16.60
N ALA A 147 7.03 14.65 17.79
CA ALA A 147 8.18 14.03 18.44
C ALA A 147 8.66 12.83 17.63
N ALA A 148 7.77 11.87 17.45
CA ALA A 148 8.11 10.69 16.68
C ALA A 148 8.49 11.09 15.27
N ILE A 149 8.03 12.28 14.86
CA ILE A 149 8.33 12.78 13.54
C ILE A 149 9.81 13.14 13.45
N ARG A 150 10.25 14.00 14.37
CA ARG A 150 11.65 14.41 14.40
C ARG A 150 12.54 13.19 14.59
N LYS A 151 11.98 12.16 15.22
CA LYS A 151 12.73 10.94 15.47
C LYS A 151 13.03 10.21 14.17
N VAL A 152 11.99 9.94 13.39
CA VAL A 152 12.18 9.26 12.12
C VAL A 152 13.05 10.10 11.19
N VAL A 153 12.86 11.42 11.26
CA VAL A 153 13.63 12.33 10.43
C VAL A 153 15.12 12.21 10.76
N ASP A 154 15.44 12.15 12.04
CA ASP A 154 16.82 12.01 12.46
C ASP A 154 17.26 10.56 12.26
N ARG A 155 16.29 9.67 12.15
CA ARG A 155 16.57 8.25 11.95
C ARG A 155 17.04 7.97 10.53
N VAL A 156 16.49 8.70 9.57
CA VAL A 156 16.87 8.50 8.17
C VAL A 156 17.80 9.60 7.69
N ASN A 157 17.71 10.78 8.28
CA ASN A 157 18.56 11.90 7.89
C ASN A 157 19.45 12.34 9.05
N ASN A 158 19.46 11.57 10.13
CA ASN A 158 20.29 11.90 11.28
C ASN A 158 20.30 13.42 11.51
N PRO A 159 20.91 13.86 12.58
CA PRO A 159 20.99 15.31 12.91
C PRO A 159 21.77 16.09 11.85
N ALA A 160 21.12 16.32 10.71
CA ALA A 160 21.76 17.05 9.63
C ALA A 160 21.35 18.52 9.63
N ALA A 161 20.50 18.88 10.58
CA ALA A 161 20.03 20.27 10.69
C ALA A 161 21.07 21.14 11.40
N THR A 162 20.72 22.42 11.58
CA THR A 162 21.61 23.35 12.26
C THR A 162 22.89 23.56 11.44
N PRO A 163 22.80 24.26 10.34
CA PRO A 163 23.97 24.53 9.46
C PRO A 163 24.86 25.64 10.01
N LYS B 1 6.40 -18.03 -18.32
CA LYS B 1 6.66 -18.90 -19.50
C LYS B 1 7.24 -18.06 -20.63
N ALA B 2 7.34 -16.76 -20.40
CA ALA B 2 7.90 -15.85 -21.41
C ALA B 2 8.53 -14.62 -20.76
N GLY B 3 7.70 -13.64 -20.41
CA GLY B 3 8.20 -12.41 -19.80
C GLY B 3 8.28 -12.55 -18.27
N VAL B 4 7.59 -13.56 -17.74
CA VAL B 4 7.60 -13.77 -16.29
C VAL B 4 8.64 -14.81 -15.88
N ARG B 5 9.80 -14.34 -15.42
CA ARG B 5 10.85 -15.26 -14.99
C ARG B 5 10.54 -15.73 -13.57
N SER B 6 9.99 -14.83 -12.78
CA SER B 6 9.60 -15.14 -11.41
C SER B 6 8.34 -14.35 -11.06
N VAL B 7 7.33 -15.06 -10.56
CA VAL B 7 6.08 -14.41 -10.22
C VAL B 7 5.90 -14.33 -8.69
N PHE B 8 5.58 -13.13 -8.21
CA PHE B 8 5.37 -12.91 -6.78
C PHE B 8 3.93 -13.23 -6.39
N LEU B 9 3.76 -13.98 -5.30
CA LEU B 9 2.42 -14.36 -4.86
C LEU B 9 2.10 -13.77 -3.48
N ALA B 10 0.82 -13.46 -3.28
CA ALA B 10 0.36 -12.90 -2.02
C ALA B 10 -1.16 -13.08 -1.90
N GLY B 11 -1.74 -12.71 -0.77
CA GLY B 11 -3.17 -12.85 -0.57
C GLY B 11 -3.69 -11.89 0.49
N PRO B 12 -4.97 -11.92 0.72
CA PRO B 12 -5.63 -11.05 1.74
C PRO B 12 -5.04 -11.26 3.13
N PHE B 13 -4.14 -12.24 3.25
CA PHE B 13 -3.49 -12.54 4.52
C PHE B 13 -4.26 -11.93 5.68
N MET B 14 -3.55 -11.49 6.71
CA MET B 14 -4.18 -10.91 7.88
C MET B 14 -5.64 -10.57 7.59
N GLY B 15 -5.89 -9.97 6.43
CA GLY B 15 -7.26 -9.64 6.06
C GLY B 15 -8.12 -10.89 6.11
N LEU B 16 -7.85 -11.82 5.20
CA LEU B 16 -8.58 -13.08 5.16
C LEU B 16 -8.34 -13.86 6.45
N VAL B 17 -7.28 -13.47 7.15
CA VAL B 17 -6.91 -14.12 8.39
C VAL B 17 -7.23 -13.22 9.58
N ASN B 18 -7.29 -13.80 10.79
CA ASN B 18 -7.56 -13.01 11.97
C ASN B 18 -6.37 -12.09 12.24
N PRO B 19 -6.61 -10.81 12.31
CA PRO B 19 -5.53 -9.80 12.55
C PRO B 19 -4.45 -10.32 13.51
N GLU B 20 -3.65 -11.26 13.04
CA GLU B 20 -2.57 -11.84 13.86
C GLU B 20 -3.02 -13.15 14.51
N THR B 21 -3.61 -14.04 13.70
CA THR B 21 -4.09 -15.33 14.18
C THR B 21 -4.76 -16.10 13.05
N ASN B 22 -5.37 -17.23 13.39
CA ASN B 22 -6.04 -18.05 12.39
C ASN B 22 -5.04 -18.80 11.52
N SER B 23 -5.56 -19.44 10.48
CA SER B 23 -4.72 -20.18 9.54
C SER B 23 -5.34 -20.11 8.15
N MET B 24 -4.78 -19.26 7.30
CA MET B 24 -5.30 -19.11 5.95
C MET B 24 -6.05 -20.36 5.53
N PRO B 25 -7.32 -20.22 5.25
CA PRO B 25 -8.18 -21.36 4.83
C PRO B 25 -7.48 -22.28 3.84
N SER B 26 -7.26 -23.52 4.26
CA SER B 26 -6.61 -24.52 3.42
C SER B 26 -7.26 -24.56 2.04
N ALA B 27 -8.55 -24.87 2.02
CA ALA B 27 -9.28 -24.95 0.76
C ALA B 27 -8.92 -23.78 -0.15
N GLU B 28 -8.39 -22.72 0.45
CA GLU B 28 -8.00 -21.53 -0.31
C GLU B 28 -6.57 -21.67 -0.83
N GLN B 29 -5.65 -21.95 0.09
CA GLN B 29 -4.26 -22.12 -0.30
C GLN B 29 -4.16 -23.13 -1.42
N LEU B 30 -5.04 -24.12 -1.38
CA LEU B 30 -5.06 -25.13 -2.42
C LEU B 30 -5.16 -24.44 -3.78
N PRO B 31 -6.26 -23.79 -4.02
CA PRO B 31 -6.47 -23.05 -5.28
C PRO B 31 -5.18 -22.34 -5.67
N PHE B 32 -4.57 -21.67 -4.69
CA PHE B 32 -3.31 -20.98 -4.94
C PHE B 32 -2.25 -22.00 -5.32
N LEU B 33 -2.38 -23.19 -4.77
CA LEU B 33 -1.46 -24.26 -5.07
C LEU B 33 -1.59 -24.63 -6.54
N THR B 34 -2.83 -24.70 -7.01
CA THR B 34 -3.09 -25.02 -8.40
C THR B 34 -2.40 -23.98 -9.29
N LEU B 35 -2.79 -22.72 -9.11
CA LEU B 35 -2.19 -21.63 -9.86
C LEU B 35 -0.68 -21.67 -9.68
N ILE B 36 -0.23 -21.31 -8.48
CA ILE B 36 1.19 -21.32 -8.17
C ILE B 36 1.83 -22.55 -8.78
N GLU B 37 1.02 -23.58 -8.98
CA GLU B 37 1.51 -24.82 -9.59
C GLU B 37 1.81 -24.57 -11.05
N HIS B 38 0.89 -23.87 -11.72
CA HIS B 38 1.08 -23.54 -13.12
C HIS B 38 2.13 -22.45 -13.26
N PHE B 39 2.39 -21.79 -12.13
CA PHE B 39 3.41 -20.75 -12.10
C PHE B 39 4.78 -21.42 -12.16
N GLU B 40 4.94 -22.47 -11.37
CA GLU B 40 6.19 -23.22 -11.35
C GLU B 40 6.25 -24.16 -12.53
N LYS B 41 5.07 -24.54 -13.05
CA LYS B 41 4.99 -25.42 -14.20
C LYS B 41 5.24 -24.61 -15.46
N GLN B 42 4.91 -23.33 -15.40
CA GLN B 42 5.11 -22.44 -16.54
C GLN B 42 6.57 -22.00 -16.60
N GLY B 43 7.15 -21.78 -15.42
CA GLY B 43 8.54 -21.35 -15.31
C GLY B 43 8.62 -20.02 -14.57
N LEU B 44 7.60 -19.75 -13.76
CA LEU B 44 7.55 -18.51 -12.99
C LEU B 44 7.94 -18.73 -11.54
N GLU B 45 9.19 -18.43 -11.23
CA GLU B 45 9.68 -18.58 -9.86
C GLU B 45 8.75 -17.82 -8.91
N VAL B 46 7.91 -18.57 -8.19
CA VAL B 46 6.99 -17.94 -7.26
C VAL B 46 7.74 -17.35 -6.07
N PHE B 47 7.66 -16.03 -5.93
CA PHE B 47 8.35 -15.34 -4.84
C PHE B 47 7.37 -14.85 -3.79
N ASN B 48 7.78 -14.96 -2.53
CA ASN B 48 6.94 -14.50 -1.43
C ASN B 48 6.06 -15.63 -0.91
N ALA B 49 4.75 -15.50 -1.12
CA ALA B 49 3.82 -16.53 -0.64
C ALA B 49 4.24 -16.96 0.75
N HIS B 50 3.89 -18.18 1.11
CA HIS B 50 4.24 -18.71 2.41
C HIS B 50 4.16 -20.23 2.40
N ARG B 51 3.75 -20.78 1.25
CA ARG B 51 3.65 -22.22 1.09
C ARG B 51 3.57 -22.91 2.44
N ARG B 52 4.51 -23.82 2.69
CA ARG B 52 4.53 -24.55 3.96
C ARG B 52 3.93 -23.69 5.07
N GLU B 53 4.37 -22.43 5.14
CA GLU B 53 3.86 -21.50 6.14
C GLU B 53 2.39 -21.19 5.86
N ALA B 54 2.09 -20.95 4.58
CA ALA B 54 0.71 -20.64 4.19
C ALA B 54 -0.16 -21.89 4.26
N TRP B 55 0.45 -23.02 4.61
CA TRP B 55 -0.28 -24.28 4.67
C TRP B 55 -0.33 -24.83 6.08
N GLY B 56 0.62 -24.42 6.92
CA GLY B 56 0.67 -24.90 8.29
C GLY B 56 1.24 -23.84 9.23
N ALA B 57 0.99 -22.58 8.91
CA ALA B 57 1.51 -21.50 9.75
C ALA B 57 1.33 -20.15 9.05
N GLN B 58 0.15 -19.94 8.49
CA GLN B 58 -0.13 -18.69 7.79
C GLN B 58 -0.34 -17.55 8.79
N VAL B 59 -0.17 -16.33 8.31
CA VAL B 59 -0.33 -15.15 9.13
C VAL B 59 0.97 -14.84 9.85
N LEU B 60 2.07 -15.01 9.14
CA LEU B 60 3.37 -14.75 9.70
C LEU B 60 3.34 -13.42 10.44
N THR B 61 4.47 -12.98 10.94
CA THR B 61 4.51 -11.71 11.66
C THR B 61 5.26 -10.67 10.85
N PRO B 62 4.91 -9.43 11.02
CA PRO B 62 5.52 -8.31 10.29
C PRO B 62 7.04 -8.44 10.18
N GLU B 63 7.67 -8.84 11.29
CA GLU B 63 9.13 -8.98 11.32
C GLU B 63 9.61 -9.91 10.21
N GLU B 64 8.70 -10.71 9.68
CA GLU B 64 9.07 -11.65 8.62
C GLU B 64 8.36 -11.32 7.32
N CYS B 65 7.05 -11.38 7.34
CA CYS B 65 6.26 -11.12 6.14
C CYS B 65 6.58 -9.76 5.52
N THR B 66 6.71 -8.72 6.32
CA THR B 66 6.98 -7.39 5.78
C THR B 66 8.34 -7.35 5.09
N PRO B 67 9.39 -7.62 5.80
CA PRO B 67 10.77 -7.62 5.24
C PRO B 67 10.90 -8.47 3.98
N LEU B 68 10.46 -9.72 4.08
CA LEU B 68 10.55 -10.63 2.94
C LEU B 68 9.50 -10.27 1.90
N ASP B 69 8.44 -9.58 2.32
CA ASP B 69 7.39 -9.19 1.40
C ASP B 69 7.89 -8.10 0.47
N GLN B 70 8.46 -7.04 1.03
CA GLN B 70 8.98 -5.94 0.22
C GLN B 70 10.17 -6.43 -0.61
N LEU B 71 11.08 -7.14 0.04
CA LEU B 71 12.25 -7.66 -0.63
C LEU B 71 11.85 -8.65 -1.72
N GLU B 72 11.06 -9.64 -1.35
CA GLU B 72 10.59 -10.62 -2.32
C GLU B 72 9.63 -9.93 -3.29
N ILE B 73 9.08 -8.81 -2.85
CA ILE B 73 8.16 -8.05 -3.68
C ILE B 73 8.90 -7.61 -4.94
N ARG B 74 10.13 -7.15 -4.75
CA ARG B 74 10.95 -6.71 -5.88
C ARG B 74 11.65 -7.91 -6.54
N LYS B 75 12.18 -8.82 -5.72
CA LYS B 75 12.87 -9.99 -6.26
C LYS B 75 11.99 -10.67 -7.31
N ALA B 76 10.68 -10.63 -7.08
CA ALA B 76 9.74 -11.23 -8.00
C ALA B 76 9.74 -10.45 -9.31
N ASP B 77 10.12 -11.13 -10.39
CA ASP B 77 10.18 -10.49 -11.68
C ASP B 77 8.84 -9.84 -12.02
N VAL B 78 7.76 -10.51 -11.65
CA VAL B 78 6.41 -9.98 -11.90
C VAL B 78 5.58 -10.04 -10.62
N PHE B 79 4.88 -8.95 -10.32
CA PHE B 79 4.08 -8.91 -9.10
C PHE B 79 2.68 -9.46 -9.33
N VAL B 80 2.35 -10.52 -8.60
CA VAL B 80 1.03 -11.13 -8.70
C VAL B 80 0.37 -11.12 -7.33
N ALA B 81 -0.59 -10.21 -7.15
CA ALA B 81 -1.28 -10.08 -5.86
C ALA B 81 -2.75 -10.50 -5.97
N ILE B 82 -3.46 -10.38 -4.85
CA ILE B 82 -4.87 -10.74 -4.79
C ILE B 82 -5.59 -9.97 -3.70
N PRO B 83 -6.34 -8.98 -4.08
CA PRO B 83 -7.12 -8.16 -3.13
C PRO B 83 -7.71 -9.02 -2.04
N GLY B 84 -8.97 -9.32 -2.23
CA GLY B 84 -9.70 -10.16 -1.29
C GLY B 84 -10.28 -9.35 -0.13
N ILE B 85 -10.92 -8.23 -0.46
CA ILE B 85 -11.51 -7.39 0.58
C ILE B 85 -11.92 -8.25 1.78
N PRO B 86 -11.94 -7.69 2.96
CA PRO B 86 -11.57 -6.26 3.18
C PRO B 86 -10.23 -5.89 2.56
N PRO B 87 -9.95 -4.62 2.43
CA PRO B 87 -8.69 -4.13 1.83
C PRO B 87 -7.47 -4.77 2.49
N SER B 88 -7.18 -6.00 2.10
CA SER B 88 -6.03 -6.71 2.65
C SER B 88 -4.80 -5.80 2.67
N PRO B 89 -4.39 -5.39 3.84
CA PRO B 89 -3.20 -4.50 4.00
C PRO B 89 -1.93 -5.18 3.52
N GLY B 90 -1.80 -6.46 3.84
CA GLY B 90 -0.63 -7.21 3.42
C GLY B 90 -0.47 -7.09 1.93
N THR B 91 -1.53 -7.42 1.21
CA THR B 91 -1.49 -7.29 -0.24
C THR B 91 -1.48 -5.82 -0.60
N HIS B 92 -2.64 -5.15 -0.49
CA HIS B 92 -2.67 -3.73 -0.78
C HIS B 92 -1.30 -3.13 -0.62
N VAL B 93 -0.81 -3.08 0.61
CA VAL B 93 0.51 -2.53 0.86
C VAL B 93 1.54 -3.21 -0.04
N GLU B 94 1.36 -4.50 -0.26
CA GLU B 94 2.27 -5.25 -1.12
C GLU B 94 2.19 -4.69 -2.53
N ILE B 95 0.97 -4.34 -2.94
CA ILE B 95 0.75 -3.77 -4.26
C ILE B 95 1.32 -2.35 -4.25
N GLY B 96 0.77 -1.50 -3.38
CA GLY B 96 1.28 -0.14 -3.27
C GLY B 96 2.79 -0.21 -3.15
N TRP B 97 3.25 -1.37 -2.68
CA TRP B 97 4.67 -1.63 -2.52
C TRP B 97 5.32 -1.73 -3.88
N ALA B 98 4.72 -2.58 -4.72
CA ALA B 98 5.22 -2.77 -6.06
C ALA B 98 5.09 -1.48 -6.86
N SER B 99 4.30 -0.53 -6.34
CA SER B 99 4.14 0.75 -7.01
C SER B 99 5.26 1.67 -6.57
N ALA B 100 5.36 1.89 -5.26
CA ALA B 100 6.41 2.72 -4.72
C ALA B 100 7.74 2.08 -5.07
N PHE B 101 7.67 0.82 -5.50
CA PHE B 101 8.84 0.07 -5.92
C PHE B 101 9.05 0.29 -7.42
N ASP B 102 8.06 -0.12 -8.20
CA ASP B 102 8.09 0.06 -9.64
C ASP B 102 7.96 -1.28 -10.38
N LYS B 103 7.99 -2.38 -9.64
CA LYS B 103 7.88 -3.70 -10.26
C LYS B 103 6.49 -3.92 -10.85
N PRO B 104 6.45 -4.51 -12.02
CA PRO B 104 5.17 -4.81 -12.73
C PRO B 104 4.13 -5.38 -11.77
N ILE B 105 2.86 -5.11 -12.04
CA ILE B 105 1.80 -5.59 -11.16
C ILE B 105 0.67 -6.29 -11.92
N VAL B 106 0.08 -7.27 -11.24
CA VAL B 106 -1.03 -8.06 -11.78
C VAL B 106 -1.75 -8.75 -10.63
N LEU B 107 -2.99 -8.35 -10.38
CA LEU B 107 -3.74 -8.94 -9.29
C LEU B 107 -4.92 -9.75 -9.79
N LEU B 108 -5.31 -10.75 -9.00
CA LEU B 108 -6.46 -11.58 -9.34
C LEU B 108 -7.70 -10.96 -8.70
N LEU B 109 -8.25 -9.95 -9.36
CA LEU B 109 -9.43 -9.26 -8.84
C LEU B 109 -10.44 -10.24 -8.27
N GLU B 110 -11.02 -9.88 -7.13
CA GLU B 110 -12.01 -10.75 -6.51
C GLU B 110 -13.39 -10.46 -7.05
N GLU B 111 -13.49 -10.32 -8.37
CA GLU B 111 -14.77 -10.04 -9.00
C GLU B 111 -15.80 -9.68 -7.95
N GLY B 112 -15.56 -8.55 -7.28
CA GLY B 112 -16.42 -8.06 -6.21
C GLY B 112 -15.59 -7.23 -5.25
N ARG B 113 -14.62 -7.88 -4.62
CA ARG B 113 -13.73 -7.18 -3.72
C ARG B 113 -12.90 -6.18 -4.52
N GLU B 114 -12.26 -6.67 -5.57
CA GLU B 114 -11.48 -5.81 -6.43
C GLU B 114 -12.23 -4.50 -6.60
N GLU B 115 -13.55 -4.62 -6.61
CA GLU B 115 -14.42 -3.47 -6.74
C GLU B 115 -14.33 -2.64 -5.47
N GLU B 116 -14.50 -3.31 -4.34
CA GLU B 116 -14.41 -2.65 -3.05
C GLU B 116 -13.06 -1.93 -2.94
N TYR B 117 -12.05 -2.46 -3.64
CA TYR B 117 -10.73 -1.85 -3.64
C TYR B 117 -10.76 -0.51 -4.37
N GLY B 118 -10.74 -0.61 -5.71
CA GLY B 118 -10.77 0.57 -6.56
C GLY B 118 -9.73 1.60 -6.11
N PHE B 119 -10.11 2.42 -5.16
CA PHE B 119 -9.23 3.44 -4.64
C PHE B 119 -7.75 3.20 -5.01
N LEU B 120 -7.12 2.25 -4.33
CA LEU B 120 -5.70 1.99 -4.57
C LEU B 120 -5.45 1.04 -5.74
N VAL B 121 -6.18 -0.06 -5.79
CA VAL B 121 -5.99 -1.01 -6.87
C VAL B 121 -6.17 -0.33 -8.21
N ARG B 122 -7.31 0.34 -8.36
CA ARG B 122 -7.60 1.06 -9.58
C ARG B 122 -6.58 2.17 -9.77
N GLY B 123 -6.36 2.95 -8.72
CA GLY B 123 -5.39 4.04 -8.78
C GLY B 123 -4.04 3.52 -9.27
N LEU B 124 -3.75 2.26 -8.99
CA LEU B 124 -2.48 1.70 -9.43
C LEU B 124 -2.58 1.29 -10.90
N GLY B 125 -3.76 0.87 -11.31
CA GLY B 125 -3.98 0.48 -12.69
C GLY B 125 -3.81 1.67 -13.62
N THR B 126 -4.04 2.86 -13.09
CA THR B 126 -3.91 4.08 -13.88
C THR B 126 -2.50 4.66 -13.79
N VAL B 127 -1.85 4.52 -12.63
CA VAL B 127 -0.50 5.06 -12.46
C VAL B 127 0.59 4.05 -12.87
N ALA B 128 0.64 2.90 -12.20
CA ALA B 128 1.65 1.89 -12.51
C ALA B 128 1.05 0.74 -13.32
N ALA B 129 1.88 0.08 -14.13
CA ALA B 129 1.42 -1.02 -14.94
C ALA B 129 0.75 -2.07 -14.05
N VAL B 130 -0.53 -1.86 -13.77
CA VAL B 130 -1.27 -2.78 -12.92
C VAL B 130 -2.38 -3.49 -13.68
N GLU B 131 -2.22 -4.79 -13.88
CA GLU B 131 -3.24 -5.56 -14.58
C GLU B 131 -4.25 -6.12 -13.58
N PHE B 132 -5.52 -6.11 -13.97
CA PHE B 132 -6.59 -6.60 -13.10
C PHE B 132 -7.25 -7.85 -13.68
N VAL B 133 -7.05 -8.99 -13.02
CA VAL B 133 -7.62 -10.26 -13.49
C VAL B 133 -8.70 -10.77 -12.53
N HIS B 134 -9.96 -10.60 -12.89
CA HIS B 134 -11.04 -11.09 -12.05
C HIS B 134 -11.05 -12.63 -12.09
N TYR B 135 -11.39 -13.27 -10.97
CA TYR B 135 -11.39 -14.73 -10.97
C TYR B 135 -12.64 -15.31 -10.29
N LYS B 136 -13.38 -16.09 -11.06
CA LYS B 136 -14.59 -16.75 -10.56
C LYS B 136 -14.33 -18.25 -10.47
N ASP B 137 -13.23 -18.65 -11.12
CA ASP B 137 -12.81 -20.04 -11.14
C ASP B 137 -11.29 -20.10 -11.32
N ILE B 138 -10.60 -20.75 -10.40
CA ILE B 138 -9.15 -20.83 -10.48
C ILE B 138 -8.73 -21.46 -11.80
N ALA B 139 -9.43 -22.52 -12.21
CA ALA B 139 -9.12 -23.19 -13.47
C ALA B 139 -9.25 -22.20 -14.61
N LEU B 140 -9.67 -20.98 -14.28
CA LEU B 140 -9.84 -19.93 -15.27
C LEU B 140 -8.92 -18.75 -14.95
N ALA B 141 -8.62 -18.57 -13.67
CA ALA B 141 -7.73 -17.49 -13.25
C ALA B 141 -6.33 -17.75 -13.77
N LYS B 142 -5.78 -18.92 -13.46
CA LYS B 142 -4.44 -19.26 -13.91
C LYS B 142 -4.16 -18.65 -15.30
N PRO B 143 -5.00 -18.94 -16.25
CA PRO B 143 -4.86 -18.41 -17.65
C PRO B 143 -5.15 -16.91 -17.74
N GLN B 144 -6.18 -16.47 -17.02
CA GLN B 144 -6.56 -15.06 -17.01
C GLN B 144 -5.40 -14.22 -16.49
N ILE B 145 -4.90 -14.63 -15.33
CA ILE B 145 -3.78 -13.95 -14.69
C ILE B 145 -2.55 -14.01 -15.58
N ASP B 146 -2.40 -15.14 -16.28
CA ASP B 146 -1.26 -15.32 -17.17
C ASP B 146 -1.37 -14.35 -18.35
N ALA B 147 -2.59 -14.14 -18.84
CA ALA B 147 -2.80 -13.23 -19.96
C ALA B 147 -2.49 -11.81 -19.54
N ALA B 148 -3.23 -11.33 -18.54
CA ALA B 148 -3.02 -9.98 -18.04
C ALA B 148 -1.59 -9.85 -17.53
N ILE B 149 -0.99 -10.98 -17.22
CA ILE B 149 0.39 -11.00 -16.74
C ILE B 149 1.33 -10.63 -17.87
N ARG B 150 1.24 -11.36 -18.97
CA ARG B 150 2.09 -11.09 -20.13
C ARG B 150 1.82 -9.69 -20.63
N LYS B 151 0.63 -9.20 -20.35
CA LYS B 151 0.25 -7.86 -20.78
C LYS B 151 1.06 -6.82 -20.03
N VAL B 152 0.99 -6.86 -18.71
CA VAL B 152 1.74 -5.91 -17.89
C VAL B 152 3.24 -6.06 -18.17
N VAL B 153 3.69 -7.29 -18.35
CA VAL B 153 5.10 -7.54 -18.63
C VAL B 153 5.51 -6.83 -19.91
N ASP B 154 4.66 -6.93 -20.94
CA ASP B 154 4.96 -6.26 -22.19
C ASP B 154 4.68 -4.77 -22.08
N ARG B 155 3.89 -4.41 -21.07
CA ARG B 155 3.55 -3.00 -20.84
C ARG B 155 4.72 -2.24 -20.24
N VAL B 156 5.50 -2.91 -19.39
CA VAL B 156 6.64 -2.26 -18.75
C VAL B 156 7.95 -2.68 -19.39
N ASN B 157 7.97 -3.86 -19.98
CA ASN B 157 9.19 -4.37 -20.61
C ASN B 157 8.98 -4.62 -22.11
N ASN B 158 7.82 -4.21 -22.62
CA ASN B 158 7.52 -4.39 -24.04
C ASN B 158 8.05 -5.74 -24.52
N PRO B 159 7.77 -6.09 -25.75
CA PRO B 159 8.22 -7.38 -26.34
C PRO B 159 9.75 -7.48 -26.42
N ALA B 160 10.38 -7.65 -25.26
CA ALA B 160 11.84 -7.74 -25.22
C ALA B 160 12.29 -9.21 -25.23
N ALA B 161 11.33 -10.12 -25.36
CA ALA B 161 11.66 -11.55 -25.38
C ALA B 161 12.03 -12.00 -26.79
N THR B 162 12.26 -13.30 -26.94
CA THR B 162 12.62 -13.86 -28.24
C THR B 162 13.93 -13.26 -28.74
N PRO B 163 15.03 -13.66 -28.14
CA PRO B 163 16.39 -13.16 -28.51
C PRO B 163 16.92 -13.82 -29.79
N LYS A 1 15.75 18.43 15.98
CA LYS A 1 15.38 19.72 15.34
C LYS A 1 14.86 19.46 13.93
N ALA A 2 15.30 20.29 12.99
CA ALA A 2 14.87 20.14 11.61
C ALA A 2 14.65 18.67 11.27
N GLY A 3 13.87 18.42 10.23
CA GLY A 3 13.59 17.05 9.81
C GLY A 3 12.30 17.00 8.99
N VAL A 4 11.34 17.85 9.34
CA VAL A 4 10.06 17.87 8.64
C VAL A 4 9.86 19.21 7.92
N ARG A 5 10.14 19.22 6.63
CA ARG A 5 9.97 20.43 5.84
C ARG A 5 8.58 20.45 5.21
N SER A 6 8.05 19.26 4.98
CA SER A 6 6.72 19.12 4.39
C SER A 6 6.05 17.88 4.96
N VAL A 7 4.92 18.08 5.63
CA VAL A 7 4.21 16.96 6.23
C VAL A 7 3.08 16.46 5.32
N PHE A 8 3.17 15.19 4.92
CA PHE A 8 2.14 14.58 4.09
C PHE A 8 1.12 13.89 4.99
N LEU A 9 -0.15 14.03 4.67
CA LEU A 9 -1.19 13.42 5.51
C LEU A 9 -2.29 12.75 4.68
N ALA A 10 -2.52 11.48 4.98
CA ALA A 10 -3.55 10.72 4.30
C ALA A 10 -4.40 9.97 5.31
N GLY A 11 -5.72 10.02 5.14
CA GLY A 11 -6.63 9.34 6.05
C GLY A 11 -6.94 7.93 5.55
N PRO A 12 -7.65 7.17 6.34
CA PRO A 12 -8.04 5.77 5.99
C PRO A 12 -8.89 5.72 4.72
N PHE A 13 -8.83 6.79 3.94
CA PHE A 13 -9.59 6.89 2.69
C PHE A 13 -10.36 5.60 2.39
N MET A 14 -10.37 5.20 1.13
CA MET A 14 -11.10 4.00 0.73
C MET A 14 -11.73 3.32 1.94
N GLY A 15 -10.89 2.92 2.90
CA GLY A 15 -11.38 2.26 4.09
C GLY A 15 -12.54 3.03 4.71
N LEU A 16 -12.19 4.01 5.55
CA LEU A 16 -13.21 4.82 6.20
C LEU A 16 -14.33 5.14 5.22
N VAL A 17 -13.94 5.40 3.97
CA VAL A 17 -14.89 5.74 2.94
C VAL A 17 -15.57 4.49 2.38
N ASN A 18 -16.89 4.51 2.31
CA ASN A 18 -17.61 3.38 1.78
C ASN A 18 -16.95 2.94 0.48
N PRO A 19 -16.44 1.75 0.45
CA PRO A 19 -15.74 1.16 -0.72
C PRO A 19 -16.21 1.73 -2.06
N GLU A 20 -15.74 2.93 -2.39
CA GLU A 20 -16.08 3.57 -3.67
C GLU A 20 -17.21 4.58 -3.51
N THR A 21 -17.12 5.40 -2.47
CA THR A 21 -18.15 6.42 -2.23
C THR A 21 -18.46 6.54 -0.75
N ASN A 22 -18.54 7.78 -0.25
CA ASN A 22 -18.84 7.99 1.16
C ASN A 22 -18.64 9.46 1.56
N SER A 23 -18.56 9.70 2.87
CA SER A 23 -18.38 11.06 3.38
C SER A 23 -17.41 11.09 4.56
N MET A 24 -16.15 11.40 4.27
CA MET A 24 -15.13 11.48 5.31
C MET A 24 -15.70 12.11 6.58
N PRO A 25 -15.43 11.52 7.71
CA PRO A 25 -15.91 12.04 9.03
C PRO A 25 -15.40 13.44 9.31
N SER A 26 -16.25 14.26 9.93
CA SER A 26 -15.89 15.63 10.27
C SER A 26 -14.82 15.66 11.35
N ALA A 27 -15.00 14.80 12.36
CA ALA A 27 -14.05 14.73 13.46
C ALA A 27 -12.75 14.08 12.99
N GLU A 28 -12.65 13.84 11.68
CA GLU A 28 -11.45 13.26 11.10
C GLU A 28 -10.70 14.33 10.34
N GLN A 29 -11.35 14.87 9.31
CA GLN A 29 -10.74 15.93 8.53
C GLN A 29 -10.42 17.11 9.45
N LEU A 30 -11.37 17.45 10.31
CA LEU A 30 -11.17 18.53 11.26
C LEU A 30 -9.81 18.39 11.90
N PRO A 31 -9.62 17.36 12.66
CA PRO A 31 -8.33 17.08 13.32
C PRO A 31 -7.18 17.33 12.37
N PHE A 32 -7.31 16.79 11.15
CA PHE A 32 -6.28 17.00 10.14
C PHE A 32 -6.05 18.49 9.92
N LEU A 33 -7.12 19.26 10.05
CA LEU A 33 -7.00 20.71 9.88
C LEU A 33 -6.16 21.28 11.01
N THR A 34 -6.43 20.84 12.23
CA THR A 34 -5.66 21.32 13.38
C THR A 34 -4.17 21.04 13.19
N LEU A 35 -3.83 19.79 12.87
CA LEU A 35 -2.44 19.44 12.63
C LEU A 35 -1.91 20.15 11.41
N ILE A 36 -2.70 20.14 10.35
CA ILE A 36 -2.33 20.80 9.11
C ILE A 36 -1.96 22.24 9.38
N GLU A 37 -2.63 22.82 10.37
CA GLU A 37 -2.36 24.20 10.74
C GLU A 37 -1.01 24.29 11.44
N HIS A 38 -0.77 23.39 12.38
CA HIS A 38 0.50 23.37 13.09
C HIS A 38 1.61 23.03 12.10
N PHE A 39 1.22 22.50 10.95
CA PHE A 39 2.18 22.15 9.92
C PHE A 39 2.59 23.40 9.16
N GLU A 40 1.60 24.21 8.78
CA GLU A 40 1.89 25.45 8.07
C GLU A 40 2.30 26.51 9.10
N LYS A 41 2.15 26.18 10.37
CA LYS A 41 2.51 27.10 11.45
C LYS A 41 3.98 26.91 11.82
N GLN A 42 4.41 25.66 11.95
CA GLN A 42 5.81 25.39 12.29
C GLN A 42 6.70 25.57 11.07
N GLY A 43 6.16 25.17 9.91
CA GLY A 43 6.91 25.29 8.67
C GLY A 43 6.91 23.95 7.94
N LEU A 44 5.87 23.17 8.20
CA LEU A 44 5.73 21.85 7.60
C LEU A 44 4.77 21.89 6.43
N GLU A 45 5.33 21.94 5.22
CA GLU A 45 4.53 21.98 4.01
C GLU A 45 3.56 20.80 3.98
N VAL A 46 2.29 21.08 4.19
CA VAL A 46 1.28 20.03 4.20
C VAL A 46 1.05 19.51 2.79
N PHE A 47 1.28 18.22 2.59
CA PHE A 47 1.08 17.60 1.29
C PHE A 47 0.09 16.44 1.43
N ASN A 48 -1.12 16.65 0.92
CA ASN A 48 -2.16 15.62 1.02
C ASN A 48 -3.52 16.24 1.26
N ALA A 49 -4.30 15.60 2.13
CA ALA A 49 -5.63 16.07 2.47
C ALA A 49 -6.39 16.54 1.23
N HIS A 50 -7.68 16.23 1.20
CA HIS A 50 -8.53 16.61 0.09
C HIS A 50 -9.49 17.71 0.51
N ARG A 51 -9.30 18.20 1.73
CA ARG A 51 -10.16 19.25 2.27
C ARG A 51 -11.47 19.33 1.50
N ARG A 52 -11.74 20.50 0.92
CA ARG A 52 -12.97 20.69 0.15
C ARG A 52 -13.70 19.38 -0.09
N GLU A 53 -13.06 18.50 -0.86
CA GLU A 53 -13.64 17.21 -1.18
C GLU A 53 -13.73 16.32 0.06
N ALA A 54 -12.62 16.27 0.81
CA ALA A 54 -12.57 15.47 2.01
C ALA A 54 -13.63 15.90 3.01
N TRP A 55 -14.27 17.04 2.73
CA TRP A 55 -15.31 17.54 3.63
C TRP A 55 -16.65 17.59 2.91
N GLY A 56 -16.62 17.49 1.58
CA GLY A 56 -17.85 17.52 0.79
C GLY A 56 -18.25 16.11 0.36
N ALA A 57 -17.33 15.17 0.51
CA ALA A 57 -17.57 13.78 0.14
C ALA A 57 -16.34 12.94 0.42
N GLN A 58 -15.25 13.29 -0.25
CA GLN A 58 -13.97 12.58 -0.07
C GLN A 58 -13.88 11.37 -0.99
N VAL A 59 -12.87 10.53 -0.75
CA VAL A 59 -12.64 9.35 -1.56
C VAL A 59 -12.97 9.64 -3.03
N LEU A 60 -12.25 10.63 -3.56
CA LEU A 60 -12.43 11.02 -4.95
C LEU A 60 -12.26 9.83 -5.86
N THR A 61 -11.76 10.08 -7.04
CA THR A 61 -11.55 9.03 -8.02
C THR A 61 -10.08 8.72 -8.20
N PRO A 62 -9.76 7.49 -8.49
CA PRO A 62 -8.37 7.01 -8.68
C PRO A 62 -7.49 8.00 -9.42
N GLU A 63 -8.04 8.60 -10.48
CA GLU A 63 -7.28 9.55 -11.29
C GLU A 63 -6.85 10.78 -10.48
N GLU A 64 -7.50 11.00 -9.35
CA GLU A 64 -7.15 12.14 -8.51
C GLU A 64 -6.49 11.68 -7.21
N CYS A 65 -7.18 10.78 -6.50
CA CYS A 65 -6.68 10.27 -5.24
C CYS A 65 -5.41 9.44 -5.42
N THR A 66 -5.45 8.48 -6.34
CA THR A 66 -4.28 7.63 -6.57
C THR A 66 -3.04 8.47 -6.88
N PRO A 67 -3.08 9.23 -7.93
CA PRO A 67 -1.94 10.08 -8.36
C PRO A 67 -1.45 10.99 -7.24
N LEU A 68 -2.34 11.82 -6.72
CA LEU A 68 -1.98 12.74 -5.64
C LEU A 68 -1.48 11.96 -4.43
N ASP A 69 -1.95 10.74 -4.28
CA ASP A 69 -1.52 9.90 -3.17
C ASP A 69 -0.10 9.43 -3.41
N GLN A 70 0.10 8.77 -4.56
CA GLN A 70 1.42 8.28 -4.92
C GLN A 70 2.43 9.43 -4.93
N LEU A 71 2.03 10.56 -5.50
CA LEU A 71 2.91 11.71 -5.56
C LEU A 71 3.22 12.18 -4.14
N GLU A 72 2.17 12.43 -3.36
CA GLU A 72 2.35 12.85 -1.99
C GLU A 72 3.29 11.89 -1.27
N ILE A 73 3.38 10.66 -1.78
CA ILE A 73 4.25 9.67 -1.16
C ILE A 73 5.71 9.99 -1.46
N ARG A 74 6.09 9.86 -2.73
CA ARG A 74 7.48 10.13 -3.12
C ARG A 74 7.76 11.62 -3.24
N LYS A 75 6.83 12.45 -2.75
CA LYS A 75 7.01 13.89 -2.81
C LYS A 75 7.17 14.48 -1.40
N ALA A 76 6.22 14.14 -0.54
CA ALA A 76 6.23 14.63 0.85
C ALA A 76 7.61 14.44 1.49
N ASP A 77 8.06 15.46 2.21
CA ASP A 77 9.35 15.39 2.90
C ASP A 77 9.26 14.41 4.06
N VAL A 78 8.10 14.40 4.69
CA VAL A 78 7.85 13.49 5.81
C VAL A 78 6.49 12.86 5.63
N PHE A 79 6.47 11.54 5.51
CA PHE A 79 5.21 10.83 5.30
C PHE A 79 4.45 10.69 6.60
N VAL A 80 3.25 11.27 6.62
CA VAL A 80 2.40 11.21 7.81
C VAL A 80 1.00 10.79 7.40
N ALA A 81 0.45 9.80 8.09
CA ALA A 81 -0.89 9.32 7.78
C ALA A 81 -1.62 8.86 9.04
N ILE A 82 -2.86 8.43 8.88
CA ILE A 82 -3.65 7.97 10.00
C ILE A 82 -4.30 6.63 9.72
N PRO A 83 -3.74 5.58 10.26
CA PRO A 83 -4.28 4.21 10.09
C PRO A 83 -5.79 4.22 10.06
N GLY A 84 -6.33 3.88 11.20
CA GLY A 84 -7.78 3.85 11.38
C GLY A 84 -8.36 2.49 10.95
N ILE A 85 -7.78 1.41 11.44
CA ILE A 85 -8.28 0.08 11.08
C ILE A 85 -9.79 0.12 10.89
N PRO A 86 -10.33 -0.78 10.09
CA PRO A 86 -9.52 -1.81 9.37
C PRO A 86 -8.38 -1.19 8.56
N PRO A 87 -7.40 -1.99 8.20
CA PRO A 87 -6.23 -1.50 7.41
C PRO A 87 -6.67 -0.75 6.15
N SER A 88 -6.89 0.55 6.30
CA SER A 88 -7.31 1.37 5.18
C SER A 88 -6.44 1.09 3.94
N PRO A 89 -6.98 0.38 2.99
CA PRO A 89 -6.24 0.04 1.74
C PRO A 89 -5.62 1.28 1.09
N GLY A 90 -6.34 2.40 1.13
CA GLY A 90 -5.86 3.63 0.53
C GLY A 90 -4.64 4.14 1.27
N THR A 91 -4.80 4.45 2.54
CA THR A 91 -3.68 4.93 3.33
C THR A 91 -2.56 3.91 3.25
N HIS A 92 -2.74 2.78 3.90
CA HIS A 92 -1.75 1.73 3.84
C HIS A 92 -0.92 1.83 2.57
N VAL A 93 -1.55 1.58 1.43
CA VAL A 93 -0.82 1.64 0.17
C VAL A 93 -0.03 2.93 0.09
N GLU A 94 -0.62 4.02 0.56
CA GLU A 94 0.09 5.31 0.55
C GLU A 94 1.28 5.22 1.48
N ILE A 95 1.06 4.56 2.61
CA ILE A 95 2.12 4.36 3.60
C ILE A 95 3.21 3.49 2.98
N GLY A 96 2.84 2.27 2.62
CA GLY A 96 3.79 1.38 1.97
C GLY A 96 4.45 2.12 0.82
N TRP A 97 3.65 2.87 0.09
CA TRP A 97 4.15 3.65 -1.02
C TRP A 97 5.38 4.40 -0.56
N ALA A 98 5.26 5.03 0.61
CA ALA A 98 6.38 5.75 1.18
C ALA A 98 7.54 4.80 1.44
N SER A 99 7.19 3.55 1.73
CA SER A 99 8.21 2.53 1.99
C SER A 99 8.92 2.15 0.69
N ALA A 100 8.15 1.67 -0.28
CA ALA A 100 8.73 1.29 -1.57
C ALA A 100 9.44 2.49 -2.18
N PHE A 101 9.06 3.68 -1.75
CA PHE A 101 9.67 4.89 -2.27
C PHE A 101 10.79 5.38 -1.34
N ASP A 102 10.83 4.83 -0.12
CA ASP A 102 11.87 5.20 0.84
C ASP A 102 11.47 6.43 1.63
N LYS A 103 10.49 7.15 1.14
CA LYS A 103 10.03 8.37 1.81
C LYS A 103 9.82 8.11 3.30
N PRO A 104 10.39 8.94 4.14
CA PRO A 104 10.23 8.80 5.62
C PRO A 104 8.76 8.53 5.96
N ILE A 105 8.52 7.72 6.99
CA ILE A 105 7.16 7.39 7.37
C ILE A 105 6.84 7.72 8.82
N VAL A 106 5.58 8.03 9.06
CA VAL A 106 5.09 8.38 10.40
C VAL A 106 3.57 8.33 10.41
N LEU A 107 3.01 7.39 11.17
CA LEU A 107 1.56 7.27 11.24
C LEU A 107 1.05 7.62 12.64
N LEU A 108 -0.25 7.89 12.72
CA LEU A 108 -0.87 8.21 14.00
C LEU A 108 -1.59 6.98 14.52
N LEU A 109 -0.84 6.06 15.12
CA LEU A 109 -1.41 4.84 15.64
C LEU A 109 -2.72 5.11 16.35
N GLU A 110 -3.69 4.21 16.20
CA GLU A 110 -4.98 4.39 16.83
C GLU A 110 -5.03 3.66 18.18
N GLU A 111 -3.98 3.83 18.95
CA GLU A 111 -3.90 3.20 20.27
C GLU A 111 -4.76 1.93 20.31
N GLY A 112 -4.66 1.13 19.25
CA GLY A 112 -5.43 -0.12 19.16
C GLY A 112 -5.44 -0.64 17.72
N ARG A 113 -5.99 0.16 16.82
CA ARG A 113 -6.03 -0.21 15.41
C ARG A 113 -4.61 -0.44 14.93
N GLU A 114 -3.77 0.57 15.14
CA GLU A 114 -2.37 0.49 14.77
C GLU A 114 -1.87 -0.91 15.07
N GLU A 115 -2.36 -1.44 16.20
CA GLU A 115 -2.00 -2.78 16.62
C GLU A 115 -2.54 -3.75 15.60
N GLU A 116 -3.81 -3.58 15.24
CA GLU A 116 -4.43 -4.44 14.24
C GLU A 116 -3.58 -4.39 12.97
N TYR A 117 -3.32 -3.17 12.48
CA TYR A 117 -2.49 -3.01 11.29
C TYR A 117 -1.37 -4.04 11.33
N GLY A 118 -0.54 -3.90 12.36
CA GLY A 118 0.59 -4.80 12.59
C GLY A 118 1.22 -5.24 11.28
N PHE A 119 0.46 -6.01 10.53
CA PHE A 119 0.94 -6.52 9.25
C PHE A 119 1.96 -5.59 8.61
N LEU A 120 1.48 -4.54 7.93
CA LEU A 120 2.39 -3.63 7.26
C LEU A 120 2.79 -2.45 8.13
N VAL A 121 1.90 -2.01 9.01
CA VAL A 121 2.24 -0.90 9.87
C VAL A 121 3.40 -1.30 10.76
N ARG A 122 3.29 -2.44 11.42
CA ARG A 122 4.37 -2.92 12.26
C ARG A 122 5.53 -3.36 11.38
N GLY A 123 5.23 -4.21 10.40
CA GLY A 123 6.28 -4.66 9.48
C GLY A 123 6.99 -3.44 8.93
N LEU A 124 6.30 -2.30 9.00
CA LEU A 124 6.85 -1.06 8.52
C LEU A 124 7.86 -0.50 9.52
N GLY A 125 7.44 -0.39 10.77
CA GLY A 125 8.34 0.10 11.81
C GLY A 125 9.63 -0.70 11.81
N THR A 126 9.57 -1.91 11.27
CA THR A 126 10.74 -2.77 11.24
C THR A 126 11.44 -2.75 9.88
N VAL A 127 10.72 -2.48 8.80
CA VAL A 127 11.32 -2.48 7.47
C VAL A 127 11.86 -1.11 7.06
N ALA A 128 11.12 -0.05 7.36
CA ALA A 128 11.56 1.29 6.98
C ALA A 128 11.32 2.30 8.08
N ALA A 129 11.78 3.52 7.85
CA ALA A 129 11.62 4.60 8.80
C ALA A 129 10.14 4.86 9.06
N VAL A 130 9.51 3.96 9.82
CA VAL A 130 8.09 4.11 10.11
C VAL A 130 7.87 4.44 11.59
N GLU A 131 7.74 5.74 11.88
CA GLU A 131 7.53 6.20 13.25
C GLU A 131 6.08 5.96 13.66
N PHE A 132 5.86 5.40 14.85
CA PHE A 132 4.51 5.15 15.32
C PHE A 132 4.11 6.10 16.42
N VAL A 133 3.10 6.91 16.14
CA VAL A 133 2.60 7.86 17.12
C VAL A 133 1.19 7.47 17.56
N HIS A 134 1.10 6.90 18.76
CA HIS A 134 -0.18 6.52 19.31
C HIS A 134 -0.92 7.77 19.75
N TYR A 135 -2.13 7.99 19.25
CA TYR A 135 -2.86 9.19 19.62
C TYR A 135 -4.33 8.92 19.88
N LYS A 136 -4.82 9.51 20.96
CA LYS A 136 -6.22 9.38 21.35
C LYS A 136 -6.88 10.75 21.26
N ASP A 137 -6.04 11.79 21.27
CA ASP A 137 -6.50 13.16 21.17
C ASP A 137 -5.52 13.95 20.31
N ILE A 138 -6.02 14.66 19.32
CA ILE A 138 -5.15 15.43 18.43
C ILE A 138 -4.48 16.61 19.14
N ALA A 139 -5.15 17.14 20.17
CA ALA A 139 -4.62 18.27 20.93
C ALA A 139 -3.21 17.98 21.43
N LEU A 140 -3.00 16.76 21.86
CA LEU A 140 -1.69 16.36 22.37
C LEU A 140 -0.97 15.49 21.35
N ALA A 141 -1.72 15.01 20.35
CA ALA A 141 -1.13 14.18 19.32
C ALA A 141 -0.20 15.03 18.46
N LYS A 142 -0.47 16.33 18.37
CA LYS A 142 0.37 17.21 17.59
C LYS A 142 1.80 17.18 18.12
N PRO A 143 1.99 17.51 19.37
CA PRO A 143 3.34 17.51 20.01
C PRO A 143 3.97 16.11 20.02
N GLN A 144 3.13 15.11 20.28
CA GLN A 144 3.61 13.73 20.32
C GLN A 144 4.02 13.27 18.92
N ILE A 145 3.23 13.63 17.94
CA ILE A 145 3.51 13.25 16.55
C ILE A 145 4.74 14.00 16.03
N ASP A 146 4.90 15.25 16.45
CA ASP A 146 6.04 16.04 16.00
C ASP A 146 7.30 15.60 16.75
N ALA A 147 7.12 15.11 17.98
CA ALA A 147 8.25 14.64 18.77
C ALA A 147 8.80 13.34 18.18
N ALA A 148 7.90 12.41 17.88
CA ALA A 148 8.30 11.14 17.29
C ALA A 148 8.74 11.35 15.85
N ILE A 149 8.17 12.37 15.22
CA ILE A 149 8.50 12.70 13.84
C ILE A 149 9.93 13.22 13.78
N ARG A 150 10.28 14.10 14.72
CA ARG A 150 11.63 14.66 14.76
C ARG A 150 12.62 13.62 15.27
N LYS A 151 12.18 12.79 16.22
CA LYS A 151 13.05 11.76 16.77
C LYS A 151 13.36 10.72 15.71
N VAL A 152 12.31 10.25 15.02
CA VAL A 152 12.49 9.25 13.97
C VAL A 152 13.27 9.86 12.81
N VAL A 153 12.97 11.11 12.51
CA VAL A 153 13.65 11.81 11.42
C VAL A 153 15.15 11.92 11.72
N ASP A 154 15.47 12.17 12.99
CA ASP A 154 16.86 12.27 13.41
C ASP A 154 17.46 10.89 13.55
N ARG A 155 16.59 9.90 13.71
CA ARG A 155 17.02 8.52 13.85
C ARG A 155 17.27 7.91 12.48
N VAL A 156 16.71 8.53 11.45
CA VAL A 156 16.87 8.04 10.09
C VAL A 156 17.81 8.96 9.31
N ASN A 157 18.04 10.16 9.83
CA ASN A 157 18.92 11.11 9.15
C ASN A 157 20.19 11.38 9.96
N ASN A 158 20.14 11.09 11.26
CA ASN A 158 21.30 11.32 12.12
C ASN A 158 21.52 10.18 13.10
N PRO A 159 21.91 9.03 12.60
CA PRO A 159 22.18 7.83 13.45
C PRO A 159 23.47 7.98 14.26
N ALA A 160 24.23 6.89 14.38
CA ALA A 160 25.48 6.92 15.12
C ALA A 160 26.13 5.53 15.15
N ALA A 161 27.44 5.50 15.38
CA ALA A 161 28.16 4.24 15.45
C ALA A 161 28.01 3.64 16.84
N THR A 162 28.96 3.93 17.72
CA THR A 162 28.91 3.43 19.08
C THR A 162 27.63 3.90 19.76
N PRO A 163 26.95 3.02 20.45
CA PRO A 163 25.68 3.35 21.14
C PRO A 163 25.92 4.22 22.38
N LYS B 1 7.93 -10.48 -26.43
CA LYS B 1 8.84 -11.57 -25.98
C LYS B 1 9.33 -11.27 -24.56
N ALA B 2 10.62 -11.48 -24.33
CA ALA B 2 11.19 -11.23 -23.02
C ALA B 2 10.49 -10.06 -22.34
N GLY B 3 10.57 -10.03 -21.01
CA GLY B 3 9.95 -8.96 -20.25
C GLY B 3 9.76 -9.38 -18.79
N VAL B 4 9.54 -10.67 -18.59
CA VAL B 4 9.33 -11.19 -17.24
C VAL B 4 10.42 -12.20 -16.87
N ARG B 5 11.43 -11.74 -16.13
CA ARG B 5 12.51 -12.61 -15.71
C ARG B 5 12.20 -13.20 -14.34
N SER B 6 11.40 -12.47 -13.56
CA SER B 6 11.01 -12.93 -12.24
C SER B 6 9.60 -12.44 -11.93
N VAL B 7 8.68 -13.37 -11.73
CA VAL B 7 7.30 -13.01 -11.43
C VAL B 7 7.03 -12.98 -9.94
N PHE B 8 6.65 -11.81 -9.43
CA PHE B 8 6.32 -11.66 -8.02
C PHE B 8 4.83 -11.88 -7.84
N LEU B 9 4.44 -12.63 -6.81
CA LEU B 9 3.01 -12.90 -6.61
C LEU B 9 2.58 -12.76 -5.15
N ALA B 10 1.60 -11.88 -4.93
CA ALA B 10 1.06 -11.65 -3.59
C ALA B 10 -0.46 -11.75 -3.60
N GLY B 11 -1.01 -12.46 -2.62
CA GLY B 11 -2.46 -12.62 -2.55
C GLY B 11 -3.09 -11.53 -1.69
N PRO B 12 -4.39 -11.50 -1.61
CA PRO B 12 -5.14 -10.49 -0.81
C PRO B 12 -4.81 -10.61 0.68
N PHE B 13 -3.67 -11.23 0.98
CA PHE B 13 -3.22 -11.41 2.35
C PHE B 13 -4.14 -10.71 3.34
N MET B 14 -3.55 -10.06 4.33
CA MET B 14 -4.32 -9.37 5.35
C MET B 14 -5.82 -9.46 5.05
N GLY B 15 -6.20 -8.95 3.88
CA GLY B 15 -7.61 -8.97 3.49
C GLY B 15 -8.18 -10.37 3.65
N LEU B 16 -8.03 -11.19 2.61
CA LEU B 16 -8.53 -12.57 2.66
C LEU B 16 -8.32 -13.16 4.05
N VAL B 17 -7.16 -12.86 4.62
CA VAL B 17 -6.81 -13.36 5.94
C VAL B 17 -7.48 -12.55 7.04
N ASN B 18 -8.11 -13.24 7.98
CA ASN B 18 -8.78 -12.57 9.08
C ASN B 18 -7.83 -11.54 9.69
N PRO B 19 -8.18 -10.29 9.62
CA PRO B 19 -7.37 -9.17 10.14
C PRO B 19 -6.47 -9.56 11.30
N GLU B 20 -5.34 -10.17 10.97
CA GLU B 20 -4.37 -10.58 11.98
C GLU B 20 -4.54 -12.04 12.40
N THR B 21 -4.66 -12.93 11.42
CA THR B 21 -4.82 -14.36 11.70
C THR B 21 -5.89 -14.99 10.80
N ASN B 22 -5.56 -16.13 10.19
CA ASN B 22 -6.53 -16.81 9.32
C ASN B 22 -5.87 -17.98 8.59
N SER B 23 -6.55 -18.46 7.54
CA SER B 23 -6.04 -19.58 6.74
C SER B 23 -6.28 -19.35 5.25
N MET B 24 -5.23 -18.93 4.55
CA MET B 24 -5.33 -18.69 3.11
C MET B 24 -6.10 -19.81 2.43
N PRO B 25 -7.01 -19.47 1.56
CA PRO B 25 -7.84 -20.47 0.83
C PRO B 25 -6.99 -21.43 -0.01
N SER B 26 -7.40 -22.69 -0.06
CA SER B 26 -6.69 -23.70 -0.82
C SER B 26 -6.81 -23.44 -2.31
N ALA B 27 -8.00 -23.07 -2.75
CA ALA B 27 -8.23 -22.80 -4.15
C ALA B 27 -7.60 -21.47 -4.55
N GLU B 28 -6.85 -20.88 -3.62
CA GLU B 28 -6.17 -19.62 -3.87
C GLU B 28 -4.67 -19.88 -4.03
N GLN B 29 -4.06 -20.40 -2.97
CA GLN B 29 -2.63 -20.72 -3.03
C GLN B 29 -2.39 -21.73 -4.14
N LEU B 30 -3.29 -22.69 -4.24
CA LEU B 30 -3.19 -23.71 -5.28
C LEU B 30 -2.97 -23.02 -6.61
N PRO B 31 -3.94 -22.29 -7.06
CA PRO B 31 -3.85 -21.54 -8.33
C PRO B 31 -2.49 -20.90 -8.45
N PHE B 32 -2.04 -20.26 -7.37
CA PHE B 32 -0.73 -19.62 -7.37
C PHE B 32 0.35 -20.64 -7.67
N LEU B 33 0.15 -21.87 -7.23
CA LEU B 33 1.13 -22.92 -7.50
C LEU B 33 1.15 -23.22 -8.99
N THR B 34 -0.03 -23.25 -9.60
CA THR B 34 -0.14 -23.51 -11.03
C THR B 34 0.63 -22.46 -11.80
N LEU B 35 0.31 -21.19 -11.57
CA LEU B 35 1.00 -20.10 -12.26
C LEU B 35 2.46 -20.10 -11.86
N ILE B 36 2.71 -20.28 -10.57
CA ILE B 36 4.06 -20.33 -10.07
C ILE B 36 4.87 -21.36 -10.84
N GLU B 37 4.20 -22.46 -11.21
CA GLU B 37 4.85 -23.51 -11.97
C GLU B 37 5.17 -23.03 -13.37
N HIS B 38 4.20 -22.35 -14.00
CA HIS B 38 4.41 -21.82 -15.34
C HIS B 38 5.46 -20.72 -15.29
N PHE B 39 5.71 -20.22 -14.09
CA PHE B 39 6.70 -19.18 -13.89
C PHE B 39 8.09 -19.81 -13.88
N GLU B 40 8.24 -20.92 -13.18
CA GLU B 40 9.52 -21.60 -13.13
C GLU B 40 9.66 -22.48 -14.38
N LYS B 41 8.56 -22.61 -15.12
CA LYS B 41 8.56 -23.40 -16.34
C LYS B 41 9.01 -22.56 -17.52
N GLN B 42 8.49 -21.34 -17.62
CA GLN B 42 8.87 -20.46 -18.72
C GLN B 42 10.22 -19.83 -18.44
N GLY B 43 10.46 -19.49 -17.19
CA GLY B 43 11.73 -18.87 -16.78
C GLY B 43 11.47 -17.63 -15.95
N LEU B 44 10.30 -17.59 -15.32
CA LEU B 44 9.90 -16.45 -14.50
C LEU B 44 10.17 -16.72 -13.03
N GLU B 45 11.29 -16.18 -12.54
CA GLU B 45 11.67 -16.35 -11.15
C GLU B 45 10.53 -15.90 -10.24
N VAL B 46 9.86 -16.86 -9.63
CA VAL B 46 8.75 -16.55 -8.74
C VAL B 46 9.28 -15.92 -7.45
N PHE B 47 8.80 -14.72 -7.16
CA PHE B 47 9.20 -13.99 -5.97
C PHE B 47 7.95 -13.63 -5.16
N ASN B 48 7.75 -14.32 -4.05
CA ASN B 48 6.58 -14.05 -3.21
C ASN B 48 6.04 -15.35 -2.64
N ALA B 49 4.71 -15.43 -2.59
CA ALA B 49 4.05 -16.63 -2.08
C ALA B 49 4.68 -17.10 -0.78
N HIS B 50 3.85 -17.51 0.17
CA HIS B 50 4.33 -18.00 1.45
C HIS B 50 4.14 -19.51 1.54
N ARG B 51 3.71 -20.11 0.44
CA ARG B 51 3.49 -21.55 0.40
C ARG B 51 3.35 -22.14 1.80
N ARG B 52 4.24 -23.07 2.15
CA ARG B 52 4.20 -23.71 3.47
C ARG B 52 3.27 -22.96 4.40
N GLU B 53 3.64 -21.73 4.72
CA GLU B 53 2.83 -20.90 5.61
C GLU B 53 1.51 -20.54 4.95
N ALA B 54 1.58 -20.11 3.70
CA ALA B 54 0.38 -19.73 2.97
C ALA B 54 -0.61 -20.89 2.89
N TRP B 55 -0.15 -22.09 3.26
CA TRP B 55 -1.02 -23.26 3.21
C TRP B 55 -1.25 -23.84 4.61
N GLY B 56 -0.38 -23.45 5.54
CA GLY B 56 -0.52 -23.93 6.91
C GLY B 56 -1.21 -22.89 7.78
N ALA B 57 -1.34 -21.68 7.25
CA ALA B 57 -1.98 -20.59 7.98
C ALA B 57 -1.96 -19.31 7.14
N GLN B 58 -0.75 -18.85 6.82
CA GLN B 58 -0.59 -17.64 6.02
C GLN B 58 -0.63 -16.38 6.87
N VAL B 59 -0.70 -15.23 6.21
CA VAL B 59 -0.74 -13.95 6.90
C VAL B 59 0.21 -13.97 8.09
N LEU B 60 1.47 -14.30 7.79
CA LEU B 60 2.50 -14.35 8.81
C LEU B 60 2.53 -13.07 9.62
N THR B 61 3.70 -12.70 10.07
CA THR B 61 3.86 -11.50 10.87
C THR B 61 4.58 -10.42 10.08
N PRO B 62 4.26 -9.18 10.39
CA PRO B 62 4.85 -8.00 9.71
C PRO B 62 6.35 -8.12 9.45
N GLU B 63 7.08 -8.64 10.44
CA GLU B 63 8.53 -8.81 10.33
C GLU B 63 8.92 -9.74 9.20
N GLU B 64 7.98 -10.56 8.76
CA GLU B 64 8.26 -11.51 7.69
C GLU B 64 7.48 -11.14 6.43
N CYS B 65 6.18 -10.97 6.58
CA CYS B 65 5.32 -10.63 5.45
C CYS B 65 5.64 -9.23 4.92
N THR B 66 5.68 -8.24 5.80
CA THR B 66 5.97 -6.87 5.36
C THR B 66 7.30 -6.81 4.61
N PRO B 67 8.38 -7.16 5.25
CA PRO B 67 9.72 -7.12 4.61
C PRO B 67 9.76 -7.88 3.29
N LEU B 68 9.41 -9.17 3.32
CA LEU B 68 9.42 -9.97 2.09
C LEU B 68 8.48 -9.36 1.05
N ASP B 69 7.46 -8.66 1.51
CA ASP B 69 6.51 -8.03 0.61
C ASP B 69 7.17 -6.83 -0.06
N GLN B 70 7.66 -5.91 0.77
CA GLN B 70 8.31 -4.71 0.27
C GLN B 70 9.47 -5.09 -0.64
N LEU B 71 10.26 -6.08 -0.21
CA LEU B 71 11.39 -6.52 -1.01
C LEU B 71 10.90 -7.08 -2.33
N GLU B 72 9.97 -8.01 -2.24
CA GLU B 72 9.40 -8.62 -3.43
C GLU B 72 8.90 -7.53 -4.37
N ILE B 73 8.60 -6.36 -3.82
CA ILE B 73 8.12 -5.24 -4.61
C ILE B 73 9.25 -4.64 -5.42
N ARG B 74 10.21 -4.03 -4.73
CA ARG B 74 11.34 -3.40 -5.40
C ARG B 74 12.38 -4.43 -5.83
N LYS B 75 12.03 -5.70 -5.75
CA LYS B 75 12.96 -6.77 -6.13
C LYS B 75 12.44 -7.50 -7.37
N ALA B 76 11.20 -7.94 -7.32
CA ALA B 76 10.59 -8.67 -8.42
C ALA B 76 10.79 -7.95 -9.76
N ASP B 77 11.12 -8.73 -10.79
CA ASP B 77 11.33 -8.16 -12.13
C ASP B 77 9.99 -7.73 -12.71
N VAL B 78 8.95 -8.46 -12.34
CA VAL B 78 7.60 -8.16 -12.80
C VAL B 78 6.64 -8.32 -11.63
N PHE B 79 6.02 -7.23 -11.22
CA PHE B 79 5.10 -7.26 -10.09
C PHE B 79 3.76 -7.88 -10.48
N VAL B 80 3.44 -9.00 -9.84
CA VAL B 80 2.18 -9.67 -10.10
C VAL B 80 1.48 -9.98 -8.78
N ALA B 81 0.19 -9.67 -8.73
CA ALA B 81 -0.58 -9.91 -7.51
C ALA B 81 -2.02 -10.27 -7.86
N ILE B 82 -2.82 -10.52 -6.83
CA ILE B 82 -4.22 -10.87 -7.04
C ILE B 82 -5.14 -10.07 -6.13
N PRO B 83 -5.72 -9.03 -6.65
CA PRO B 83 -6.66 -8.17 -5.89
C PRO B 83 -7.44 -8.99 -4.88
N GLY B 84 -8.64 -9.28 -5.27
CA GLY B 84 -9.55 -10.07 -4.44
C GLY B 84 -10.31 -9.20 -3.46
N ILE B 85 -10.94 -8.14 -3.97
CA ILE B 85 -11.71 -7.24 -3.10
C ILE B 85 -12.35 -8.02 -1.96
N PRO B 86 -12.59 -7.39 -0.84
CA PRO B 86 -12.28 -5.95 -0.64
C PRO B 86 -10.81 -5.64 -0.92
N PRO B 87 -10.50 -4.39 -1.13
CA PRO B 87 -9.11 -3.94 -1.43
C PRO B 87 -8.11 -4.47 -0.40
N SER B 88 -7.62 -5.68 -0.63
CA SER B 88 -6.66 -6.29 0.28
C SER B 88 -5.55 -5.31 0.63
N PRO B 89 -5.62 -4.74 1.81
CA PRO B 89 -4.62 -3.77 2.30
C PRO B 89 -3.18 -4.27 2.12
N GLY B 90 -2.99 -5.57 2.33
CA GLY B 90 -1.67 -6.17 2.18
C GLY B 90 -1.21 -6.12 0.74
N THR B 91 -1.95 -6.78 -0.14
CA THR B 91 -1.59 -6.78 -1.54
C THR B 91 -1.50 -5.34 -2.01
N HIS B 92 -2.64 -4.68 -2.12
CA HIS B 92 -2.66 -3.28 -2.52
C HIS B 92 -1.35 -2.61 -2.19
N VAL B 93 -1.08 -2.45 -0.90
CA VAL B 93 0.16 -1.80 -0.48
C VAL B 93 1.34 -2.39 -1.21
N GLU B 94 1.31 -3.70 -1.41
CA GLU B 94 2.40 -4.36 -2.14
C GLU B 94 2.38 -3.89 -3.58
N ILE B 95 1.18 -3.74 -4.11
CA ILE B 95 0.99 -3.26 -5.47
C ILE B 95 1.49 -1.82 -5.56
N GLY B 96 0.86 -0.94 -4.78
CA GLY B 96 1.27 0.45 -4.75
C GLY B 96 2.77 0.50 -4.52
N TRP B 97 3.25 -0.38 -3.65
CA TRP B 97 4.68 -0.45 -3.36
C TRP B 97 5.43 -0.50 -4.67
N ALA B 98 4.95 -1.36 -5.55
CA ALA B 98 5.56 -1.51 -6.86
C ALA B 98 5.46 -0.19 -7.60
N SER B 99 4.42 0.58 -7.30
CA SER B 99 4.24 1.88 -7.94
C SER B 99 5.26 2.87 -7.38
N ALA B 100 5.19 3.11 -6.08
CA ALA B 100 6.12 4.02 -5.43
C ALA B 100 7.55 3.58 -5.71
N PHE B 101 7.72 2.31 -6.04
CA PHE B 101 9.04 1.79 -6.33
C PHE B 101 9.32 1.77 -7.84
N ASP B 102 8.25 1.93 -8.64
CA ASP B 102 8.40 1.93 -10.10
C ASP B 102 8.37 0.52 -10.67
N LYS B 103 8.55 -0.47 -9.81
CA LYS B 103 8.54 -1.87 -10.26
C LYS B 103 7.32 -2.16 -11.12
N PRO B 104 7.53 -2.70 -12.29
CA PRO B 104 6.41 -3.05 -13.22
C PRO B 104 5.25 -3.68 -12.46
N ILE B 105 4.02 -3.39 -12.85
CA ILE B 105 2.88 -3.95 -12.16
C ILE B 105 1.96 -4.75 -13.07
N VAL B 106 1.32 -5.75 -12.48
CA VAL B 106 0.39 -6.62 -13.18
C VAL B 106 -0.45 -7.38 -12.16
N LEU B 107 -1.75 -7.17 -12.18
CA LEU B 107 -2.64 -7.84 -11.24
C LEU B 107 -3.64 -8.73 -11.97
N LEU B 108 -4.21 -9.67 -11.25
CA LEU B 108 -5.21 -10.56 -11.83
C LEU B 108 -6.60 -10.07 -11.44
N LEU B 109 -7.09 -9.10 -12.18
CA LEU B 109 -8.40 -8.54 -11.92
C LEU B 109 -9.41 -9.63 -11.62
N GLU B 110 -10.32 -9.37 -10.69
CA GLU B 110 -11.32 -10.37 -10.35
C GLU B 110 -12.61 -10.15 -11.13
N GLU B 111 -12.48 -9.91 -12.43
CA GLU B 111 -13.64 -9.70 -13.29
C GLU B 111 -14.80 -9.12 -12.48
N GLY B 112 -14.49 -8.18 -11.59
CA GLY B 112 -15.52 -7.55 -10.77
C GLY B 112 -14.86 -6.78 -9.62
N ARG B 113 -14.16 -7.50 -8.76
CA ARG B 113 -13.48 -6.87 -7.63
C ARG B 113 -12.52 -5.81 -8.18
N GLU B 114 -11.68 -6.24 -9.10
CA GLU B 114 -10.73 -5.35 -9.74
C GLU B 114 -11.44 -4.02 -9.97
N GLU B 115 -12.71 -4.13 -10.36
CA GLU B 115 -13.52 -2.95 -10.59
C GLU B 115 -13.67 -2.19 -9.28
N GLU B 116 -14.04 -2.92 -8.23
CA GLU B 116 -14.17 -2.32 -6.91
C GLU B 116 -12.88 -1.59 -6.57
N TYR B 117 -11.75 -2.30 -6.69
CA TYR B 117 -10.46 -1.70 -6.42
C TYR B 117 -10.48 -0.27 -6.96
N GLY B 118 -10.61 -0.18 -8.28
CA GLY B 118 -10.67 1.10 -8.96
C GLY B 118 -9.74 2.11 -8.33
N PHE B 119 -10.07 2.51 -7.10
CA PHE B 119 -9.27 3.49 -6.38
C PHE B 119 -7.80 3.43 -6.81
N LEU B 120 -7.05 2.50 -6.23
CA LEU B 120 -5.62 2.42 -6.54
C LEU B 120 -5.33 1.45 -7.69
N VAL B 121 -6.14 0.41 -7.84
CA VAL B 121 -5.90 -0.51 -8.93
C VAL B 121 -6.06 0.21 -10.25
N ARG B 122 -7.18 0.91 -10.41
CA ARG B 122 -7.41 1.67 -11.63
C ARG B 122 -6.48 2.88 -11.64
N GLY B 123 -6.49 3.65 -10.55
CA GLY B 123 -5.59 4.80 -10.48
C GLY B 123 -4.18 4.32 -10.80
N LEU B 124 -3.97 3.01 -10.66
CA LEU B 124 -2.67 2.42 -10.95
C LEU B 124 -2.48 2.25 -12.44
N GLY B 125 -3.47 1.64 -13.10
CA GLY B 125 -3.39 1.44 -14.53
C GLY B 125 -3.13 2.77 -15.23
N THR B 126 -3.46 3.86 -14.54
CA THR B 126 -3.29 5.19 -15.11
C THR B 126 -2.02 5.88 -14.60
N VAL B 127 -1.57 5.56 -13.39
CA VAL B 127 -0.38 6.22 -12.86
C VAL B 127 0.91 5.48 -13.19
N ALA B 128 0.91 4.15 -13.12
CA ALA B 128 2.12 3.39 -13.42
C ALA B 128 1.82 2.18 -14.29
N ALA B 129 2.89 1.50 -14.70
CA ALA B 129 2.77 0.32 -15.54
C ALA B 129 1.98 -0.76 -14.80
N VAL B 130 0.67 -0.56 -14.70
CA VAL B 130 -0.20 -1.50 -14.01
C VAL B 130 -1.07 -2.26 -15.01
N GLU B 131 -0.61 -3.44 -15.40
CA GLU B 131 -1.36 -4.27 -16.34
C GLU B 131 -2.52 -4.94 -15.64
N PHE B 132 -3.70 -4.92 -16.26
CA PHE B 132 -4.87 -5.53 -15.65
C PHE B 132 -5.29 -6.79 -16.38
N VAL B 133 -5.19 -7.92 -15.70
CA VAL B 133 -5.57 -9.19 -16.30
C VAL B 133 -6.82 -9.75 -15.62
N HIS B 134 -7.96 -9.65 -16.30
CA HIS B 134 -9.20 -10.19 -15.75
C HIS B 134 -9.16 -11.70 -15.86
N TYR B 135 -9.40 -12.39 -14.74
CA TYR B 135 -9.35 -13.85 -14.78
C TYR B 135 -10.46 -14.48 -13.95
N LYS B 136 -11.10 -15.47 -14.54
CA LYS B 136 -12.16 -16.21 -13.88
C LYS B 136 -11.69 -17.64 -13.66
N ASP B 137 -10.70 -18.03 -14.46
CA ASP B 137 -10.10 -19.36 -14.36
C ASP B 137 -8.59 -19.25 -14.57
N ILE B 138 -7.83 -19.87 -13.67
CA ILE B 138 -6.37 -19.80 -13.76
C ILE B 138 -5.85 -20.58 -14.98
N ALA B 139 -6.57 -21.62 -15.38
CA ALA B 139 -6.14 -22.42 -16.51
C ALA B 139 -5.90 -21.54 -17.74
N LEU B 140 -6.77 -20.56 -17.94
CA LEU B 140 -6.61 -19.67 -19.08
C LEU B 140 -6.02 -18.34 -18.63
N ALA B 141 -6.07 -18.09 -17.33
CA ALA B 141 -5.51 -16.85 -16.78
C ALA B 141 -4.01 -16.82 -16.97
N LYS B 142 -3.39 -17.99 -17.00
CA LYS B 142 -1.95 -18.07 -17.17
C LYS B 142 -1.55 -17.41 -18.50
N PRO B 143 -2.09 -17.88 -19.58
CA PRO B 143 -1.78 -17.32 -20.93
C PRO B 143 -2.23 -15.87 -21.06
N GLN B 144 -3.39 -15.56 -20.50
CA GLN B 144 -3.93 -14.21 -20.55
C GLN B 144 -3.07 -13.25 -19.73
N ILE B 145 -2.62 -13.73 -18.59
CA ILE B 145 -1.79 -12.92 -17.69
C ILE B 145 -0.39 -12.74 -18.27
N ASP B 146 0.11 -13.77 -18.94
CA ASP B 146 1.44 -13.68 -19.52
C ASP B 146 1.40 -12.83 -20.79
N ALA B 147 0.25 -12.87 -21.47
CA ALA B 147 0.09 -12.08 -22.68
C ALA B 147 0.03 -10.59 -22.34
N ALA B 148 -0.77 -10.26 -21.32
CA ALA B 148 -0.89 -8.87 -20.89
C ALA B 148 0.39 -8.43 -20.19
N ILE B 149 1.06 -9.41 -19.57
CA ILE B 149 2.30 -9.13 -18.87
C ILE B 149 3.41 -8.79 -19.86
N ARG B 150 3.46 -9.52 -20.97
CA ARG B 150 4.47 -9.27 -21.98
C ARG B 150 4.11 -8.04 -22.80
N LYS B 151 2.82 -7.85 -23.03
CA LYS B 151 2.34 -6.71 -23.78
C LYS B 151 2.59 -5.43 -22.99
N VAL B 152 2.24 -5.45 -21.71
CA VAL B 152 2.46 -4.28 -20.86
C VAL B 152 3.94 -4.07 -20.66
N VAL B 153 4.68 -5.17 -20.55
CA VAL B 153 6.12 -5.08 -20.37
C VAL B 153 6.75 -4.44 -21.59
N ASP B 154 6.26 -4.80 -22.76
CA ASP B 154 6.77 -4.24 -24.00
C ASP B 154 6.23 -2.82 -24.19
N ARG B 155 5.13 -2.53 -23.52
CA ARG B 155 4.53 -1.21 -23.60
C ARG B 155 5.22 -0.25 -22.64
N VAL B 156 5.89 -0.80 -21.65
CA VAL B 156 6.61 0.02 -20.67
C VAL B 156 8.12 -0.05 -20.90
N ASN B 157 8.56 -1.00 -21.72
CA ASN B 157 9.99 -1.14 -22.00
C ASN B 157 10.28 -0.94 -23.49
N ASN B 158 9.25 -0.92 -24.32
CA ASN B 158 9.45 -0.73 -25.75
C ASN B 158 8.31 0.06 -26.38
N PRO B 159 8.19 1.31 -26.02
CA PRO B 159 7.13 2.21 -26.56
C PRO B 159 7.38 2.59 -28.02
N ALA B 160 7.08 3.83 -28.36
CA ALA B 160 7.28 4.30 -29.73
C ALA B 160 6.86 5.76 -29.86
N ALA B 161 7.35 6.42 -30.90
CA ALA B 161 7.01 7.81 -31.14
C ALA B 161 5.70 7.88 -31.91
N THR B 162 5.79 7.90 -33.24
CA THR B 162 4.60 7.95 -34.06
C THR B 162 3.74 6.71 -33.82
N PRO B 163 2.46 6.89 -33.68
CA PRO B 163 1.51 5.78 -33.43
C PRO B 163 1.31 4.88 -34.65
N LYS A 1 17.73 23.05 12.97
CA LYS A 1 16.37 22.95 12.39
C LYS A 1 15.85 21.53 12.53
N ALA A 2 14.58 21.40 12.88
CA ALA A 2 13.97 20.08 13.05
C ALA A 2 14.29 19.18 11.85
N GLY A 3 13.81 19.58 10.67
CA GLY A 3 14.04 18.79 9.45
C GLY A 3 12.77 18.64 8.63
N VAL A 4 11.63 18.70 9.31
CA VAL A 4 10.34 18.56 8.63
C VAL A 4 9.97 19.84 7.89
N ARG A 5 10.25 19.88 6.59
CA ARG A 5 9.92 21.05 5.78
C ARG A 5 8.51 20.92 5.24
N SER A 6 8.14 19.70 4.89
CA SER A 6 6.81 19.43 4.36
C SER A 6 6.32 18.07 4.86
N VAL A 7 5.18 18.09 5.53
CA VAL A 7 4.60 16.85 6.07
C VAL A 7 3.42 16.36 5.22
N PHE A 8 3.49 15.10 4.81
CA PHE A 8 2.42 14.50 4.01
C PHE A 8 1.41 13.84 4.93
N LEU A 9 0.14 14.19 4.78
CA LEU A 9 -0.89 13.62 5.63
C LEU A 9 -1.99 12.97 4.81
N ALA A 10 -2.44 11.80 5.26
CA ALA A 10 -3.50 11.07 4.58
C ALA A 10 -4.28 10.22 5.57
N GLY A 11 -5.60 10.38 5.58
CA GLY A 11 -6.44 9.60 6.49
C GLY A 11 -6.67 8.19 5.94
N PRO A 12 -7.65 7.51 6.46
CA PRO A 12 -7.98 6.13 6.02
C PRO A 12 -8.67 6.11 4.64
N PHE A 13 -8.88 7.30 4.09
CA PHE A 13 -9.50 7.43 2.77
C PHE A 13 -10.07 6.09 2.29
N MET A 14 -9.83 5.78 1.01
CA MET A 14 -10.31 4.54 0.42
C MET A 14 -10.73 3.55 1.51
N GLY A 15 -9.97 3.50 2.60
CA GLY A 15 -10.26 2.59 3.70
C GLY A 15 -11.51 3.00 4.48
N LEU A 16 -11.53 4.25 4.95
CA LEU A 16 -12.66 4.75 5.72
C LEU A 16 -13.88 4.93 4.84
N VAL A 17 -13.67 4.99 3.53
CA VAL A 17 -14.76 5.16 2.59
C VAL A 17 -14.87 3.95 1.67
N ASN A 18 -16.10 3.57 1.36
CA ASN A 18 -16.29 2.45 0.47
C ASN A 18 -15.38 2.63 -0.74
N PRO A 19 -14.42 1.77 -0.88
CA PRO A 19 -13.43 1.81 -1.96
C PRO A 19 -13.90 2.62 -3.17
N GLU A 20 -14.04 3.93 -2.97
CA GLU A 20 -14.46 4.83 -4.04
C GLU A 20 -15.85 5.43 -3.78
N THR A 21 -16.10 5.82 -2.53
CA THR A 21 -17.39 6.43 -2.18
C THR A 21 -17.83 6.01 -0.77
N ASN A 22 -18.18 7.01 0.04
CA ASN A 22 -18.65 6.77 1.41
C ASN A 22 -19.05 8.08 2.08
N SER A 23 -18.45 8.35 3.24
CA SER A 23 -18.75 9.57 3.98
C SER A 23 -17.74 9.75 5.11
N MET A 24 -16.52 10.07 4.73
CA MET A 24 -15.45 10.28 5.70
C MET A 24 -15.99 10.98 6.95
N PRO A 25 -15.44 10.65 8.08
CA PRO A 25 -15.85 11.27 9.37
C PRO A 25 -15.41 12.72 9.49
N SER A 26 -16.37 13.61 9.65
CA SER A 26 -16.06 15.03 9.77
C SER A 26 -15.13 15.26 10.95
N ALA A 27 -15.50 14.69 12.10
CA ALA A 27 -14.68 14.82 13.30
C ALA A 27 -13.27 14.34 13.01
N GLU A 28 -13.09 13.77 11.83
CA GLU A 28 -11.78 13.27 11.41
C GLU A 28 -11.07 14.36 10.61
N GLN A 29 -11.71 14.82 9.54
CA GLN A 29 -11.12 15.87 8.73
C GLN A 29 -10.74 17.04 9.63
N LEU A 30 -11.61 17.30 10.61
CA LEU A 30 -11.36 18.37 11.57
C LEU A 30 -10.00 18.18 12.21
N PRO A 31 -9.80 17.10 12.90
CA PRO A 31 -8.50 16.79 13.56
C PRO A 31 -7.36 17.01 12.58
N PHE A 32 -7.60 16.66 11.31
CA PHE A 32 -6.61 16.84 10.27
C PHE A 32 -6.25 18.32 10.17
N LEU A 33 -7.28 19.17 10.21
CA LEU A 33 -7.05 20.60 10.14
C LEU A 33 -6.17 21.03 11.31
N THR A 34 -6.41 20.41 12.45
CA THR A 34 -5.64 20.70 13.66
C THR A 34 -4.15 20.48 13.41
N LEU A 35 -3.77 19.25 13.09
CA LEU A 35 -2.36 18.94 12.84
C LEU A 35 -1.88 19.64 11.59
N ILE A 36 -2.59 19.43 10.49
CA ILE A 36 -2.23 20.07 9.24
C ILE A 36 -2.01 21.56 9.47
N GLU A 37 -2.69 22.07 10.49
CA GLU A 37 -2.58 23.48 10.86
C GLU A 37 -1.22 23.73 11.52
N HIS A 38 -0.84 22.88 12.45
CA HIS A 38 0.44 23.04 13.11
C HIS A 38 1.57 22.84 12.10
N PHE A 39 1.24 22.16 11.02
CA PHE A 39 2.22 21.89 9.98
C PHE A 39 2.49 23.14 9.15
N GLU A 40 1.42 23.72 8.61
CA GLU A 40 1.54 24.93 7.81
C GLU A 40 1.88 26.11 8.70
N LYS A 41 1.71 25.94 9.99
CA LYS A 41 2.00 26.99 10.95
C LYS A 41 3.45 26.91 11.41
N GLN A 42 3.93 25.69 11.65
CA GLN A 42 5.31 25.51 12.10
C GLN A 42 6.28 25.68 10.93
N GLY A 43 5.84 25.32 9.74
CA GLY A 43 6.68 25.44 8.54
C GLY A 43 6.75 24.09 7.81
N LEU A 44 5.78 23.24 8.11
CA LEU A 44 5.71 21.92 7.51
C LEU A 44 4.63 21.87 6.44
N GLU A 45 5.05 22.08 5.20
CA GLU A 45 4.12 22.07 4.08
C GLU A 45 3.35 20.76 4.06
N VAL A 46 2.05 20.83 4.33
CA VAL A 46 1.22 19.64 4.36
C VAL A 46 0.96 19.13 2.94
N PHE A 47 1.71 18.11 2.54
CA PHE A 47 1.54 17.52 1.22
C PHE A 47 0.52 16.40 1.26
N ASN A 48 -0.31 16.31 0.22
CA ASN A 48 -1.32 15.26 0.13
C ASN A 48 -2.70 15.78 0.55
N ALA A 49 -3.32 15.10 1.51
CA ALA A 49 -4.64 15.48 1.98
C ALA A 49 -5.54 15.76 0.77
N HIS A 50 -6.72 16.29 1.06
CA HIS A 50 -7.67 16.61 0.01
C HIS A 50 -8.54 17.77 0.47
N ARG A 51 -8.28 18.23 1.69
CA ARG A 51 -9.05 19.32 2.26
C ARG A 51 -10.19 19.71 1.33
N ARG A 52 -9.89 20.60 0.38
CA ARG A 52 -10.89 21.05 -0.58
C ARG A 52 -12.02 20.03 -0.71
N GLU A 53 -11.77 18.98 -1.50
CA GLU A 53 -12.77 17.94 -1.70
C GLU A 53 -12.94 17.11 -0.43
N ALA A 54 -11.86 16.93 0.32
CA ALA A 54 -11.94 16.15 1.56
C ALA A 54 -13.08 16.65 2.42
N TRP A 55 -13.59 17.82 2.09
CA TRP A 55 -14.68 18.40 2.87
C TRP A 55 -15.93 18.58 2.01
N GLY A 56 -15.73 19.01 0.77
CA GLY A 56 -16.86 19.23 -0.15
C GLY A 56 -17.39 17.93 -0.74
N ALA A 57 -16.64 16.84 -0.53
CA ALA A 57 -17.05 15.54 -1.04
C ALA A 57 -16.08 14.45 -0.58
N GLN A 58 -14.79 14.65 -0.86
CA GLN A 58 -13.77 13.69 -0.46
C GLN A 58 -13.87 12.42 -1.30
N VAL A 59 -13.04 11.43 -0.97
CA VAL A 59 -13.02 10.17 -1.71
C VAL A 59 -12.84 10.46 -3.19
N LEU A 60 -11.88 11.34 -3.48
CA LEU A 60 -11.59 11.70 -4.86
C LEU A 60 -11.55 10.45 -5.72
N THR A 61 -11.06 10.58 -6.93
CA THR A 61 -10.99 9.44 -7.83
C THR A 61 -9.56 9.14 -8.24
N PRO A 62 -9.30 7.92 -8.58
CA PRO A 62 -7.95 7.43 -8.99
C PRO A 62 -7.18 8.43 -9.85
N GLU A 63 -7.84 8.97 -10.86
CA GLU A 63 -7.20 9.93 -11.76
C GLU A 63 -6.83 11.21 -11.00
N GLU A 64 -6.92 11.14 -9.69
CA GLU A 64 -6.59 12.29 -8.86
C GLU A 64 -5.91 11.84 -7.57
N CYS A 65 -6.60 10.97 -6.83
CA CYS A 65 -6.09 10.45 -5.57
C CYS A 65 -4.89 9.52 -5.77
N THR A 66 -4.92 8.73 -6.84
CA THR A 66 -3.83 7.80 -7.10
C THR A 66 -2.55 8.56 -7.45
N PRO A 67 -2.59 9.40 -8.45
CA PRO A 67 -1.41 10.20 -8.88
C PRO A 67 -0.90 11.12 -7.78
N LEU A 68 -1.78 11.97 -7.25
CA LEU A 68 -1.38 12.90 -6.21
C LEU A 68 -0.88 12.15 -4.97
N ASP A 69 -1.55 11.05 -4.62
CA ASP A 69 -1.14 10.28 -3.45
C ASP A 69 0.26 9.70 -3.63
N GLN A 70 0.49 9.07 -4.78
CA GLN A 70 1.79 8.48 -5.07
C GLN A 70 2.88 9.55 -5.12
N LEU A 71 2.58 10.64 -5.83
CA LEU A 71 3.54 11.73 -5.94
C LEU A 71 3.79 12.32 -4.55
N GLU A 72 2.76 12.26 -3.71
CA GLU A 72 2.87 12.77 -2.36
C GLU A 72 3.73 11.84 -1.51
N ILE A 73 3.74 10.55 -1.86
CA ILE A 73 4.55 9.60 -1.11
C ILE A 73 6.02 9.90 -1.36
N ARG A 74 6.43 9.88 -2.62
CA ARG A 74 7.81 10.16 -2.98
C ARG A 74 8.14 11.65 -2.79
N LYS A 75 7.12 12.48 -2.72
CA LYS A 75 7.33 13.92 -2.54
C LYS A 75 7.49 14.27 -1.06
N ALA A 76 6.38 14.16 -0.33
CA ALA A 76 6.37 14.47 1.09
C ALA A 76 7.74 14.26 1.72
N ASP A 77 8.39 15.36 2.11
CA ASP A 77 9.70 15.25 2.75
C ASP A 77 9.58 14.28 3.91
N VAL A 78 8.43 14.34 4.58
CA VAL A 78 8.16 13.45 5.71
C VAL A 78 6.80 12.81 5.53
N PHE A 79 6.70 11.52 5.76
CA PHE A 79 5.45 10.81 5.59
C PHE A 79 4.67 10.71 6.91
N VAL A 80 3.51 11.35 6.95
CA VAL A 80 2.66 11.32 8.14
C VAL A 80 1.26 10.90 7.72
N ALA A 81 0.80 9.76 8.23
CA ALA A 81 -0.53 9.27 7.88
C ALA A 81 -1.26 8.74 9.11
N ILE A 82 -2.56 8.53 8.93
CA ILE A 82 -3.41 8.02 10.01
C ILE A 82 -4.22 6.84 9.56
N PRO A 83 -3.76 5.65 9.85
CA PRO A 83 -4.48 4.42 9.49
C PRO A 83 -5.97 4.60 9.57
N GLY A 84 -6.50 4.13 10.65
CA GLY A 84 -7.94 4.22 10.91
C GLY A 84 -8.64 2.90 10.58
N ILE A 85 -8.20 1.82 11.23
CA ILE A 85 -8.79 0.51 10.99
C ILE A 85 -10.16 0.66 10.34
N PRO A 86 -10.47 -0.19 9.39
CA PRO A 86 -9.54 -1.28 8.94
C PRO A 86 -8.28 -0.73 8.30
N PRO A 87 -7.36 -1.60 7.95
CA PRO A 87 -6.07 -1.21 7.31
C PRO A 87 -6.29 -0.30 6.11
N SER A 88 -6.76 0.92 6.39
CA SER A 88 -7.01 1.88 5.33
C SER A 88 -6.26 1.50 4.07
N PRO A 89 -6.84 0.69 3.24
CA PRO A 89 -6.22 0.24 1.97
C PRO A 89 -5.51 1.39 1.26
N GLY A 90 -6.19 2.53 1.20
CA GLY A 90 -5.63 3.71 0.55
C GLY A 90 -4.44 4.25 1.33
N THR A 91 -4.68 4.61 2.59
CA THR A 91 -3.59 5.13 3.43
C THR A 91 -2.45 4.12 3.43
N HIS A 92 -2.67 2.97 4.07
CA HIS A 92 -1.65 1.95 4.11
C HIS A 92 -0.84 1.97 2.82
N VAL A 93 -1.51 1.80 1.70
CA VAL A 93 -0.83 1.82 0.41
C VAL A 93 0.08 3.03 0.33
N GLU A 94 -0.39 4.15 0.86
CA GLU A 94 0.40 5.38 0.87
C GLU A 94 1.57 5.21 1.84
N ILE A 95 1.30 4.49 2.92
CA ILE A 95 2.33 4.22 3.93
C ILE A 95 3.39 3.32 3.30
N GLY A 96 2.96 2.14 2.84
CA GLY A 96 3.89 1.23 2.20
C GLY A 96 4.55 1.95 1.04
N TRP A 97 3.76 2.77 0.35
CA TRP A 97 4.28 3.55 -0.75
C TRP A 97 5.53 4.26 -0.28
N ALA A 98 5.41 4.91 0.87
CA ALA A 98 6.53 5.62 1.46
C ALA A 98 7.64 4.63 1.77
N SER A 99 7.26 3.39 2.01
CA SER A 99 8.24 2.34 2.29
C SER A 99 8.97 1.95 1.01
N ALA A 100 8.24 1.46 0.02
CA ALA A 100 8.83 1.08 -1.25
C ALA A 100 9.60 2.26 -1.81
N PHE A 101 9.27 3.46 -1.32
CA PHE A 101 9.93 4.67 -1.80
C PHE A 101 11.01 5.13 -0.81
N ASP A 102 10.96 4.58 0.40
CA ASP A 102 11.95 4.91 1.43
C ASP A 102 11.57 6.19 2.17
N LYS A 103 10.69 6.98 1.58
CA LYS A 103 10.27 8.23 2.19
C LYS A 103 9.99 8.04 3.68
N PRO A 104 10.64 8.82 4.53
CA PRO A 104 10.44 8.73 5.99
C PRO A 104 8.97 8.50 6.33
N ILE A 105 8.71 7.68 7.34
CA ILE A 105 7.32 7.40 7.70
C ILE A 105 7.03 7.70 9.16
N VAL A 106 5.78 8.03 9.40
CA VAL A 106 5.29 8.35 10.72
C VAL A 106 3.78 8.24 10.75
N LEU A 107 3.28 7.19 11.40
CA LEU A 107 1.84 6.97 11.45
C LEU A 107 1.27 7.54 12.75
N LEU A 108 0.02 8.00 12.67
CA LEU A 108 -0.66 8.55 13.83
C LEU A 108 -1.64 7.52 14.36
N LEU A 109 -1.08 6.41 14.83
CA LEU A 109 -1.87 5.32 15.35
C LEU A 109 -3.14 5.82 16.02
N GLU A 110 -4.24 5.15 15.73
CA GLU A 110 -5.53 5.54 16.32
C GLU A 110 -5.87 4.67 17.52
N GLU A 111 -4.93 4.56 18.46
CA GLU A 111 -5.15 3.75 19.64
C GLU A 111 -6.23 2.69 19.36
N GLY A 112 -5.78 1.48 19.03
CA GLY A 112 -6.69 0.39 18.73
C GLY A 112 -6.57 0.00 17.26
N ARG A 113 -6.95 0.92 16.37
CA ARG A 113 -6.85 0.66 14.95
C ARG A 113 -5.43 0.24 14.62
N GLU A 114 -4.50 1.08 15.04
CA GLU A 114 -3.08 0.82 14.85
C GLU A 114 -2.78 -0.60 15.33
N GLU A 115 -3.37 -0.96 16.46
CA GLU A 115 -3.17 -2.28 17.04
C GLU A 115 -3.69 -3.35 16.10
N GLU A 116 -4.72 -3.00 15.33
CA GLU A 116 -5.28 -3.95 14.38
C GLU A 116 -4.46 -3.98 13.09
N TYR A 117 -4.14 -2.81 12.56
CA TYR A 117 -3.33 -2.76 11.34
C TYR A 117 -2.24 -3.80 11.42
N GLY A 118 -1.42 -3.66 12.47
CA GLY A 118 -0.32 -4.58 12.73
C GLY A 118 0.34 -5.06 11.44
N PHE A 119 -0.39 -5.87 10.70
CA PHE A 119 0.12 -6.42 9.46
C PHE A 119 1.22 -5.57 8.84
N LEU A 120 0.85 -4.56 8.06
CA LEU A 120 1.86 -3.74 7.40
C LEU A 120 2.19 -2.47 8.16
N VAL A 121 1.24 -1.98 8.94
CA VAL A 121 1.53 -0.79 9.71
C VAL A 121 2.64 -1.12 10.69
N ARG A 122 2.46 -2.23 11.41
CA ARG A 122 3.48 -2.67 12.34
C ARG A 122 4.68 -3.17 11.57
N GLY A 123 4.44 -4.08 10.62
CA GLY A 123 5.51 -4.61 9.81
C GLY A 123 6.32 -3.47 9.23
N LEU A 124 5.68 -2.32 9.03
CA LEU A 124 6.37 -1.16 8.48
C LEU A 124 7.21 -0.51 9.56
N GLY A 125 6.65 -0.45 10.77
CA GLY A 125 7.36 0.13 11.88
C GLY A 125 8.65 -0.63 12.16
N THR A 126 8.67 -1.90 11.74
CA THR A 126 9.84 -2.74 11.96
C THR A 126 10.79 -2.76 10.76
N VAL A 127 10.24 -2.69 9.55
CA VAL A 127 11.09 -2.72 8.35
C VAL A 127 11.61 -1.34 7.99
N ALA A 128 10.71 -0.36 7.89
CA ALA A 128 11.11 0.99 7.53
C ALA A 128 10.85 1.95 8.68
N ALA A 129 11.57 3.07 8.68
CA ALA A 129 11.40 4.07 9.73
C ALA A 129 9.96 4.55 9.77
N VAL A 130 9.12 3.77 10.45
CA VAL A 130 7.71 4.12 10.57
C VAL A 130 7.37 4.45 12.01
N GLU A 131 7.42 5.74 12.35
CA GLU A 131 7.12 6.17 13.70
C GLU A 131 5.68 5.78 14.08
N PHE A 132 5.55 5.06 15.18
CA PHE A 132 4.22 4.62 15.62
C PHE A 132 3.69 5.52 16.74
N VAL A 133 2.92 6.52 16.35
CA VAL A 133 2.34 7.46 17.29
C VAL A 133 0.97 7.00 17.74
N HIS A 134 0.84 6.50 18.97
CA HIS A 134 -0.46 6.06 19.44
C HIS A 134 -1.32 7.28 19.73
N TYR A 135 -2.58 7.18 19.35
CA TYR A 135 -3.51 8.28 19.50
C TYR A 135 -4.04 8.46 20.91
N LYS A 136 -4.79 9.56 21.06
CA LYS A 136 -5.40 9.91 22.34
C LYS A 136 -5.11 11.37 22.66
N ASP A 137 -6.09 12.23 22.45
CA ASP A 137 -5.94 13.66 22.70
C ASP A 137 -5.11 14.29 21.59
N ILE A 138 -5.78 14.74 20.54
CA ILE A 138 -5.09 15.38 19.42
C ILE A 138 -4.18 16.46 19.96
N ALA A 139 -4.69 17.23 20.90
CA ALA A 139 -3.90 18.30 21.49
C ALA A 139 -2.63 17.73 22.08
N LEU A 140 -2.46 16.42 21.94
CA LEU A 140 -1.28 15.74 22.46
C LEU A 140 -0.64 14.87 21.36
N ALA A 141 -1.46 14.39 20.45
CA ALA A 141 -0.97 13.55 19.36
C ALA A 141 -0.11 14.40 18.44
N LYS A 142 -0.36 15.70 18.43
CA LYS A 142 0.39 16.63 17.60
C LYS A 142 1.85 16.71 18.08
N PRO A 143 2.03 16.98 19.35
CA PRO A 143 3.39 17.07 19.96
C PRO A 143 4.09 15.72 19.97
N GLN A 144 3.34 14.66 20.24
CA GLN A 144 3.91 13.32 20.27
C GLN A 144 4.38 12.93 18.88
N ILE A 145 3.52 13.19 17.89
CA ILE A 145 3.84 12.88 16.50
C ILE A 145 4.99 13.77 16.02
N ASP A 146 5.04 14.99 16.54
CA ASP A 146 6.09 15.93 16.17
C ASP A 146 7.42 15.50 16.76
N ALA A 147 7.40 15.10 18.03
CA ALA A 147 8.63 14.65 18.68
C ALA A 147 9.13 13.39 18.02
N ALA A 148 8.26 12.38 17.94
CA ALA A 148 8.62 11.12 17.31
C ALA A 148 9.06 11.38 15.87
N ILE A 149 8.44 12.38 15.24
CA ILE A 149 8.80 12.73 13.87
C ILE A 149 10.22 13.26 13.82
N ARG A 150 10.61 14.06 14.81
CA ARG A 150 11.95 14.62 14.84
C ARG A 150 12.98 13.53 15.07
N LYS A 151 12.57 12.49 15.79
CA LYS A 151 13.47 11.38 16.07
C LYS A 151 13.70 10.55 14.82
N VAL A 152 12.62 10.05 14.23
CA VAL A 152 12.72 9.24 13.03
C VAL A 152 13.15 10.11 11.84
N VAL A 153 12.84 11.40 11.92
CA VAL A 153 13.20 12.32 10.84
C VAL A 153 14.68 12.65 10.91
N ASP A 154 15.22 12.78 12.11
CA ASP A 154 16.64 13.08 12.26
C ASP A 154 17.45 11.80 12.17
N ARG A 155 16.81 10.68 12.48
CA ARG A 155 17.45 9.37 12.42
C ARG A 155 17.56 8.89 10.98
N VAL A 156 16.54 9.20 10.17
CA VAL A 156 16.53 8.78 8.78
C VAL A 156 16.75 9.96 7.83
N ASN A 157 16.79 11.16 8.39
CA ASN A 157 16.97 12.35 7.54
C ASN A 157 18.17 13.18 8.00
N ASN A 158 18.58 13.01 9.25
CA ASN A 158 19.71 13.77 9.76
C ASN A 158 20.83 12.84 10.20
N PRO A 159 21.72 12.52 9.29
CA PRO A 159 22.87 11.62 9.59
C PRO A 159 23.98 12.34 10.36
N ALA A 160 25.10 12.60 9.67
CA ALA A 160 26.22 13.27 10.31
C ALA A 160 26.36 14.71 9.81
N ALA A 161 27.59 15.14 9.59
CA ALA A 161 27.83 16.50 9.12
C ALA A 161 28.47 16.48 7.74
N THR A 162 27.93 17.29 6.83
CA THR A 162 28.46 17.37 5.47
C THR A 162 29.49 18.48 5.36
N PRO A 163 29.12 19.68 5.72
CA PRO A 163 30.02 20.87 5.66
C PRO A 163 31.16 20.76 6.68
N LYS B 1 13.80 -13.27 -25.53
CA LYS B 1 13.25 -13.74 -24.23
C LYS B 1 12.15 -12.80 -23.76
N ALA B 2 11.09 -13.36 -23.20
CA ALA B 2 9.97 -12.56 -22.70
C ALA B 2 10.49 -11.42 -21.81
N GLY B 3 11.14 -11.78 -20.72
CA GLY B 3 11.69 -10.78 -19.81
C GLY B 3 11.35 -11.11 -18.35
N VAL B 4 10.22 -11.79 -18.15
CA VAL B 4 9.79 -12.17 -16.81
C VAL B 4 10.65 -13.30 -16.26
N ARG B 5 11.61 -12.95 -15.41
CA ARG B 5 12.48 -13.95 -14.82
C ARG B 5 11.90 -14.41 -13.49
N SER B 6 11.29 -13.48 -12.76
CA SER B 6 10.66 -13.80 -11.49
C SER B 6 9.40 -12.98 -11.32
N VAL B 7 8.29 -13.69 -11.13
CA VAL B 7 7.00 -13.03 -10.96
C VAL B 7 6.57 -13.02 -9.50
N PHE B 8 6.24 -11.83 -9.00
CA PHE B 8 5.78 -11.69 -7.62
C PHE B 8 4.27 -11.77 -7.58
N LEU B 9 3.75 -12.65 -6.73
CA LEU B 9 2.31 -12.81 -6.65
C LEU B 9 1.81 -12.66 -5.22
N ALA B 10 0.69 -11.95 -5.06
CA ALA B 10 0.11 -11.74 -3.74
C ALA B 10 -1.40 -11.57 -3.85
N GLY B 11 -2.12 -12.32 -3.02
CA GLY B 11 -3.58 -12.24 -3.04
C GLY B 11 -4.07 -11.05 -2.22
N PRO B 12 -5.32 -11.03 -1.90
CA PRO B 12 -5.93 -9.93 -1.10
C PRO B 12 -5.49 -9.99 0.36
N PHE B 13 -4.68 -10.99 0.69
CA PHE B 13 -4.19 -11.17 2.06
C PHE B 13 -4.90 -10.20 3.01
N MET B 14 -4.12 -9.62 3.90
CA MET B 14 -4.67 -8.68 4.88
C MET B 14 -6.08 -8.22 4.51
N GLY B 15 -6.30 -8.00 3.22
CA GLY B 15 -7.61 -7.55 2.75
C GLY B 15 -8.67 -8.65 2.85
N LEU B 16 -8.38 -9.81 2.28
CA LEU B 16 -9.32 -10.93 2.29
C LEU B 16 -9.43 -11.50 3.70
N VAL B 17 -8.43 -11.22 4.52
CA VAL B 17 -8.42 -11.72 5.89
C VAL B 17 -8.50 -10.58 6.88
N ASN B 18 -9.29 -10.77 7.93
CA ASN B 18 -9.40 -9.76 8.96
C ASN B 18 -8.00 -9.25 9.29
N PRO B 19 -7.73 -8.03 8.95
CA PRO B 19 -6.40 -7.40 9.16
C PRO B 19 -5.57 -8.09 10.24
N GLU B 20 -5.15 -9.32 9.93
CA GLU B 20 -4.31 -10.11 10.84
C GLU B 20 -5.02 -11.34 11.38
N THR B 21 -5.77 -12.01 10.51
CA THR B 21 -6.49 -13.22 10.92
C THR B 21 -7.83 -13.34 10.20
N ASN B 22 -8.07 -14.51 9.60
CA ASN B 22 -9.32 -14.76 8.91
C ASN B 22 -9.37 -16.19 8.39
N SER B 23 -9.60 -16.35 7.10
CA SER B 23 -9.66 -17.67 6.49
C SER B 23 -9.66 -17.57 4.97
N MET B 24 -8.54 -17.15 4.43
CA MET B 24 -8.39 -17.01 2.98
C MET B 24 -9.14 -18.11 2.24
N PRO B 25 -9.66 -17.80 1.09
CA PRO B 25 -10.43 -18.76 0.25
C PRO B 25 -9.53 -19.82 -0.39
N SER B 26 -9.79 -21.08 -0.07
CA SER B 26 -9.01 -22.18 -0.61
C SER B 26 -9.04 -22.13 -2.14
N ALA B 27 -10.23 -22.02 -2.69
CA ALA B 27 -10.40 -21.94 -4.13
C ALA B 27 -9.58 -20.79 -4.68
N GLU B 28 -8.98 -20.01 -3.79
CA GLU B 28 -8.16 -18.88 -4.17
C GLU B 28 -6.71 -19.31 -4.23
N GLN B 29 -6.22 -19.81 -3.10
CA GLN B 29 -4.85 -20.28 -3.03
C GLN B 29 -4.61 -21.26 -4.16
N LEU B 30 -5.62 -22.08 -4.42
CA LEU B 30 -5.54 -23.07 -5.49
C LEU B 30 -5.18 -22.38 -6.80
N PRO B 31 -6.01 -21.47 -7.25
CA PRO B 31 -5.75 -20.71 -8.49
C PRO B 31 -4.32 -20.17 -8.49
N PHE B 32 -3.88 -19.72 -7.31
CA PHE B 32 -2.52 -19.21 -7.17
C PHE B 32 -1.54 -20.28 -7.61
N LEU B 33 -1.77 -21.50 -7.14
CA LEU B 33 -0.91 -22.62 -7.51
C LEU B 33 -0.91 -22.77 -9.03
N THR B 34 -2.07 -22.56 -9.62
CA THR B 34 -2.21 -22.67 -11.07
C THR B 34 -1.23 -21.72 -11.79
N LEU B 35 -1.37 -20.43 -11.53
CA LEU B 35 -0.49 -19.45 -12.16
C LEU B 35 0.93 -19.59 -11.64
N ILE B 36 1.07 -19.53 -10.32
CA ILE B 36 2.38 -19.67 -9.70
C ILE B 36 3.08 -20.89 -10.29
N GLU B 37 2.27 -21.83 -10.76
CA GLU B 37 2.79 -23.04 -11.36
C GLU B 37 3.34 -22.73 -12.74
N HIS B 38 2.56 -22.00 -13.54
CA HIS B 38 3.02 -21.65 -14.87
C HIS B 38 4.26 -20.76 -14.78
N PHE B 39 4.38 -20.10 -13.63
CA PHE B 39 5.51 -19.22 -13.39
C PHE B 39 6.79 -20.02 -13.18
N GLU B 40 6.77 -20.89 -12.17
CA GLU B 40 7.92 -21.71 -11.86
C GLU B 40 8.15 -22.74 -12.95
N LYS B 41 7.14 -22.92 -13.81
CA LYS B 41 7.24 -23.86 -14.90
C LYS B 41 7.80 -23.19 -16.15
N GLN B 42 7.36 -21.96 -16.40
CA GLN B 42 7.83 -21.22 -17.58
C GLN B 42 9.24 -20.68 -17.34
N GLY B 43 9.54 -20.35 -16.10
CA GLY B 43 10.85 -19.82 -15.74
C GLY B 43 10.71 -18.51 -14.98
N LEU B 44 9.53 -18.30 -14.43
CA LEU B 44 9.23 -17.09 -13.68
C LEU B 44 9.21 -17.38 -12.19
N GLU B 45 10.34 -17.12 -11.53
CA GLU B 45 10.45 -17.35 -10.10
C GLU B 45 9.35 -16.58 -9.37
N VAL B 46 8.41 -17.32 -8.80
CA VAL B 46 7.32 -16.69 -8.07
C VAL B 46 7.79 -16.12 -6.75
N PHE B 47 7.98 -14.80 -6.70
CA PHE B 47 8.43 -14.14 -5.49
C PHE B 47 7.23 -13.68 -4.67
N ASN B 48 7.32 -13.83 -3.35
CA ASN B 48 6.23 -13.41 -2.46
C ASN B 48 5.38 -14.59 -2.02
N ALA B 49 4.07 -14.47 -2.24
CA ALA B 49 3.14 -15.53 -1.83
C ALA B 49 3.47 -15.98 -0.41
N HIS B 50 2.85 -17.08 -0.01
CA HIS B 50 3.07 -17.63 1.31
C HIS B 50 2.76 -19.12 1.29
N ARG B 51 2.44 -19.63 0.11
CA ARG B 51 2.11 -21.05 -0.05
C ARG B 51 2.17 -21.74 1.30
N ARG B 52 3.36 -22.20 1.66
CA ARG B 52 3.56 -22.89 2.93
C ARG B 52 2.47 -22.51 3.94
N GLU B 53 2.64 -21.34 4.57
CA GLU B 53 1.66 -20.89 5.55
C GLU B 53 0.35 -20.51 4.87
N ALA B 54 0.43 -20.01 3.65
CA ALA B 54 -0.76 -19.62 2.91
C ALA B 54 -1.76 -20.76 2.88
N TRP B 55 -1.29 -21.95 3.21
CA TRP B 55 -2.15 -23.12 3.20
C TRP B 55 -2.30 -23.72 4.60
N GLY B 56 -1.21 -23.73 5.35
CA GLY B 56 -1.23 -24.28 6.69
C GLY B 56 -1.76 -23.28 7.72
N ALA B 57 -2.08 -22.08 7.26
CA ALA B 57 -2.59 -21.05 8.16
C ALA B 57 -2.80 -19.74 7.41
N GLN B 58 -1.73 -19.24 6.80
CA GLN B 58 -1.81 -18.00 6.04
C GLN B 58 -1.96 -16.79 6.97
N VAL B 59 -2.13 -15.61 6.37
CA VAL B 59 -2.26 -14.38 7.16
C VAL B 59 -1.09 -14.26 8.11
N LEU B 60 0.10 -14.50 7.59
CA LEU B 60 1.30 -14.42 8.40
C LEU B 60 1.26 -13.15 9.25
N THR B 61 2.39 -12.82 9.86
CA THR B 61 2.43 -11.64 10.71
C THR B 61 3.42 -10.62 10.18
N PRO B 62 3.20 -9.36 10.52
CA PRO B 62 4.04 -8.23 10.07
C PRO B 62 5.54 -8.56 10.06
N GLU B 63 6.02 -9.15 11.14
CA GLU B 63 7.44 -9.50 11.26
C GLU B 63 7.81 -10.55 10.23
N GLU B 64 6.93 -10.76 9.28
CA GLU B 64 7.17 -11.75 8.24
C GLU B 64 6.57 -11.28 6.91
N CYS B 65 5.27 -11.03 6.93
CA CYS B 65 4.56 -10.57 5.74
C CYS B 65 4.99 -9.18 5.32
N THR B 66 5.20 -8.31 6.30
CA THR B 66 5.59 -6.94 6.00
C THR B 66 6.96 -6.89 5.32
N PRO B 67 7.97 -7.46 5.94
CA PRO B 67 9.35 -7.47 5.38
C PRO B 67 9.44 -8.23 4.05
N LEU B 68 8.94 -9.47 4.03
CA LEU B 68 8.99 -10.26 2.82
C LEU B 68 8.17 -9.61 1.70
N ASP B 69 7.02 -9.06 2.05
CA ASP B 69 6.18 -8.41 1.06
C ASP B 69 6.89 -7.21 0.45
N GLN B 70 7.42 -6.34 1.32
CA GLN B 70 8.11 -5.15 0.84
C GLN B 70 9.34 -5.52 0.01
N LEU B 71 10.11 -6.49 0.51
CA LEU B 71 11.29 -6.93 -0.21
C LEU B 71 10.87 -7.56 -1.53
N GLU B 72 9.70 -8.18 -1.53
CA GLU B 72 9.18 -8.80 -2.72
C GLU B 72 8.75 -7.74 -3.73
N ILE B 73 8.32 -6.60 -3.21
CA ILE B 73 7.91 -5.51 -4.09
C ILE B 73 9.11 -5.01 -4.88
N ARG B 74 10.13 -4.56 -4.16
CA ARG B 74 11.34 -4.06 -4.81
C ARG B 74 12.14 -5.20 -5.45
N LYS B 75 11.88 -6.43 -5.01
CA LYS B 75 12.60 -7.59 -5.55
C LYS B 75 11.94 -8.08 -6.84
N ALA B 76 10.75 -8.65 -6.69
CA ALA B 76 10.00 -9.17 -7.82
C ALA B 76 10.37 -8.44 -9.11
N ASP B 77 11.04 -9.14 -10.02
CA ASP B 77 11.38 -8.54 -11.30
C ASP B 77 10.12 -8.00 -11.95
N VAL B 78 9.02 -8.74 -11.74
CA VAL B 78 7.72 -8.33 -12.27
C VAL B 78 6.69 -8.39 -11.16
N PHE B 79 5.84 -7.39 -11.07
CA PHE B 79 4.83 -7.37 -10.01
C PHE B 79 3.49 -7.88 -10.51
N VAL B 80 3.07 -9.02 -9.96
CA VAL B 80 1.79 -9.62 -10.33
C VAL B 80 0.98 -9.88 -9.06
N ALA B 81 -0.15 -9.20 -8.93
CA ALA B 81 -0.98 -9.37 -7.74
C ALA B 81 -2.45 -9.52 -8.10
N ILE B 82 -3.25 -9.93 -7.13
CA ILE B 82 -4.68 -10.10 -7.34
C ILE B 82 -5.47 -9.38 -6.26
N PRO B 83 -5.93 -8.20 -6.55
CA PRO B 83 -6.74 -7.40 -5.60
C PRO B 83 -7.64 -8.29 -4.76
N GLY B 84 -8.85 -8.38 -5.19
CA GLY B 84 -9.86 -9.20 -4.52
C GLY B 84 -10.73 -8.35 -3.59
N ILE B 85 -11.38 -7.33 -4.15
CA ILE B 85 -12.24 -6.45 -3.36
C ILE B 85 -12.61 -7.12 -2.04
N PRO B 86 -12.63 -6.36 -0.97
CA PRO B 86 -12.31 -4.90 -0.97
C PRO B 86 -10.86 -4.63 -1.37
N PRO B 87 -10.50 -3.38 -1.53
CA PRO B 87 -9.12 -2.97 -1.91
C PRO B 87 -8.07 -3.63 -1.03
N SER B 88 -7.91 -4.94 -1.18
CA SER B 88 -6.94 -5.69 -0.40
C SER B 88 -5.88 -4.75 0.17
N PRO B 89 -6.14 -4.19 1.31
CA PRO B 89 -5.19 -3.25 1.98
C PRO B 89 -3.74 -3.74 1.89
N GLY B 90 -3.55 -5.04 2.11
CA GLY B 90 -2.21 -5.64 2.04
C GLY B 90 -1.72 -5.70 0.60
N THR B 91 -2.48 -6.36 -0.27
CA THR B 91 -2.09 -6.46 -1.66
C THR B 91 -1.87 -5.06 -2.21
N HIS B 92 -2.96 -4.29 -2.34
CA HIS B 92 -2.85 -2.94 -2.81
C HIS B 92 -1.54 -2.33 -2.33
N VAL B 93 -1.36 -2.27 -1.01
CA VAL B 93 -0.12 -1.73 -0.47
C VAL B 93 1.07 -2.31 -1.21
N GLU B 94 0.97 -3.59 -1.53
CA GLU B 94 2.04 -4.27 -2.27
C GLU B 94 2.07 -3.73 -3.70
N ILE B 95 0.89 -3.42 -4.22
CA ILE B 95 0.78 -2.88 -5.56
C ILE B 95 1.39 -1.48 -5.57
N GLY B 96 0.83 -0.61 -4.74
CA GLY B 96 1.36 0.74 -4.63
C GLY B 96 2.84 0.66 -4.32
N TRP B 97 3.19 -0.28 -3.44
CA TRP B 97 4.58 -0.49 -3.08
C TRP B 97 5.39 -0.59 -4.36
N ALA B 98 4.92 -1.43 -5.26
CA ALA B 98 5.58 -1.61 -6.54
C ALA B 98 5.57 -0.30 -7.31
N SER B 99 4.60 0.55 -6.98
CA SER B 99 4.51 1.85 -7.62
C SER B 99 5.57 2.79 -7.06
N ALA B 100 5.51 3.03 -5.75
CA ALA B 100 6.49 3.88 -5.09
C ALA B 100 7.89 3.36 -5.38
N PHE B 101 7.96 2.08 -5.75
CA PHE B 101 9.25 1.45 -6.03
C PHE B 101 9.52 1.42 -7.53
N ASP B 102 8.46 1.58 -8.33
CA ASP B 102 8.59 1.59 -9.78
C ASP B 102 8.52 0.18 -10.35
N LYS B 103 8.73 -0.81 -9.50
CA LYS B 103 8.69 -2.20 -9.95
C LYS B 103 7.49 -2.44 -10.86
N PRO B 104 7.73 -2.91 -12.06
CA PRO B 104 6.66 -3.20 -13.04
C PRO B 104 5.44 -3.78 -12.34
N ILE B 105 4.25 -3.40 -12.79
CA ILE B 105 3.04 -3.91 -12.15
C ILE B 105 2.11 -4.59 -13.14
N VAL B 106 1.35 -5.53 -12.60
CA VAL B 106 0.39 -6.29 -13.38
C VAL B 106 -0.61 -6.92 -12.43
N LEU B 107 -1.83 -6.41 -12.42
CA LEU B 107 -2.85 -6.93 -11.54
C LEU B 107 -3.75 -7.93 -12.25
N LEU B 108 -4.24 -8.91 -11.50
CA LEU B 108 -5.11 -9.91 -12.05
C LEU B 108 -6.54 -9.60 -11.65
N LEU B 109 -7.03 -8.47 -12.15
CA LEU B 109 -8.37 -8.02 -11.87
C LEU B 109 -9.31 -9.19 -11.69
N GLU B 110 -10.15 -9.09 -10.66
CA GLU B 110 -11.10 -10.16 -10.38
C GLU B 110 -12.49 -9.80 -10.90
N GLU B 111 -12.55 -9.44 -12.17
CA GLU B 111 -13.82 -9.07 -12.79
C GLU B 111 -14.81 -8.64 -11.72
N GLY B 112 -14.91 -7.33 -11.52
CA GLY B 112 -15.82 -6.78 -10.51
C GLY B 112 -15.04 -6.12 -9.39
N ARG B 113 -14.25 -6.91 -8.66
CA ARG B 113 -13.44 -6.38 -7.59
C ARG B 113 -12.58 -5.25 -8.16
N GLU B 114 -11.83 -5.61 -9.19
CA GLU B 114 -10.99 -4.67 -9.88
C GLU B 114 -11.78 -3.40 -10.18
N GLU B 115 -13.01 -3.60 -10.62
CA GLU B 115 -13.89 -2.49 -10.95
C GLU B 115 -14.14 -1.64 -9.71
N GLU B 116 -14.13 -2.29 -8.55
CA GLU B 116 -14.35 -1.58 -7.30
C GLU B 116 -13.07 -0.90 -6.82
N TYR B 117 -11.96 -1.65 -6.81
CA TYR B 117 -10.68 -1.08 -6.39
C TYR B 117 -10.58 0.34 -6.94
N GLY B 118 -10.63 0.41 -8.27
CA GLY B 118 -10.55 1.69 -8.99
C GLY B 118 -9.58 2.65 -8.33
N PHE B 119 -9.97 3.11 -7.14
CA PHE B 119 -9.16 4.07 -6.41
C PHE B 119 -7.68 4.00 -6.80
N LEU B 120 -6.93 3.09 -6.16
CA LEU B 120 -5.50 3.02 -6.45
C LEU B 120 -5.17 1.93 -7.46
N VAL B 121 -5.99 0.90 -7.56
CA VAL B 121 -5.71 -0.12 -8.53
C VAL B 121 -5.79 0.52 -9.91
N ARG B 122 -6.88 1.23 -10.16
CA ARG B 122 -7.06 1.93 -11.43
C ARG B 122 -6.07 3.09 -11.48
N GLY B 123 -6.10 3.94 -10.44
CA GLY B 123 -5.18 5.06 -10.38
C GLY B 123 -3.76 4.58 -10.67
N LEU B 124 -3.46 3.33 -10.29
CA LEU B 124 -2.13 2.79 -10.53
C LEU B 124 -1.98 2.42 -12.00
N GLY B 125 -3.04 1.89 -12.57
CA GLY B 125 -3.03 1.52 -13.98
C GLY B 125 -2.81 2.75 -14.85
N THR B 126 -3.11 3.92 -14.29
CA THR B 126 -2.96 5.17 -15.02
C THR B 126 -1.65 5.89 -14.70
N VAL B 127 -1.16 5.75 -13.48
CA VAL B 127 0.08 6.42 -13.09
C VAL B 127 1.30 5.55 -13.36
N ALA B 128 1.24 4.29 -12.93
CA ALA B 128 2.37 3.37 -13.13
C ALA B 128 1.97 2.22 -14.03
N ALA B 129 2.95 1.65 -14.71
CA ALA B 129 2.68 0.53 -15.61
C ALA B 129 1.99 -0.59 -14.85
N VAL B 130 0.68 -0.46 -14.65
CA VAL B 130 -0.09 -1.47 -13.94
C VAL B 130 -1.04 -2.18 -14.89
N GLU B 131 -0.58 -3.31 -15.43
CA GLU B 131 -1.40 -4.08 -16.35
C GLU B 131 -2.71 -4.51 -15.68
N PHE B 132 -3.84 -4.18 -16.30
CA PHE B 132 -5.14 -4.54 -15.73
C PHE B 132 -5.70 -5.79 -16.40
N VAL B 133 -5.45 -6.93 -15.79
CA VAL B 133 -5.95 -8.19 -16.34
C VAL B 133 -7.31 -8.54 -15.72
N HIS B 134 -8.38 -8.38 -16.49
CA HIS B 134 -9.69 -8.72 -15.98
C HIS B 134 -9.81 -10.23 -15.88
N TYR B 135 -10.40 -10.69 -14.80
CA TYR B 135 -10.53 -12.10 -14.53
C TYR B 135 -11.64 -12.78 -15.32
N LYS B 136 -11.66 -14.10 -15.18
CA LYS B 136 -12.65 -14.94 -15.83
C LYS B 136 -11.96 -16.10 -16.54
N ASP B 137 -12.03 -17.28 -15.93
CA ASP B 137 -11.41 -18.47 -16.47
C ASP B 137 -9.90 -18.42 -16.26
N ILE B 138 -9.45 -18.95 -15.13
CA ILE B 138 -8.03 -18.96 -14.81
C ILE B 138 -7.27 -19.55 -15.99
N ALA B 139 -7.80 -20.62 -16.54
CA ALA B 139 -7.18 -21.27 -17.68
C ALA B 139 -7.03 -20.26 -18.82
N LEU B 140 -7.48 -19.03 -18.55
CA LEU B 140 -7.39 -17.98 -19.55
C LEU B 140 -6.75 -16.73 -18.95
N ALA B 141 -6.93 -16.53 -17.64
CA ALA B 141 -6.34 -15.38 -16.97
C ALA B 141 -4.82 -15.51 -16.98
N LYS B 142 -4.35 -16.76 -17.09
CA LYS B 142 -2.91 -17.03 -17.11
C LYS B 142 -2.29 -16.49 -18.39
N PRO B 143 -2.84 -16.86 -19.51
CA PRO B 143 -2.33 -16.42 -20.85
C PRO B 143 -2.54 -14.92 -21.04
N GLN B 144 -3.69 -14.43 -20.58
CA GLN B 144 -4.00 -13.01 -20.69
C GLN B 144 -3.04 -12.20 -19.83
N ILE B 145 -2.84 -12.64 -18.60
CA ILE B 145 -1.93 -11.95 -17.69
C ILE B 145 -0.49 -12.08 -18.20
N ASP B 146 -0.22 -13.18 -18.89
CA ASP B 146 1.12 -13.41 -19.42
C ASP B 146 1.38 -12.50 -20.62
N ALA B 147 0.40 -12.40 -21.51
CA ALA B 147 0.53 -11.55 -22.69
C ALA B 147 0.65 -10.09 -22.26
N ALA B 148 -0.33 -9.65 -21.47
CA ALA B 148 -0.31 -8.28 -20.98
C ALA B 148 0.97 -8.02 -20.20
N ILE B 149 1.46 -9.05 -19.52
CA ILE B 149 2.68 -8.92 -18.75
C ILE B 149 3.86 -8.68 -19.67
N ARG B 150 3.88 -9.37 -20.81
CA ARG B 150 4.96 -9.20 -21.78
C ARG B 150 4.91 -7.82 -22.39
N LYS B 151 3.71 -7.26 -22.48
CA LYS B 151 3.54 -5.93 -23.05
C LYS B 151 4.06 -4.85 -22.10
N VAL B 152 3.53 -4.84 -20.88
CA VAL B 152 3.95 -3.87 -19.89
C VAL B 152 5.36 -4.19 -19.40
N VAL B 153 5.75 -5.45 -19.54
CA VAL B 153 7.07 -5.88 -19.11
C VAL B 153 8.11 -5.47 -20.14
N ASP B 154 7.76 -5.56 -21.42
CA ASP B 154 8.70 -5.17 -22.47
C ASP B 154 8.64 -3.67 -22.68
N ARG B 155 7.52 -3.08 -22.28
CA ARG B 155 7.32 -1.63 -22.41
C ARG B 155 8.03 -0.89 -21.28
N VAL B 156 8.04 -1.49 -20.09
CA VAL B 156 8.69 -0.86 -18.95
C VAL B 156 9.97 -1.58 -18.58
N ASN B 157 10.23 -2.71 -19.21
CA ASN B 157 11.44 -3.49 -18.93
C ASN B 157 12.30 -3.67 -20.17
N ASN B 158 11.70 -3.61 -21.35
CA ASN B 158 12.45 -3.78 -22.59
C ASN B 158 12.42 -2.53 -23.44
N PRO B 159 13.37 -1.66 -23.26
CA PRO B 159 13.48 -0.39 -24.02
C PRO B 159 14.03 -0.60 -25.43
N ALA B 160 15.26 -0.18 -25.65
CA ALA B 160 15.89 -0.33 -26.97
C ALA B 160 16.99 -1.39 -26.93
N ALA B 161 18.09 -1.13 -27.63
CA ALA B 161 19.19 -2.10 -27.66
C ALA B 161 20.44 -1.50 -27.00
N THR B 162 21.06 -2.27 -26.12
CA THR B 162 22.27 -1.82 -25.43
C THR B 162 23.52 -2.25 -26.20
N PRO B 163 23.64 -3.52 -26.49
CA PRO B 163 24.81 -4.06 -27.24
C PRO B 163 24.82 -3.60 -28.69
N LYS A 1 17.69 23.09 13.37
CA LYS A 1 16.43 23.89 13.49
C LYS A 1 15.54 23.64 12.28
N ALA A 2 15.82 22.56 11.56
CA ALA A 2 15.03 22.22 10.38
C ALA A 2 15.02 20.70 10.15
N GLY A 3 13.93 20.05 10.55
CA GLY A 3 13.79 18.61 10.37
C GLY A 3 12.80 18.29 9.26
N VAL A 4 11.59 18.84 9.39
CA VAL A 4 10.56 18.61 8.40
C VAL A 4 10.14 19.93 7.75
N ARG A 5 10.11 19.95 6.43
CA ARG A 5 9.72 21.15 5.71
C ARG A 5 8.35 20.96 5.08
N SER A 6 7.91 19.70 5.02
CA SER A 6 6.61 19.39 4.44
C SER A 6 6.19 17.99 4.84
N VAL A 7 5.16 17.90 5.66
CA VAL A 7 4.66 16.61 6.11
C VAL A 7 3.52 16.11 5.22
N PHE A 8 3.56 14.83 4.87
CA PHE A 8 2.49 14.25 4.06
C PHE A 8 1.53 13.50 4.98
N LEU A 9 0.23 13.64 4.73
CA LEU A 9 -0.75 12.98 5.57
C LEU A 9 -1.69 12.11 4.76
N ALA A 10 -2.24 11.08 5.42
CA ALA A 10 -3.17 10.16 4.78
C ALA A 10 -4.08 9.54 5.84
N GLY A 11 -5.32 9.26 5.45
CA GLY A 11 -6.28 8.66 6.38
C GLY A 11 -6.68 7.28 5.90
N PRO A 12 -7.71 6.72 6.49
CA PRO A 12 -8.19 5.38 6.11
C PRO A 12 -8.94 5.43 4.78
N PHE A 13 -8.85 6.58 4.12
CA PHE A 13 -9.51 6.81 2.85
C PHE A 13 -10.27 5.55 2.39
N MET A 14 -10.20 5.26 1.11
CA MET A 14 -10.89 4.10 0.56
C MET A 14 -11.61 3.32 1.65
N GLY A 15 -10.86 2.90 2.66
CA GLY A 15 -11.45 2.14 3.76
C GLY A 15 -12.55 2.94 4.44
N LEU A 16 -12.18 3.81 5.36
CA LEU A 16 -13.16 4.63 6.06
C LEU A 16 -14.19 5.15 5.06
N VAL A 17 -13.85 5.04 3.78
CA VAL A 17 -14.74 5.51 2.73
C VAL A 17 -15.31 4.35 1.93
N ASN A 18 -16.63 4.31 1.79
CA ASN A 18 -17.23 3.25 1.00
C ASN A 18 -16.50 3.21 -0.34
N PRO A 19 -15.62 2.25 -0.52
CA PRO A 19 -14.83 2.10 -1.76
C PRO A 19 -15.50 2.74 -2.98
N GLU A 20 -15.60 4.07 -2.95
CA GLU A 20 -16.20 4.82 -4.05
C GLU A 20 -17.37 5.69 -3.57
N THR A 21 -17.20 6.27 -2.40
CA THR A 21 -18.23 7.14 -1.83
C THR A 21 -18.28 6.98 -0.30
N ASN A 22 -18.79 8.03 0.37
CA ASN A 22 -18.91 8.01 1.83
C ASN A 22 -18.68 9.41 2.41
N SER A 23 -17.48 9.94 2.22
CA SER A 23 -17.15 11.27 2.74
C SER A 23 -16.51 11.16 4.11
N MET A 24 -15.19 10.97 4.12
CA MET A 24 -14.45 10.84 5.38
C MET A 24 -15.12 11.63 6.49
N PRO A 25 -15.07 11.11 7.69
CA PRO A 25 -15.67 11.76 8.89
C PRO A 25 -15.16 13.18 9.09
N SER A 26 -16.08 14.12 9.24
CA SER A 26 -15.70 15.51 9.47
C SER A 26 -14.95 15.63 10.78
N ALA A 27 -15.43 14.92 11.80
CA ALA A 27 -14.79 14.94 13.10
C ALA A 27 -13.34 14.47 12.95
N GLU A 28 -13.03 13.94 11.78
CA GLU A 28 -11.68 13.47 11.50
C GLU A 28 -10.87 14.57 10.83
N GLN A 29 -11.36 15.05 9.70
CA GLN A 29 -10.69 16.12 8.97
C GLN A 29 -10.43 17.29 9.91
N LEU A 30 -11.38 17.55 10.78
CA LEU A 30 -11.25 18.63 11.73
C LEU A 30 -9.93 18.51 12.49
N PRO A 31 -9.75 17.42 13.20
CA PRO A 31 -8.49 17.18 13.94
C PRO A 31 -7.31 17.37 12.99
N PHE A 32 -7.51 17.01 11.72
CA PHE A 32 -6.47 17.19 10.71
C PHE A 32 -6.27 18.68 10.45
N LEU A 33 -7.29 19.46 10.73
CA LEU A 33 -7.19 20.91 10.55
C LEU A 33 -6.30 21.48 11.63
N THR A 34 -6.56 21.07 12.87
CA THR A 34 -5.76 21.52 14.00
C THR A 34 -4.32 21.04 13.82
N LEU A 35 -4.18 19.78 13.44
CA LEU A 35 -2.85 19.21 13.22
C LEU A 35 -2.18 19.89 12.04
N ILE A 36 -2.79 19.76 10.87
CA ILE A 36 -2.26 20.38 9.67
C ILE A 36 -2.01 21.86 9.95
N GLU A 37 -2.78 22.42 10.87
CA GLU A 37 -2.60 23.82 11.23
C GLU A 37 -1.25 23.98 11.90
N HIS A 38 -0.95 23.05 12.80
CA HIS A 38 0.33 23.06 13.52
C HIS A 38 1.45 22.71 12.54
N PHE A 39 1.10 22.02 11.46
CA PHE A 39 2.09 21.66 10.45
C PHE A 39 2.45 22.92 9.66
N GLU A 40 1.43 23.62 9.17
CA GLU A 40 1.64 24.84 8.43
C GLU A 40 2.09 25.94 9.39
N LYS A 41 1.91 25.67 10.69
CA LYS A 41 2.28 26.62 11.72
C LYS A 41 3.78 26.55 12.00
N GLN A 42 4.28 25.34 12.22
CA GLN A 42 5.70 25.15 12.51
C GLN A 42 6.53 25.37 11.24
N GLY A 43 5.94 25.05 10.10
CA GLY A 43 6.63 25.20 8.82
C GLY A 43 6.64 23.88 8.07
N LEU A 44 5.67 23.03 8.37
CA LEU A 44 5.58 21.72 7.74
C LEU A 44 4.45 21.68 6.72
N GLU A 45 4.80 21.89 5.46
CA GLU A 45 3.82 21.88 4.38
C GLU A 45 3.13 20.53 4.31
N VAL A 46 1.82 20.52 4.51
CA VAL A 46 1.07 19.29 4.49
C VAL A 46 0.67 18.91 3.07
N PHE A 47 1.18 17.78 2.60
CA PHE A 47 0.88 17.30 1.26
C PHE A 47 -0.17 16.20 1.32
N ASN A 48 -0.99 16.10 0.28
CA ASN A 48 -2.04 15.09 0.24
C ASN A 48 -3.12 15.40 1.28
N ALA A 49 -2.96 14.82 2.47
CA ALA A 49 -3.94 15.05 3.53
C ALA A 49 -5.36 14.99 2.99
N HIS A 50 -6.32 15.32 3.83
CA HIS A 50 -7.72 15.32 3.42
C HIS A 50 -8.25 16.74 3.41
N ARG A 51 -7.36 17.67 3.07
CA ARG A 51 -7.75 19.08 3.04
C ARG A 51 -8.81 19.32 1.96
N ARG A 52 -8.55 20.29 1.10
CA ARG A 52 -9.48 20.61 0.02
C ARG A 52 -10.34 19.39 -0.30
N GLU A 53 -9.69 18.24 -0.45
CA GLU A 53 -10.40 17.00 -0.75
C GLU A 53 -11.50 16.72 0.27
N ALA A 54 -11.13 16.64 1.54
CA ALA A 54 -12.11 16.36 2.59
C ALA A 54 -12.78 17.64 3.07
N TRP A 55 -12.55 18.73 2.36
CA TRP A 55 -13.14 20.02 2.72
C TRP A 55 -14.09 20.48 1.62
N GLY A 56 -14.10 19.74 0.53
CA GLY A 56 -14.96 20.06 -0.59
C GLY A 56 -15.81 18.85 -0.96
N ALA A 57 -15.17 17.68 -0.92
CA ALA A 57 -15.86 16.43 -1.24
C ALA A 57 -15.16 15.25 -0.55
N GLN A 58 -13.98 14.88 -1.06
CA GLN A 58 -13.22 13.77 -0.49
C GLN A 58 -13.35 12.53 -1.35
N VAL A 59 -12.64 11.48 -0.99
CA VAL A 59 -12.69 10.24 -1.75
C VAL A 59 -12.49 10.55 -3.22
N LEU A 60 -11.53 11.44 -3.48
CA LEU A 60 -11.22 11.84 -4.84
C LEU A 60 -11.35 10.65 -5.78
N THR A 61 -10.92 10.81 -7.02
CA THR A 61 -11.01 9.73 -7.98
C THR A 61 -9.63 9.32 -8.46
N PRO A 62 -9.43 8.05 -8.62
CA PRO A 62 -8.14 7.47 -9.06
C PRO A 62 -7.36 8.40 -9.98
N GLU A 63 -8.03 8.90 -11.00
CA GLU A 63 -7.42 9.81 -11.96
C GLU A 63 -6.91 11.06 -11.29
N GLU A 64 -7.05 11.11 -9.98
CA GLU A 64 -6.60 12.26 -9.21
C GLU A 64 -5.87 11.82 -7.95
N CYS A 65 -6.62 11.19 -7.06
CA CYS A 65 -6.06 10.73 -5.79
C CYS A 65 -4.86 9.80 -5.99
N THR A 66 -4.95 8.90 -6.96
CA THR A 66 -3.85 7.96 -7.19
C THR A 66 -2.61 8.68 -7.67
N PRO A 67 -2.64 9.26 -8.85
CA PRO A 67 -1.47 10.00 -9.41
C PRO A 67 -0.87 10.96 -8.38
N LEU A 68 -1.69 11.91 -7.92
CA LEU A 68 -1.23 12.88 -6.95
C LEU A 68 -0.81 12.21 -5.64
N ASP A 69 -1.37 11.03 -5.38
CA ASP A 69 -1.02 10.31 -4.16
C ASP A 69 0.45 9.92 -4.17
N GLN A 70 0.88 9.27 -5.24
CA GLN A 70 2.28 8.85 -5.35
C GLN A 70 3.20 10.06 -5.42
N LEU A 71 2.89 11.00 -6.32
CA LEU A 71 3.72 12.19 -6.47
C LEU A 71 3.89 12.87 -5.12
N GLU A 72 2.84 12.82 -4.32
CA GLU A 72 2.88 13.42 -3.00
C GLU A 72 3.71 12.54 -2.07
N ILE A 73 3.69 11.24 -2.34
CA ILE A 73 4.44 10.29 -1.54
C ILE A 73 5.93 10.67 -1.55
N ARG A 74 6.44 11.04 -2.71
CA ARG A 74 7.85 11.43 -2.81
C ARG A 74 8.00 12.95 -2.79
N LYS A 75 6.93 13.65 -3.13
CA LYS A 75 6.96 15.11 -3.13
C LYS A 75 6.91 15.65 -1.71
N ALA A 76 6.37 14.82 -0.81
CA ALA A 76 6.26 15.18 0.60
C ALA A 76 7.59 14.96 1.32
N ASP A 77 7.91 15.84 2.28
CA ASP A 77 9.17 15.71 3.02
C ASP A 77 9.13 14.51 3.96
N VAL A 78 8.17 14.51 4.87
CA VAL A 78 8.03 13.42 5.82
C VAL A 78 6.71 12.70 5.60
N PHE A 79 6.78 11.39 5.37
CA PHE A 79 5.56 10.62 5.14
C PHE A 79 4.83 10.37 6.46
N VAL A 80 3.60 10.85 6.54
CA VAL A 80 2.80 10.66 7.74
C VAL A 80 1.40 10.18 7.34
N ALA A 81 0.77 9.40 8.21
CA ALA A 81 -0.57 8.88 7.91
C ALA A 81 -1.35 8.59 9.19
N ILE A 82 -2.50 7.94 9.03
CA ILE A 82 -3.34 7.61 10.17
C ILE A 82 -4.16 6.35 9.92
N PRO A 83 -3.69 5.24 10.41
CA PRO A 83 -4.39 3.95 10.28
C PRO A 83 -5.89 4.14 10.28
N GLY A 84 -6.46 3.88 11.42
CA GLY A 84 -7.90 4.02 11.61
C GLY A 84 -8.65 2.77 11.21
N ILE A 85 -8.21 1.61 11.69
CA ILE A 85 -8.88 0.36 11.37
C ILE A 85 -10.33 0.63 11.00
N PRO A 86 -10.88 -0.15 10.12
CA PRO A 86 -10.16 -1.27 9.45
C PRO A 86 -8.83 -0.85 8.84
N PRO A 87 -7.99 -1.81 8.52
CA PRO A 87 -6.66 -1.57 7.92
C PRO A 87 -6.72 -0.56 6.78
N SER A 88 -6.87 0.71 7.14
CA SER A 88 -6.95 1.77 6.13
C SER A 88 -6.22 1.36 4.85
N PRO A 89 -6.95 0.85 3.89
CA PRO A 89 -6.38 0.42 2.59
C PRO A 89 -5.70 1.57 1.86
N GLY A 90 -6.37 2.71 1.82
CA GLY A 90 -5.81 3.88 1.15
C GLY A 90 -4.44 4.20 1.72
N THR A 91 -4.35 4.17 3.04
CA THR A 91 -3.08 4.43 3.70
C THR A 91 -2.09 3.33 3.40
N HIS A 92 -2.22 2.20 4.10
CA HIS A 92 -1.31 1.09 3.86
C HIS A 92 -0.79 1.13 2.43
N VAL A 93 -1.65 1.56 1.50
CA VAL A 93 -1.22 1.65 0.11
C VAL A 93 -0.14 2.71 -0.01
N GLU A 94 -0.49 3.94 0.36
CA GLU A 94 0.48 5.02 0.30
C GLU A 94 1.61 4.74 1.28
N ILE A 95 1.32 3.93 2.28
CA ILE A 95 2.31 3.55 3.27
C ILE A 95 3.34 2.68 2.60
N GLY A 96 2.88 1.60 1.97
CA GLY A 96 3.79 0.72 1.25
C GLY A 96 4.61 1.58 0.30
N TRP A 97 3.96 2.62 -0.22
CA TRP A 97 4.62 3.55 -1.12
C TRP A 97 5.79 4.19 -0.40
N ALA A 98 5.56 4.57 0.86
CA ALA A 98 6.62 5.17 1.66
C ALA A 98 7.69 4.14 1.96
N SER A 99 7.34 2.86 1.87
CA SER A 99 8.31 1.80 2.10
C SER A 99 9.30 1.76 0.95
N ALA A 100 8.80 1.56 -0.28
CA ALA A 100 9.71 1.54 -1.43
C ALA A 100 10.24 2.95 -1.64
N PHE A 101 9.36 3.93 -1.45
CA PHE A 101 9.73 5.33 -1.57
C PHE A 101 10.93 5.60 -0.66
N ASP A 102 10.81 5.12 0.58
CA ASP A 102 11.85 5.26 1.57
C ASP A 102 11.64 6.50 2.45
N LYS A 103 10.79 7.43 2.01
CA LYS A 103 10.55 8.62 2.81
C LYS A 103 10.17 8.24 4.24
N PRO A 104 10.80 8.86 5.22
CA PRO A 104 10.50 8.56 6.65
C PRO A 104 9.00 8.44 6.89
N ILE A 105 8.59 7.45 7.68
CA ILE A 105 7.18 7.26 7.94
C ILE A 105 6.81 7.58 9.39
N VAL A 106 5.61 8.12 9.56
CA VAL A 106 5.10 8.49 10.88
C VAL A 106 3.58 8.58 10.83
N LEU A 107 2.91 7.70 11.54
CA LEU A 107 1.44 7.72 11.53
C LEU A 107 0.90 7.84 12.94
N LEU A 108 -0.31 8.37 13.04
CA LEU A 108 -0.94 8.53 14.34
C LEU A 108 -1.80 7.31 14.66
N LEU A 109 -1.18 6.29 15.23
CA LEU A 109 -1.88 5.07 15.59
C LEU A 109 -3.19 5.38 16.30
N GLU A 110 -4.17 4.50 16.15
CA GLU A 110 -5.44 4.70 16.81
C GLU A 110 -5.54 3.82 18.05
N GLU A 111 -4.72 4.12 19.04
CA GLU A 111 -4.71 3.36 20.29
C GLU A 111 -5.65 2.16 20.19
N GLY A 112 -5.21 1.11 19.51
CA GLY A 112 -6.03 -0.08 19.34
C GLY A 112 -6.12 -0.48 17.87
N ARG A 113 -6.59 0.45 17.04
CA ARG A 113 -6.70 0.19 15.62
C ARG A 113 -5.38 -0.33 15.10
N GLU A 114 -4.29 0.31 15.54
CA GLU A 114 -2.95 -0.11 15.15
C GLU A 114 -2.78 -1.58 15.50
N GLU A 115 -3.18 -1.93 16.72
CA GLU A 115 -3.09 -3.31 17.17
C GLU A 115 -3.67 -4.22 16.11
N GLU A 116 -4.81 -3.80 15.56
CA GLU A 116 -5.45 -4.58 14.51
C GLU A 116 -4.57 -4.55 13.27
N TYR A 117 -4.13 -3.36 12.89
CA TYR A 117 -3.24 -3.22 11.74
C TYR A 117 -2.13 -4.25 11.85
N GLY A 118 -1.25 -4.01 12.82
CA GLY A 118 -0.11 -4.88 13.08
C GLY A 118 0.51 -5.36 11.78
N PHE A 119 -0.28 -6.11 11.03
CA PHE A 119 0.17 -6.65 9.76
C PHE A 119 1.28 -5.80 9.13
N LEU A 120 0.88 -4.79 8.36
CA LEU A 120 1.86 -3.95 7.68
C LEU A 120 2.21 -2.71 8.47
N VAL A 121 1.35 -2.33 9.39
CA VAL A 121 1.66 -1.16 10.19
C VAL A 121 2.87 -1.47 11.05
N ARG A 122 2.80 -2.59 11.78
CA ARG A 122 3.91 -3.01 12.60
C ARG A 122 5.01 -3.54 11.70
N GLY A 123 4.61 -4.29 10.66
CA GLY A 123 5.58 -4.83 9.72
C GLY A 123 6.40 -3.69 9.11
N LEU A 124 5.77 -2.54 8.94
CA LEU A 124 6.46 -1.39 8.37
C LEU A 124 7.32 -0.74 9.45
N GLY A 125 6.82 -0.77 10.68
CA GLY A 125 7.55 -0.21 11.80
C GLY A 125 8.80 -1.02 12.09
N THR A 126 8.82 -2.25 11.58
CA THR A 126 9.97 -3.13 11.80
C THR A 126 10.93 -3.08 10.61
N VAL A 127 10.38 -2.92 9.40
CA VAL A 127 11.21 -2.87 8.21
C VAL A 127 11.67 -1.44 7.91
N ALA A 128 10.72 -0.53 7.69
CA ALA A 128 11.06 0.86 7.39
C ALA A 128 10.78 1.76 8.59
N ALA A 129 11.55 2.83 8.71
CA ALA A 129 11.39 3.78 9.80
C ALA A 129 9.95 4.24 9.88
N VAL A 130 9.10 3.42 10.45
CA VAL A 130 7.69 3.76 10.58
C VAL A 130 7.36 4.12 12.03
N GLU A 131 7.33 5.41 12.32
CA GLU A 131 7.03 5.89 13.66
C GLU A 131 5.57 5.66 14.00
N PHE A 132 5.34 4.95 15.10
CA PHE A 132 4.00 4.66 15.55
C PHE A 132 3.58 5.63 16.65
N VAL A 133 2.73 6.59 16.30
CA VAL A 133 2.27 7.58 17.26
C VAL A 133 0.84 7.28 17.73
N HIS A 134 0.72 6.52 18.82
CA HIS A 134 -0.60 6.21 19.36
C HIS A 134 -1.20 7.49 19.92
N TYR A 135 -2.45 7.79 19.58
CA TYR A 135 -3.05 9.03 20.07
C TYR A 135 -4.54 8.87 20.37
N LYS A 136 -4.94 9.41 21.52
CA LYS A 136 -6.33 9.39 21.93
C LYS A 136 -6.96 10.74 21.63
N ASP A 137 -6.11 11.77 21.65
CA ASP A 137 -6.55 13.12 21.36
C ASP A 137 -5.49 13.83 20.52
N ILE A 138 -5.92 14.73 19.62
CA ILE A 138 -4.97 15.44 18.76
C ILE A 138 -4.17 16.45 19.56
N ALA A 139 -4.83 17.17 20.44
CA ALA A 139 -4.16 18.18 21.25
C ALA A 139 -2.90 17.58 21.86
N LEU A 140 -2.75 16.26 21.74
CA LEU A 140 -1.59 15.58 22.28
C LEU A 140 -0.82 14.88 21.15
N ALA A 141 -1.56 14.38 20.17
CA ALA A 141 -0.95 13.70 19.04
C ALA A 141 -0.12 14.66 18.20
N LYS A 142 -0.70 15.79 17.85
CA LYS A 142 -0.01 16.80 17.04
C LYS A 142 1.44 16.99 17.50
N PRO A 143 1.63 17.24 18.76
CA PRO A 143 3.00 17.46 19.34
C PRO A 143 3.79 16.17 19.45
N GLN A 144 3.12 15.09 19.83
CA GLN A 144 3.80 13.80 19.96
C GLN A 144 4.30 13.31 18.62
N ILE A 145 3.52 13.56 17.58
CA ILE A 145 3.88 13.15 16.23
C ILE A 145 4.97 14.06 15.68
N ASP A 146 4.85 15.35 15.99
CA ASP A 146 5.84 16.31 15.51
C ASP A 146 7.17 16.08 16.19
N ALA A 147 7.13 15.57 17.41
CA ALA A 147 8.36 15.29 18.15
C ALA A 147 9.02 14.06 17.56
N ALA A 148 8.35 12.93 17.67
CA ALA A 148 8.88 11.69 17.12
C ALA A 148 9.10 11.88 15.62
N ILE A 149 8.48 12.92 15.08
CA ILE A 149 8.61 13.24 13.66
C ILE A 149 10.01 13.78 13.37
N ARG A 150 10.38 14.84 14.10
CA ARG A 150 11.69 15.45 13.91
C ARG A 150 12.80 14.46 14.26
N LYS A 151 12.59 13.69 15.32
CA LYS A 151 13.60 12.72 15.74
C LYS A 151 13.75 11.64 14.67
N VAL A 152 12.63 11.05 14.28
CA VAL A 152 12.63 10.00 13.26
C VAL A 152 13.33 10.48 11.99
N VAL A 153 13.20 11.78 11.70
CA VAL A 153 13.84 12.35 10.52
C VAL A 153 15.35 12.33 10.69
N ASP A 154 15.82 12.91 11.79
CA ASP A 154 17.25 12.97 12.07
C ASP A 154 17.81 11.56 12.23
N ARG A 155 16.92 10.60 12.43
CA ARG A 155 17.35 9.21 12.61
C ARG A 155 17.55 8.51 11.26
N VAL A 156 16.67 8.79 10.31
CA VAL A 156 16.77 8.17 8.99
C VAL A 156 17.52 9.08 8.01
N ASN A 157 17.84 10.30 8.44
CA ASN A 157 18.56 11.23 7.58
C ASN A 157 19.86 11.68 8.24
N ASN A 158 19.88 11.70 9.57
CA ASN A 158 21.08 12.12 10.28
C ASN A 158 21.52 11.05 11.29
N PRO A 159 22.70 10.54 11.11
CA PRO A 159 23.25 9.49 12.01
C PRO A 159 23.74 10.08 13.32
N ALA A 160 24.96 10.60 13.32
CA ALA A 160 25.52 11.21 14.52
C ALA A 160 26.87 11.86 14.21
N ALA A 161 27.64 12.13 15.26
CA ALA A 161 28.95 12.76 15.08
C ALA A 161 28.79 14.18 14.54
N THR A 162 27.61 14.75 14.75
CA THR A 162 27.33 16.10 14.28
C THR A 162 28.63 16.89 14.10
N PRO A 163 28.86 17.40 12.93
CA PRO A 163 30.08 18.19 12.61
C PRO A 163 30.53 19.05 13.79
N LYS B 1 11.37 -14.99 -26.26
CA LYS B 1 10.88 -16.25 -25.65
C LYS B 1 11.08 -16.19 -24.14
N ALA B 2 11.20 -14.98 -23.61
CA ALA B 2 11.38 -14.79 -22.18
C ALA B 2 10.86 -13.44 -21.74
N GLY B 3 9.66 -13.44 -21.16
CA GLY B 3 9.05 -12.21 -20.69
C GLY B 3 9.10 -12.13 -19.16
N VAL B 4 8.56 -13.16 -18.52
CA VAL B 4 8.54 -13.22 -17.07
C VAL B 4 9.30 -14.44 -16.57
N ARG B 5 10.20 -14.24 -15.62
CA ARG B 5 10.97 -15.34 -15.06
C ARG B 5 10.51 -15.66 -13.65
N SER B 6 9.74 -14.74 -13.08
CA SER B 6 9.23 -14.91 -11.73
C SER B 6 8.11 -13.93 -11.43
N VAL B 7 6.90 -14.45 -11.32
CA VAL B 7 5.74 -13.62 -11.04
C VAL B 7 5.47 -13.52 -9.54
N PHE B 8 5.09 -12.34 -9.09
CA PHE B 8 4.76 -12.14 -7.68
C PHE B 8 3.25 -12.07 -7.53
N LEU B 9 2.71 -12.73 -6.52
CA LEU B 9 1.28 -12.73 -6.33
C LEU B 9 0.89 -12.23 -4.95
N ALA B 10 -0.32 -11.68 -4.88
CA ALA B 10 -0.84 -11.14 -3.63
C ALA B 10 -2.37 -11.15 -3.66
N GLY B 11 -2.97 -11.42 -2.51
CA GLY B 11 -4.42 -11.46 -2.43
C GLY B 11 -4.93 -10.33 -1.57
N PRO B 12 -6.17 -10.38 -1.18
CA PRO B 12 -6.78 -9.35 -0.33
C PRO B 12 -6.33 -9.49 1.12
N PHE B 13 -5.32 -10.33 1.32
CA PHE B 13 -4.78 -10.57 2.65
C PHE B 13 -5.46 -9.70 3.71
N MET B 14 -4.68 -9.19 4.65
CA MET B 14 -5.21 -8.37 5.72
C MET B 14 -6.72 -8.20 5.57
N GLY B 15 -7.14 -7.69 4.41
CA GLY B 15 -8.56 -7.49 4.16
C GLY B 15 -9.32 -8.81 4.29
N LEU B 16 -9.35 -9.58 3.22
CA LEU B 16 -10.05 -10.86 3.24
C LEU B 16 -9.76 -11.57 4.56
N VAL B 17 -8.72 -11.12 5.26
CA VAL B 17 -8.33 -11.71 6.54
C VAL B 17 -8.64 -10.77 7.69
N ASN B 18 -9.37 -11.26 8.69
CA ASN B 18 -9.65 -10.43 9.85
C ASN B 18 -8.34 -9.84 10.34
N PRO B 19 -8.10 -8.59 10.07
CA PRO B 19 -6.87 -7.88 10.45
C PRO B 19 -6.16 -8.50 11.65
N GLU B 20 -5.73 -9.75 11.50
CA GLU B 20 -5.03 -10.45 12.56
C GLU B 20 -5.66 -11.81 12.84
N THR B 21 -6.06 -12.49 11.77
CA THR B 21 -6.68 -13.81 11.89
C THR B 21 -7.81 -13.98 10.87
N ASN B 22 -8.06 -15.24 10.49
CA ASN B 22 -9.12 -15.54 9.52
C ASN B 22 -8.78 -16.79 8.71
N SER B 23 -7.71 -16.70 7.92
CA SER B 23 -7.29 -17.82 7.08
C SER B 23 -7.88 -17.69 5.68
N MET B 24 -7.21 -16.90 4.85
CA MET B 24 -7.67 -16.70 3.47
C MET B 24 -8.48 -17.90 2.99
N PRO B 25 -9.48 -17.64 2.18
CA PRO B 25 -10.36 -18.69 1.61
C PRO B 25 -9.56 -19.76 0.88
N SER B 26 -9.82 -21.03 1.21
CA SER B 26 -9.12 -22.12 0.55
C SER B 26 -9.51 -22.16 -0.91
N ALA B 27 -10.79 -21.97 -1.18
CA ALA B 27 -11.27 -21.97 -2.55
C ALA B 27 -10.53 -20.90 -3.35
N GLU B 28 -9.77 -20.07 -2.63
CA GLU B 28 -8.99 -19.02 -3.26
C GLU B 28 -7.57 -19.51 -3.53
N GLN B 29 -6.89 -19.94 -2.47
CA GLN B 29 -5.53 -20.44 -2.61
C GLN B 29 -5.49 -21.52 -3.68
N LEU B 30 -6.55 -22.33 -3.71
CA LEU B 30 -6.64 -23.41 -4.69
C LEU B 30 -6.42 -22.87 -6.09
N PRO B 31 -7.27 -21.97 -6.52
CA PRO B 31 -7.13 -21.35 -7.86
C PRO B 31 -5.70 -20.83 -8.02
N PHE B 32 -5.13 -20.35 -6.91
CA PHE B 32 -3.77 -19.86 -6.91
C PHE B 32 -2.81 -21.04 -7.15
N LEU B 33 -3.27 -22.25 -6.81
CA LEU B 33 -2.46 -23.44 -7.01
C LEU B 33 -2.39 -23.75 -8.50
N THR B 34 -3.56 -23.71 -9.13
CA THR B 34 -3.66 -23.96 -10.56
C THR B 34 -2.89 -22.89 -11.33
N LEU B 35 -3.08 -21.65 -10.91
CA LEU B 35 -2.40 -20.53 -11.55
C LEU B 35 -0.91 -20.62 -11.28
N ILE B 36 -0.54 -20.52 -10.00
CA ILE B 36 0.84 -20.61 -9.61
C ILE B 36 1.46 -21.85 -10.26
N GLU B 37 0.64 -22.86 -10.49
CA GLU B 37 1.10 -24.08 -11.13
C GLU B 37 1.51 -23.77 -12.55
N HIS B 38 0.68 -22.95 -13.21
CA HIS B 38 0.95 -22.54 -14.58
C HIS B 38 2.10 -21.55 -14.60
N PHE B 39 2.36 -20.93 -13.45
CA PHE B 39 3.47 -19.99 -13.34
C PHE B 39 4.77 -20.78 -13.28
N GLU B 40 4.80 -21.75 -12.37
CA GLU B 40 5.96 -22.61 -12.23
C GLU B 40 6.05 -23.56 -13.42
N LYS B 41 4.93 -23.69 -14.14
CA LYS B 41 4.86 -24.56 -15.31
C LYS B 41 5.54 -23.89 -16.51
N GLN B 42 5.17 -22.64 -16.76
CA GLN B 42 5.74 -21.90 -17.89
C GLN B 42 7.18 -21.49 -17.60
N GLY B 43 7.47 -21.25 -16.33
CA GLY B 43 8.81 -20.85 -15.92
C GLY B 43 8.76 -19.54 -15.14
N LEU B 44 7.60 -19.26 -14.56
CA LEU B 44 7.41 -18.02 -13.80
C LEU B 44 7.38 -18.31 -12.30
N GLU B 45 8.53 -18.11 -11.66
CA GLU B 45 8.66 -18.32 -10.24
C GLU B 45 7.70 -17.41 -9.49
N VAL B 46 6.77 -18.00 -8.74
CA VAL B 46 5.80 -17.22 -8.00
C VAL B 46 6.35 -16.80 -6.64
N PHE B 47 6.51 -15.49 -6.44
CA PHE B 47 7.03 -14.98 -5.18
C PHE B 47 5.90 -14.48 -4.30
N ASN B 48 6.09 -14.54 -2.99
CA ASN B 48 5.07 -14.10 -2.06
C ASN B 48 3.88 -15.04 -2.11
N ALA B 49 2.92 -14.70 -2.96
CA ALA B 49 1.72 -15.51 -3.11
C ALA B 49 1.23 -15.99 -1.75
N HIS B 50 0.23 -16.84 -1.77
CA HIS B 50 -0.32 -17.38 -0.54
C HIS B 50 -0.02 -18.87 -0.43
N ARG B 51 1.13 -19.26 -0.98
CA ARG B 51 1.52 -20.66 -0.95
C ARG B 51 1.71 -21.13 0.49
N ARG B 52 2.89 -21.69 0.75
CA ARG B 52 3.19 -22.19 2.09
C ARG B 52 2.38 -21.44 3.14
N GLU B 53 2.33 -20.12 3.00
CA GLU B 53 1.58 -19.29 3.94
C GLU B 53 0.12 -19.72 4.00
N ALA B 54 -0.56 -19.67 2.86
CA ALA B 54 -1.98 -20.05 2.83
C ALA B 54 -2.15 -21.57 2.70
N TRP B 55 -1.04 -22.30 2.82
CA TRP B 55 -1.08 -23.74 2.73
C TRP B 55 -0.73 -24.36 4.09
N GLY B 56 -0.24 -23.51 4.99
CA GLY B 56 0.13 -23.96 6.33
C GLY B 56 -0.66 -23.20 7.38
N ALA B 57 -0.80 -21.90 7.16
CA ALA B 57 -1.55 -21.05 8.07
C ALA B 57 -2.12 -19.83 7.33
N GLN B 58 -1.24 -18.90 6.97
CA GLN B 58 -1.65 -17.69 6.26
C GLN B 58 -1.72 -16.51 7.21
N VAL B 59 -1.95 -15.33 6.65
CA VAL B 59 -2.01 -14.12 7.47
C VAL B 59 -0.78 -14.04 8.33
N LEU B 60 0.35 -14.35 7.71
CA LEU B 60 1.62 -14.31 8.39
C LEU B 60 1.66 -13.16 9.37
N THR B 61 2.83 -12.87 9.92
CA THR B 61 2.95 -11.78 10.86
C THR B 61 3.92 -10.72 10.33
N PRO B 62 3.58 -9.49 10.55
CA PRO B 62 4.40 -8.34 10.09
C PRO B 62 5.89 -8.66 10.07
N GLU B 63 6.40 -9.20 11.17
CA GLU B 63 7.81 -9.54 11.27
C GLU B 63 8.22 -10.56 10.22
N GLU B 64 7.28 -10.89 9.34
CA GLU B 64 7.55 -11.86 8.28
C GLU B 64 6.92 -11.41 6.96
N CYS B 65 5.61 -11.32 6.97
CA CYS B 65 4.87 -10.93 5.78
C CYS B 65 5.29 -9.55 5.28
N THR B 66 5.49 -8.61 6.20
CA THR B 66 5.87 -7.27 5.80
C THR B 66 7.26 -7.25 5.15
N PRO B 67 8.29 -7.55 5.90
CA PRO B 67 9.68 -7.57 5.37
C PRO B 67 9.76 -8.35 4.07
N LEU B 68 9.38 -9.61 4.13
CA LEU B 68 9.42 -10.48 2.95
C LEU B 68 8.51 -9.94 1.85
N ASP B 69 7.48 -9.21 2.25
CA ASP B 69 6.55 -8.65 1.29
C ASP B 69 7.26 -7.68 0.37
N GLN B 70 7.97 -6.72 0.94
CA GLN B 70 8.68 -5.71 0.15
C GLN B 70 9.82 -6.35 -0.64
N LEU B 71 10.63 -7.17 0.03
CA LEU B 71 11.73 -7.83 -0.66
C LEU B 71 11.19 -8.60 -1.85
N GLU B 72 10.02 -9.20 -1.67
CA GLU B 72 9.40 -9.94 -2.77
C GLU B 72 8.86 -8.96 -3.80
N ILE B 73 8.51 -7.76 -3.36
CA ILE B 73 7.98 -6.75 -4.26
C ILE B 73 9.01 -6.42 -5.34
N ARG B 74 10.28 -6.33 -4.94
CA ARG B 74 11.34 -6.03 -5.91
C ARG B 74 12.08 -7.30 -6.30
N LYS B 75 11.96 -8.34 -5.48
CA LYS B 75 12.62 -9.61 -5.76
C LYS B 75 11.83 -10.38 -6.81
N ALA B 76 10.57 -9.99 -7.01
CA ALA B 76 9.72 -10.64 -8.00
C ALA B 76 9.92 -10.00 -9.37
N ASP B 77 9.85 -10.81 -10.42
CA ASP B 77 10.04 -10.29 -11.79
C ASP B 77 8.86 -9.43 -12.20
N VAL B 78 7.68 -10.02 -12.20
CA VAL B 78 6.46 -9.29 -12.57
C VAL B 78 5.54 -9.18 -11.37
N PHE B 79 5.15 -7.96 -11.02
CA PHE B 79 4.27 -7.76 -9.89
C PHE B 79 2.82 -8.09 -10.26
N VAL B 80 2.27 -9.10 -9.59
CA VAL B 80 0.89 -9.51 -9.84
C VAL B 80 0.12 -9.60 -8.52
N ALA B 81 -1.18 -9.37 -8.57
CA ALA B 81 -2.00 -9.43 -7.36
C ALA B 81 -3.44 -9.77 -7.69
N ILE B 82 -4.31 -9.65 -6.69
CA ILE B 82 -5.73 -9.94 -6.87
C ILE B 82 -6.59 -9.13 -5.91
N PRO B 83 -7.14 -8.04 -6.37
CA PRO B 83 -8.03 -7.18 -5.56
C PRO B 83 -8.83 -8.01 -4.59
N GLY B 84 -10.05 -8.24 -4.97
CA GLY B 84 -10.96 -9.04 -4.15
C GLY B 84 -11.68 -8.19 -3.12
N ILE B 85 -12.23 -7.06 -3.56
CA ILE B 85 -12.95 -6.19 -2.63
C ILE B 85 -13.45 -7.00 -1.44
N PRO B 86 -13.52 -6.39 -0.29
CA PRO B 86 -13.15 -4.96 -0.09
C PRO B 86 -11.76 -4.63 -0.64
N PRO B 87 -11.48 -3.36 -0.79
CA PRO B 87 -10.17 -2.89 -1.29
C PRO B 87 -8.99 -3.60 -0.63
N SER B 88 -8.77 -4.84 -1.04
CA SER B 88 -7.68 -5.63 -0.49
C SER B 88 -6.57 -4.74 0.03
N PRO B 89 -6.58 -4.42 1.30
CA PRO B 89 -5.55 -3.55 1.92
C PRO B 89 -4.14 -4.12 1.77
N GLY B 90 -4.01 -5.41 2.04
CA GLY B 90 -2.71 -6.07 1.91
C GLY B 90 -2.16 -5.85 0.53
N THR B 91 -3.00 -6.03 -0.48
CA THR B 91 -2.58 -5.85 -1.85
C THR B 91 -2.28 -4.37 -2.10
N HIS B 92 -3.31 -3.56 -2.30
CA HIS B 92 -3.10 -2.14 -2.52
C HIS B 92 -1.81 -1.68 -1.85
N VAL B 93 -1.50 -2.27 -0.70
CA VAL B 93 -0.26 -1.92 0.01
C VAL B 93 0.94 -2.33 -0.84
N GLU B 94 1.01 -3.63 -1.14
CA GLU B 94 2.10 -4.14 -1.94
C GLU B 94 2.00 -3.57 -3.35
N ILE B 95 0.77 -3.21 -3.72
CA ILE B 95 0.52 -2.61 -5.03
C ILE B 95 1.20 -1.25 -5.07
N GLY B 96 0.90 -0.41 -4.09
CA GLY B 96 1.54 0.89 -4.02
C GLY B 96 3.04 0.65 -4.07
N TRP B 97 3.45 -0.44 -3.45
CA TRP B 97 4.85 -0.82 -3.43
C TRP B 97 5.33 -1.00 -4.85
N ALA B 98 4.51 -1.66 -5.66
CA ALA B 98 4.86 -1.88 -7.05
C ALA B 98 4.85 -0.56 -7.80
N SER B 99 4.14 0.42 -7.24
CA SER B 99 4.08 1.73 -7.87
C SER B 99 5.42 2.43 -7.71
N ALA B 100 5.88 2.63 -6.46
CA ALA B 100 7.18 3.26 -6.27
C ALA B 100 8.26 2.30 -6.76
N PHE B 101 8.04 1.02 -6.48
CA PHE B 101 8.96 -0.03 -6.91
C PHE B 101 9.17 0.08 -8.42
N ASP B 102 8.05 0.23 -9.13
CA ASP B 102 8.07 0.38 -10.59
C ASP B 102 7.91 -0.97 -11.30
N LYS B 103 8.09 -2.07 -10.58
CA LYS B 103 7.94 -3.39 -11.21
C LYS B 103 6.58 -3.48 -11.90
N PRO B 104 6.55 -3.94 -13.13
CA PRO B 104 5.28 -4.08 -13.89
C PRO B 104 4.19 -4.68 -13.01
N ILE B 105 2.98 -4.13 -13.12
CA ILE B 105 1.87 -4.63 -12.31
C ILE B 105 0.83 -5.33 -13.17
N VAL B 106 0.26 -6.38 -12.59
CA VAL B 106 -0.79 -7.16 -13.26
C VAL B 106 -1.62 -7.91 -12.22
N LEU B 107 -2.90 -7.56 -12.11
CA LEU B 107 -3.76 -8.22 -11.13
C LEU B 107 -4.99 -8.81 -11.81
N LEU B 108 -5.56 -9.83 -11.17
CA LEU B 108 -6.74 -10.49 -11.69
C LEU B 108 -7.99 -9.87 -11.10
N LEU B 109 -8.45 -8.78 -11.71
CA LEU B 109 -9.65 -8.08 -11.24
C LEU B 109 -10.77 -9.05 -10.93
N GLU B 110 -11.62 -8.69 -9.98
CA GLU B 110 -12.74 -9.56 -9.63
C GLU B 110 -14.02 -9.05 -10.29
N GLU B 111 -14.07 -9.15 -11.61
CA GLU B 111 -15.24 -8.70 -12.37
C GLU B 111 -16.25 -8.04 -11.45
N GLY B 112 -15.96 -6.80 -11.05
CA GLY B 112 -16.86 -6.08 -10.16
C GLY B 112 -16.09 -5.49 -8.99
N ARG B 113 -15.41 -6.35 -8.24
CA ARG B 113 -14.63 -5.90 -7.11
C ARG B 113 -13.74 -4.76 -7.57
N GLU B 114 -13.07 -4.97 -8.70
CA GLU B 114 -12.21 -3.94 -9.26
C GLU B 114 -12.99 -2.64 -9.35
N GLU B 115 -14.21 -2.74 -9.85
CA GLU B 115 -15.07 -1.58 -10.01
C GLU B 115 -15.10 -0.82 -8.69
N GLU B 116 -15.23 -1.56 -7.61
CA GLU B 116 -15.25 -0.95 -6.29
C GLU B 116 -13.87 -0.35 -6.00
N TYR B 117 -12.83 -1.14 -6.23
CA TYR B 117 -11.47 -0.65 -6.02
C TYR B 117 -11.32 0.72 -6.65
N GLY B 118 -11.34 0.71 -8.00
CA GLY B 118 -11.21 1.93 -8.78
C GLY B 118 -10.18 2.86 -8.17
N PHE B 119 -10.46 3.30 -6.96
CA PHE B 119 -9.56 4.20 -6.26
C PHE B 119 -8.12 4.06 -6.71
N LEU B 120 -7.39 3.13 -6.10
CA LEU B 120 -5.99 2.94 -6.44
C LEU B 120 -5.79 1.86 -7.48
N VAL B 121 -6.76 0.98 -7.63
CA VAL B 121 -6.63 -0.05 -8.63
C VAL B 121 -6.63 0.61 -10.01
N ARG B 122 -7.65 1.42 -10.28
CA ARG B 122 -7.73 2.13 -11.55
C ARG B 122 -6.69 3.24 -11.54
N GLY B 123 -6.57 3.94 -10.41
CA GLY B 123 -5.59 5.01 -10.29
C GLY B 123 -4.19 4.47 -10.61
N LEU B 124 -3.95 3.21 -10.27
CA LEU B 124 -2.65 2.60 -10.53
C LEU B 124 -2.57 2.21 -12.00
N GLY B 125 -3.71 1.80 -12.55
CA GLY B 125 -3.77 1.41 -13.95
C GLY B 125 -3.59 2.63 -14.85
N THR B 126 -3.79 3.82 -14.28
CA THR B 126 -3.63 5.05 -15.05
C THR B 126 -2.24 5.64 -14.83
N VAL B 127 -1.70 5.47 -13.64
CA VAL B 127 -0.37 6.00 -13.34
C VAL B 127 0.74 5.01 -13.70
N ALA B 128 0.73 3.83 -13.08
CA ALA B 128 1.75 2.83 -13.37
C ALA B 128 1.18 1.68 -14.19
N ALA B 129 2.03 1.07 -15.01
CA ALA B 129 1.60 -0.04 -15.85
C ALA B 129 0.91 -1.09 -15.01
N VAL B 130 -0.36 -0.84 -14.71
CA VAL B 130 -1.14 -1.78 -13.92
C VAL B 130 -2.15 -2.50 -14.81
N GLU B 131 -1.82 -3.73 -15.19
CA GLU B 131 -2.68 -4.52 -16.05
C GLU B 131 -3.90 -5.00 -15.26
N PHE B 132 -5.09 -4.70 -15.78
CA PHE B 132 -6.30 -5.12 -15.12
C PHE B 132 -6.86 -6.36 -15.79
N VAL B 133 -6.71 -7.51 -15.14
CA VAL B 133 -7.19 -8.76 -15.70
C VAL B 133 -8.47 -9.22 -15.02
N HIS B 134 -9.61 -8.83 -15.58
CA HIS B 134 -10.89 -9.25 -15.03
C HIS B 134 -11.07 -10.74 -15.26
N TYR B 135 -11.45 -11.48 -14.22
CA TYR B 135 -11.61 -12.91 -14.38
C TYR B 135 -12.76 -13.47 -13.56
N LYS B 136 -13.54 -14.33 -14.20
CA LYS B 136 -14.66 -14.97 -13.54
C LYS B 136 -14.24 -16.39 -13.13
N ASP B 137 -13.32 -16.95 -13.93
CA ASP B 137 -12.79 -18.29 -13.68
C ASP B 137 -11.29 -18.31 -13.94
N ILE B 138 -10.54 -19.08 -13.16
CA ILE B 138 -9.09 -19.15 -13.33
C ILE B 138 -8.71 -19.83 -14.64
N ALA B 139 -9.39 -20.94 -14.96
CA ALA B 139 -9.10 -21.67 -16.18
C ALA B 139 -9.00 -20.69 -17.35
N LEU B 140 -9.45 -19.47 -17.11
CA LEU B 140 -9.41 -18.43 -18.15
C LEU B 140 -8.48 -17.29 -17.73
N ALA B 141 -8.47 -17.01 -16.43
CA ALA B 141 -7.63 -15.94 -15.89
C ALA B 141 -6.15 -16.28 -16.05
N LYS B 142 -5.78 -17.48 -15.62
CA LYS B 142 -4.38 -17.90 -15.71
C LYS B 142 -3.77 -17.50 -17.05
N PRO B 143 -4.39 -17.87 -18.13
CA PRO B 143 -3.87 -17.57 -19.49
C PRO B 143 -4.05 -16.10 -19.88
N GLN B 144 -5.18 -15.51 -19.48
CA GLN B 144 -5.43 -14.11 -19.79
C GLN B 144 -4.41 -13.22 -19.09
N ILE B 145 -4.09 -13.56 -17.86
CA ILE B 145 -3.13 -12.81 -17.08
C ILE B 145 -1.72 -13.03 -17.62
N ASP B 146 -1.41 -14.27 -17.97
CA ASP B 146 -0.10 -14.61 -18.50
C ASP B 146 0.12 -13.95 -19.85
N ALA B 147 -0.96 -13.76 -20.60
CA ALA B 147 -0.84 -13.12 -21.90
C ALA B 147 -0.58 -11.64 -21.70
N ALA B 148 -1.55 -10.94 -21.11
CA ALA B 148 -1.39 -9.52 -20.85
C ALA B 148 -0.16 -9.31 -19.97
N ILE B 149 0.30 -10.39 -19.35
CA ILE B 149 1.47 -10.33 -18.49
C ILE B 149 2.73 -10.15 -19.34
N ARG B 150 2.92 -11.06 -20.29
CA ARG B 150 4.08 -10.98 -21.17
C ARG B 150 4.07 -9.69 -21.98
N LYS B 151 2.90 -9.31 -22.48
CA LYS B 151 2.78 -8.09 -23.27
C LYS B 151 3.13 -6.88 -22.41
N VAL B 152 2.47 -6.77 -21.27
CA VAL B 152 2.70 -5.65 -20.36
C VAL B 152 4.18 -5.53 -20.02
N VAL B 153 4.87 -6.67 -19.94
CA VAL B 153 6.29 -6.66 -19.62
C VAL B 153 7.07 -6.04 -20.77
N ASP B 154 6.84 -6.55 -21.97
CA ASP B 154 7.52 -6.04 -23.15
C ASP B 154 7.15 -4.57 -23.39
N ARG B 155 6.06 -4.15 -22.79
CA ARG B 155 5.60 -2.77 -22.96
C ARG B 155 6.34 -1.83 -22.01
N VAL B 156 6.55 -2.25 -20.77
CA VAL B 156 7.23 -1.42 -19.78
C VAL B 156 8.74 -1.69 -19.76
N ASN B 157 9.16 -2.72 -20.48
CA ASN B 157 10.58 -3.08 -20.53
C ASN B 157 11.11 -3.05 -21.96
N ASN B 158 10.22 -3.29 -22.92
CA ASN B 158 10.63 -3.30 -24.33
C ASN B 158 9.75 -2.36 -25.15
N PRO B 159 10.33 -1.35 -25.70
CA PRO B 159 9.60 -0.35 -26.53
C PRO B 159 9.24 -0.91 -27.91
N ALA B 160 10.20 -0.89 -28.81
CA ALA B 160 9.98 -1.39 -30.16
C ALA B 160 11.27 -1.32 -30.98
N ALA B 161 11.12 -1.35 -32.30
CA ALA B 161 12.28 -1.29 -33.18
C ALA B 161 13.19 -2.49 -32.93
N THR B 162 12.61 -3.58 -32.43
CA THR B 162 13.38 -4.79 -32.16
C THR B 162 14.61 -4.86 -33.06
N PRO B 163 15.77 -4.97 -32.47
CA PRO B 163 17.05 -5.06 -33.20
C PRO B 163 16.92 -5.82 -34.52
N LYS A 1 16.77 14.75 8.37
CA LYS A 1 17.59 15.99 8.42
C LYS A 1 17.30 16.74 9.70
N ALA A 2 16.06 16.64 10.18
CA ALA A 2 15.66 17.32 11.39
C ALA A 2 15.02 18.67 11.06
N GLY A 3 13.85 18.61 10.43
CA GLY A 3 13.15 19.84 10.06
C GLY A 3 12.15 19.59 8.94
N VAL A 4 11.18 18.72 9.19
CA VAL A 4 10.16 18.40 8.19
C VAL A 4 9.74 19.68 7.47
N ARG A 5 10.06 19.75 6.17
CA ARG A 5 9.70 20.93 5.39
C ARG A 5 8.26 20.81 4.90
N SER A 6 7.79 19.57 4.79
CA SER A 6 6.42 19.32 4.34
C SER A 6 5.97 17.92 4.76
N VAL A 7 4.83 17.86 5.42
CA VAL A 7 4.29 16.58 5.88
C VAL A 7 3.08 16.16 5.03
N PHE A 8 3.15 14.96 4.47
CA PHE A 8 2.05 14.44 3.65
C PHE A 8 1.10 13.64 4.53
N LEU A 9 -0.21 13.91 4.40
CA LEU A 9 -1.19 13.20 5.20
C LEU A 9 -2.12 12.36 4.32
N ALA A 10 -2.71 11.33 4.92
CA ALA A 10 -3.61 10.45 4.20
C ALA A 10 -4.51 9.72 5.18
N GLY A 11 -5.43 8.91 4.66
CA GLY A 11 -6.34 8.17 5.52
C GLY A 11 -6.92 6.97 4.81
N PRO A 12 -7.62 6.14 5.53
CA PRO A 12 -8.25 4.92 4.96
C PRO A 12 -9.38 5.27 4.02
N PHE A 13 -9.11 6.19 3.10
CA PHE A 13 -10.12 6.63 2.15
C PHE A 13 -11.21 5.59 1.99
N MET A 14 -11.11 4.78 0.95
CA MET A 14 -12.12 3.77 0.72
C MET A 14 -12.64 3.21 2.04
N GLY A 15 -11.85 3.38 3.09
CA GLY A 15 -12.23 2.89 4.43
C GLY A 15 -13.12 3.88 5.15
N LEU A 16 -12.51 4.81 5.89
CA LEU A 16 -13.28 5.81 6.63
C LEU A 16 -14.56 6.13 5.88
N VAL A 17 -14.51 6.03 4.56
CA VAL A 17 -15.68 6.29 3.73
C VAL A 17 -16.01 5.04 2.91
N ASN A 18 -17.21 4.99 2.33
CA ASN A 18 -17.60 3.86 1.53
C ASN A 18 -16.55 3.64 0.45
N PRO A 19 -15.88 2.52 0.48
CA PRO A 19 -14.82 2.19 -0.50
C PRO A 19 -15.01 2.91 -1.84
N GLU A 20 -14.79 4.22 -1.83
CA GLU A 20 -14.93 5.04 -3.03
C GLU A 20 -16.32 5.65 -3.11
N THR A 21 -16.70 6.39 -2.06
CA THR A 21 -17.99 7.02 -1.99
C THR A 21 -18.31 7.42 -0.55
N ASN A 22 -18.57 8.71 -0.35
CA ASN A 22 -18.89 9.24 0.97
C ASN A 22 -17.73 10.10 1.48
N SER A 23 -17.38 9.94 2.75
CA SER A 23 -16.30 10.72 3.33
C SER A 23 -16.36 10.67 4.86
N MET A 24 -15.20 10.62 5.50
CA MET A 24 -15.16 10.56 6.97
C MET A 24 -14.48 11.78 7.58
N PRO A 25 -14.64 12.93 6.98
CA PRO A 25 -14.05 14.20 7.49
C PRO A 25 -14.96 14.92 8.45
N SER A 26 -15.56 15.97 7.97
CA SER A 26 -16.47 16.77 8.77
C SER A 26 -15.90 17.00 10.16
N ALA A 27 -16.44 16.27 11.14
CA ALA A 27 -15.96 16.41 12.51
C ALA A 27 -14.54 15.86 12.63
N GLU A 28 -14.21 14.92 11.76
CA GLU A 28 -12.88 14.33 11.76
C GLU A 28 -11.91 15.25 11.03
N GLN A 29 -12.34 15.77 9.89
CA GLN A 29 -11.51 16.66 9.10
C GLN A 29 -11.08 17.86 9.93
N LEU A 30 -12.04 18.42 10.67
CA LEU A 30 -11.73 19.58 11.51
C LEU A 30 -10.47 19.32 12.33
N PRO A 31 -10.47 18.29 13.13
CA PRO A 31 -9.28 17.93 13.95
C PRO A 31 -8.04 17.85 13.07
N PHE A 32 -8.19 17.18 11.92
CA PHE A 32 -7.09 17.06 10.97
C PHE A 32 -6.61 18.45 10.60
N LEU A 33 -7.52 19.41 10.67
CA LEU A 33 -7.17 20.78 10.36
C LEU A 33 -6.28 21.34 11.45
N THR A 34 -6.62 21.03 12.70
CA THR A 34 -5.83 21.49 13.83
C THR A 34 -4.38 21.03 13.68
N LEU A 35 -4.21 19.72 13.47
CA LEU A 35 -2.87 19.16 13.29
C LEU A 35 -2.27 19.70 12.00
N ILE A 36 -2.88 19.33 10.89
CA ILE A 36 -2.43 19.81 9.60
C ILE A 36 -2.13 21.30 9.71
N GLU A 37 -2.70 21.92 10.74
CA GLU A 37 -2.47 23.34 11.00
C GLU A 37 -1.07 23.54 11.57
N HIS A 38 -0.77 22.83 12.67
CA HIS A 38 0.56 22.94 13.26
C HIS A 38 1.61 22.62 12.21
N PHE A 39 1.17 21.93 11.17
CA PHE A 39 2.05 21.54 10.08
C PHE A 39 2.31 22.75 9.17
N GLU A 40 1.24 23.36 8.69
CA GLU A 40 1.35 24.51 7.81
C GLU A 40 1.68 25.77 8.60
N LYS A 41 1.63 25.66 9.93
CA LYS A 41 1.94 26.80 10.79
C LYS A 41 3.37 26.69 11.30
N GLN A 42 3.83 25.46 11.47
CA GLN A 42 5.20 25.22 11.93
C GLN A 42 6.17 25.38 10.78
N GLY A 43 5.72 24.97 9.59
CA GLY A 43 6.54 25.06 8.39
C GLY A 43 6.45 23.75 7.62
N LEU A 44 5.71 22.82 8.18
CA LEU A 44 5.51 21.51 7.58
C LEU A 44 4.32 21.54 6.63
N GLU A 45 4.61 21.75 5.36
CA GLU A 45 3.56 21.81 4.35
C GLU A 45 2.86 20.47 4.24
N VAL A 46 1.58 20.45 4.59
CA VAL A 46 0.79 19.21 4.52
C VAL A 46 0.50 18.86 3.06
N PHE A 47 0.84 17.65 2.65
CA PHE A 47 0.61 17.22 1.28
C PHE A 47 -0.56 16.26 1.18
N ASN A 48 -1.12 16.15 -0.02
CA ASN A 48 -2.25 15.26 -0.25
C ASN A 48 -3.41 15.64 0.66
N ALA A 49 -3.55 14.94 1.78
CA ALA A 49 -4.63 15.22 2.70
C ALA A 49 -5.95 15.31 1.96
N HIS A 50 -7.04 15.20 2.70
CA HIS A 50 -8.37 15.28 2.12
C HIS A 50 -8.99 16.62 2.50
N ARG A 51 -8.24 17.70 2.31
CA ARG A 51 -8.74 19.03 2.65
C ARG A 51 -9.86 19.44 1.70
N ARG A 52 -9.62 20.49 0.94
CA ARG A 52 -10.62 20.96 -0.01
C ARG A 52 -11.46 19.79 -0.51
N GLU A 53 -10.81 18.66 -0.74
CA GLU A 53 -11.51 17.48 -1.21
C GLU A 53 -12.49 16.96 -0.16
N ALA A 54 -12.03 16.88 1.09
CA ALA A 54 -12.91 16.41 2.15
C ALA A 54 -13.71 17.58 2.72
N TRP A 55 -13.59 18.73 2.04
CA TRP A 55 -14.31 19.93 2.45
C TRP A 55 -15.28 20.34 1.35
N GLY A 56 -15.13 19.71 0.19
CA GLY A 56 -16.00 20.00 -0.96
C GLY A 56 -16.42 18.71 -1.67
N ALA A 57 -15.44 17.83 -1.89
CA ALA A 57 -15.70 16.56 -2.56
C ALA A 57 -14.61 15.55 -2.25
N GLN A 58 -14.80 14.77 -1.18
CA GLN A 58 -13.82 13.78 -0.78
C GLN A 58 -13.89 12.52 -1.64
N VAL A 59 -13.35 11.43 -1.10
CA VAL A 59 -13.33 10.15 -1.78
C VAL A 59 -13.13 10.35 -3.27
N LEU A 60 -12.07 11.06 -3.62
CA LEU A 60 -11.74 11.30 -5.01
C LEU A 60 -11.77 9.99 -5.77
N THR A 61 -11.25 9.99 -6.99
CA THR A 61 -11.25 8.77 -7.78
C THR A 61 -9.83 8.33 -8.10
N PRO A 62 -9.64 7.06 -8.32
CA PRO A 62 -8.31 6.49 -8.61
C PRO A 62 -7.48 7.37 -9.55
N GLU A 63 -8.11 7.82 -10.62
CA GLU A 63 -7.42 8.66 -11.60
C GLU A 63 -7.02 10.00 -10.98
N GLU A 64 -7.35 10.18 -9.69
CA GLU A 64 -7.01 11.42 -9.01
C GLU A 64 -6.28 11.16 -7.69
N CYS A 65 -6.91 10.41 -6.81
CA CYS A 65 -6.31 10.12 -5.50
C CYS A 65 -5.08 9.23 -5.63
N THR A 66 -5.04 8.37 -6.66
CA THR A 66 -3.89 7.48 -6.81
C THR A 66 -2.66 8.23 -7.32
N PRO A 67 -2.78 8.92 -8.42
CA PRO A 67 -1.65 9.69 -9.01
C PRO A 67 -1.22 10.84 -8.09
N LEU A 68 -2.21 11.49 -7.48
CA LEU A 68 -1.94 12.60 -6.59
C LEU A 68 -1.32 12.10 -5.30
N ASP A 69 -1.80 10.97 -4.81
CA ASP A 69 -1.29 10.40 -3.58
C ASP A 69 0.18 10.02 -3.73
N GLN A 70 0.52 9.37 -4.83
CA GLN A 70 1.90 8.98 -5.07
C GLN A 70 2.79 10.21 -5.23
N LEU A 71 2.36 11.13 -6.09
CA LEU A 71 3.14 12.34 -6.32
C LEU A 71 3.28 13.12 -5.01
N GLU A 72 2.26 13.03 -4.17
CA GLU A 72 2.30 13.71 -2.88
C GLU A 72 3.17 12.92 -1.92
N ILE A 73 3.28 11.61 -2.17
CA ILE A 73 4.10 10.74 -1.33
C ILE A 73 5.57 11.09 -1.48
N ARG A 74 5.99 11.33 -2.73
CA ARG A 74 7.38 11.69 -3.00
C ARG A 74 7.64 13.16 -2.71
N LYS A 75 6.78 14.02 -3.25
CA LYS A 75 6.92 15.45 -3.04
C LYS A 75 7.00 15.74 -1.55
N ALA A 76 6.14 15.08 -0.79
CA ALA A 76 6.11 15.27 0.65
C ALA A 76 7.47 14.94 1.25
N ASP A 77 7.99 15.86 2.06
CA ASP A 77 9.29 15.65 2.67
C ASP A 77 9.21 14.58 3.76
N VAL A 78 8.03 14.44 4.34
CA VAL A 78 7.82 13.45 5.40
C VAL A 78 6.52 12.71 5.18
N PHE A 79 6.37 11.57 5.84
CA PHE A 79 5.16 10.78 5.69
C PHE A 79 4.39 10.70 7.01
N VAL A 80 3.25 11.37 7.05
CA VAL A 80 2.42 11.36 8.24
C VAL A 80 1.01 10.95 7.87
N ALA A 81 0.62 9.75 8.27
CA ALA A 81 -0.72 9.26 7.95
C ALA A 81 -1.45 8.76 9.18
N ILE A 82 -2.66 8.28 8.97
CA ILE A 82 -3.49 7.78 10.07
C ILE A 82 -4.15 6.47 9.68
N PRO A 83 -3.80 5.43 10.39
CA PRO A 83 -4.38 4.08 10.16
C PRO A 83 -5.89 4.17 10.03
N GLY A 84 -6.52 3.87 11.13
CA GLY A 84 -7.97 3.93 11.22
C GLY A 84 -8.62 2.58 10.90
N ILE A 85 -8.13 1.51 11.51
CA ILE A 85 -8.70 0.19 11.26
C ILE A 85 -10.19 0.33 10.93
N PRO A 86 -10.71 -0.46 10.02
CA PRO A 86 -9.93 -1.48 9.28
C PRO A 86 -8.58 -0.96 8.81
N PRO A 87 -7.65 -1.86 8.61
CA PRO A 87 -6.28 -1.52 8.15
C PRO A 87 -6.29 -0.52 7.00
N SER A 88 -6.52 0.74 7.33
CA SER A 88 -6.54 1.80 6.32
C SER A 88 -5.85 1.33 5.04
N PRO A 89 -6.59 0.72 4.17
CA PRO A 89 -6.07 0.18 2.87
C PRO A 89 -5.40 1.27 2.03
N GLY A 90 -6.09 2.39 1.88
CA GLY A 90 -5.57 3.50 1.11
C GLY A 90 -4.25 3.99 1.70
N THR A 91 -4.24 4.20 3.01
CA THR A 91 -3.01 4.66 3.67
C THR A 91 -1.95 3.59 3.51
N HIS A 92 -2.10 2.47 4.21
CA HIS A 92 -1.15 1.39 4.07
C HIS A 92 -0.45 1.46 2.72
N VAL A 93 -1.21 1.30 1.66
CA VAL A 93 -0.64 1.36 0.32
C VAL A 93 0.19 2.62 0.20
N GLU A 94 -0.33 3.71 0.71
CA GLU A 94 0.38 4.98 0.68
C GLU A 94 1.66 4.84 1.48
N ILE A 95 1.58 4.02 2.53
CA ILE A 95 2.74 3.77 3.36
C ILE A 95 3.73 2.92 2.57
N GLY A 96 3.31 1.71 2.25
CA GLY A 96 4.15 0.83 1.45
C GLY A 96 4.82 1.65 0.37
N TRP A 97 4.12 2.70 -0.04
CA TRP A 97 4.64 3.62 -1.03
C TRP A 97 5.84 4.33 -0.46
N ALA A 98 5.64 4.96 0.69
CA ALA A 98 6.72 5.66 1.36
C ALA A 98 7.83 4.65 1.68
N SER A 99 7.51 3.37 1.47
CA SER A 99 8.47 2.30 1.72
C SER A 99 9.46 2.22 0.56
N ALA A 100 8.97 1.85 -0.61
CA ALA A 100 9.85 1.78 -1.77
C ALA A 100 10.20 3.19 -2.20
N PHE A 101 9.49 4.15 -1.61
CA PHE A 101 9.70 5.56 -1.86
C PHE A 101 10.94 6.01 -1.09
N ASP A 102 11.05 5.51 0.14
CA ASP A 102 12.17 5.83 1.02
C ASP A 102 11.84 7.01 1.92
N LYS A 103 10.87 7.83 1.52
CA LYS A 103 10.48 8.99 2.32
C LYS A 103 10.17 8.56 3.76
N PRO A 104 10.74 9.24 4.73
CA PRO A 104 10.51 8.94 6.17
C PRO A 104 9.02 8.75 6.48
N ILE A 105 8.71 7.72 7.26
CA ILE A 105 7.33 7.43 7.60
C ILE A 105 7.01 7.66 9.07
N VAL A 106 5.76 8.00 9.33
CA VAL A 106 5.27 8.24 10.69
C VAL A 106 3.75 8.31 10.67
N LEU A 107 3.10 7.50 11.49
CA LEU A 107 1.64 7.49 11.51
C LEU A 107 1.11 7.74 12.91
N LEU A 108 -0.12 8.24 12.96
CA LEU A 108 -0.77 8.51 14.23
C LEU A 108 -1.54 7.27 14.66
N LEU A 109 -0.81 6.26 15.12
CA LEU A 109 -1.40 5.01 15.56
C LEU A 109 -2.65 5.31 16.39
N GLU A 110 -3.73 4.59 16.10
CA GLU A 110 -4.98 4.81 16.83
C GLU A 110 -5.09 3.88 18.02
N GLU A 111 -4.49 4.28 19.15
CA GLU A 111 -4.54 3.49 20.36
C GLU A 111 -5.65 2.45 20.26
N GLY A 112 -5.35 1.35 19.57
CA GLY A 112 -6.32 0.28 19.37
C GLY A 112 -6.22 -0.25 17.94
N ARG A 113 -6.69 0.56 17.00
CA ARG A 113 -6.63 0.19 15.59
C ARG A 113 -5.18 -0.08 15.20
N GLU A 114 -4.33 0.87 15.54
CA GLU A 114 -2.91 0.77 15.27
C GLU A 114 -2.43 -0.61 15.70
N GLU A 115 -2.90 -1.04 16.87
CA GLU A 115 -2.53 -2.35 17.39
C GLU A 115 -3.04 -3.44 16.46
N GLU A 116 -4.22 -3.22 15.90
CA GLU A 116 -4.81 -4.19 14.98
C GLU A 116 -4.04 -4.20 13.66
N TYR A 117 -3.61 -3.02 13.21
CA TYR A 117 -2.86 -2.92 11.97
C TYR A 117 -1.76 -3.96 11.94
N GLY A 118 -0.75 -3.72 12.77
CA GLY A 118 0.39 -4.61 12.85
C GLY A 118 0.90 -4.95 11.46
N PHE A 119 0.49 -6.12 11.00
CA PHE A 119 0.88 -6.58 9.68
C PHE A 119 1.85 -5.61 8.99
N LEU A 120 1.32 -4.54 8.39
CA LEU A 120 2.21 -3.62 7.69
C LEU A 120 2.60 -2.44 8.55
N VAL A 121 1.81 -2.11 9.55
CA VAL A 121 2.17 -1.01 10.42
C VAL A 121 3.44 -1.40 11.17
N ARG A 122 3.38 -2.54 11.84
CA ARG A 122 4.54 -3.04 12.55
C ARG A 122 5.62 -3.40 11.53
N GLY A 123 5.22 -4.09 10.45
CA GLY A 123 6.16 -4.46 9.41
C GLY A 123 6.82 -3.21 8.83
N LEU A 124 6.11 -2.10 8.92
CA LEU A 124 6.62 -0.83 8.40
C LEU A 124 7.76 -0.34 9.29
N GLY A 125 7.53 -0.38 10.59
CA GLY A 125 8.54 0.06 11.55
C GLY A 125 9.78 -0.83 11.47
N THR A 126 9.60 -2.07 11.03
CA THR A 126 10.71 -3.01 10.94
C THR A 126 11.33 -3.03 9.53
N VAL A 127 10.55 -2.66 8.52
CA VAL A 127 11.05 -2.68 7.15
C VAL A 127 11.68 -1.33 6.75
N ALA A 128 10.97 -0.24 6.99
CA ALA A 128 11.49 1.08 6.64
C ALA A 128 11.20 2.09 7.73
N ALA A 129 11.88 3.23 7.66
CA ALA A 129 11.70 4.30 8.64
C ALA A 129 10.22 4.54 8.87
N VAL A 130 9.66 3.82 9.83
CA VAL A 130 8.24 3.97 10.13
C VAL A 130 8.02 4.10 11.64
N GLU A 131 7.79 5.32 12.10
CA GLU A 131 7.57 5.55 13.52
C GLU A 131 6.08 5.47 13.86
N PHE A 132 5.80 4.90 15.02
CA PHE A 132 4.41 4.75 15.46
C PHE A 132 4.06 5.79 16.52
N VAL A 133 3.09 6.64 16.21
CA VAL A 133 2.67 7.67 17.16
C VAL A 133 1.27 7.40 17.66
N HIS A 134 1.16 6.89 18.89
CA HIS A 134 -0.14 6.61 19.48
C HIS A 134 -0.76 7.92 19.93
N TYR A 135 -2.02 8.13 19.58
CA TYR A 135 -2.69 9.38 19.96
C TYR A 135 -4.16 9.17 20.29
N LYS A 136 -4.50 9.33 21.58
CA LYS A 136 -5.88 9.21 22.01
C LYS A 136 -6.50 10.61 22.03
N ASP A 137 -5.69 11.58 21.61
CA ASP A 137 -6.11 12.97 21.57
C ASP A 137 -5.27 13.75 20.56
N ILE A 138 -5.84 14.81 20.01
CA ILE A 138 -5.13 15.63 19.03
C ILE A 138 -4.17 16.60 19.71
N ALA A 139 -4.70 17.38 20.65
CA ALA A 139 -3.88 18.35 21.37
C ALA A 139 -2.57 17.71 21.81
N LEU A 140 -2.56 16.38 21.87
CA LEU A 140 -1.37 15.65 22.29
C LEU A 140 -0.72 14.96 21.09
N ALA A 141 -1.53 14.57 20.11
CA ALA A 141 -1.02 13.90 18.92
C ALA A 141 -0.08 14.80 18.13
N LYS A 142 -0.27 16.11 18.25
CA LYS A 142 0.58 17.06 17.52
C LYS A 142 2.00 17.02 18.09
N PRO A 143 2.15 17.21 19.38
CA PRO A 143 3.48 17.20 20.05
C PRO A 143 4.08 15.80 20.12
N GLN A 144 3.23 14.79 20.10
CA GLN A 144 3.70 13.41 20.15
C GLN A 144 4.11 12.99 18.75
N ILE A 145 3.38 13.48 17.76
CA ILE A 145 3.68 13.19 16.38
C ILE A 145 4.84 14.05 15.91
N ASP A 146 5.03 15.18 16.58
CA ASP A 146 6.12 16.09 16.25
C ASP A 146 7.43 15.56 16.81
N ALA A 147 7.43 15.18 18.08
CA ALA A 147 8.64 14.67 18.70
C ALA A 147 8.99 13.31 18.11
N ALA A 148 7.96 12.53 17.82
CA ALA A 148 8.16 11.20 17.24
C ALA A 148 8.63 11.34 15.80
N ILE A 149 8.09 12.33 15.10
CA ILE A 149 8.45 12.57 13.71
C ILE A 149 9.90 13.00 13.60
N ARG A 150 10.29 13.92 14.50
CA ARG A 150 11.65 14.42 14.50
C ARG A 150 12.63 13.37 14.99
N LYS A 151 12.20 12.55 15.95
CA LYS A 151 13.06 11.51 16.48
C LYS A 151 13.31 10.44 15.42
N VAL A 152 12.26 10.05 14.71
CA VAL A 152 12.40 9.03 13.66
C VAL A 152 13.29 9.54 12.54
N VAL A 153 13.06 10.79 12.13
CA VAL A 153 13.85 11.38 11.07
C VAL A 153 15.31 11.45 11.50
N ASP A 154 15.51 11.74 12.79
CA ASP A 154 16.86 11.83 13.34
C ASP A 154 17.48 10.43 13.38
N ARG A 155 16.63 9.42 13.51
CA ARG A 155 17.10 8.03 13.57
C ARG A 155 17.36 7.50 12.16
N VAL A 156 16.74 8.12 11.16
CA VAL A 156 16.90 7.68 9.78
C VAL A 156 17.80 8.63 9.00
N ASN A 157 18.18 9.73 9.64
CA ASN A 157 19.05 10.71 8.99
C ASN A 157 20.30 10.98 9.83
N ASN A 158 20.24 10.59 11.10
CA ASN A 158 21.36 10.80 12.00
C ASN A 158 21.37 9.73 13.09
N PRO A 159 22.14 8.70 12.89
CA PRO A 159 22.24 7.57 13.86
C PRO A 159 22.73 8.03 15.23
N ALA A 160 22.70 7.14 16.21
CA ALA A 160 23.15 7.46 17.56
C ALA A 160 24.10 6.39 18.09
N ALA A 161 24.50 6.57 19.35
CA ALA A 161 25.41 5.61 19.99
C ALA A 161 24.67 4.77 21.01
N THR A 162 24.53 3.48 20.73
CA THR A 162 23.83 2.58 21.64
C THR A 162 23.65 1.21 21.01
N PRO A 163 24.08 0.19 21.70
CA PRO A 163 23.96 -1.21 21.21
C PRO A 163 22.53 -1.56 20.81
N LYS B 1 9.99 -6.99 -20.68
CA LYS B 1 10.99 -7.64 -21.56
C LYS B 1 10.30 -8.71 -22.40
N ALA B 2 9.23 -9.29 -21.87
CA ALA B 2 8.49 -10.32 -22.59
C ALA B 2 8.97 -11.70 -22.17
N GLY B 3 8.68 -12.09 -20.93
CA GLY B 3 9.09 -13.39 -20.41
C GLY B 3 9.27 -13.36 -18.90
N VAL B 4 8.18 -13.14 -18.18
CA VAL B 4 8.23 -13.11 -16.72
C VAL B 4 9.10 -14.22 -16.18
N ARG B 5 10.23 -13.87 -15.59
CA ARG B 5 11.13 -14.88 -15.03
C ARG B 5 10.61 -15.34 -13.68
N SER B 6 9.89 -14.45 -12.99
CA SER B 6 9.33 -14.77 -11.68
C SER B 6 8.16 -13.85 -11.36
N VAL B 7 7.04 -14.44 -10.98
CA VAL B 7 5.85 -13.67 -10.65
C VAL B 7 5.60 -13.67 -9.15
N PHE B 8 5.48 -12.48 -8.57
CA PHE B 8 5.22 -12.36 -7.14
C PHE B 8 3.72 -12.27 -6.88
N LEU B 9 3.22 -13.10 -5.97
CA LEU B 9 1.79 -13.10 -5.66
C LEU B 9 1.53 -12.61 -4.24
N ALA B 10 0.32 -12.09 -4.03
CA ALA B 10 -0.07 -11.60 -2.72
C ALA B 10 -1.60 -11.58 -2.61
N GLY B 11 -2.10 -11.25 -1.42
CA GLY B 11 -3.54 -11.20 -1.21
C GLY B 11 -3.89 -10.26 -0.08
N PRO B 12 -5.16 -10.01 0.10
CA PRO B 12 -5.66 -9.12 1.18
C PRO B 12 -5.47 -9.77 2.54
N PHE B 13 -4.23 -10.20 2.81
CA PHE B 13 -3.92 -10.85 4.06
C PHE B 13 -4.88 -10.43 5.16
N MET B 14 -4.48 -9.45 5.94
CA MET B 14 -5.34 -9.01 7.03
C MET B 14 -6.81 -9.02 6.58
N GLY B 15 -7.03 -9.02 5.26
CA GLY B 15 -8.38 -9.05 4.71
C GLY B 15 -8.92 -10.47 4.66
N LEU B 16 -8.73 -11.14 3.52
CA LEU B 16 -9.20 -12.51 3.35
C LEU B 16 -9.24 -13.21 4.71
N VAL B 17 -8.31 -12.85 5.58
CA VAL B 17 -8.26 -13.43 6.91
C VAL B 17 -8.44 -12.34 7.98
N ASN B 18 -8.68 -12.73 9.22
CA ASN B 18 -8.85 -11.75 10.27
C ASN B 18 -7.62 -10.85 10.33
N PRO B 19 -7.78 -9.58 10.07
CA PRO B 19 -6.67 -8.60 10.07
C PRO B 19 -5.51 -9.02 10.96
N GLU B 20 -4.80 -10.07 10.55
CA GLU B 20 -3.66 -10.59 11.31
C GLU B 20 -4.08 -11.74 12.22
N THR B 21 -4.72 -12.74 11.62
CA THR B 21 -5.18 -13.90 12.36
C THR B 21 -6.16 -14.70 11.51
N ASN B 22 -5.87 -15.98 11.34
CA ASN B 22 -6.72 -16.86 10.55
C ASN B 22 -6.06 -17.16 9.20
N SER B 23 -6.84 -17.14 8.12
CA SER B 23 -6.30 -17.42 6.80
C SER B 23 -7.42 -17.71 5.81
N MET B 24 -7.26 -17.29 4.56
CA MET B 24 -8.30 -17.53 3.56
C MET B 24 -7.79 -18.40 2.40
N PRO B 25 -6.94 -19.33 2.68
CA PRO B 25 -6.39 -20.25 1.65
C PRO B 25 -7.23 -21.50 1.49
N SER B 26 -6.72 -22.58 2.03
CA SER B 26 -7.41 -23.87 1.97
C SER B 26 -7.95 -24.11 0.57
N ALA B 27 -9.26 -23.96 0.43
CA ALA B 27 -9.92 -24.14 -0.85
C ALA B 27 -9.48 -23.05 -1.82
N GLU B 28 -9.11 -21.90 -1.28
CA GLU B 28 -8.66 -20.78 -2.10
C GLU B 28 -7.19 -20.97 -2.48
N GLN B 29 -6.41 -21.39 -1.51
CA GLN B 29 -4.98 -21.62 -1.73
C GLN B 29 -4.78 -22.64 -2.85
N LEU B 30 -5.58 -23.71 -2.81
CA LEU B 30 -5.48 -24.75 -3.83
C LEU B 30 -5.50 -24.13 -5.23
N PRO B 31 -6.53 -23.41 -5.56
CA PRO B 31 -6.63 -22.73 -6.86
C PRO B 31 -5.38 -21.90 -7.12
N PHE B 32 -4.94 -21.17 -6.10
CA PHE B 32 -3.72 -20.37 -6.19
C PHE B 32 -2.56 -21.27 -6.57
N LEU B 33 -2.66 -22.53 -6.17
CA LEU B 33 -1.61 -23.49 -6.48
C LEU B 33 -1.63 -23.79 -7.97
N THR B 34 -2.83 -23.95 -8.52
CA THR B 34 -2.98 -24.23 -9.95
C THR B 34 -2.30 -23.12 -10.74
N LEU B 35 -2.70 -21.88 -10.48
CA LEU B 35 -2.10 -20.73 -11.16
C LEU B 35 -0.62 -20.65 -10.81
N ILE B 36 -0.34 -20.40 -9.54
CA ILE B 36 1.03 -20.33 -9.07
C ILE B 36 1.81 -21.48 -9.68
N GLU B 37 1.07 -22.48 -10.13
CA GLU B 37 1.67 -23.66 -10.76
C GLU B 37 2.12 -23.30 -12.16
N HIS B 38 1.19 -22.82 -12.98
CA HIS B 38 1.53 -22.44 -14.34
C HIS B 38 2.69 -21.44 -14.30
N PHE B 39 2.88 -20.85 -13.13
CA PHE B 39 3.97 -19.90 -12.95
C PHE B 39 5.30 -20.61 -12.75
N GLU B 40 5.32 -21.55 -11.80
CA GLU B 40 6.53 -22.30 -11.51
C GLU B 40 6.73 -23.41 -12.55
N LYS B 41 5.73 -23.61 -13.40
CA LYS B 41 5.82 -24.63 -14.44
C LYS B 41 6.20 -23.96 -15.76
N GLN B 42 5.74 -22.73 -15.96
CA GLN B 42 6.05 -22.00 -17.19
C GLN B 42 7.47 -21.45 -17.11
N GLY B 43 7.86 -21.06 -15.90
CA GLY B 43 9.19 -20.50 -15.66
C GLY B 43 9.08 -19.24 -14.82
N LEU B 44 7.85 -18.92 -14.46
CA LEU B 44 7.56 -17.74 -13.65
C LEU B 44 7.60 -18.09 -12.18
N GLU B 45 8.75 -17.89 -11.57
CA GLU B 45 8.92 -18.21 -10.15
C GLU B 45 7.99 -17.35 -9.30
N VAL B 46 7.03 -17.99 -8.65
CA VAL B 46 6.09 -17.27 -7.80
C VAL B 46 6.80 -16.82 -6.53
N PHE B 47 6.74 -15.52 -6.25
CA PHE B 47 7.39 -14.98 -5.06
C PHE B 47 6.37 -14.64 -3.98
N ASN B 48 6.85 -14.51 -2.75
CA ASN B 48 5.98 -14.20 -1.61
C ASN B 48 4.90 -15.26 -1.47
N ALA B 49 3.72 -14.95 -2.00
CA ALA B 49 2.61 -15.88 -1.93
C ALA B 49 2.44 -16.41 -0.51
N HIS B 50 1.29 -16.98 -0.23
CA HIS B 50 1.01 -17.53 1.08
C HIS B 50 1.03 -19.04 1.00
N ARG B 51 2.06 -19.59 0.38
CA ARG B 51 2.16 -21.03 0.24
C ARG B 51 2.39 -21.69 1.60
N ARG B 52 3.53 -22.37 1.74
CA ARG B 52 3.85 -23.03 2.99
C ARG B 52 3.20 -22.28 4.16
N GLU B 53 3.20 -20.96 4.09
CA GLU B 53 2.61 -20.15 5.16
C GLU B 53 1.10 -20.37 5.21
N ALA B 54 0.44 -20.36 4.06
CA ALA B 54 -0.99 -20.57 4.03
C ALA B 54 -1.29 -22.06 3.98
N TRP B 55 -0.24 -22.86 4.14
CA TRP B 55 -0.37 -24.31 4.12
C TRP B 55 0.04 -24.88 5.48
N GLY B 56 0.64 -24.01 6.31
CA GLY B 56 1.08 -24.41 7.64
C GLY B 56 0.78 -23.34 8.68
N ALA B 57 1.08 -22.08 8.33
CA ALA B 57 0.83 -20.96 9.23
C ALA B 57 0.75 -19.65 8.44
N GLN B 58 -0.44 -19.33 7.96
CA GLN B 58 -0.64 -18.11 7.18
C GLN B 58 -0.64 -16.88 8.07
N VAL B 59 -1.25 -15.83 7.56
CA VAL B 59 -1.33 -14.56 8.27
C VAL B 59 -0.09 -14.33 9.12
N LEU B 60 1.06 -14.34 8.45
CA LEU B 60 2.32 -14.12 9.14
C LEU B 60 2.23 -12.82 9.93
N THR B 61 3.36 -12.34 10.40
CA THR B 61 3.38 -11.11 11.17
C THR B 61 4.19 -10.03 10.47
N PRO B 62 3.87 -8.79 10.75
CA PRO B 62 4.55 -7.63 10.14
C PRO B 62 6.05 -7.83 10.00
N GLU B 63 6.68 -8.30 11.09
CA GLU B 63 8.12 -8.52 11.09
C GLU B 63 8.52 -9.62 10.13
N GLU B 64 7.54 -10.17 9.42
CA GLU B 64 7.82 -11.23 8.47
C GLU B 64 7.18 -10.94 7.11
N CYS B 65 5.86 -10.78 7.12
CA CYS B 65 5.12 -10.52 5.88
C CYS B 65 5.47 -9.16 5.27
N THR B 66 5.75 -8.18 6.10
CA THR B 66 6.08 -6.84 5.58
C THR B 66 7.44 -6.83 4.91
N PRO B 67 8.47 -7.27 5.59
CA PRO B 67 9.85 -7.30 5.04
C PRO B 67 9.96 -8.28 3.87
N LEU B 68 9.34 -9.44 4.04
CA LEU B 68 9.36 -10.46 3.02
C LEU B 68 8.57 -10.01 1.80
N ASP B 69 7.45 -9.35 2.06
CA ASP B 69 6.60 -8.87 0.97
C ASP B 69 7.35 -7.85 0.12
N GLN B 70 8.02 -6.90 0.78
CA GLN B 70 8.77 -5.89 0.03
C GLN B 70 9.93 -6.51 -0.72
N LEU B 71 10.71 -7.33 -0.03
CA LEU B 71 11.85 -7.97 -0.67
C LEU B 71 11.37 -8.85 -1.81
N GLU B 72 10.18 -9.42 -1.64
CA GLU B 72 9.60 -10.26 -2.68
C GLU B 72 9.04 -9.37 -3.79
N ILE B 73 8.68 -8.14 -3.42
CA ILE B 73 8.14 -7.18 -4.39
C ILE B 73 9.22 -6.77 -5.40
N ARG B 74 10.43 -6.56 -4.91
CA ARG B 74 11.55 -6.17 -5.78
C ARG B 74 12.15 -7.39 -6.45
N LYS B 75 12.47 -8.40 -5.65
CA LYS B 75 13.05 -9.63 -6.17
C LYS B 75 12.18 -10.15 -7.30
N ALA B 76 10.87 -10.12 -7.08
CA ALA B 76 9.92 -10.58 -8.07
C ALA B 76 10.08 -9.81 -9.37
N ASP B 77 10.23 -10.54 -10.47
CA ASP B 77 10.41 -9.92 -11.79
C ASP B 77 9.11 -9.27 -12.25
N VAL B 78 7.99 -9.80 -11.79
CA VAL B 78 6.69 -9.26 -12.17
C VAL B 78 5.78 -9.18 -10.95
N PHE B 79 4.74 -8.38 -11.06
CA PHE B 79 3.81 -8.23 -9.95
C PHE B 79 2.43 -8.78 -10.30
N VAL B 80 2.05 -9.88 -9.66
CA VAL B 80 0.75 -10.49 -9.90
C VAL B 80 0.05 -10.70 -8.57
N ALA B 81 -0.99 -9.91 -8.32
CA ALA B 81 -1.72 -10.05 -7.06
C ALA B 81 -3.21 -10.22 -7.27
N ILE B 82 -3.94 -10.31 -6.17
CA ILE B 82 -5.39 -10.48 -6.23
C ILE B 82 -6.08 -9.56 -5.22
N PRO B 83 -6.84 -8.63 -5.72
CA PRO B 83 -7.60 -7.69 -4.87
C PRO B 83 -8.31 -8.41 -3.75
N GLY B 84 -9.55 -8.70 -4.02
CA GLY B 84 -10.40 -9.42 -3.08
C GLY B 84 -11.15 -8.49 -2.12
N ILE B 85 -11.81 -7.46 -2.66
CA ILE B 85 -12.57 -6.53 -1.82
C ILE B 85 -13.08 -7.27 -0.57
N PRO B 86 -13.08 -6.63 0.57
CA PRO B 86 -12.60 -5.23 0.74
C PRO B 86 -11.29 -4.98 0.00
N PRO B 87 -11.05 -3.74 -0.32
CA PRO B 87 -9.82 -3.30 -1.04
C PRO B 87 -8.57 -3.93 -0.45
N SER B 88 -8.34 -5.19 -0.78
CA SER B 88 -7.16 -5.90 -0.29
C SER B 88 -6.11 -4.91 0.17
N PRO B 89 -6.17 -4.55 1.43
CA PRO B 89 -5.21 -3.57 2.05
C PRO B 89 -3.77 -4.05 1.95
N GLY B 90 -3.53 -5.31 2.27
CA GLY B 90 -2.20 -5.88 2.21
C GLY B 90 -1.66 -5.79 0.79
N THR B 91 -2.45 -6.27 -0.16
CA THR B 91 -2.06 -6.21 -1.56
C THR B 91 -1.86 -4.77 -1.97
N HIS B 92 -2.95 -4.04 -2.15
CA HIS B 92 -2.84 -2.63 -2.51
C HIS B 92 -1.48 -2.10 -2.10
N VAL B 93 -1.22 -2.12 -0.80
CA VAL B 93 0.07 -1.64 -0.30
C VAL B 93 1.19 -2.29 -1.05
N GLU B 94 1.07 -3.60 -1.25
CA GLU B 94 2.08 -4.34 -1.99
C GLU B 94 2.14 -3.82 -3.41
N ILE B 95 0.99 -3.36 -3.90
CA ILE B 95 0.91 -2.78 -5.22
C ILE B 95 1.61 -1.44 -5.21
N GLY B 96 1.05 -0.50 -4.46
CA GLY B 96 1.66 0.83 -4.34
C GLY B 96 3.15 0.62 -4.23
N TRP B 97 3.53 -0.52 -3.64
CA TRP B 97 4.92 -0.87 -3.50
C TRP B 97 5.50 -1.04 -4.90
N ALA B 98 4.88 -1.94 -5.67
CA ALA B 98 5.31 -2.17 -7.03
C ALA B 98 5.23 -0.86 -7.81
N SER B 99 4.62 0.15 -7.19
CA SER B 99 4.48 1.45 -7.83
C SER B 99 5.79 2.22 -7.71
N ALA B 100 6.18 2.56 -6.49
CA ALA B 100 7.44 3.28 -6.32
C ALA B 100 8.58 2.30 -6.57
N PHE B 101 8.21 1.02 -6.65
CA PHE B 101 9.15 -0.06 -6.93
C PHE B 101 9.50 -0.03 -8.42
N ASP B 102 8.46 0.16 -9.24
CA ASP B 102 8.60 0.23 -10.68
C ASP B 102 8.34 -1.14 -11.32
N LYS B 103 8.44 -2.20 -10.53
CA LYS B 103 8.21 -3.55 -11.05
C LYS B 103 6.84 -3.64 -11.73
N PRO B 104 6.79 -4.13 -12.94
CA PRO B 104 5.52 -4.27 -13.71
C PRO B 104 4.41 -4.85 -12.83
N ILE B 105 3.21 -4.27 -12.91
CA ILE B 105 2.09 -4.73 -12.09
C ILE B 105 1.00 -5.38 -12.93
N VAL B 106 0.30 -6.32 -12.29
CA VAL B 106 -0.81 -7.03 -12.92
C VAL B 106 -1.58 -7.80 -11.85
N LEU B 107 -2.88 -7.55 -11.77
CA LEU B 107 -3.70 -8.21 -10.77
C LEU B 107 -4.85 -8.98 -11.41
N LEU B 108 -5.36 -9.95 -10.65
CA LEU B 108 -6.47 -10.75 -11.12
C LEU B 108 -7.77 -10.12 -10.62
N LEU B 109 -8.15 -9.01 -11.25
CA LEU B 109 -9.36 -8.32 -10.86
C LEU B 109 -10.48 -9.32 -10.61
N GLU B 110 -11.21 -9.12 -9.52
CA GLU B 110 -12.30 -10.04 -9.18
C GLU B 110 -13.62 -9.54 -9.73
N GLU B 111 -13.89 -9.85 -11.00
CA GLU B 111 -15.12 -9.43 -11.63
C GLU B 111 -16.14 -9.01 -10.57
N GLY B 112 -16.01 -7.77 -10.10
CA GLY B 112 -16.89 -7.24 -9.07
C GLY B 112 -16.09 -6.45 -8.05
N ARG B 113 -15.30 -7.16 -7.25
CA ARG B 113 -14.46 -6.51 -6.25
C ARG B 113 -13.51 -5.55 -6.94
N GLU B 114 -12.83 -6.06 -7.95
CA GLU B 114 -11.91 -5.26 -8.74
C GLU B 114 -12.57 -3.94 -9.08
N GLU B 115 -13.85 -4.03 -9.44
CA GLU B 115 -14.62 -2.85 -9.78
C GLU B 115 -14.73 -1.93 -8.57
N GLU B 116 -14.93 -2.54 -7.41
CA GLU B 116 -15.04 -1.77 -6.17
C GLU B 116 -13.70 -1.14 -5.81
N TYR B 117 -12.61 -1.87 -6.07
CA TYR B 117 -11.27 -1.37 -5.77
C TYR B 117 -11.09 0.04 -6.32
N GLY B 118 -11.02 0.12 -7.64
CA GLY B 118 -10.85 1.40 -8.33
C GLY B 118 -9.78 2.23 -7.66
N PHE B 119 -10.21 3.16 -6.83
CA PHE B 119 -9.29 4.03 -6.12
C PHE B 119 -7.84 3.78 -6.52
N LEU B 120 -7.23 2.73 -5.97
CA LEU B 120 -5.83 2.46 -6.29
C LEU B 120 -5.67 1.43 -7.38
N VAL B 121 -6.66 0.56 -7.56
CA VAL B 121 -6.55 -0.41 -8.63
C VAL B 121 -6.56 0.34 -9.96
N ARG B 122 -7.58 1.17 -10.14
CA ARG B 122 -7.69 1.99 -11.33
C ARG B 122 -6.54 2.99 -11.33
N GLY B 123 -6.35 3.67 -10.19
CA GLY B 123 -5.27 4.63 -10.08
C GLY B 123 -3.93 3.96 -10.40
N LEU B 124 -3.85 2.66 -10.17
CA LEU B 124 -2.63 1.91 -10.43
C LEU B 124 -2.41 1.80 -11.93
N GLY B 125 -3.48 1.47 -12.65
CA GLY B 125 -3.39 1.33 -14.10
C GLY B 125 -3.07 2.68 -14.75
N THR B 126 -3.43 3.77 -14.06
CA THR B 126 -3.19 5.11 -14.59
C THR B 126 -1.88 5.71 -14.06
N VAL B 127 -1.41 5.24 -12.91
CA VAL B 127 -0.18 5.78 -12.32
C VAL B 127 1.06 4.99 -12.76
N ALA B 128 1.00 3.67 -12.65
CA ALA B 128 2.14 2.84 -13.03
C ALA B 128 1.68 1.59 -13.78
N ALA B 129 2.62 0.95 -14.47
CA ALA B 129 2.31 -0.26 -15.23
C ALA B 129 1.45 -1.20 -14.41
N VAL B 130 0.14 -1.03 -14.52
CA VAL B 130 -0.79 -1.87 -13.77
C VAL B 130 -1.90 -2.38 -14.67
N GLU B 131 -1.80 -3.66 -15.06
CA GLU B 131 -2.81 -4.26 -15.91
C GLU B 131 -3.87 -4.95 -15.08
N PHE B 132 -5.12 -4.84 -15.54
CA PHE B 132 -6.25 -5.43 -14.84
C PHE B 132 -6.70 -6.71 -15.53
N VAL B 133 -6.62 -7.83 -14.81
CA VAL B 133 -7.06 -9.11 -15.37
C VAL B 133 -8.31 -9.62 -14.67
N HIS B 134 -9.46 -9.50 -15.35
CA HIS B 134 -10.70 -9.98 -14.77
C HIS B 134 -10.75 -11.49 -14.88
N TYR B 135 -11.10 -12.15 -13.79
CA TYR B 135 -11.14 -13.61 -13.82
C TYR B 135 -12.27 -14.18 -12.97
N LYS B 136 -13.29 -14.71 -13.64
CA LYS B 136 -14.41 -15.33 -12.95
C LYS B 136 -14.13 -16.83 -12.83
N ASP B 137 -12.93 -17.20 -13.26
CA ASP B 137 -12.49 -18.59 -13.22
C ASP B 137 -10.96 -18.66 -13.27
N ILE B 138 -10.40 -19.73 -12.73
CA ILE B 138 -8.95 -19.92 -12.72
C ILE B 138 -8.46 -20.47 -14.05
N ALA B 139 -9.06 -21.56 -14.49
CA ALA B 139 -8.68 -22.18 -15.75
C ALA B 139 -8.57 -21.12 -16.84
N LEU B 140 -9.22 -19.98 -16.61
CA LEU B 140 -9.19 -18.89 -17.58
C LEU B 140 -8.31 -17.74 -17.08
N ALA B 141 -8.22 -17.60 -15.77
CA ALA B 141 -7.41 -16.53 -15.18
C ALA B 141 -5.93 -16.72 -15.52
N LYS B 142 -5.52 -17.97 -15.74
CA LYS B 142 -4.13 -18.24 -16.08
C LYS B 142 -3.79 -17.67 -17.46
N PRO B 143 -4.53 -18.04 -18.46
CA PRO B 143 -4.32 -17.57 -19.85
C PRO B 143 -4.67 -16.09 -20.02
N GLN B 144 -5.58 -15.61 -19.17
CA GLN B 144 -5.98 -14.22 -19.24
C GLN B 144 -4.95 -13.37 -18.52
N ILE B 145 -4.43 -13.92 -17.43
CA ILE B 145 -3.41 -13.24 -16.66
C ILE B 145 -2.06 -13.36 -17.35
N ASP B 146 -1.92 -14.41 -18.16
CA ASP B 146 -0.68 -14.63 -18.89
C ASP B 146 -0.60 -13.71 -20.09
N ALA B 147 -1.68 -13.63 -20.87
CA ALA B 147 -1.71 -12.75 -22.03
C ALA B 147 -1.71 -11.31 -21.58
N ALA B 148 -2.43 -11.02 -20.52
CA ALA B 148 -2.50 -9.67 -19.98
C ALA B 148 -1.15 -9.29 -19.37
N ILE B 149 -0.52 -10.25 -18.70
CA ILE B 149 0.77 -10.00 -18.07
C ILE B 149 1.82 -9.70 -19.13
N ARG B 150 1.82 -10.50 -20.19
CA ARG B 150 2.80 -10.32 -21.26
C ARG B 150 2.51 -9.06 -22.07
N LYS B 151 1.24 -8.73 -22.23
CA LYS B 151 0.87 -7.54 -23.00
C LYS B 151 1.26 -6.28 -22.25
N VAL B 152 1.00 -6.27 -20.95
CA VAL B 152 1.35 -5.11 -20.13
C VAL B 152 2.85 -4.93 -20.08
N VAL B 153 3.57 -6.03 -19.91
CA VAL B 153 5.04 -5.95 -19.87
C VAL B 153 5.54 -5.44 -21.21
N ASP B 154 4.91 -5.89 -22.28
CA ASP B 154 5.28 -5.45 -23.62
C ASP B 154 4.95 -3.98 -23.81
N ARG B 155 3.93 -3.51 -23.10
CA ARG B 155 3.52 -2.11 -23.19
C ARG B 155 4.39 -1.23 -22.30
N VAL B 156 5.02 -1.84 -21.30
CA VAL B 156 5.87 -1.10 -20.37
C VAL B 156 7.35 -1.34 -20.66
N ASN B 157 7.62 -2.25 -21.59
CA ASN B 157 9.00 -2.56 -21.96
C ASN B 157 9.22 -2.41 -23.46
N ASN B 158 8.13 -2.38 -24.19
CA ASN B 158 8.20 -2.23 -25.64
C ASN B 158 6.95 -1.53 -26.16
N PRO B 159 7.05 -0.24 -26.38
CA PRO B 159 5.92 0.58 -26.88
C PRO B 159 5.44 0.10 -28.24
N ALA B 160 4.32 0.67 -28.69
CA ALA B 160 3.76 0.30 -29.98
C ALA B 160 3.40 1.54 -30.81
N ALA B 161 2.86 1.29 -32.00
CA ALA B 161 2.46 2.37 -32.89
C ALA B 161 0.94 2.53 -32.87
N THR B 162 0.48 3.64 -32.32
CA THR B 162 -0.96 3.90 -32.23
C THR B 162 -1.22 5.16 -31.41
N PRO B 163 -1.95 6.09 -31.96
CA PRO B 163 -2.29 7.37 -31.28
C PRO B 163 -2.93 7.12 -29.91
N LYS A 1 15.48 24.59 5.74
CA LYS A 1 16.70 24.51 6.60
C LYS A 1 16.30 24.13 8.02
N ALA A 2 15.48 23.10 8.12
CA ALA A 2 15.02 22.64 9.43
C ALA A 2 14.91 21.12 9.45
N GLY A 3 13.90 20.61 10.16
CA GLY A 3 13.68 19.17 10.25
C GLY A 3 12.59 18.73 9.27
N VAL A 4 11.43 19.36 9.37
CA VAL A 4 10.32 19.01 8.48
C VAL A 4 9.87 20.24 7.69
N ARG A 5 10.05 20.19 6.37
CA ARG A 5 9.66 21.30 5.52
C ARG A 5 8.22 21.11 5.05
N SER A 6 7.80 19.85 4.99
CA SER A 6 6.43 19.54 4.58
C SER A 6 6.03 18.15 5.10
N VAL A 7 4.88 18.08 5.75
CA VAL A 7 4.42 16.81 6.31
C VAL A 7 3.29 16.23 5.46
N PHE A 8 3.45 14.97 5.08
CA PHE A 8 2.44 14.28 4.28
C PHE A 8 1.34 13.72 5.19
N LEU A 9 0.08 13.86 4.77
CA LEU A 9 -1.01 13.35 5.60
C LEU A 9 -2.09 12.69 4.75
N ALA A 10 -2.59 11.56 5.24
CA ALA A 10 -3.64 10.82 4.55
C ALA A 10 -4.44 10.01 5.55
N GLY A 11 -5.46 9.31 5.06
CA GLY A 11 -6.31 8.51 5.92
C GLY A 11 -6.84 7.28 5.18
N PRO A 12 -7.73 6.55 5.80
CA PRO A 12 -8.33 5.34 5.20
C PRO A 12 -9.28 5.69 4.06
N PHE A 13 -8.86 6.64 3.22
CA PHE A 13 -9.70 7.09 2.11
C PHE A 13 -10.78 6.06 1.79
N MET A 14 -10.41 4.93 1.23
CA MET A 14 -11.39 3.91 0.91
C MET A 14 -12.11 3.45 2.18
N GLY A 15 -11.39 3.41 3.30
CA GLY A 15 -11.98 2.99 4.56
C GLY A 15 -13.10 3.95 4.98
N LEU A 16 -12.74 5.19 5.28
CA LEU A 16 -13.74 6.19 5.68
C LEU A 16 -14.85 6.25 4.64
N VAL A 17 -14.52 5.84 3.43
CA VAL A 17 -15.48 5.88 2.34
C VAL A 17 -15.82 4.49 1.83
N ASN A 18 -17.10 4.16 1.80
CA ASN A 18 -17.49 2.87 1.28
C ASN A 18 -16.60 2.55 0.09
N PRO A 19 -15.81 1.52 0.20
CA PRO A 19 -14.86 1.12 -0.85
C PRO A 19 -15.31 1.49 -2.27
N GLU A 20 -15.48 2.79 -2.51
CA GLU A 20 -15.89 3.28 -3.83
C GLU A 20 -16.93 4.40 -3.73
N THR A 21 -16.82 5.22 -2.69
CA THR A 21 -17.74 6.35 -2.50
C THR A 21 -18.36 6.32 -1.11
N ASN A 22 -18.58 7.50 -0.53
CA ASN A 22 -19.19 7.59 0.79
C ASN A 22 -19.15 9.02 1.32
N SER A 23 -18.92 9.17 2.63
CA SER A 23 -18.86 10.49 3.23
C SER A 23 -17.72 10.57 4.26
N MET A 24 -16.63 11.22 3.87
CA MET A 24 -15.47 11.37 4.76
C MET A 24 -15.88 12.06 6.05
N PRO A 25 -15.86 11.34 7.13
CA PRO A 25 -16.23 11.89 8.46
C PRO A 25 -15.61 13.26 8.72
N SER A 26 -16.47 14.23 8.98
CA SER A 26 -16.02 15.60 9.25
C SER A 26 -15.24 15.63 10.55
N ALA A 27 -15.68 14.85 11.52
CA ALA A 27 -15.02 14.79 12.81
C ALA A 27 -13.66 14.10 12.67
N GLU A 28 -13.32 13.77 11.43
CA GLU A 28 -12.05 13.12 11.13
C GLU A 28 -11.14 14.11 10.40
N GLN A 29 -11.57 14.53 9.20
CA GLN A 29 -10.80 15.49 8.44
C GLN A 29 -10.48 16.68 9.32
N LEU A 30 -11.44 17.02 10.19
CA LEU A 30 -11.23 18.12 11.11
C LEU A 30 -9.92 17.90 11.85
N PRO A 31 -9.87 16.88 12.65
CA PRO A 31 -8.64 16.52 13.38
C PRO A 31 -7.43 16.75 12.50
N PHE A 32 -7.56 16.35 11.22
CA PHE A 32 -6.47 16.56 10.26
C PHE A 32 -6.19 18.05 10.13
N LEU A 33 -7.26 18.84 10.04
CA LEU A 33 -7.13 20.28 9.93
C LEU A 33 -6.38 20.84 11.13
N THR A 34 -6.68 20.31 12.31
CA THR A 34 -6.03 20.75 13.53
C THR A 34 -4.53 20.53 13.44
N LEU A 35 -4.12 19.28 13.23
CA LEU A 35 -2.69 19.01 13.10
C LEU A 35 -2.16 19.77 11.91
N ILE A 36 -2.71 19.46 10.73
CA ILE A 36 -2.32 20.16 9.52
C ILE A 36 -2.17 21.63 9.85
N GLU A 37 -2.89 22.07 10.89
CA GLU A 37 -2.82 23.44 11.34
C GLU A 37 -1.45 23.70 11.93
N HIS A 38 -1.06 22.85 12.88
CA HIS A 38 0.25 22.99 13.51
C HIS A 38 1.33 22.74 12.46
N PHE A 39 0.91 22.18 11.34
CA PHE A 39 1.81 21.90 10.24
C PHE A 39 2.00 23.15 9.39
N GLU A 40 0.91 23.63 8.82
CA GLU A 40 0.95 24.83 7.99
C GLU A 40 1.31 26.05 8.82
N LYS A 41 1.30 25.89 10.14
CA LYS A 41 1.63 27.00 11.03
C LYS A 41 3.04 26.87 11.58
N GLN A 42 3.48 25.64 11.84
CA GLN A 42 4.82 25.42 12.37
C GLN A 42 5.85 25.56 11.26
N GLY A 43 5.44 25.27 10.03
CA GLY A 43 6.33 25.37 8.88
C GLY A 43 6.42 24.03 8.17
N LEU A 44 5.38 23.22 8.35
CA LEU A 44 5.33 21.89 7.74
C LEU A 44 4.18 21.80 6.77
N GLU A 45 4.50 21.95 5.49
CA GLU A 45 3.47 21.89 4.45
C GLU A 45 2.88 20.49 4.38
N VAL A 46 1.61 20.37 4.71
CA VAL A 46 0.95 19.07 4.67
C VAL A 46 0.52 18.73 3.25
N PHE A 47 1.22 17.78 2.65
CA PHE A 47 0.91 17.37 1.29
C PHE A 47 -0.15 16.27 1.28
N ASN A 48 -1.16 16.44 0.42
CA ASN A 48 -2.25 15.48 0.31
C ASN A 48 -3.47 15.99 1.09
N ALA A 49 -3.81 15.27 2.16
CA ALA A 49 -4.94 15.66 3.00
C ALA A 49 -6.26 15.52 2.26
N HIS A 50 -6.51 16.40 1.29
CA HIS A 50 -7.75 16.36 0.52
C HIS A 50 -8.79 17.31 1.16
N ARG A 51 -8.48 18.59 1.18
CA ARG A 51 -9.38 19.58 1.77
C ARG A 51 -10.84 19.31 1.43
N ARG A 52 -11.47 20.28 0.78
CA ARG A 52 -12.88 20.16 0.41
C ARG A 52 -13.34 18.71 0.51
N GLU A 53 -13.14 17.95 -0.56
CA GLU A 53 -13.54 16.54 -0.59
C GLU A 53 -13.45 15.88 0.78
N ALA A 54 -12.24 15.77 1.31
CA ALA A 54 -12.03 15.15 2.61
C ALA A 54 -12.93 15.76 3.68
N TRP A 55 -13.45 16.95 3.39
CA TRP A 55 -14.32 17.64 4.34
C TRP A 55 -15.79 17.46 4.00
N GLY A 56 -16.12 17.58 2.72
CA GLY A 56 -17.50 17.42 2.29
C GLY A 56 -17.89 15.95 2.37
N ALA A 57 -16.91 15.11 2.66
CA ALA A 57 -17.14 13.67 2.77
C ALA A 57 -17.13 13.04 1.39
N GLN A 58 -16.06 12.31 1.06
CA GLN A 58 -15.95 11.70 -0.25
C GLN A 58 -14.80 10.71 -0.35
N VAL A 59 -14.51 10.28 -1.58
CA VAL A 59 -13.43 9.33 -1.85
C VAL A 59 -13.03 9.42 -3.31
N LEU A 60 -12.74 10.65 -3.74
CA LEU A 60 -12.33 10.91 -5.11
C LEU A 60 -12.19 9.64 -5.91
N THR A 61 -11.38 9.69 -6.96
CA THR A 61 -11.19 8.53 -7.81
C THR A 61 -9.70 8.23 -7.96
N PRO A 62 -9.39 7.11 -8.55
CA PRO A 62 -7.98 6.66 -8.77
C PRO A 62 -7.15 7.67 -9.55
N GLU A 63 -7.73 8.16 -10.64
CA GLU A 63 -7.05 9.13 -11.50
C GLU A 63 -6.65 10.37 -10.72
N GLU A 64 -7.13 10.47 -9.48
CA GLU A 64 -6.83 11.63 -8.65
C GLU A 64 -6.04 11.24 -7.40
N CYS A 65 -6.70 10.49 -6.52
CA CYS A 65 -6.09 10.08 -5.26
C CYS A 65 -4.83 9.24 -5.45
N THR A 66 -4.80 8.38 -6.47
CA THR A 66 -3.61 7.54 -6.68
C THR A 66 -2.41 8.37 -7.15
N PRO A 67 -2.50 8.96 -8.31
CA PRO A 67 -1.39 9.79 -8.88
C PRO A 67 -0.90 10.85 -7.91
N LEU A 68 -1.83 11.54 -7.26
CA LEU A 68 -1.46 12.57 -6.30
C LEU A 68 -0.92 11.96 -5.02
N ASP A 69 -1.53 10.85 -4.59
CA ASP A 69 -1.08 10.18 -3.38
C ASP A 69 0.40 9.86 -3.48
N GLN A 70 0.78 9.26 -4.61
CA GLN A 70 2.17 8.90 -4.85
C GLN A 70 3.02 10.15 -5.02
N LEU A 71 2.66 10.99 -5.97
CA LEU A 71 3.41 12.21 -6.22
C LEU A 71 3.60 12.96 -4.91
N GLU A 72 2.65 12.78 -4.00
CA GLU A 72 2.73 13.43 -2.71
C GLU A 72 3.60 12.57 -1.79
N ILE A 73 3.62 11.26 -2.06
CA ILE A 73 4.43 10.34 -1.27
C ILE A 73 5.90 10.74 -1.35
N ARG A 74 6.33 11.18 -2.52
CA ARG A 74 7.72 11.58 -2.71
C ARG A 74 7.90 13.09 -2.55
N LYS A 75 6.86 13.84 -2.90
CA LYS A 75 6.93 15.30 -2.80
C LYS A 75 7.05 15.74 -1.36
N ALA A 76 6.39 15.02 -0.46
CA ALA A 76 6.44 15.35 0.97
C ALA A 76 7.83 15.10 1.53
N ASP A 77 8.10 15.71 2.68
CA ASP A 77 9.39 15.54 3.34
C ASP A 77 9.31 14.46 4.41
N VAL A 78 8.29 14.56 5.25
CA VAL A 78 8.08 13.59 6.31
C VAL A 78 6.73 12.92 6.14
N PHE A 79 6.74 11.65 5.76
CA PHE A 79 5.51 10.91 5.54
C PHE A 79 4.72 10.77 6.84
N VAL A 80 3.53 11.37 6.88
CA VAL A 80 2.68 11.28 8.07
C VAL A 80 1.31 10.74 7.67
N ALA A 81 0.93 9.61 8.24
CA ALA A 81 -0.35 9.00 7.91
C ALA A 81 -1.11 8.62 9.17
N ILE A 82 -2.42 8.42 9.03
CA ILE A 82 -3.24 8.06 10.16
C ILE A 82 -4.08 6.82 9.84
N PRO A 83 -3.67 5.69 10.36
CA PRO A 83 -4.39 4.43 10.15
C PRO A 83 -5.89 4.65 10.13
N GLY A 84 -6.48 4.40 11.24
CA GLY A 84 -7.93 4.58 11.42
C GLY A 84 -8.72 3.35 10.96
N ILE A 85 -8.41 2.19 11.53
CA ILE A 85 -9.11 0.95 11.16
C ILE A 85 -10.51 1.29 10.63
N PRO A 86 -11.00 0.49 9.71
CA PRO A 86 -10.28 -0.69 9.15
C PRO A 86 -8.94 -0.30 8.50
N PRO A 87 -8.04 -1.24 8.40
CA PRO A 87 -6.70 -1.01 7.80
C PRO A 87 -6.77 -0.07 6.60
N SER A 88 -6.65 1.22 6.87
CA SER A 88 -6.69 2.22 5.81
C SER A 88 -6.09 1.67 4.52
N PRO A 89 -6.90 1.44 3.52
CA PRO A 89 -6.43 0.92 2.22
C PRO A 89 -5.62 1.97 1.47
N GLY A 90 -6.15 3.18 1.39
CA GLY A 90 -5.46 4.27 0.72
C GLY A 90 -4.16 4.59 1.47
N THR A 91 -4.29 4.89 2.75
CA THR A 91 -3.13 5.18 3.56
C THR A 91 -2.16 4.01 3.47
N HIS A 92 -2.49 2.90 4.13
CA HIS A 92 -1.65 1.72 4.07
C HIS A 92 -0.84 1.75 2.78
N VAL A 93 -1.53 1.66 1.66
CA VAL A 93 -0.88 1.71 0.36
C VAL A 93 0.12 2.84 0.35
N GLU A 94 -0.28 3.96 0.96
CA GLU A 94 0.58 5.13 1.05
C GLU A 94 1.73 4.84 1.99
N ILE A 95 1.47 3.98 2.98
CA ILE A 95 2.49 3.59 3.94
C ILE A 95 3.50 2.70 3.23
N GLY A 96 3.02 1.56 2.73
CA GLY A 96 3.89 0.67 2.00
C GLY A 96 4.58 1.44 0.87
N TRP A 97 3.83 2.35 0.26
CA TRP A 97 4.39 3.18 -0.80
C TRP A 97 5.62 3.90 -0.27
N ALA A 98 5.47 4.50 0.92
CA ALA A 98 6.58 5.20 1.55
C ALA A 98 7.69 4.20 1.88
N SER A 99 7.32 2.91 1.93
CA SER A 99 8.29 1.87 2.21
C SER A 99 9.27 1.76 1.05
N ALA A 100 8.75 1.53 -0.15
CA ALA A 100 9.59 1.43 -1.32
C ALA A 100 10.10 2.81 -1.70
N PHE A 101 9.27 3.80 -1.45
CA PHE A 101 9.60 5.18 -1.74
C PHE A 101 10.88 5.56 -0.99
N ASP A 102 11.00 5.06 0.23
CA ASP A 102 12.16 5.33 1.06
C ASP A 102 11.93 6.59 1.89
N LYS A 103 10.88 7.34 1.56
CA LYS A 103 10.57 8.55 2.30
C LYS A 103 10.25 8.24 3.76
N PRO A 104 10.94 8.87 4.68
CA PRO A 104 10.73 8.66 6.14
C PRO A 104 9.24 8.58 6.47
N ILE A 105 8.87 7.75 7.44
CA ILE A 105 7.46 7.62 7.78
C ILE A 105 7.16 7.86 9.25
N VAL A 106 5.90 8.20 9.50
CA VAL A 106 5.38 8.47 10.83
C VAL A 106 3.86 8.54 10.76
N LEU A 107 3.18 7.76 11.60
CA LEU A 107 1.72 7.76 11.57
C LEU A 107 1.14 8.08 12.93
N LEU A 108 -0.05 8.68 12.92
CA LEU A 108 -0.74 9.03 14.16
C LEU A 108 -1.60 7.85 14.60
N LEU A 109 -0.92 6.80 15.03
CA LEU A 109 -1.59 5.59 15.49
C LEU A 109 -2.91 5.92 16.17
N GLU A 110 -3.95 5.17 15.84
CA GLU A 110 -5.24 5.39 16.45
C GLU A 110 -5.47 4.43 17.61
N GLU A 111 -5.03 4.83 18.80
CA GLU A 111 -5.18 3.99 19.98
C GLU A 111 -6.24 2.92 19.74
N GLY A 112 -5.79 1.71 19.45
CA GLY A 112 -6.70 0.61 19.17
C GLY A 112 -6.54 0.15 17.73
N ARG A 113 -6.99 0.99 16.80
CA ARG A 113 -6.89 0.69 15.39
C ARG A 113 -5.41 0.54 15.02
N GLU A 114 -4.63 1.55 15.34
CA GLU A 114 -3.20 1.52 15.09
C GLU A 114 -2.67 0.14 15.45
N GLU A 115 -3.27 -0.41 16.50
CA GLU A 115 -2.91 -1.74 16.96
C GLU A 115 -3.46 -2.77 15.99
N GLU A 116 -4.64 -2.47 15.45
CA GLU A 116 -5.28 -3.34 14.49
C GLU A 116 -4.52 -3.32 13.17
N TYR A 117 -3.67 -2.31 13.01
CA TYR A 117 -2.88 -2.17 11.79
C TYR A 117 -1.71 -3.14 11.79
N GLY A 118 -0.85 -2.99 12.80
CA GLY A 118 0.33 -3.83 12.94
C GLY A 118 0.80 -4.37 11.59
N PHE A 119 0.04 -5.29 11.04
CA PHE A 119 0.39 -5.87 9.76
C PHE A 119 1.45 -5.04 9.02
N LEU A 120 1.01 -3.96 8.37
CA LEU A 120 1.97 -3.16 7.61
C LEU A 120 2.44 -1.93 8.36
N VAL A 121 1.59 -1.32 9.16
CA VAL A 121 2.03 -0.15 9.89
C VAL A 121 3.18 -0.54 10.80
N ARG A 122 3.06 -1.69 11.43
CA ARG A 122 4.13 -2.19 12.27
C ARG A 122 5.20 -2.80 11.38
N GLY A 123 4.79 -3.63 10.42
CA GLY A 123 5.76 -4.23 9.51
C GLY A 123 6.62 -3.14 8.91
N LEU A 124 6.08 -1.93 8.81
CA LEU A 124 6.84 -0.82 8.28
C LEU A 124 7.75 -0.23 9.35
N GLY A 125 7.21 -0.12 10.55
CA GLY A 125 8.01 0.40 11.67
C GLY A 125 9.23 -0.49 11.89
N THR A 126 9.18 -1.70 11.34
CA THR A 126 10.28 -2.63 11.48
C THR A 126 11.18 -2.62 10.24
N VAL A 127 10.58 -2.47 9.06
CA VAL A 127 11.36 -2.43 7.83
C VAL A 127 11.88 -1.02 7.56
N ALA A 128 10.97 -0.07 7.40
CA ALA A 128 11.38 1.32 7.14
C ALA A 128 11.13 2.19 8.37
N ALA A 129 12.02 3.15 8.60
CA ALA A 129 11.88 4.03 9.75
C ALA A 129 10.46 4.58 9.81
N VAL A 130 9.64 3.97 10.64
CA VAL A 130 8.26 4.40 10.78
C VAL A 130 7.92 4.67 12.24
N GLU A 131 7.92 5.94 12.61
CA GLU A 131 7.61 6.33 13.98
C GLU A 131 6.12 6.18 14.24
N PHE A 132 5.78 5.32 15.18
CA PHE A 132 4.38 5.08 15.54
C PHE A 132 3.92 6.04 16.62
N VAL A 133 2.94 6.87 16.30
CA VAL A 133 2.41 7.82 17.26
C VAL A 133 1.04 7.38 17.77
N HIS A 134 1.01 6.69 18.91
CA HIS A 134 -0.27 6.25 19.46
C HIS A 134 -1.16 7.47 19.68
N TYR A 135 -2.44 7.28 19.46
CA TYR A 135 -3.39 8.38 19.57
C TYR A 135 -3.83 8.66 20.98
N LYS A 136 -4.55 9.78 21.12
CA LYS A 136 -5.08 10.22 22.40
C LYS A 136 -5.06 11.75 22.47
N ASP A 137 -6.25 12.36 22.41
CA ASP A 137 -6.34 13.81 22.44
C ASP A 137 -5.51 14.40 21.31
N ILE A 138 -6.16 14.68 20.20
CA ILE A 138 -5.47 15.24 19.06
C ILE A 138 -4.48 16.29 19.52
N ALA A 139 -4.80 16.91 20.65
CA ALA A 139 -3.94 17.94 21.21
C ALA A 139 -2.59 17.35 21.58
N LEU A 140 -2.60 16.10 22.03
CA LEU A 140 -1.36 15.42 22.41
C LEU A 140 -0.78 14.69 21.20
N ALA A 141 -1.64 14.36 20.24
CA ALA A 141 -1.20 13.66 19.04
C ALA A 141 -0.27 14.54 18.22
N LYS A 142 -0.65 15.80 18.04
CA LYS A 142 0.18 16.73 17.28
C LYS A 142 1.61 16.70 17.82
N PRO A 143 1.76 16.96 19.10
CA PRO A 143 3.10 16.95 19.76
C PRO A 143 3.83 15.65 19.50
N GLN A 144 3.09 14.54 19.61
CA GLN A 144 3.67 13.22 19.38
C GLN A 144 4.21 13.15 17.96
N ILE A 145 3.42 13.64 17.01
CA ILE A 145 3.81 13.63 15.60
C ILE A 145 5.06 14.47 15.40
N ASP A 146 5.18 15.53 16.20
CA ASP A 146 6.33 16.43 16.09
C ASP A 146 7.58 15.74 16.64
N ALA A 147 7.49 15.21 17.85
CA ALA A 147 8.63 14.52 18.45
C ALA A 147 8.98 13.29 17.64
N ALA A 148 7.99 12.45 17.39
CA ALA A 148 8.22 11.25 16.60
C ALA A 148 8.66 11.64 15.19
N ILE A 149 8.22 12.80 14.73
CA ILE A 149 8.58 13.29 13.42
C ILE A 149 10.09 13.48 13.33
N ARG A 150 10.64 14.18 14.33
CA ARG A 150 12.06 14.44 14.38
C ARG A 150 12.85 13.15 14.57
N LYS A 151 12.43 12.33 15.53
CA LYS A 151 13.12 11.07 15.81
C LYS A 151 13.20 10.24 14.54
N VAL A 152 12.09 10.18 13.81
CA VAL A 152 12.04 9.41 12.58
C VAL A 152 13.04 9.98 11.57
N VAL A 153 13.06 11.30 11.45
CA VAL A 153 13.97 11.97 10.53
C VAL A 153 15.41 11.58 10.86
N ASP A 154 15.73 11.64 12.15
CA ASP A 154 17.06 11.28 12.60
C ASP A 154 17.32 9.80 12.40
N ARG A 155 16.25 9.00 12.51
CA ARG A 155 16.36 7.56 12.36
C ARG A 155 16.49 7.18 10.88
N VAL A 156 16.13 8.10 9.99
CA VAL A 156 16.20 7.81 8.56
C VAL A 156 17.42 8.47 7.93
N ASN A 157 17.73 9.68 8.37
CA ASN A 157 18.86 10.41 7.82
C ASN A 157 20.17 10.05 8.52
N ASN A 158 20.09 9.77 9.82
CA ASN A 158 21.29 9.43 10.59
C ASN A 158 21.91 8.13 10.08
N PRO A 159 21.10 7.16 9.76
CA PRO A 159 21.59 5.84 9.25
C PRO A 159 22.36 5.99 7.94
N ALA A 160 23.38 5.14 7.75
CA ALA A 160 24.19 5.18 6.54
C ALA A 160 23.85 4.01 5.63
N ALA A 161 23.17 4.29 4.53
CA ALA A 161 22.80 3.25 3.58
C ALA A 161 24.01 2.37 3.24
N THR A 162 24.17 1.29 4.00
CA THR A 162 25.29 0.38 3.79
C THR A 162 25.25 -0.75 4.82
N PRO A 163 24.68 -1.87 4.45
CA PRO A 163 24.56 -3.05 5.36
C PRO A 163 25.92 -3.66 5.71
N LYS B 1 14.79 -16.64 -19.34
CA LYS B 1 14.91 -16.21 -20.76
C LYS B 1 13.53 -16.25 -21.41
N ALA B 2 12.54 -15.65 -20.75
CA ALA B 2 11.17 -15.63 -21.26
C ALA B 2 10.51 -14.30 -20.92
N GLY B 3 9.21 -14.36 -20.60
CA GLY B 3 8.46 -13.16 -20.24
C GLY B 3 8.28 -13.05 -18.74
N VAL B 4 7.81 -14.13 -18.11
CA VAL B 4 7.61 -14.13 -16.67
C VAL B 4 8.39 -15.27 -16.03
N ARG B 5 9.40 -14.93 -15.23
CA ARG B 5 10.21 -15.92 -14.55
C ARG B 5 9.61 -16.26 -13.19
N SER B 6 8.90 -15.29 -12.62
CA SER B 6 8.26 -15.47 -11.32
C SER B 6 7.13 -14.46 -11.15
N VAL B 7 5.95 -14.96 -10.81
CA VAL B 7 4.79 -14.09 -10.63
C VAL B 7 4.50 -13.88 -9.14
N PHE B 8 4.33 -12.61 -8.77
CA PHE B 8 4.03 -12.27 -7.38
C PHE B 8 2.52 -12.36 -7.14
N LEU B 9 2.12 -12.91 -6.00
CA LEU B 9 0.70 -13.04 -5.70
C LEU B 9 0.41 -12.73 -4.25
N ALA B 10 -0.66 -11.97 -4.03
CA ALA B 10 -1.08 -11.60 -2.69
C ALA B 10 -2.59 -11.37 -2.67
N GLY B 11 -3.13 -11.15 -1.49
CA GLY B 11 -4.56 -10.92 -1.36
C GLY B 11 -4.84 -9.89 -0.28
N PRO B 12 -6.08 -9.71 0.06
CA PRO B 12 -6.49 -8.75 1.11
C PRO B 12 -6.13 -9.25 2.50
N PHE B 13 -4.92 -9.78 2.64
CA PHE B 13 -4.46 -10.31 3.92
C PHE B 13 -5.30 -9.75 5.06
N MET B 14 -5.14 -8.47 5.36
CA MET B 14 -5.90 -7.89 6.45
C MET B 14 -7.41 -7.96 6.15
N GLY B 15 -7.77 -7.89 4.89
CA GLY B 15 -9.18 -7.96 4.49
C GLY B 15 -9.75 -9.33 4.84
N LEU B 16 -9.25 -10.36 4.18
CA LEU B 16 -9.73 -11.72 4.44
C LEU B 16 -9.64 -12.03 5.92
N VAL B 17 -8.73 -11.33 6.61
CA VAL B 17 -8.53 -11.55 8.02
C VAL B 17 -8.91 -10.34 8.85
N ASN B 18 -9.81 -10.51 9.82
CA ASN B 18 -10.18 -9.40 10.67
C ASN B 18 -8.93 -8.57 10.92
N PRO B 19 -8.95 -7.35 10.48
CA PRO B 19 -7.80 -6.42 10.62
C PRO B 19 -6.95 -6.70 11.85
N GLU B 20 -6.37 -7.90 11.91
CA GLU B 20 -5.52 -8.29 13.03
C GLU B 20 -5.79 -9.72 13.48
N THR B 21 -6.04 -10.61 12.52
CA THR B 21 -6.28 -12.03 12.83
C THR B 21 -7.65 -12.49 12.33
N ASN B 22 -7.71 -13.75 11.89
CA ASN B 22 -8.96 -14.32 11.39
C ASN B 22 -8.73 -15.68 10.76
N SER B 23 -9.42 -15.93 9.65
CA SER B 23 -9.29 -17.21 8.95
C SER B 23 -9.32 -16.99 7.43
N MET B 24 -8.15 -17.05 6.82
CA MET B 24 -8.04 -16.86 5.38
C MET B 24 -8.90 -17.89 4.65
N PRO B 25 -9.94 -17.43 3.99
CA PRO B 25 -10.88 -18.29 3.22
C PRO B 25 -10.16 -19.32 2.36
N SER B 26 -10.41 -20.60 2.65
CA SER B 26 -9.79 -21.67 1.89
C SER B 26 -10.24 -21.63 0.44
N ALA B 27 -11.50 -21.28 0.22
CA ALA B 27 -12.05 -21.17 -1.12
C ALA B 27 -11.41 -20.00 -1.85
N GLU B 28 -10.49 -19.34 -1.17
CA GLU B 28 -9.78 -18.20 -1.73
C GLU B 28 -8.34 -18.59 -2.03
N GLN B 29 -7.60 -18.97 -0.99
CA GLN B 29 -6.23 -19.39 -1.17
C GLN B 29 -6.19 -20.48 -2.23
N LEU B 30 -7.20 -21.35 -2.20
CA LEU B 30 -7.29 -22.42 -3.19
C LEU B 30 -7.13 -21.81 -4.57
N PRO B 31 -8.07 -21.01 -4.99
CA PRO B 31 -8.00 -20.34 -6.30
C PRO B 31 -6.57 -19.89 -6.57
N PHE B 32 -5.91 -19.35 -5.53
CA PHE B 32 -4.52 -18.94 -5.68
C PHE B 32 -3.68 -20.17 -6.05
N LEU B 33 -3.90 -21.27 -5.34
CA LEU B 33 -3.17 -22.50 -5.61
C LEU B 33 -3.37 -22.90 -7.07
N THR B 34 -4.60 -22.76 -7.56
CA THR B 34 -4.90 -23.12 -8.94
C THR B 34 -4.02 -22.30 -9.89
N LEU B 35 -4.13 -20.98 -9.82
CA LEU B 35 -3.31 -20.13 -10.67
C LEU B 35 -1.85 -20.39 -10.35
N ILE B 36 -1.47 -20.14 -9.10
CA ILE B 36 -0.11 -20.40 -8.67
C ILE B 36 0.32 -21.71 -9.27
N GLU B 37 -0.66 -22.57 -9.55
CA GLU B 37 -0.40 -23.85 -10.14
C GLU B 37 0.10 -23.65 -11.56
N HIS B 38 -0.68 -22.93 -12.35
CA HIS B 38 -0.28 -22.63 -13.72
C HIS B 38 1.01 -21.83 -13.70
N PHE B 39 1.28 -21.23 -12.55
CA PHE B 39 2.48 -20.45 -12.38
C PHE B 39 3.69 -21.36 -12.17
N GLU B 40 3.66 -22.11 -11.07
CA GLU B 40 4.75 -23.02 -10.75
C GLU B 40 4.87 -24.11 -11.81
N LYS B 41 3.86 -24.22 -12.67
CA LYS B 41 3.88 -25.25 -13.71
C LYS B 41 4.28 -24.66 -15.06
N GLN B 42 3.86 -23.43 -15.33
CA GLN B 42 4.19 -22.78 -16.61
C GLN B 42 5.64 -22.30 -16.60
N GLY B 43 6.13 -21.99 -15.40
CA GLY B 43 7.50 -21.52 -15.25
C GLY B 43 7.52 -20.15 -14.56
N LEU B 44 6.44 -19.85 -13.86
CA LEU B 44 6.30 -18.58 -13.17
C LEU B 44 6.29 -18.80 -11.67
N GLU B 45 7.44 -18.56 -11.05
CA GLU B 45 7.55 -18.73 -9.62
C GLU B 45 6.71 -17.69 -8.89
N VAL B 46 5.66 -18.15 -8.21
CA VAL B 46 4.80 -17.25 -7.48
C VAL B 46 5.42 -16.87 -6.14
N PHE B 47 5.86 -15.62 -6.05
CA PHE B 47 6.49 -15.14 -4.82
C PHE B 47 5.44 -14.59 -3.87
N ASN B 48 5.51 -15.00 -2.61
CA ASN B 48 4.55 -14.56 -1.60
C ASN B 48 3.49 -15.62 -1.40
N ALA B 49 2.24 -15.28 -1.71
CA ALA B 49 1.13 -16.21 -1.57
C ALA B 49 0.82 -16.49 -0.10
N HIS B 50 1.70 -17.24 0.56
CA HIS B 50 1.52 -17.59 1.97
C HIS B 50 0.84 -18.94 2.08
N ARG B 51 1.50 -19.98 1.62
CA ARG B 51 0.95 -21.33 1.68
C ARG B 51 0.23 -21.60 3.00
N ARG B 52 0.68 -22.63 3.70
CA ARG B 52 0.07 -23.01 4.98
C ARG B 52 -0.84 -21.90 5.49
N GLU B 53 -0.27 -20.96 6.23
CA GLU B 53 -1.04 -19.84 6.80
C GLU B 53 -2.21 -19.46 5.90
N ALA B 54 -1.90 -18.95 4.71
CA ALA B 54 -2.94 -18.52 3.78
C ALA B 54 -3.97 -19.61 3.55
N TRP B 55 -3.63 -20.84 3.92
CA TRP B 55 -4.55 -21.96 3.73
C TRP B 55 -5.25 -22.33 5.04
N GLY B 56 -4.50 -22.37 6.13
CA GLY B 56 -5.09 -22.69 7.42
C GLY B 56 -5.97 -21.54 7.89
N ALA B 57 -5.91 -20.44 7.16
CA ALA B 57 -6.70 -19.26 7.52
C ALA B 57 -5.98 -18.44 8.57
N GLN B 58 -5.39 -17.33 8.16
CA GLN B 58 -4.66 -16.50 9.12
C GLN B 58 -4.30 -15.14 8.54
N VAL B 59 -3.47 -14.41 9.28
CA VAL B 59 -3.02 -13.08 8.89
C VAL B 59 -1.72 -12.76 9.61
N LEU B 60 -0.73 -13.63 9.41
CA LEU B 60 0.59 -13.48 10.03
C LEU B 60 0.72 -12.14 10.72
N THR B 61 1.96 -11.70 10.90
CA THR B 61 2.23 -10.44 11.56
C THR B 61 3.08 -9.54 10.67
N PRO B 62 3.22 -8.29 11.05
CA PRO B 62 4.01 -7.30 10.28
C PRO B 62 5.45 -7.73 10.07
N GLU B 63 6.06 -8.22 11.14
CA GLU B 63 7.45 -8.66 11.09
C GLU B 63 7.65 -9.77 10.05
N GLU B 64 6.54 -10.22 9.47
CA GLU B 64 6.61 -11.28 8.48
C GLU B 64 6.03 -10.84 7.14
N CYS B 65 4.72 -10.60 7.13
CA CYS B 65 4.02 -10.22 5.92
C CYS B 65 4.55 -8.92 5.32
N THR B 66 4.99 -7.97 6.15
CA THR B 66 5.49 -6.70 5.62
C THR B 66 6.86 -6.87 4.95
N PRO B 67 7.86 -7.25 5.71
CA PRO B 67 9.23 -7.44 5.17
C PRO B 67 9.27 -8.38 3.96
N LEU B 68 8.51 -9.47 4.05
CA LEU B 68 8.47 -10.44 2.96
C LEU B 68 7.63 -9.91 1.81
N ASP B 69 6.57 -9.18 2.14
CA ASP B 69 5.70 -8.62 1.12
C ASP B 69 6.52 -7.73 0.20
N GLN B 70 7.28 -6.84 0.79
CA GLN B 70 8.13 -5.92 0.04
C GLN B 70 9.25 -6.68 -0.67
N LEU B 71 10.05 -7.40 0.11
CA LEU B 71 11.15 -8.15 -0.48
C LEU B 71 10.63 -8.98 -1.64
N GLU B 72 9.37 -9.35 -1.56
CA GLU B 72 8.75 -10.12 -2.62
C GLU B 72 8.28 -9.18 -3.71
N ILE B 73 7.93 -7.96 -3.31
CA ILE B 73 7.49 -6.94 -4.25
C ILE B 73 8.57 -6.70 -5.30
N ARG B 74 9.83 -6.75 -4.88
CA ARG B 74 10.94 -6.52 -5.80
C ARG B 74 11.56 -7.84 -6.27
N LYS B 75 11.48 -8.87 -5.44
CA LYS B 75 12.04 -10.16 -5.78
C LYS B 75 11.26 -10.80 -6.94
N ALA B 76 9.98 -10.49 -7.03
CA ALA B 76 9.14 -11.04 -8.10
C ALA B 76 9.47 -10.38 -9.44
N ASP B 77 9.05 -11.04 -10.52
CA ASP B 77 9.29 -10.51 -11.87
C ASP B 77 8.05 -9.75 -12.35
N VAL B 78 6.89 -10.38 -12.24
CA VAL B 78 5.64 -9.75 -12.66
C VAL B 78 4.69 -9.66 -11.46
N PHE B 79 4.48 -8.45 -10.96
CA PHE B 79 3.61 -8.25 -9.81
C PHE B 79 2.17 -8.65 -10.14
N VAL B 80 1.66 -9.65 -9.41
CA VAL B 80 0.30 -10.09 -9.61
C VAL B 80 -0.44 -10.09 -8.29
N ALA B 81 -1.53 -9.33 -8.23
CA ALA B 81 -2.30 -9.24 -7.00
C ALA B 81 -3.79 -9.40 -7.28
N ILE B 82 -4.54 -9.74 -6.24
CA ILE B 82 -5.98 -9.94 -6.39
C ILE B 82 -6.74 -9.10 -5.38
N PRO B 83 -7.29 -8.01 -5.81
CA PRO B 83 -8.08 -7.12 -4.94
C PRO B 83 -8.83 -7.92 -3.90
N GLY B 84 -10.08 -8.13 -4.19
CA GLY B 84 -10.97 -8.90 -3.34
C GLY B 84 -11.59 -8.05 -2.24
N ILE B 85 -12.25 -6.97 -2.64
CA ILE B 85 -12.90 -6.09 -1.67
C ILE B 85 -13.21 -6.87 -0.39
N PRO B 86 -13.18 -6.21 0.74
CA PRO B 86 -12.85 -4.76 0.83
C PRO B 86 -11.46 -4.45 0.27
N PRO B 87 -11.25 -3.21 -0.10
CA PRO B 87 -9.95 -2.76 -0.67
C PRO B 87 -8.76 -3.41 0.01
N SER B 88 -8.41 -4.61 -0.44
CA SER B 88 -7.28 -5.34 0.13
C SER B 88 -6.23 -4.37 0.66
N PRO B 89 -6.09 -4.31 1.96
CA PRO B 89 -5.09 -3.41 2.61
C PRO B 89 -3.68 -3.90 2.38
N GLY B 90 -3.46 -5.19 2.61
CA GLY B 90 -2.14 -5.78 2.40
C GLY B 90 -1.77 -5.71 0.93
N THR B 91 -2.65 -6.21 0.08
CA THR B 91 -2.39 -6.18 -1.35
C THR B 91 -2.23 -4.73 -1.77
N HIS B 92 -3.32 -3.98 -1.80
CA HIS B 92 -3.24 -2.57 -2.14
C HIS B 92 -1.85 -2.06 -1.85
N VAL B 93 -1.51 -2.05 -0.56
CA VAL B 93 -0.19 -1.60 -0.13
C VAL B 93 0.87 -2.22 -1.02
N GLU B 94 0.66 -3.48 -1.36
CA GLU B 94 1.58 -4.20 -2.22
C GLU B 94 1.49 -3.64 -3.64
N ILE B 95 0.28 -3.20 -3.99
CA ILE B 95 0.05 -2.59 -5.29
C ILE B 95 0.78 -1.26 -5.34
N GLY B 96 0.39 -0.37 -4.43
CA GLY B 96 1.04 0.93 -4.34
C GLY B 96 2.56 0.72 -4.21
N TRP B 97 2.92 -0.32 -3.46
CA TRP B 97 4.32 -0.65 -3.28
C TRP B 97 4.96 -0.88 -4.63
N ALA B 98 4.28 -1.68 -5.45
CA ALA B 98 4.78 -1.98 -6.79
C ALA B 98 4.81 -0.70 -7.61
N SER B 99 4.03 0.30 -7.18
CA SER B 99 4.00 1.59 -7.88
C SER B 99 5.34 2.28 -7.74
N ALA B 100 5.77 2.51 -6.49
CA ALA B 100 7.05 3.15 -6.26
C ALA B 100 8.18 2.18 -6.59
N PHE B 101 7.88 0.89 -6.40
CA PHE B 101 8.84 -0.17 -6.67
C PHE B 101 9.23 -0.16 -8.16
N ASP B 102 8.25 0.17 -9.00
CA ASP B 102 8.46 0.20 -10.45
C ASP B 102 8.25 -1.17 -11.08
N LYS B 103 8.15 -2.20 -10.23
CA LYS B 103 7.94 -3.56 -10.73
C LYS B 103 6.61 -3.67 -11.45
N PRO B 104 6.61 -4.10 -12.67
CA PRO B 104 5.37 -4.26 -13.48
C PRO B 104 4.23 -4.84 -12.65
N ILE B 105 3.00 -4.39 -12.89
CA ILE B 105 1.89 -4.89 -12.11
C ILE B 105 0.77 -5.48 -12.96
N VAL B 106 -0.01 -6.33 -12.32
CA VAL B 106 -1.15 -7.01 -12.93
C VAL B 106 -1.97 -7.66 -11.83
N LEU B 107 -3.27 -7.40 -11.81
CA LEU B 107 -4.10 -7.97 -10.77
C LEU B 107 -5.29 -8.72 -11.35
N LEU B 108 -5.74 -9.73 -10.62
CA LEU B 108 -6.88 -10.53 -11.03
C LEU B 108 -8.16 -9.88 -10.52
N LEU B 109 -8.48 -8.73 -11.11
CA LEU B 109 -9.67 -7.99 -10.73
C LEU B 109 -10.79 -8.93 -10.34
N GLU B 110 -11.45 -8.63 -9.24
CA GLU B 110 -12.57 -9.47 -8.80
C GLU B 110 -13.88 -8.88 -9.28
N GLU B 111 -14.28 -9.26 -10.49
CA GLU B 111 -15.52 -8.76 -11.06
C GLU B 111 -16.41 -8.20 -9.95
N GLY B 112 -16.45 -6.87 -9.86
CA GLY B 112 -17.25 -6.22 -8.82
C GLY B 112 -16.33 -5.50 -7.83
N ARG B 113 -15.59 -6.28 -7.04
CA ARG B 113 -14.66 -5.71 -6.09
C ARG B 113 -13.59 -4.92 -6.85
N GLU B 114 -12.96 -5.59 -7.80
CA GLU B 114 -11.96 -4.95 -8.63
C GLU B 114 -12.46 -3.56 -9.00
N GLU B 115 -13.77 -3.48 -9.22
CA GLU B 115 -14.40 -2.21 -9.55
C GLU B 115 -14.47 -1.35 -8.30
N GLU B 116 -14.65 -2.00 -7.15
CA GLU B 116 -14.72 -1.29 -5.88
C GLU B 116 -13.32 -0.79 -5.51
N TYR B 117 -12.32 -1.30 -6.21
CA TYR B 117 -10.93 -0.91 -5.95
C TYR B 117 -10.62 0.42 -6.61
N GLY B 118 -10.80 0.47 -7.93
CA GLY B 118 -10.53 1.67 -8.71
C GLY B 118 -9.51 2.57 -8.02
N PHE B 119 -9.92 3.20 -6.93
CA PHE B 119 -9.04 4.09 -6.19
C PHE B 119 -7.58 3.88 -6.56
N LEU B 120 -6.96 2.85 -6.01
CA LEU B 120 -5.55 2.64 -6.26
C LEU B 120 -5.29 1.60 -7.34
N VAL B 121 -6.10 0.55 -7.39
CA VAL B 121 -5.89 -0.44 -8.43
C VAL B 121 -5.98 0.24 -9.79
N ARG B 122 -7.00 1.08 -9.95
CA ARG B 122 -7.15 1.81 -11.20
C ARG B 122 -6.14 2.94 -11.22
N GLY B 123 -6.06 3.70 -10.12
CA GLY B 123 -5.09 4.77 -10.05
C GLY B 123 -3.72 4.25 -10.45
N LEU B 124 -3.48 2.96 -10.22
CA LEU B 124 -2.21 2.36 -10.56
C LEU B 124 -2.19 1.99 -12.04
N GLY B 125 -3.32 1.51 -12.53
CA GLY B 125 -3.42 1.16 -13.94
C GLY B 125 -3.20 2.39 -14.80
N THR B 126 -3.34 3.57 -14.17
CA THR B 126 -3.14 4.82 -14.89
C THR B 126 -1.74 5.38 -14.64
N VAL B 127 -1.20 5.18 -13.44
CA VAL B 127 0.14 5.69 -13.14
C VAL B 127 1.22 4.69 -13.55
N ALA B 128 1.14 3.47 -13.03
CA ALA B 128 2.13 2.45 -13.37
C ALA B 128 1.47 1.33 -14.19
N ALA B 129 2.21 0.80 -15.15
CA ALA B 129 1.68 -0.26 -16.00
C ALA B 129 1.03 -1.35 -15.14
N VAL B 130 -0.29 -1.27 -15.00
CA VAL B 130 -1.02 -2.24 -14.19
C VAL B 130 -2.14 -2.89 -15.00
N GLU B 131 -1.86 -4.08 -15.53
CA GLU B 131 -2.86 -4.79 -16.32
C GLU B 131 -3.99 -5.29 -15.42
N PHE B 132 -5.19 -4.80 -15.68
CA PHE B 132 -6.35 -5.19 -14.89
C PHE B 132 -7.00 -6.44 -15.49
N VAL B 133 -7.06 -7.50 -14.70
CA VAL B 133 -7.66 -8.74 -15.17
C VAL B 133 -9.00 -8.98 -14.48
N HIS B 134 -10.10 -8.59 -15.13
CA HIS B 134 -11.41 -8.81 -14.53
C HIS B 134 -11.62 -10.29 -14.29
N TYR B 135 -12.29 -10.60 -13.19
CA TYR B 135 -12.49 -11.98 -12.80
C TYR B 135 -13.66 -12.66 -13.50
N LYS B 136 -13.73 -13.97 -13.30
CA LYS B 136 -14.78 -14.79 -13.89
C LYS B 136 -14.21 -16.17 -14.22
N ASP B 137 -14.63 -17.18 -13.49
CA ASP B 137 -14.13 -18.54 -13.72
C ASP B 137 -12.61 -18.53 -13.59
N ILE B 138 -12.11 -18.87 -12.42
CA ILE B 138 -10.68 -18.89 -12.20
C ILE B 138 -9.99 -19.52 -13.40
N ALA B 139 -10.72 -20.41 -14.07
CA ALA B 139 -10.18 -21.09 -15.23
C ALA B 139 -9.89 -20.09 -16.34
N LEU B 140 -10.68 -19.02 -16.39
CA LEU B 140 -10.49 -17.98 -17.40
C LEU B 140 -9.59 -16.88 -16.84
N ALA B 141 -9.54 -16.78 -15.51
CA ALA B 141 -8.72 -15.77 -14.86
C ALA B 141 -7.23 -16.04 -15.11
N LYS B 142 -6.83 -17.31 -14.97
CA LYS B 142 -5.44 -17.67 -15.19
C LYS B 142 -4.99 -17.18 -16.56
N PRO B 143 -5.70 -17.56 -17.59
CA PRO B 143 -5.38 -17.14 -18.98
C PRO B 143 -5.30 -15.63 -19.10
N GLN B 144 -6.24 -14.95 -18.44
CA GLN B 144 -6.26 -13.49 -18.45
C GLN B 144 -4.99 -12.95 -17.83
N ILE B 145 -4.60 -13.52 -16.69
CA ILE B 145 -3.39 -13.10 -16.00
C ILE B 145 -2.16 -13.34 -16.89
N ASP B 146 -2.22 -14.38 -17.71
CA ASP B 146 -1.12 -14.70 -18.61
C ASP B 146 -1.04 -13.69 -19.74
N ALA B 147 -2.16 -13.45 -20.42
CA ALA B 147 -2.18 -12.50 -21.52
C ALA B 147 -1.87 -11.11 -20.99
N ALA B 148 -2.64 -10.69 -19.99
CA ALA B 148 -2.43 -9.37 -19.39
C ALA B 148 -1.02 -9.30 -18.81
N ILE B 149 -0.50 -10.45 -18.39
CA ILE B 149 0.85 -10.51 -17.83
C ILE B 149 1.87 -10.07 -18.86
N ARG B 150 1.75 -10.63 -20.07
CA ARG B 150 2.67 -10.30 -21.15
C ARG B 150 2.48 -8.87 -21.62
N LYS B 151 1.23 -8.47 -21.81
CA LYS B 151 0.95 -7.12 -22.25
C LYS B 151 1.56 -6.11 -21.30
N VAL B 152 1.39 -6.36 -20.01
CA VAL B 152 1.95 -5.48 -18.99
C VAL B 152 3.47 -5.45 -19.10
N VAL B 153 4.08 -6.62 -19.28
CA VAL B 153 5.52 -6.70 -19.41
C VAL B 153 6.00 -5.85 -20.58
N ASP B 154 5.29 -5.95 -21.69
CA ASP B 154 5.62 -5.17 -22.87
C ASP B 154 5.34 -3.69 -22.63
N ARG B 155 4.30 -3.42 -21.84
CA ARG B 155 3.91 -2.05 -21.55
C ARG B 155 4.87 -1.41 -20.55
N VAL B 156 5.65 -2.23 -19.85
CA VAL B 156 6.59 -1.70 -18.86
C VAL B 156 8.02 -1.69 -19.41
N ASN B 157 8.38 -2.74 -20.14
CA ASN B 157 9.73 -2.84 -20.69
C ASN B 157 9.85 -2.08 -22.00
N ASN B 158 8.81 -2.14 -22.83
CA ASN B 158 8.83 -1.46 -24.12
C ASN B 158 9.05 0.05 -23.94
N PRO B 159 8.36 0.65 -23.02
CA PRO B 159 8.50 2.11 -22.75
C PRO B 159 9.94 2.50 -22.43
N ALA B 160 10.32 3.70 -22.83
CA ALA B 160 11.68 4.17 -22.57
C ALA B 160 11.66 5.28 -21.53
N ALA B 161 12.09 4.95 -20.31
CA ALA B 161 12.13 5.92 -19.23
C ALA B 161 12.72 7.24 -19.71
N THR B 162 11.87 8.15 -20.17
CA THR B 162 12.31 9.44 -20.67
C THR B 162 11.11 10.25 -21.15
N PRO B 163 10.59 11.11 -20.31
CA PRO B 163 9.41 11.96 -20.65
C PRO B 163 9.71 12.98 -21.75
N LYS A 1 17.38 23.07 5.60
CA LYS A 1 17.33 21.59 5.76
C LYS A 1 16.88 21.24 7.17
N ALA A 2 16.24 22.19 7.85
CA ALA A 2 15.77 21.97 9.19
C ALA A 2 15.52 20.48 9.44
N GLY A 3 14.45 19.96 8.84
CA GLY A 3 14.11 18.56 8.99
C GLY A 3 12.75 18.25 8.38
N VAL A 4 11.71 18.86 8.93
CA VAL A 4 10.36 18.64 8.43
C VAL A 4 9.82 19.87 7.73
N ARG A 5 10.35 20.15 6.54
CA ARG A 5 9.92 21.31 5.76
C ARG A 5 8.52 21.09 5.20
N SER A 6 8.11 19.83 5.07
CA SER A 6 6.79 19.52 4.54
C SER A 6 6.35 18.13 5.01
N VAL A 7 5.22 18.09 5.70
CA VAL A 7 4.69 16.81 6.20
C VAL A 7 3.46 16.35 5.43
N PHE A 8 3.45 15.08 5.02
CA PHE A 8 2.33 14.50 4.29
C PHE A 8 1.41 13.75 5.24
N LEU A 9 0.10 13.91 5.09
CA LEU A 9 -0.86 13.23 5.97
C LEU A 9 -2.05 12.69 5.19
N ALA A 10 -2.43 11.45 5.50
CA ALA A 10 -3.58 10.81 4.85
C ALA A 10 -4.36 9.96 5.84
N GLY A 11 -5.67 10.10 5.82
CA GLY A 11 -6.54 9.34 6.72
C GLY A 11 -6.82 7.95 6.14
N PRO A 12 -7.56 7.15 6.84
CA PRO A 12 -7.91 5.77 6.39
C PRO A 12 -8.72 5.78 5.09
N PHE A 13 -8.74 6.93 4.40
CA PHE A 13 -9.48 7.05 3.15
C PHE A 13 -10.28 5.79 2.86
N MET A 14 -10.17 5.27 1.65
CA MET A 14 -10.91 4.07 1.27
C MET A 14 -11.46 3.36 2.50
N GLY A 15 -10.66 3.26 3.55
CA GLY A 15 -11.10 2.61 4.78
C GLY A 15 -12.24 3.39 5.42
N LEU A 16 -11.92 4.55 5.99
CA LEU A 16 -12.94 5.39 6.62
C LEU A 16 -14.18 5.47 5.73
N VAL A 17 -13.97 5.51 4.42
CA VAL A 17 -15.09 5.57 3.49
C VAL A 17 -15.49 4.18 3.05
N ASN A 18 -16.70 4.06 2.53
CA ASN A 18 -17.18 2.79 2.06
C ASN A 18 -16.42 2.38 0.81
N PRO A 19 -15.72 1.28 0.87
CA PRO A 19 -14.92 0.75 -0.24
C PRO A 19 -15.37 1.25 -1.62
N GLU A 20 -15.04 2.51 -1.90
CA GLU A 20 -15.37 3.12 -3.18
C GLU A 20 -16.64 3.97 -3.10
N THR A 21 -16.72 4.82 -2.08
CA THR A 21 -17.86 5.70 -1.89
C THR A 21 -17.39 7.06 -1.39
N ASN A 22 -18.31 7.84 -0.87
CA ASN A 22 -17.97 9.16 -0.36
C ASN A 22 -18.55 9.37 1.04
N SER A 23 -17.72 9.13 2.06
CA SER A 23 -18.16 9.28 3.44
C SER A 23 -16.97 9.57 4.35
N MET A 24 -16.53 10.83 4.40
CA MET A 24 -15.39 11.22 5.23
C MET A 24 -15.85 12.09 6.40
N PRO A 25 -15.88 11.55 7.58
CA PRO A 25 -16.32 12.29 8.80
C PRO A 25 -15.71 13.69 8.89
N SER A 26 -16.58 14.70 8.86
CA SER A 26 -16.13 16.08 8.94
C SER A 26 -15.39 16.32 10.24
N ALA A 27 -16.03 15.95 11.35
CA ALA A 27 -15.42 16.12 12.67
C ALA A 27 -14.02 15.52 12.69
N GLU A 28 -13.72 14.66 11.72
CA GLU A 28 -12.40 14.04 11.65
C GLU A 28 -11.47 14.91 10.80
N GLN A 29 -12.01 15.47 9.72
CA GLN A 29 -11.23 16.31 8.85
C GLN A 29 -10.68 17.51 9.60
N LEU A 30 -11.54 18.15 10.40
CA LEU A 30 -11.12 19.31 11.16
C LEU A 30 -9.91 18.94 12.02
N PRO A 31 -10.01 17.91 12.81
CA PRO A 31 -8.88 17.44 13.67
C PRO A 31 -7.61 17.28 12.84
N PHE A 32 -7.77 16.70 11.66
CA PHE A 32 -6.67 16.48 10.73
C PHE A 32 -6.09 17.82 10.30
N LEU A 33 -6.96 18.70 9.82
CA LEU A 33 -6.53 20.01 9.37
C LEU A 33 -5.96 20.78 10.56
N THR A 34 -6.41 20.41 11.76
CA THR A 34 -5.92 21.04 12.97
C THR A 34 -4.45 20.75 13.11
N LEU A 35 -4.11 19.47 13.05
CA LEU A 35 -2.72 19.05 13.12
C LEU A 35 -2.02 19.57 11.88
N ILE A 36 -2.48 19.08 10.74
CA ILE A 36 -1.95 19.50 9.47
C ILE A 36 -1.74 21.01 9.49
N GLU A 37 -2.47 21.67 10.39
CA GLU A 37 -2.36 23.10 10.55
C GLU A 37 -1.10 23.44 11.33
N HIS A 38 -0.95 22.84 12.51
CA HIS A 38 0.25 23.08 13.31
C HIS A 38 1.45 22.72 12.47
N PHE A 39 1.19 22.02 11.38
CA PHE A 39 2.23 21.63 10.46
C PHE A 39 2.61 22.80 9.58
N GLU A 40 1.65 23.28 8.79
CA GLU A 40 1.88 24.41 7.92
C GLU A 40 2.24 25.65 8.73
N LYS A 41 1.87 25.63 10.01
CA LYS A 41 2.15 26.74 10.90
C LYS A 41 3.57 26.63 11.45
N GLN A 42 3.96 25.43 11.86
CA GLN A 42 5.30 25.22 12.40
C GLN A 42 6.33 25.42 11.30
N GLY A 43 5.90 25.16 10.07
CA GLY A 43 6.78 25.31 8.90
C GLY A 43 6.86 23.99 8.15
N LEU A 44 5.88 23.14 8.40
CA LEU A 44 5.79 21.83 7.78
C LEU A 44 4.71 21.80 6.71
N GLU A 45 5.12 22.03 5.47
CA GLU A 45 4.19 22.04 4.35
C GLU A 45 3.44 20.71 4.29
N VAL A 46 2.16 20.75 4.62
CA VAL A 46 1.36 19.54 4.62
C VAL A 46 1.08 19.08 3.20
N PHE A 47 1.19 17.77 2.98
CA PHE A 47 0.94 17.18 1.68
C PHE A 47 -0.11 16.09 1.80
N ASN A 48 -1.25 16.28 1.16
CA ASN A 48 -2.32 15.30 1.21
C ASN A 48 -3.59 15.90 1.82
N ALA A 49 -4.24 15.13 2.69
CA ALA A 49 -5.47 15.60 3.33
C ALA A 49 -6.48 16.04 2.27
N HIS A 50 -6.23 17.21 1.70
CA HIS A 50 -7.11 17.75 0.66
C HIS A 50 -8.28 18.51 1.28
N ARG A 51 -8.34 18.52 2.61
CA ARG A 51 -9.41 19.22 3.32
C ARG A 51 -10.61 19.46 2.40
N ARG A 52 -10.89 20.74 2.14
CA ARG A 52 -12.00 21.12 1.28
C ARG A 52 -12.66 19.91 0.64
N GLU A 53 -12.02 19.38 -0.39
CA GLU A 53 -12.55 18.23 -1.11
C GLU A 53 -12.28 16.93 -0.36
N ALA A 54 -11.17 16.90 0.37
CA ALA A 54 -10.81 15.70 1.11
C ALA A 54 -12.01 15.12 1.80
N TRP A 55 -12.96 15.97 2.12
CA TRP A 55 -14.16 15.53 2.79
C TRP A 55 -15.41 16.13 2.16
N GLY A 56 -15.24 17.25 1.47
CA GLY A 56 -16.37 17.88 0.81
C GLY A 56 -16.84 16.94 -0.29
N ALA A 57 -15.99 15.97 -0.61
CA ALA A 57 -16.28 14.97 -1.61
C ALA A 57 -15.47 13.70 -1.31
N GLN A 58 -14.41 13.87 -0.52
CA GLN A 58 -13.55 12.77 -0.11
C GLN A 58 -13.49 11.65 -1.14
N VAL A 59 -12.92 10.53 -0.72
CA VAL A 59 -12.80 9.37 -1.60
C VAL A 59 -12.60 9.84 -3.03
N LEU A 60 -11.74 10.84 -3.19
CA LEU A 60 -11.45 11.37 -4.51
C LEU A 60 -11.15 10.23 -5.49
N THR A 61 -12.00 10.11 -6.51
CA THR A 61 -11.84 9.04 -7.49
C THR A 61 -10.36 8.75 -7.74
N PRO A 62 -10.04 7.51 -7.97
CA PRO A 62 -8.65 7.06 -8.23
C PRO A 62 -7.90 8.04 -9.10
N GLU A 63 -8.62 8.67 -10.02
CA GLU A 63 -8.04 9.62 -10.95
C GLU A 63 -7.59 10.88 -10.23
N GLU A 64 -7.66 10.86 -8.91
CA GLU A 64 -7.26 12.01 -8.12
C GLU A 64 -6.57 11.56 -6.84
N CYS A 65 -7.20 10.65 -6.12
CA CYS A 65 -6.64 10.15 -4.87
C CYS A 65 -5.35 9.39 -5.12
N THR A 66 -5.30 8.60 -6.20
CA THR A 66 -4.10 7.83 -6.49
C THR A 66 -3.00 8.75 -7.01
N PRO A 67 -3.25 9.41 -8.10
CA PRO A 67 -2.25 10.35 -8.71
C PRO A 67 -1.61 11.27 -7.68
N LEU A 68 -2.43 11.94 -6.87
CA LEU A 68 -1.91 12.85 -5.85
C LEU A 68 -1.29 12.09 -4.69
N ASP A 69 -1.93 11.01 -4.26
CA ASP A 69 -1.42 10.22 -3.16
C ASP A 69 -0.02 9.69 -3.48
N GLN A 70 0.12 9.14 -4.69
CA GLN A 70 1.40 8.60 -5.12
C GLN A 70 2.45 9.70 -5.23
N LEU A 71 2.12 10.78 -5.93
CA LEU A 71 3.06 11.87 -6.09
C LEU A 71 3.43 12.41 -4.72
N GLU A 72 2.42 12.56 -3.87
CA GLU A 72 2.63 13.07 -2.53
C GLU A 72 3.61 12.18 -1.78
N ILE A 73 3.54 10.89 -2.04
CA ILE A 73 4.43 9.94 -1.38
C ILE A 73 5.87 10.26 -1.77
N ARG A 74 6.13 10.21 -3.07
CA ARG A 74 7.47 10.49 -3.58
C ARG A 74 7.79 11.98 -3.45
N LYS A 75 6.81 12.77 -3.03
CA LYS A 75 7.01 14.21 -2.88
C LYS A 75 7.25 14.59 -1.42
N ALA A 76 6.17 14.61 -0.64
CA ALA A 76 6.25 14.96 0.78
C ALA A 76 7.62 14.64 1.37
N ASP A 77 8.13 15.56 2.17
CA ASP A 77 9.43 15.37 2.82
C ASP A 77 9.31 14.33 3.93
N VAL A 78 8.27 14.47 4.74
CA VAL A 78 8.04 13.52 5.83
C VAL A 78 6.71 12.82 5.59
N PHE A 79 6.77 11.55 5.22
CA PHE A 79 5.54 10.81 4.94
C PHE A 79 4.92 10.30 6.23
N VAL A 80 3.81 10.93 6.62
CA VAL A 80 3.12 10.53 7.83
C VAL A 80 1.63 10.34 7.51
N ALA A 81 1.04 9.31 8.08
CA ALA A 81 -0.37 9.01 7.83
C ALA A 81 -1.09 8.64 9.12
N ILE A 82 -2.35 8.25 9.00
CA ILE A 82 -3.14 7.87 10.17
C ILE A 82 -3.86 6.56 9.91
N PRO A 83 -3.42 5.51 10.55
CA PRO A 83 -4.05 4.17 10.42
C PRO A 83 -5.54 4.29 10.26
N GLY A 84 -6.21 4.10 11.35
CA GLY A 84 -7.66 4.18 11.41
C GLY A 84 -8.32 2.91 10.86
N ILE A 85 -7.86 1.76 11.35
CA ILE A 85 -8.41 0.49 10.90
C ILE A 85 -9.88 0.65 10.49
N PRO A 86 -10.37 -0.23 9.64
CA PRO A 86 -9.55 -1.36 9.09
C PRO A 86 -8.33 -0.86 8.34
N PRO A 87 -7.36 -1.72 8.12
CA PRO A 87 -6.11 -1.36 7.40
C PRO A 87 -6.39 -0.48 6.19
N SER A 88 -6.80 0.76 6.44
CA SER A 88 -7.09 1.69 5.36
C SER A 88 -6.22 1.40 4.14
N PRO A 89 -6.77 0.73 3.17
CA PRO A 89 -6.05 0.36 1.92
C PRO A 89 -5.48 1.59 1.23
N GLY A 90 -6.19 2.71 1.32
CA GLY A 90 -5.72 3.95 0.71
C GLY A 90 -4.48 4.42 1.42
N THR A 91 -4.63 4.69 2.72
CA THR A 91 -3.49 5.12 3.52
C THR A 91 -2.40 4.07 3.39
N HIS A 92 -2.62 2.89 3.98
CA HIS A 92 -1.66 1.82 3.87
C HIS A 92 -0.86 1.94 2.58
N VAL A 93 -1.50 1.67 1.46
CA VAL A 93 -0.81 1.76 0.18
C VAL A 93 0.04 3.02 0.17
N GLU A 94 -0.48 4.07 0.78
CA GLU A 94 0.26 5.33 0.85
C GLU A 94 1.45 5.15 1.78
N ILE A 95 1.22 4.47 2.90
CA ILE A 95 2.29 4.22 3.86
C ILE A 95 3.37 3.38 3.18
N GLY A 96 2.95 2.25 2.62
CA GLY A 96 3.88 1.39 1.92
C GLY A 96 4.55 2.18 0.80
N TRP A 97 3.76 2.96 0.07
CA TRP A 97 4.29 3.75 -1.02
C TRP A 97 5.54 4.46 -0.53
N ALA A 98 5.42 5.08 0.63
CA ALA A 98 6.55 5.79 1.23
C ALA A 98 7.68 4.81 1.47
N SER A 99 7.33 3.59 1.83
CA SER A 99 8.34 2.57 2.08
C SER A 99 9.05 2.23 0.77
N ALA A 100 8.31 1.80 -0.24
CA ALA A 100 8.90 1.46 -1.51
C ALA A 100 9.64 2.66 -2.09
N PHE A 101 9.19 3.86 -1.70
CA PHE A 101 9.84 5.06 -2.20
C PHE A 101 10.99 5.45 -1.28
N ASP A 102 11.03 4.83 -0.10
CA ASP A 102 12.10 5.09 0.87
C ASP A 102 11.80 6.34 1.70
N LYS A 103 10.87 7.15 1.24
CA LYS A 103 10.51 8.37 1.97
C LYS A 103 10.21 8.06 3.44
N PRO A 104 10.71 8.85 4.35
CA PRO A 104 10.47 8.65 5.81
C PRO A 104 8.99 8.46 6.13
N ILE A 105 8.70 7.66 7.16
CA ILE A 105 7.31 7.39 7.54
C ILE A 105 7.04 7.64 9.03
N VAL A 106 5.82 8.08 9.31
CA VAL A 106 5.36 8.36 10.68
C VAL A 106 3.84 8.24 10.70
N LEU A 107 3.33 7.24 11.40
CA LEU A 107 1.89 7.04 11.44
C LEU A 107 1.29 7.46 12.77
N LEU A 108 0.02 7.83 12.72
CA LEU A 108 -0.71 8.23 13.92
C LEU A 108 -1.49 7.02 14.44
N LEU A 109 -0.76 6.07 15.00
CA LEU A 109 -1.38 4.86 15.53
C LEU A 109 -2.68 5.22 16.24
N GLU A 110 -3.71 4.41 16.04
CA GLU A 110 -5.00 4.68 16.67
C GLU A 110 -5.11 3.95 18.01
N GLU A 111 -4.09 4.08 18.84
CA GLU A 111 -4.09 3.42 20.14
C GLU A 111 -4.99 2.19 20.10
N GLY A 112 -4.92 1.44 19.01
CA GLY A 112 -5.73 0.25 18.85
C GLY A 112 -5.73 -0.21 17.39
N ARG A 113 -6.34 0.59 16.51
CA ARG A 113 -6.38 0.25 15.10
C ARG A 113 -4.96 -0.11 14.66
N GLU A 114 -4.03 0.74 15.07
CA GLU A 114 -2.62 0.54 14.77
C GLU A 114 -2.27 -0.91 15.07
N GLU A 115 -2.76 -1.38 16.21
CA GLU A 115 -2.51 -2.76 16.62
C GLU A 115 -3.09 -3.70 15.57
N GLU A 116 -4.25 -3.35 15.06
CA GLU A 116 -4.89 -4.16 14.03
C GLU A 116 -4.01 -4.17 12.79
N TYR A 117 -3.57 -2.99 12.37
CA TYR A 117 -2.70 -2.86 11.21
C TYR A 117 -1.64 -3.95 11.25
N GLY A 118 -0.83 -3.89 12.31
CA GLY A 118 0.24 -4.85 12.52
C GLY A 118 0.91 -5.24 11.22
N PHE A 119 0.32 -6.20 10.53
CA PHE A 119 0.85 -6.68 9.28
C PHE A 119 1.87 -5.70 8.66
N LEU A 120 1.39 -4.62 8.04
CA LEU A 120 2.30 -3.70 7.38
C LEU A 120 2.69 -2.51 8.24
N VAL A 121 1.74 -1.88 8.91
CA VAL A 121 2.11 -0.74 9.74
C VAL A 121 3.20 -1.16 10.72
N ARG A 122 3.07 -2.37 11.23
CA ARG A 122 4.06 -2.90 12.16
C ARG A 122 5.30 -3.34 11.40
N GLY A 123 5.11 -4.21 10.39
CA GLY A 123 6.24 -4.64 9.60
C GLY A 123 7.00 -3.44 9.07
N LEU A 124 6.31 -2.30 8.98
CA LEU A 124 6.93 -1.08 8.48
C LEU A 124 7.81 -0.46 9.57
N GLY A 125 7.23 -0.31 10.75
CA GLY A 125 7.97 0.25 11.87
C GLY A 125 9.26 -0.52 12.09
N THR A 126 9.26 -1.78 11.71
CA THR A 126 10.43 -2.62 11.89
C THR A 126 11.37 -2.57 10.68
N VAL A 127 10.80 -2.39 9.48
CA VAL A 127 11.63 -2.37 8.27
C VAL A 127 12.07 -0.95 7.89
N ALA A 128 11.11 -0.05 7.63
CA ALA A 128 11.47 1.31 7.22
C ALA A 128 11.14 2.32 8.30
N ALA A 129 11.68 3.53 8.14
CA ALA A 129 11.45 4.61 9.10
C ALA A 129 9.96 4.78 9.36
N VAL A 130 9.39 3.87 10.13
CA VAL A 130 7.98 3.95 10.42
C VAL A 130 7.75 4.17 11.91
N GLU A 131 7.61 5.43 12.29
CA GLU A 131 7.38 5.77 13.69
C GLU A 131 5.93 5.52 14.05
N PHE A 132 5.71 4.88 15.20
CA PHE A 132 4.36 4.57 15.65
C PHE A 132 3.90 5.54 16.74
N VAL A 133 3.13 6.55 16.34
CA VAL A 133 2.63 7.52 17.30
C VAL A 133 1.22 7.15 17.76
N HIS A 134 1.11 6.71 19.01
CA HIS A 134 -0.19 6.34 19.56
C HIS A 134 -0.91 7.61 20.01
N TYR A 135 -2.10 7.85 19.46
CA TYR A 135 -2.85 9.05 19.81
C TYR A 135 -4.25 8.75 20.32
N LYS A 136 -4.66 9.48 21.34
CA LYS A 136 -5.99 9.35 21.90
C LYS A 136 -6.73 10.67 21.70
N ASP A 137 -5.95 11.75 21.71
CA ASP A 137 -6.48 13.09 21.50
C ASP A 137 -5.61 13.81 20.48
N ILE A 138 -6.20 14.76 19.76
CA ILE A 138 -5.45 15.48 18.73
C ILE A 138 -4.57 16.58 19.35
N ALA A 139 -5.16 17.42 20.21
CA ALA A 139 -4.41 18.48 20.86
C ALA A 139 -3.12 17.92 21.45
N LEU A 140 -2.95 16.61 21.31
CA LEU A 140 -1.77 15.92 21.81
C LEU A 140 -1.03 15.22 20.69
N ALA A 141 -1.79 14.61 19.78
CA ALA A 141 -1.19 13.90 18.66
C ALA A 141 -0.33 14.82 17.81
N LYS A 142 -0.59 16.13 17.91
CA LYS A 142 0.19 17.08 17.13
C LYS A 142 1.66 17.09 17.56
N PRO A 143 1.92 17.46 18.78
CA PRO A 143 3.32 17.50 19.32
C PRO A 143 3.92 16.10 19.47
N GLN A 144 3.05 15.10 19.62
CA GLN A 144 3.52 13.73 19.76
C GLN A 144 3.92 13.20 18.40
N ILE A 145 3.20 13.65 17.38
CA ILE A 145 3.47 13.22 16.01
C ILE A 145 4.67 13.97 15.46
N ASP A 146 4.78 15.25 15.81
CA ASP A 146 5.89 16.07 15.34
C ASP A 146 7.16 15.72 16.11
N ALA A 147 7.00 15.32 17.37
CA ALA A 147 8.14 14.95 18.20
C ALA A 147 8.69 13.61 17.71
N ALA A 148 7.79 12.66 17.47
CA ALA A 148 8.19 11.35 16.98
C ALA A 148 8.69 11.48 15.54
N ILE A 149 8.12 12.44 14.81
CA ILE A 149 8.52 12.68 13.43
C ILE A 149 9.97 13.14 13.39
N ARG A 150 10.30 14.07 14.28
CA ARG A 150 11.66 14.60 14.34
C ARG A 150 12.61 13.53 14.87
N LYS A 151 12.10 12.68 15.75
CA LYS A 151 12.91 11.61 16.32
C LYS A 151 13.29 10.60 15.23
N VAL A 152 12.29 10.15 14.49
CA VAL A 152 12.53 9.20 13.42
C VAL A 152 13.43 9.82 12.35
N VAL A 153 13.23 11.11 12.10
CA VAL A 153 14.02 11.82 11.10
C VAL A 153 15.48 11.93 11.55
N ASP A 154 15.69 12.07 12.86
CA ASP A 154 17.03 12.19 13.40
C ASP A 154 17.76 10.85 13.40
N ARG A 155 17.00 9.78 13.60
CA ARG A 155 17.58 8.44 13.62
C ARG A 155 17.76 7.91 12.19
N VAL A 156 17.01 8.47 11.25
CA VAL A 156 17.11 8.03 9.85
C VAL A 156 17.85 9.05 9.00
N ASN A 157 18.10 10.22 9.57
CA ASN A 157 18.80 11.27 8.83
C ASN A 157 20.05 11.71 9.59
N ASN A 158 19.91 11.87 10.90
CA ASN A 158 21.03 12.29 11.73
C ASN A 158 21.55 11.13 12.58
N PRO A 159 22.42 10.35 12.01
CA PRO A 159 23.02 9.17 12.69
C PRO A 159 24.23 9.54 13.56
N ALA A 160 24.80 10.71 13.30
CA ALA A 160 25.97 11.17 14.04
C ALA A 160 27.25 10.67 13.37
N ALA A 161 27.62 11.30 12.26
CA ALA A 161 28.82 10.90 11.53
C ALA A 161 29.06 11.85 10.36
N THR A 162 30.33 12.06 10.03
CA THR A 162 30.67 12.94 8.92
C THR A 162 30.87 12.14 7.64
N PRO A 163 31.57 11.04 7.71
CA PRO A 163 31.85 10.17 6.53
C PRO A 163 30.55 9.72 5.85
N LYS B 1 18.45 -9.86 -20.72
CA LYS B 1 17.47 -8.77 -20.46
C LYS B 1 16.15 -9.09 -21.16
N ALA B 2 15.90 -10.36 -21.41
CA ALA B 2 14.66 -10.78 -22.07
C ALA B 2 13.55 -9.78 -21.77
N GLY B 3 13.06 -9.82 -20.54
CA GLY B 3 11.99 -8.91 -20.13
C GLY B 3 11.49 -9.26 -18.73
N VAL B 4 10.93 -10.45 -18.58
CA VAL B 4 10.41 -10.89 -17.29
C VAL B 4 11.27 -12.02 -16.72
N ARG B 5 12.45 -11.66 -16.22
CA ARG B 5 13.35 -12.65 -15.64
C ARG B 5 12.87 -13.12 -14.27
N SER B 6 11.97 -12.34 -13.67
CA SER B 6 11.44 -12.69 -12.36
C SER B 6 10.14 -11.94 -12.09
N VAL B 7 9.07 -12.69 -11.88
CA VAL B 7 7.76 -12.08 -11.63
C VAL B 7 7.35 -12.21 -10.16
N PHE B 8 6.87 -11.10 -9.57
CA PHE B 8 6.43 -11.10 -8.18
C PHE B 8 4.90 -11.21 -8.12
N LEU B 9 4.39 -12.03 -7.20
CA LEU B 9 2.94 -12.21 -7.08
C LEU B 9 2.50 -12.27 -5.61
N ALA B 10 1.42 -11.55 -5.31
CA ALA B 10 0.89 -11.51 -3.95
C ALA B 10 -0.64 -11.50 -3.97
N GLY B 11 -1.25 -12.35 -3.16
CA GLY B 11 -2.71 -12.43 -3.11
C GLY B 11 -3.27 -11.37 -2.17
N PRO B 12 -4.57 -11.30 -2.03
CA PRO B 12 -5.22 -10.30 -1.15
C PRO B 12 -4.83 -10.47 0.31
N PHE B 13 -3.74 -11.21 0.55
CA PHE B 13 -3.27 -11.43 1.92
C PHE B 13 -4.22 -10.80 2.94
N MET B 14 -3.68 -9.99 3.83
CA MET B 14 -4.51 -9.34 4.85
C MET B 14 -5.99 -9.42 4.48
N GLY B 15 -6.30 -9.17 3.21
CA GLY B 15 -7.69 -9.21 2.75
C GLY B 15 -8.25 -10.63 2.84
N LEU B 16 -7.81 -11.49 1.91
CA LEU B 16 -8.29 -12.87 1.91
C LEU B 16 -8.33 -13.43 3.32
N VAL B 17 -7.42 -12.97 4.16
CA VAL B 17 -7.36 -13.43 5.55
C VAL B 17 -8.07 -12.45 6.46
N ASN B 18 -8.44 -12.91 7.64
CA ASN B 18 -9.11 -12.05 8.59
C ASN B 18 -8.12 -11.01 9.12
N PRO B 19 -8.40 -9.77 8.87
CA PRO B 19 -7.56 -8.63 9.30
C PRO B 19 -6.65 -8.96 10.48
N GLU B 20 -5.60 -9.73 10.19
CA GLU B 20 -4.63 -10.12 11.21
C GLU B 20 -4.89 -11.51 11.76
N THR B 21 -5.11 -12.47 10.85
CA THR B 21 -5.36 -13.85 11.24
C THR B 21 -4.67 -14.78 10.26
N ASN B 22 -5.05 -16.05 10.29
CA ASN B 22 -4.44 -17.03 9.39
C ASN B 22 -5.53 -17.84 8.69
N SER B 23 -5.85 -17.44 7.46
CA SER B 23 -6.86 -18.13 6.67
C SER B 23 -6.65 -17.90 5.19
N MET B 24 -5.73 -18.66 4.60
CA MET B 24 -5.44 -18.53 3.18
C MET B 24 -5.93 -19.76 2.42
N PRO B 25 -7.02 -19.62 1.71
CA PRO B 25 -7.63 -20.73 0.92
C PRO B 25 -6.60 -21.53 0.13
N SER B 26 -6.45 -22.81 0.48
CA SER B 26 -5.50 -23.67 -0.20
C SER B 26 -5.82 -23.77 -1.68
N ALA B 27 -7.08 -24.03 -2.00
CA ALA B 27 -7.50 -24.15 -3.39
C ALA B 27 -7.10 -22.90 -4.18
N GLU B 28 -6.80 -21.82 -3.47
CA GLU B 28 -6.39 -20.58 -4.11
C GLU B 28 -4.88 -20.58 -4.28
N GLN B 29 -4.17 -21.07 -3.26
CA GLN B 29 -2.71 -21.12 -3.30
C GLN B 29 -2.24 -21.97 -4.46
N LEU B 30 -2.87 -23.11 -4.66
CA LEU B 30 -2.47 -23.96 -5.77
C LEU B 30 -2.57 -23.21 -7.08
N PRO B 31 -3.72 -22.65 -7.37
CA PRO B 31 -3.92 -21.86 -8.62
C PRO B 31 -2.79 -20.84 -8.80
N PHE B 32 -2.47 -20.17 -7.69
CA PHE B 32 -1.40 -19.18 -7.68
C PHE B 32 -0.08 -19.84 -8.03
N LEU B 33 0.25 -20.89 -7.31
CA LEU B 33 1.49 -21.60 -7.55
C LEU B 33 1.47 -22.19 -8.97
N THR B 34 0.26 -22.43 -9.48
CA THR B 34 0.12 -22.95 -10.83
C THR B 34 0.67 -21.90 -11.80
N LEU B 35 0.14 -20.69 -11.69
CA LEU B 35 0.61 -19.60 -12.53
C LEU B 35 2.08 -19.33 -12.19
N ILE B 36 2.28 -18.95 -10.94
CA ILE B 36 3.61 -18.69 -10.44
C ILE B 36 4.55 -19.79 -10.92
N GLU B 37 3.97 -20.94 -11.26
CA GLU B 37 4.74 -22.07 -11.77
C GLU B 37 5.10 -21.84 -13.22
N HIS B 38 4.10 -21.51 -14.03
CA HIS B 38 4.35 -21.23 -15.44
C HIS B 38 5.34 -20.07 -15.53
N PHE B 39 5.49 -19.40 -14.40
CA PHE B 39 6.40 -18.27 -14.29
C PHE B 39 7.82 -18.78 -14.17
N GLU B 40 8.07 -19.52 -13.09
CA GLU B 40 9.39 -20.08 -12.84
C GLU B 40 9.74 -21.06 -13.95
N LYS B 41 8.71 -21.55 -14.64
CA LYS B 41 8.91 -22.50 -15.73
C LYS B 41 9.25 -21.76 -17.03
N GLN B 42 8.54 -20.66 -17.29
CA GLN B 42 8.79 -19.88 -18.50
C GLN B 42 10.17 -19.21 -18.40
N GLY B 43 10.58 -18.95 -17.17
CA GLY B 43 11.87 -18.31 -16.91
C GLY B 43 11.65 -17.02 -16.11
N LEU B 44 10.50 -16.97 -15.45
CA LEU B 44 10.13 -15.81 -14.65
C LEU B 44 10.22 -16.15 -13.17
N GLU B 45 11.36 -15.83 -12.58
CA GLU B 45 11.59 -16.09 -11.16
C GLU B 45 10.50 -15.42 -10.34
N VAL B 46 9.61 -16.24 -9.78
CA VAL B 46 8.51 -15.73 -8.99
C VAL B 46 9.01 -15.17 -7.65
N PHE B 47 8.45 -14.04 -7.26
CA PHE B 47 8.83 -13.39 -6.01
C PHE B 47 7.59 -13.11 -5.17
N ASN B 48 7.49 -13.75 -4.00
CA ASN B 48 6.35 -13.56 -3.11
C ASN B 48 5.63 -14.89 -2.87
N ALA B 49 4.31 -14.86 -2.96
CA ALA B 49 3.50 -16.06 -2.76
C ALA B 49 3.87 -16.74 -1.44
N HIS B 50 5.03 -17.40 -1.43
CA HIS B 50 5.52 -18.09 -0.24
C HIS B 50 4.89 -19.48 -0.11
N ARG B 51 4.04 -19.84 -1.06
CA ARG B 51 3.39 -21.15 -1.07
C ARG B 51 3.44 -21.81 0.31
N ARG B 52 4.17 -22.91 0.39
CA ARG B 52 4.31 -23.67 1.63
C ARG B 52 3.71 -22.91 2.80
N GLU B 53 4.44 -21.91 3.27
CA GLU B 53 3.99 -21.10 4.41
C GLU B 53 2.96 -20.07 3.99
N ALA B 54 3.06 -19.60 2.75
CA ALA B 54 2.13 -18.60 2.25
C ALA B 54 0.71 -18.96 2.63
N TRP B 55 0.48 -20.24 2.81
CA TRP B 55 -0.85 -20.70 3.17
C TRP B 55 -0.80 -21.73 4.30
N GLY B 56 0.35 -22.39 4.45
CA GLY B 56 0.50 -23.35 5.53
C GLY B 56 0.38 -22.61 6.86
N ALA B 57 0.55 -21.30 6.78
CA ALA B 57 0.47 -20.42 7.94
C ALA B 57 0.01 -19.03 7.49
N GLN B 58 0.18 -18.78 6.20
CA GLN B 58 -0.21 -17.52 5.57
C GLN B 58 -0.15 -16.35 6.55
N VAL B 59 -0.75 -15.24 6.15
CA VAL B 59 -0.77 -14.04 6.97
C VAL B 59 0.50 -13.94 7.80
N LEU B 60 1.62 -14.24 7.15
CA LEU B 60 2.92 -14.20 7.80
C LEU B 60 3.05 -12.90 8.58
N THR B 61 3.18 -13.02 9.90
CA THR B 61 3.30 -11.86 10.76
C THR B 61 4.11 -10.77 10.07
N PRO B 62 3.73 -9.55 10.31
CA PRO B 62 4.39 -8.36 9.71
C PRO B 62 5.90 -8.52 9.65
N GLU B 63 6.44 -9.23 10.66
CA GLU B 63 7.88 -9.44 10.74
C GLU B 63 8.36 -10.37 9.62
N GLU B 64 7.46 -10.69 8.71
CA GLU B 64 7.81 -11.57 7.61
C GLU B 64 7.11 -11.12 6.33
N CYS B 65 5.80 -10.92 6.41
CA CYS B 65 5.03 -10.50 5.25
C CYS B 65 5.45 -9.11 4.78
N THR B 66 5.74 -8.22 5.72
CA THR B 66 6.14 -6.86 5.35
C THR B 66 7.57 -6.85 4.82
N PRO B 67 8.51 -7.27 5.62
CA PRO B 67 9.93 -7.33 5.22
C PRO B 67 10.12 -7.94 3.83
N LEU B 68 9.57 -9.13 3.63
CA LEU B 68 9.69 -9.80 2.33
C LEU B 68 8.86 -9.10 1.27
N ASP B 69 7.63 -8.72 1.61
CA ASP B 69 6.77 -8.06 0.64
C ASP B 69 7.43 -6.80 0.12
N GLN B 70 7.96 -5.99 1.03
CA GLN B 70 8.62 -4.74 0.66
C GLN B 70 9.85 -5.01 -0.20
N LEU B 71 10.72 -5.88 0.30
CA LEU B 71 11.94 -6.21 -0.44
C LEU B 71 11.57 -6.76 -1.80
N GLU B 72 10.56 -7.64 -1.82
CA GLU B 72 10.12 -8.23 -3.06
C GLU B 72 9.66 -7.16 -4.03
N ILE B 73 9.09 -6.08 -3.48
CA ILE B 73 8.63 -4.98 -4.32
C ILE B 73 9.82 -4.35 -5.02
N ARG B 74 10.76 -3.84 -4.22
CA ARG B 74 11.96 -3.22 -4.78
C ARG B 74 12.86 -4.27 -5.44
N LYS B 75 12.51 -5.55 -5.28
CA LYS B 75 13.32 -6.62 -5.87
C LYS B 75 12.72 -7.13 -7.17
N ALA B 76 11.66 -7.92 -7.04
CA ALA B 76 10.99 -8.51 -8.20
C ALA B 76 11.14 -7.64 -9.45
N ASP B 77 11.52 -8.28 -10.56
CA ASP B 77 11.68 -7.58 -11.83
C ASP B 77 10.33 -7.05 -12.31
N VAL B 78 9.32 -7.92 -12.29
CA VAL B 78 7.98 -7.54 -12.71
C VAL B 78 7.04 -7.65 -11.53
N PHE B 79 6.60 -6.51 -11.00
CA PHE B 79 5.72 -6.54 -9.85
C PHE B 79 4.28 -6.76 -10.28
N VAL B 80 3.78 -7.96 -10.01
CA VAL B 80 2.43 -8.30 -10.36
C VAL B 80 1.71 -8.89 -9.14
N ALA B 81 0.46 -8.50 -8.95
CA ALA B 81 -0.29 -8.98 -7.80
C ALA B 81 -1.72 -9.36 -8.21
N ILE B 82 -2.51 -9.78 -7.23
CA ILE B 82 -3.88 -10.17 -7.49
C ILE B 82 -4.83 -9.46 -6.55
N PRO B 83 -5.59 -8.52 -7.06
CA PRO B 83 -6.59 -7.77 -6.27
C PRO B 83 -7.22 -8.67 -5.22
N GLY B 84 -8.37 -9.14 -5.57
CA GLY B 84 -9.14 -10.04 -4.71
C GLY B 84 -9.87 -9.27 -3.61
N ILE B 85 -10.56 -8.20 -3.99
CA ILE B 85 -11.30 -7.39 -3.01
C ILE B 85 -11.70 -8.23 -1.80
N PRO B 86 -11.90 -7.59 -0.67
CA PRO B 86 -11.76 -6.11 -0.53
C PRO B 86 -10.35 -5.64 -0.87
N PRO B 87 -10.19 -4.37 -1.14
CA PRO B 87 -8.86 -3.78 -1.49
C PRO B 87 -7.76 -4.35 -0.61
N SER B 88 -7.45 -5.62 -0.84
CA SER B 88 -6.41 -6.29 -0.06
C SER B 88 -5.34 -5.29 0.37
N PRO B 89 -5.38 -4.88 1.60
CA PRO B 89 -4.40 -3.90 2.15
C PRO B 89 -2.97 -4.39 2.01
N GLY B 90 -2.79 -5.70 2.17
CA GLY B 90 -1.46 -6.30 2.03
C GLY B 90 -0.99 -6.15 0.59
N THR B 91 -1.75 -6.75 -0.33
CA THR B 91 -1.40 -6.64 -1.74
C THR B 91 -1.30 -5.17 -2.10
N HIS B 92 -2.46 -4.50 -2.14
CA HIS B 92 -2.48 -3.08 -2.44
C HIS B 92 -1.17 -2.43 -2.04
N VAL B 93 -0.94 -2.32 -0.74
CA VAL B 93 0.29 -1.72 -0.25
C VAL B 93 1.46 -2.24 -1.07
N GLU B 94 1.39 -3.51 -1.43
CA GLU B 94 2.42 -4.11 -2.25
C GLU B 94 2.37 -3.53 -3.65
N ILE B 95 1.16 -3.36 -4.18
CA ILE B 95 0.98 -2.78 -5.48
C ILE B 95 1.52 -1.36 -5.48
N GLY B 96 1.03 -0.56 -4.54
CA GLY B 96 1.49 0.80 -4.39
C GLY B 96 3.00 0.81 -4.18
N TRP B 97 3.48 -0.09 -3.34
CA TRP B 97 4.91 -0.19 -3.07
C TRP B 97 5.67 -0.18 -4.38
N ALA B 98 5.21 -1.00 -5.31
CA ALA B 98 5.84 -1.07 -6.62
C ALA B 98 5.74 0.28 -7.30
N SER B 99 4.63 0.97 -7.05
CA SER B 99 4.43 2.29 -7.64
C SER B 99 5.45 3.28 -7.07
N ALA B 100 5.46 3.42 -5.75
CA ALA B 100 6.39 4.31 -5.10
C ALA B 100 7.82 3.89 -5.40
N PHE B 101 8.01 2.62 -5.74
CA PHE B 101 9.33 2.13 -6.05
C PHE B 101 9.60 2.22 -7.55
N ASP B 102 8.54 2.48 -8.31
CA ASP B 102 8.64 2.61 -9.76
C ASP B 102 8.64 1.26 -10.45
N LYS B 103 8.88 0.19 -9.68
CA LYS B 103 8.89 -1.16 -10.25
C LYS B 103 7.61 -1.41 -11.06
N PRO B 104 7.75 -1.94 -12.26
CA PRO B 104 6.60 -2.25 -13.15
C PRO B 104 5.49 -3.00 -12.41
N ILE B 105 4.23 -2.72 -12.76
CA ILE B 105 3.11 -3.38 -12.09
C ILE B 105 2.14 -4.07 -13.07
N VAL B 106 1.58 -5.19 -12.60
CA VAL B 106 0.61 -5.98 -13.37
C VAL B 106 -0.28 -6.74 -12.40
N LEU B 107 -1.56 -6.38 -12.35
CA LEU B 107 -2.48 -7.01 -11.42
C LEU B 107 -3.42 -7.99 -12.13
N LEU B 108 -3.87 -8.97 -11.37
CA LEU B 108 -4.79 -9.97 -11.89
C LEU B 108 -6.21 -9.58 -11.50
N LEU B 109 -6.71 -8.52 -12.11
CA LEU B 109 -8.06 -8.03 -11.82
C LEU B 109 -9.02 -9.20 -11.62
N GLU B 110 -9.88 -9.08 -10.62
CA GLU B 110 -10.82 -10.17 -10.35
C GLU B 110 -12.14 -9.93 -11.08
N GLU B 111 -12.06 -9.69 -12.39
CA GLU B 111 -13.25 -9.44 -13.19
C GLU B 111 -14.39 -8.97 -12.32
N GLY B 112 -14.08 -8.05 -11.40
CA GLY B 112 -15.11 -7.51 -10.49
C GLY B 112 -14.44 -6.82 -9.31
N ARG B 113 -13.77 -7.60 -8.47
CA ARG B 113 -13.08 -7.03 -7.33
C ARG B 113 -12.25 -5.86 -7.81
N GLU B 114 -11.52 -6.11 -8.89
CA GLU B 114 -10.70 -5.10 -9.51
C GLU B 114 -11.51 -3.81 -9.62
N GLU B 115 -12.75 -3.97 -10.05
CA GLU B 115 -13.64 -2.83 -10.18
C GLU B 115 -13.80 -2.16 -8.84
N GLU B 116 -13.91 -2.97 -7.80
CA GLU B 116 -14.04 -2.44 -6.44
C GLU B 116 -12.77 -1.67 -6.09
N TYR B 117 -11.61 -2.27 -6.39
CA TYR B 117 -10.34 -1.61 -6.13
C TYR B 117 -10.41 -0.17 -6.58
N GLY B 118 -10.59 0.00 -7.90
CA GLY B 118 -10.68 1.32 -8.52
C GLY B 118 -9.71 2.30 -7.90
N PHE B 119 -10.11 2.87 -6.77
CA PHE B 119 -9.29 3.84 -6.08
C PHE B 119 -7.81 3.77 -6.50
N LEU B 120 -7.09 2.78 -5.99
CA LEU B 120 -5.66 2.71 -6.29
C LEU B 120 -5.33 1.77 -7.43
N VAL B 121 -5.94 0.60 -7.49
CA VAL B 121 -5.62 -0.29 -8.59
C VAL B 121 -5.88 0.42 -9.90
N ARG B 122 -6.98 1.18 -9.94
CA ARG B 122 -7.32 1.94 -11.12
C ARG B 122 -6.41 3.16 -11.23
N GLY B 123 -6.36 3.97 -10.18
CA GLY B 123 -5.49 5.13 -10.21
C GLY B 123 -4.08 4.73 -10.56
N LEU B 124 -3.75 3.45 -10.32
CA LEU B 124 -2.43 2.95 -10.63
C LEU B 124 -2.30 2.70 -12.12
N GLY B 125 -3.28 1.99 -12.68
CA GLY B 125 -3.27 1.71 -14.11
C GLY B 125 -3.14 2.99 -14.91
N THR B 126 -3.63 4.09 -14.33
CA THR B 126 -3.56 5.37 -15.01
C THR B 126 -2.27 6.12 -14.69
N VAL B 127 -1.71 5.92 -13.50
CA VAL B 127 -0.49 6.63 -13.13
C VAL B 127 0.79 5.84 -13.45
N ALA B 128 0.95 4.66 -12.84
CA ALA B 128 2.16 3.86 -13.09
C ALA B 128 1.86 2.61 -13.92
N ALA B 129 2.93 1.99 -14.43
CA ALA B 129 2.79 0.78 -15.24
C ALA B 129 1.93 -0.25 -14.53
N VAL B 130 0.64 -0.02 -14.53
CA VAL B 130 -0.28 -0.94 -13.88
C VAL B 130 -1.21 -1.57 -14.89
N GLU B 131 -0.86 -2.77 -15.33
CA GLU B 131 -1.68 -3.49 -16.30
C GLU B 131 -2.83 -4.16 -15.58
N PHE B 132 -4.02 -4.06 -16.17
CA PHE B 132 -5.19 -4.66 -15.56
C PHE B 132 -5.58 -5.94 -16.28
N VAL B 133 -5.21 -7.08 -15.71
CA VAL B 133 -5.54 -8.36 -16.31
C VAL B 133 -6.80 -8.94 -15.67
N HIS B 134 -7.90 -8.94 -16.42
CA HIS B 134 -9.15 -9.50 -15.91
C HIS B 134 -9.12 -11.01 -16.09
N TYR B 135 -9.28 -11.74 -14.99
CA TYR B 135 -9.24 -13.20 -15.06
C TYR B 135 -10.49 -13.83 -14.43
N LYS B 136 -10.93 -14.91 -15.07
CA LYS B 136 -12.07 -15.68 -14.60
C LYS B 136 -11.59 -17.09 -14.30
N ASP B 137 -10.62 -17.52 -15.11
CA ASP B 137 -10.02 -18.83 -14.94
C ASP B 137 -8.50 -18.67 -14.92
N ILE B 138 -7.82 -19.56 -14.19
CA ILE B 138 -6.36 -19.50 -14.09
C ILE B 138 -5.69 -20.03 -15.35
N ALA B 139 -6.08 -21.22 -15.78
CA ALA B 139 -5.50 -21.81 -16.97
C ALA B 139 -5.49 -20.79 -18.11
N LEU B 140 -6.06 -19.62 -17.81
CA LEU B 140 -6.13 -18.54 -18.79
C LEU B 140 -5.41 -17.31 -18.28
N ALA B 141 -5.58 -17.03 -16.99
CA ALA B 141 -4.95 -15.87 -16.37
C ALA B 141 -3.43 -15.93 -16.50
N LYS B 142 -2.91 -17.13 -16.72
CA LYS B 142 -1.46 -17.31 -16.86
C LYS B 142 -0.96 -16.58 -18.10
N PRO B 143 -1.39 -17.02 -19.25
CA PRO B 143 -0.97 -16.41 -20.54
C PRO B 143 -1.52 -15.00 -20.72
N GLN B 144 -2.62 -14.71 -20.05
CA GLN B 144 -3.21 -13.38 -20.15
C GLN B 144 -2.41 -12.43 -19.26
N ILE B 145 -1.91 -12.95 -18.15
CA ILE B 145 -1.13 -12.15 -17.24
C ILE B 145 0.29 -11.96 -17.77
N ASP B 146 0.82 -13.01 -18.39
CA ASP B 146 2.17 -12.95 -18.95
C ASP B 146 2.17 -12.15 -20.23
N ALA B 147 1.06 -12.20 -20.96
CA ALA B 147 0.95 -11.46 -22.21
C ALA B 147 0.83 -9.97 -21.89
N ALA B 148 -0.04 -9.65 -20.94
CA ALA B 148 -0.22 -8.27 -20.53
C ALA B 148 1.03 -7.77 -19.83
N ILE B 149 1.72 -8.67 -19.16
CA ILE B 149 2.94 -8.33 -18.46
C ILE B 149 4.00 -7.89 -19.45
N ARG B 150 4.14 -8.67 -20.52
CA ARG B 150 5.12 -8.36 -21.56
C ARG B 150 4.70 -7.10 -22.31
N LYS B 151 3.40 -6.88 -22.42
CA LYS B 151 2.89 -5.70 -23.11
C LYS B 151 3.23 -4.44 -22.31
N VAL B 152 2.89 -4.46 -21.03
CA VAL B 152 3.17 -3.32 -20.16
C VAL B 152 4.68 -3.08 -20.09
N VAL B 153 5.45 -4.16 -20.12
CA VAL B 153 6.89 -4.07 -20.05
C VAL B 153 7.46 -3.45 -21.32
N ASP B 154 6.81 -3.73 -22.45
CA ASP B 154 7.27 -3.21 -23.74
C ASP B 154 6.91 -1.73 -23.88
N ARG B 155 5.80 -1.33 -23.28
CA ARG B 155 5.36 0.06 -23.35
C ARG B 155 6.07 0.91 -22.31
N VAL B 156 6.56 0.27 -21.25
CA VAL B 156 7.24 1.01 -20.19
C VAL B 156 8.76 0.80 -20.27
N ASN B 157 9.18 -0.14 -21.11
CA ASN B 157 10.60 -0.42 -21.26
C ASN B 157 11.03 -0.29 -22.72
N ASN B 158 10.20 -0.77 -23.63
CA ASN B 158 10.50 -0.68 -25.05
C ASN B 158 9.60 0.34 -25.74
N PRO B 159 9.99 1.58 -25.71
CA PRO B 159 9.21 2.70 -26.32
C PRO B 159 9.52 2.88 -27.80
N ALA B 160 10.64 2.31 -28.25
CA ALA B 160 11.05 2.42 -29.64
C ALA B 160 11.88 3.68 -29.85
N ALA B 161 13.14 3.62 -29.43
CA ALA B 161 14.04 4.77 -29.56
C ALA B 161 15.45 4.40 -29.09
N THR B 162 16.45 5.04 -29.69
CA THR B 162 17.83 4.77 -29.32
C THR B 162 18.33 5.82 -28.33
N PRO B 163 18.04 7.07 -28.57
CA PRO B 163 18.47 8.19 -27.69
C PRO B 163 18.00 7.98 -26.25
N LYS A 1 16.42 21.34 5.72
CA LYS A 1 17.54 21.56 6.68
C LYS A 1 16.97 21.77 8.08
N ALA A 2 16.19 20.80 8.55
CA ALA A 2 15.58 20.87 9.87
C ALA A 2 14.94 19.53 10.22
N GLY A 3 13.95 19.57 11.11
CA GLY A 3 13.26 18.35 11.50
C GLY A 3 12.14 18.03 10.51
N VAL A 4 11.43 19.07 10.08
CA VAL A 4 10.33 18.88 9.14
C VAL A 4 10.22 20.08 8.20
N ARG A 5 10.27 19.81 6.90
CA ARG A 5 10.15 20.86 5.90
C ARG A 5 8.78 20.80 5.25
N SER A 6 8.22 19.59 5.21
CA SER A 6 6.91 19.37 4.62
C SER A 6 6.31 18.08 5.14
N VAL A 7 5.14 18.16 5.75
CA VAL A 7 4.51 16.95 6.30
C VAL A 7 3.38 16.44 5.42
N PHE A 8 3.32 15.12 5.27
CA PHE A 8 2.27 14.48 4.50
C PHE A 8 1.22 13.89 5.45
N LEU A 9 -0.05 14.00 5.08
CA LEU A 9 -1.11 13.47 5.92
C LEU A 9 -2.21 12.83 5.08
N ALA A 10 -2.68 11.67 5.50
CA ALA A 10 -3.72 10.96 4.78
C ALA A 10 -4.66 10.24 5.74
N GLY A 11 -5.85 9.94 5.26
CA GLY A 11 -6.84 9.24 6.07
C GLY A 11 -7.02 7.82 5.56
N PRO A 12 -7.95 7.10 6.12
CA PRO A 12 -8.22 5.70 5.71
C PRO A 12 -8.98 5.63 4.39
N PHE A 13 -9.06 6.76 3.69
CA PHE A 13 -9.75 6.83 2.41
C PHE A 13 -10.47 5.53 2.10
N MET A 14 -10.35 5.08 0.85
CA MET A 14 -11.00 3.86 0.42
C MET A 14 -11.71 3.17 1.59
N GLY A 15 -10.93 2.79 2.60
CA GLY A 15 -11.47 2.13 3.78
C GLY A 15 -12.40 3.05 4.57
N LEU A 16 -11.81 4.01 5.29
CA LEU A 16 -12.61 4.94 6.08
C LEU A 16 -13.97 5.18 5.44
N VAL A 17 -13.98 5.26 4.12
CA VAL A 17 -15.22 5.49 3.40
C VAL A 17 -15.64 4.25 2.62
N ASN A 18 -16.95 4.05 2.51
CA ASN A 18 -17.46 2.92 1.77
C ASN A 18 -16.79 2.88 0.41
N PRO A 19 -16.54 1.70 -0.07
CA PRO A 19 -15.88 1.47 -1.37
C PRO A 19 -16.17 2.58 -2.39
N GLU A 20 -15.49 3.71 -2.23
CA GLU A 20 -15.67 4.83 -3.14
C GLU A 20 -16.97 5.57 -2.87
N THR A 21 -17.15 6.04 -1.63
CA THR A 21 -18.35 6.77 -1.27
C THR A 21 -18.74 6.49 0.19
N ASN A 22 -18.68 7.53 1.02
CA ASN A 22 -19.03 7.38 2.43
C ASN A 22 -19.37 8.73 3.04
N SER A 23 -18.67 9.09 4.11
CA SER A 23 -18.90 10.36 4.79
C SER A 23 -17.69 10.72 5.63
N MET A 24 -16.51 10.68 5.01
CA MET A 24 -15.28 11.02 5.70
C MET A 24 -15.59 11.73 7.02
N PRO A 25 -15.46 11.04 8.11
CA PRO A 25 -15.74 11.61 9.46
C PRO A 25 -15.24 13.04 9.62
N SER A 26 -16.18 13.97 9.66
CA SER A 26 -15.83 15.38 9.82
C SER A 26 -14.84 15.57 10.95
N ALA A 27 -15.23 15.11 12.14
CA ALA A 27 -14.39 15.24 13.33
C ALA A 27 -13.01 14.63 13.08
N GLU A 28 -12.87 13.85 12.03
CA GLU A 28 -11.58 13.22 11.71
C GLU A 28 -10.77 14.14 10.81
N GLN A 29 -11.45 14.79 9.88
CA GLN A 29 -10.82 15.72 8.96
C GLN A 29 -10.29 16.93 9.70
N LEU A 30 -11.19 17.60 10.37
CA LEU A 30 -10.82 18.79 11.13
C LEU A 30 -9.54 18.52 11.91
N PRO A 31 -9.46 17.37 12.52
CA PRO A 31 -8.25 16.96 13.29
C PRO A 31 -7.01 16.96 12.40
N PHE A 32 -7.07 16.24 11.28
CA PHE A 32 -5.95 16.19 10.37
C PHE A 32 -5.55 17.60 9.96
N LEU A 33 -6.57 18.43 9.72
CA LEU A 33 -6.32 19.80 9.33
C LEU A 33 -5.87 20.62 10.54
N THR A 34 -6.12 20.08 11.74
CA THR A 34 -5.71 20.75 12.97
C THR A 34 -4.19 20.63 13.06
N LEU A 35 -3.72 19.40 12.89
CA LEU A 35 -2.29 19.16 12.89
C LEU A 35 -1.71 19.83 11.66
N ILE A 36 -2.47 19.74 10.58
CA ILE A 36 -2.08 20.38 9.33
C ILE A 36 -1.98 21.88 9.58
N GLU A 37 -2.72 22.35 10.59
CA GLU A 37 -2.71 23.75 10.96
C GLU A 37 -1.36 24.06 11.61
N HIS A 38 -0.92 23.17 12.50
CA HIS A 38 0.36 23.33 13.16
C HIS A 38 1.48 23.04 12.15
N PHE A 39 1.10 22.46 11.03
CA PHE A 39 2.05 22.18 9.97
C PHE A 39 2.32 23.45 9.19
N GLU A 40 1.26 24.17 8.86
CA GLU A 40 1.37 25.42 8.15
C GLU A 40 1.85 26.49 9.11
N LYS A 41 1.65 26.23 10.41
CA LYS A 41 2.08 27.17 11.44
C LYS A 41 3.58 27.05 11.66
N GLN A 42 4.07 25.81 11.70
CA GLN A 42 5.50 25.58 11.90
C GLN A 42 6.26 25.90 10.62
N GLY A 43 5.66 25.52 9.49
CA GLY A 43 6.28 25.75 8.19
C GLY A 43 6.37 24.44 7.43
N LEU A 44 5.67 23.44 7.93
CA LEU A 44 5.67 22.12 7.32
C LEU A 44 4.67 22.07 6.17
N GLU A 45 5.18 22.08 4.95
CA GLU A 45 4.32 22.01 3.78
C GLU A 45 3.50 20.74 3.84
N VAL A 46 2.19 20.88 3.92
CA VAL A 46 1.32 19.73 4.00
C VAL A 46 1.14 19.08 2.64
N PHE A 47 1.05 17.75 2.63
CA PHE A 47 0.88 17.03 1.38
C PHE A 47 -0.11 15.89 1.55
N ASN A 48 -1.28 16.05 0.92
CA ASN A 48 -2.34 15.04 0.99
C ASN A 48 -3.60 15.61 1.64
N ALA A 49 -4.21 14.83 2.54
CA ALA A 49 -5.42 15.26 3.21
C ALA A 49 -6.48 15.65 2.18
N HIS A 50 -6.33 16.84 1.60
CA HIS A 50 -7.27 17.30 0.58
C HIS A 50 -8.48 17.97 1.24
N ARG A 51 -8.42 18.09 2.56
CA ARG A 51 -9.50 18.72 3.31
C ARG A 51 -10.78 18.80 2.48
N ARG A 52 -11.12 20.02 2.08
CA ARG A 52 -12.33 20.25 1.28
C ARG A 52 -12.82 18.97 0.62
N GLU A 53 -12.36 18.71 -0.61
CA GLU A 53 -12.79 17.53 -1.34
C GLU A 53 -12.40 16.23 -0.64
N ALA A 54 -11.42 16.31 0.25
CA ALA A 54 -10.97 15.12 0.97
C ALA A 54 -12.10 14.49 1.77
N TRP A 55 -13.02 15.33 2.23
CA TRP A 55 -14.15 14.82 3.00
C TRP A 55 -15.46 15.31 2.40
N GLY A 56 -15.35 16.19 1.41
CA GLY A 56 -16.52 16.70 0.73
C GLY A 56 -16.99 15.65 -0.27
N ALA A 57 -16.04 15.13 -1.03
CA ALA A 57 -16.33 14.09 -2.02
C ALA A 57 -15.61 12.81 -1.61
N GLN A 58 -14.61 12.98 -0.75
CA GLN A 58 -13.82 11.85 -0.25
C GLN A 58 -13.61 10.81 -1.34
N VAL A 59 -12.99 9.70 -0.95
CA VAL A 59 -12.71 8.62 -1.88
C VAL A 59 -12.69 9.11 -3.31
N LEU A 60 -12.02 10.24 -3.54
CA LEU A 60 -11.92 10.78 -4.87
C LEU A 60 -11.75 9.64 -5.87
N THR A 61 -11.17 9.96 -7.01
CA THR A 61 -10.97 8.95 -8.04
C THR A 61 -9.49 8.57 -8.12
N PRO A 62 -9.23 7.31 -8.36
CA PRO A 62 -7.85 6.78 -8.45
C PRO A 62 -6.89 7.76 -9.13
N GLU A 63 -7.37 8.38 -10.21
CA GLU A 63 -6.54 9.33 -10.96
C GLU A 63 -6.24 10.55 -10.11
N GLU A 64 -6.69 10.53 -8.87
CA GLU A 64 -6.46 11.65 -7.96
C GLU A 64 -5.82 11.17 -6.67
N CYS A 65 -6.44 10.18 -6.04
CA CYS A 65 -5.94 9.64 -4.78
C CYS A 65 -4.63 8.87 -4.97
N THR A 66 -4.58 8.02 -5.99
CA THR A 66 -3.38 7.24 -6.26
C THR A 66 -2.22 8.15 -6.64
N PRO A 67 -2.35 8.84 -7.73
CA PRO A 67 -1.29 9.75 -8.25
C PRO A 67 -0.91 10.83 -7.23
N LEU A 68 -1.91 11.38 -6.55
CA LEU A 68 -1.64 12.42 -5.56
C LEU A 68 -0.99 11.82 -4.31
N ASP A 69 -1.36 10.59 -3.98
CA ASP A 69 -0.80 9.93 -2.82
C ASP A 69 0.67 9.63 -3.07
N GLN A 70 0.95 9.01 -4.22
CA GLN A 70 2.34 8.68 -4.60
C GLN A 70 3.17 9.95 -4.68
N LEU A 71 2.67 10.93 -5.42
CA LEU A 71 3.39 12.18 -5.56
C LEU A 71 3.58 12.83 -4.19
N GLU A 72 2.59 12.64 -3.32
CA GLU A 72 2.69 13.18 -1.98
C GLU A 72 3.67 12.35 -1.17
N ILE A 73 3.82 11.08 -1.56
CA ILE A 73 4.75 10.19 -0.88
C ILE A 73 6.15 10.75 -0.99
N ARG A 74 6.54 11.11 -2.22
CA ARG A 74 7.87 11.65 -2.45
C ARG A 74 7.93 13.15 -2.16
N LYS A 75 6.85 13.87 -2.46
CA LYS A 75 6.79 15.31 -2.23
C LYS A 75 6.69 15.63 -0.74
N ALA A 76 6.38 14.62 0.07
CA ALA A 76 6.25 14.84 1.51
C ALA A 76 7.56 14.47 2.21
N ASP A 77 8.19 15.46 2.82
CA ASP A 77 9.45 15.22 3.53
C ASP A 77 9.22 14.26 4.69
N VAL A 78 8.10 14.42 5.39
CA VAL A 78 7.78 13.57 6.52
C VAL A 78 6.45 12.87 6.29
N PHE A 79 6.51 11.63 5.83
CA PHE A 79 5.29 10.87 5.56
C PHE A 79 4.49 10.59 6.82
N VAL A 80 3.45 11.38 7.04
CA VAL A 80 2.59 11.19 8.20
C VAL A 80 1.22 10.73 7.75
N ALA A 81 0.82 9.52 8.17
CA ALA A 81 -0.47 8.99 7.76
C ALA A 81 -1.37 8.69 8.96
N ILE A 82 -2.60 8.27 8.65
CA ILE A 82 -3.59 7.94 9.67
C ILE A 82 -4.35 6.67 9.30
N PRO A 83 -3.92 5.55 9.82
CA PRO A 83 -4.57 4.24 9.57
C PRO A 83 -6.07 4.40 9.47
N GLY A 84 -6.73 4.07 10.55
CA GLY A 84 -8.17 4.17 10.65
C GLY A 84 -8.88 2.85 10.29
N ILE A 85 -8.52 1.78 10.99
CA ILE A 85 -9.13 0.48 10.72
C ILE A 85 -10.60 0.65 10.36
N PRO A 86 -11.10 -0.19 9.51
CA PRO A 86 -10.31 -1.29 8.88
C PRO A 86 -9.07 -0.76 8.16
N PRO A 87 -8.17 -1.65 7.84
CA PRO A 87 -6.91 -1.30 7.14
C PRO A 87 -7.15 -0.51 5.86
N SER A 88 -7.54 0.76 6.03
CA SER A 88 -7.80 1.62 4.88
C SER A 88 -6.70 1.46 3.84
N PRO A 89 -6.98 0.71 2.82
CA PRO A 89 -6.01 0.45 1.72
C PRO A 89 -5.38 1.73 1.17
N GLY A 90 -6.13 2.83 1.26
CA GLY A 90 -5.64 4.11 0.77
C GLY A 90 -4.36 4.46 1.50
N THR A 91 -4.47 4.63 2.81
CA THR A 91 -3.31 4.96 3.61
C THR A 91 -2.29 3.83 3.53
N HIS A 92 -2.64 2.65 4.05
CA HIS A 92 -1.71 1.52 3.97
C HIS A 92 -0.79 1.66 2.77
N VAL A 93 -1.34 1.47 1.58
CA VAL A 93 -0.54 1.59 0.38
C VAL A 93 0.25 2.89 0.41
N GLU A 94 -0.35 3.93 0.97
CA GLU A 94 0.33 5.22 1.08
C GLU A 94 1.52 5.09 2.03
N ILE A 95 1.28 4.39 3.15
CA ILE A 95 2.31 4.18 4.14
C ILE A 95 3.41 3.32 3.53
N GLY A 96 3.03 2.15 3.04
CA GLY A 96 3.99 1.26 2.41
C GLY A 96 4.67 2.00 1.26
N TRP A 97 3.87 2.81 0.55
CA TRP A 97 4.39 3.59 -0.56
C TRP A 97 5.57 4.42 -0.08
N ALA A 98 5.44 4.97 1.13
CA ALA A 98 6.50 5.78 1.71
C ALA A 98 7.71 4.90 2.00
N SER A 99 7.46 3.65 2.39
CA SER A 99 8.55 2.72 2.67
C SER A 99 9.27 2.36 1.37
N ALA A 100 8.49 1.98 0.36
CA ALA A 100 9.03 1.63 -0.94
C ALA A 100 9.68 2.85 -1.58
N PHE A 101 9.13 4.03 -1.28
CA PHE A 101 9.66 5.27 -1.82
C PHE A 101 10.81 5.78 -0.96
N ASP A 102 10.92 5.24 0.25
CA ASP A 102 11.99 5.61 1.18
C ASP A 102 11.61 6.85 2.00
N LYS A 103 10.62 7.59 1.54
CA LYS A 103 10.17 8.79 2.26
C LYS A 103 9.86 8.47 3.72
N PRO A 104 10.64 8.99 4.64
CA PRO A 104 10.44 8.76 6.09
C PRO A 104 8.96 8.61 6.43
N ILE A 105 8.66 7.76 7.42
CA ILE A 105 7.27 7.53 7.78
C ILE A 105 6.98 7.83 9.25
N VAL A 106 5.71 8.13 9.50
CA VAL A 106 5.22 8.45 10.83
C VAL A 106 3.69 8.39 10.81
N LEU A 107 3.13 7.41 11.50
CA LEU A 107 1.68 7.25 11.49
C LEU A 107 1.05 7.67 12.81
N LEU A 108 -0.21 8.07 12.73
CA LEU A 108 -0.95 8.47 13.91
C LEU A 108 -1.83 7.30 14.32
N LEU A 109 -1.20 6.30 14.91
CA LEU A 109 -1.90 5.09 15.33
C LEU A 109 -3.24 5.42 15.99
N GLU A 110 -4.27 4.71 15.54
CA GLU A 110 -5.61 4.93 16.09
C GLU A 110 -5.89 3.94 17.21
N GLU A 111 -5.18 4.08 18.33
CA GLU A 111 -5.38 3.18 19.46
C GLU A 111 -6.54 2.24 19.16
N GLY A 112 -6.21 0.97 18.92
CA GLY A 112 -7.22 -0.04 18.58
C GLY A 112 -7.09 -0.39 17.10
N ARG A 113 -7.34 0.60 16.25
CA ARG A 113 -7.22 0.39 14.83
C ARG A 113 -5.75 0.14 14.50
N GLU A 114 -4.91 1.10 14.83
CA GLU A 114 -3.46 1.00 14.63
C GLU A 114 -3.00 -0.39 15.04
N GLU A 115 -3.65 -0.93 16.07
CA GLU A 115 -3.32 -2.26 16.56
C GLU A 115 -3.68 -3.31 15.52
N GLU A 116 -4.91 -3.24 15.02
CA GLU A 116 -5.35 -4.19 14.02
C GLU A 116 -4.47 -4.11 12.78
N TYR A 117 -3.85 -2.95 12.56
CA TYR A 117 -2.96 -2.78 11.42
C TYR A 117 -1.80 -3.75 11.56
N GLY A 118 -0.83 -3.35 12.38
CA GLY A 118 0.36 -4.14 12.66
C GLY A 118 0.92 -4.79 11.41
N PHE A 119 0.15 -5.66 10.79
CA PHE A 119 0.62 -6.35 9.60
C PHE A 119 1.67 -5.51 8.86
N LEU A 120 1.24 -4.47 8.13
CA LEU A 120 2.21 -3.67 7.38
C LEU A 120 2.61 -2.41 8.13
N VAL A 121 1.70 -1.89 8.94
CA VAL A 121 2.02 -0.70 9.71
C VAL A 121 3.18 -1.02 10.64
N ARG A 122 3.06 -2.15 11.33
CA ARG A 122 4.12 -2.60 12.22
C ARG A 122 5.29 -3.09 11.38
N GLY A 123 4.99 -3.98 10.43
CA GLY A 123 6.03 -4.50 9.57
C GLY A 123 6.85 -3.36 8.99
N LEU A 124 6.22 -2.19 8.86
CA LEU A 124 6.91 -1.03 8.32
C LEU A 124 7.74 -0.35 9.41
N GLY A 125 7.19 -0.28 10.61
CA GLY A 125 7.90 0.33 11.73
C GLY A 125 9.22 -0.39 11.98
N THR A 126 9.29 -1.65 11.55
CA THR A 126 10.51 -2.44 11.74
C THR A 126 11.42 -2.39 10.52
N VAL A 127 10.84 -2.46 9.32
CA VAL A 127 11.63 -2.42 8.09
C VAL A 127 12.09 -1.00 7.76
N ALA A 128 11.14 -0.10 7.54
CA ALA A 128 11.49 1.28 7.20
C ALA A 128 11.14 2.23 8.35
N ALA A 129 11.77 3.39 8.37
CA ALA A 129 11.53 4.38 9.42
C ALA A 129 10.05 4.72 9.51
N VAL A 130 9.32 3.95 10.30
CA VAL A 130 7.88 4.17 10.45
C VAL A 130 7.53 4.44 11.91
N GLU A 131 7.17 5.68 12.22
CA GLU A 131 6.82 6.06 13.59
C GLU A 131 5.41 5.61 13.95
N PHE A 132 5.24 5.13 15.17
CA PHE A 132 3.93 4.69 15.63
C PHE A 132 3.43 5.58 16.75
N VAL A 133 2.68 6.61 16.38
CA VAL A 133 2.15 7.54 17.36
C VAL A 133 0.68 7.26 17.67
N HIS A 134 0.42 6.63 18.81
CA HIS A 134 -0.95 6.35 19.23
C HIS A 134 -1.55 7.62 19.78
N TYR A 135 -2.78 7.93 19.40
CA TYR A 135 -3.38 9.16 19.88
C TYR A 135 -4.84 9.02 20.30
N LYS A 136 -5.12 9.55 21.48
CA LYS A 136 -6.47 9.54 22.04
C LYS A 136 -7.04 10.95 21.87
N ASP A 137 -6.15 11.92 21.96
CA ASP A 137 -6.50 13.32 21.83
C ASP A 137 -5.56 13.97 20.81
N ILE A 138 -6.10 14.41 19.68
CA ILE A 138 -5.28 15.02 18.64
C ILE A 138 -4.44 16.14 19.23
N ALA A 139 -5.05 16.96 20.06
CA ALA A 139 -4.34 18.07 20.67
C ALA A 139 -3.02 17.56 21.26
N LEU A 140 -2.96 16.25 21.47
CA LEU A 140 -1.76 15.63 22.01
C LEU A 140 -0.90 15.05 20.90
N ALA A 141 -1.55 14.41 19.92
CA ALA A 141 -0.84 13.82 18.80
C ALA A 141 0.04 14.87 18.15
N LYS A 142 -0.29 16.13 18.36
CA LYS A 142 0.49 17.21 17.78
C LYS A 142 1.93 17.15 18.28
N PRO A 143 2.13 17.44 19.54
CA PRO A 143 3.48 17.41 20.18
C PRO A 143 4.15 16.04 20.08
N GLN A 144 3.35 14.98 20.25
CA GLN A 144 3.92 13.63 20.18
C GLN A 144 4.34 13.32 18.75
N ILE A 145 3.50 13.69 17.80
CA ILE A 145 3.80 13.45 16.40
C ILE A 145 5.00 14.28 15.97
N ASP A 146 5.19 15.40 16.65
CA ASP A 146 6.31 16.29 16.34
C ASP A 146 7.62 15.62 16.73
N ALA A 147 7.68 15.13 17.97
CA ALA A 147 8.89 14.47 18.46
C ALA A 147 9.14 13.20 17.64
N ALA A 148 8.10 12.38 17.50
CA ALA A 148 8.22 11.15 16.74
C ALA A 148 8.58 11.46 15.28
N ILE A 149 8.03 12.56 14.76
CA ILE A 149 8.30 12.96 13.39
C ILE A 149 9.77 13.32 13.21
N ARG A 150 10.35 13.95 14.23
CA ARG A 150 11.75 14.35 14.17
C ARG A 150 12.66 13.12 14.29
N LYS A 151 12.29 12.19 15.17
CA LYS A 151 13.08 10.98 15.34
C LYS A 151 13.08 10.18 14.05
N VAL A 152 11.96 10.20 13.35
CA VAL A 152 11.84 9.47 12.09
C VAL A 152 12.76 10.09 11.04
N VAL A 153 12.59 11.38 10.80
CA VAL A 153 13.42 12.07 9.83
C VAL A 153 14.88 11.94 10.23
N ASP A 154 15.12 11.82 11.53
CA ASP A 154 16.47 11.68 12.05
C ASP A 154 16.94 10.24 11.90
N ARG A 155 15.98 9.33 11.79
CA ARG A 155 16.31 7.92 11.64
C ARG A 155 16.67 7.62 10.19
N VAL A 156 15.95 8.25 9.27
CA VAL A 156 16.18 8.04 7.84
C VAL A 156 17.36 8.87 7.35
N ASN A 157 17.48 10.08 7.88
CA ASN A 157 18.55 10.99 7.48
C ASN A 157 19.73 10.92 8.45
N ASN A 158 19.49 10.42 9.65
CA ASN A 158 20.53 10.30 10.66
C ASN A 158 21.91 10.46 10.01
N PRO A 159 22.53 11.58 10.21
CA PRO A 159 23.87 11.88 9.65
C PRO A 159 24.92 10.87 10.11
N ALA A 160 26.17 11.30 10.13
CA ALA A 160 27.26 10.42 10.57
C ALA A 160 28.56 11.20 10.69
N ALA A 161 29.65 10.50 10.98
CA ALA A 161 30.95 11.14 11.13
C ALA A 161 31.13 12.25 10.10
N THR A 162 31.86 13.30 10.48
CA THR A 162 32.11 14.42 9.58
C THR A 162 33.36 14.17 8.77
N PRO A 163 33.20 13.90 7.50
CA PRO A 163 34.34 13.63 6.58
C PRO A 163 35.17 14.88 6.33
N LYS B 1 17.58 -9.69 -19.05
CA LYS B 1 17.70 -9.40 -20.52
C LYS B 1 16.63 -10.18 -21.28
N ALA B 2 15.37 -9.92 -20.94
CA ALA B 2 14.24 -10.59 -21.60
C ALA B 2 12.93 -9.93 -21.19
N GLY B 3 11.85 -10.71 -21.24
CA GLY B 3 10.54 -10.18 -20.86
C GLY B 3 10.30 -10.34 -19.37
N VAL B 4 10.77 -11.46 -18.82
CA VAL B 4 10.62 -11.74 -17.41
C VAL B 4 11.80 -12.55 -16.87
N ARG B 5 12.47 -12.02 -15.87
CA ARG B 5 13.61 -12.72 -15.27
C ARG B 5 13.20 -13.30 -13.92
N SER B 6 12.24 -12.64 -13.28
CA SER B 6 11.75 -13.09 -12.00
C SER B 6 10.37 -12.46 -11.74
N VAL B 7 9.38 -13.30 -11.49
CA VAL B 7 8.03 -12.78 -11.25
C VAL B 7 7.65 -12.80 -9.78
N PHE B 8 7.01 -11.73 -9.32
CA PHE B 8 6.56 -11.66 -7.94
C PHE B 8 5.06 -11.97 -7.89
N LEU B 9 4.64 -12.70 -6.87
CA LEU B 9 3.23 -13.05 -6.73
C LEU B 9 2.78 -12.95 -5.29
N ALA B 10 1.59 -12.38 -5.07
CA ALA B 10 1.07 -12.24 -3.72
C ALA B 10 -0.45 -12.34 -3.70
N GLY B 11 -0.98 -12.70 -2.54
CA GLY B 11 -2.42 -12.84 -2.39
C GLY B 11 -2.96 -11.67 -1.56
N PRO B 12 -4.22 -11.72 -1.24
CA PRO B 12 -4.87 -10.66 -0.44
C PRO B 12 -4.52 -10.76 1.05
N PHE B 13 -3.50 -11.56 1.35
CA PHE B 13 -3.05 -11.74 2.72
C PHE B 13 -3.97 -11.04 3.70
N MET B 14 -3.39 -10.35 4.67
CA MET B 14 -4.17 -9.63 5.66
C MET B 14 -5.65 -9.72 5.35
N GLY B 15 -6.04 -9.18 4.20
CA GLY B 15 -7.44 -9.18 3.78
C GLY B 15 -7.94 -10.60 3.56
N LEU B 16 -7.55 -11.20 2.43
CA LEU B 16 -7.98 -12.56 2.11
C LEU B 16 -8.23 -13.36 3.38
N VAL B 17 -7.38 -13.14 4.37
CA VAL B 17 -7.49 -13.86 5.63
C VAL B 17 -7.95 -12.94 6.75
N ASN B 18 -8.73 -13.48 7.68
CA ASN B 18 -9.19 -12.71 8.81
C ASN B 18 -8.00 -12.02 9.46
N PRO B 19 -8.21 -10.83 9.94
CA PRO B 19 -7.15 -10.02 10.58
C PRO B 19 -6.08 -10.87 11.26
N GLU B 20 -5.19 -11.44 10.45
CA GLU B 20 -4.10 -12.26 10.96
C GLU B 20 -4.61 -13.64 11.41
N THR B 21 -5.21 -14.37 10.48
CA THR B 21 -5.72 -15.71 10.79
C THR B 21 -7.00 -15.98 10.00
N ASN B 22 -6.92 -16.93 9.06
CA ASN B 22 -8.08 -17.29 8.26
C ASN B 22 -7.94 -18.70 7.72
N SER B 23 -7.95 -18.82 6.39
CA SER B 23 -7.82 -20.11 5.76
C SER B 23 -7.45 -19.95 4.29
N MET B 24 -6.43 -19.12 4.06
CA MET B 24 -5.96 -18.86 2.70
C MET B 24 -6.54 -19.88 1.72
N PRO B 25 -7.52 -19.47 0.97
CA PRO B 25 -8.22 -20.36 -0.01
C PRO B 25 -7.25 -21.27 -0.76
N SER B 26 -7.28 -22.55 -0.44
CA SER B 26 -6.40 -23.51 -1.08
C SER B 26 -6.47 -23.37 -2.60
N ALA B 27 -7.67 -23.46 -3.15
CA ALA B 27 -7.86 -23.34 -4.60
C ALA B 27 -7.27 -22.03 -5.13
N GLU B 28 -6.97 -21.10 -4.22
CA GLU B 28 -6.38 -19.82 -4.63
C GLU B 28 -4.86 -19.91 -4.67
N GLN B 29 -4.32 -20.60 -3.67
CA GLN B 29 -2.87 -20.79 -3.58
C GLN B 29 -2.38 -21.62 -4.75
N LEU B 30 -2.93 -22.82 -4.86
CA LEU B 30 -2.54 -23.73 -5.92
C LEU B 30 -2.47 -22.98 -7.24
N PRO B 31 -3.43 -22.14 -7.51
CA PRO B 31 -3.45 -21.31 -8.74
C PRO B 31 -2.19 -20.45 -8.84
N PHE B 32 -1.93 -19.68 -7.78
CA PHE B 32 -0.75 -18.82 -7.76
C PHE B 32 0.50 -19.66 -8.00
N LEU B 33 0.54 -20.83 -7.39
CA LEU B 33 1.68 -21.73 -7.55
C LEU B 33 1.63 -22.37 -8.93
N THR B 34 0.44 -22.34 -9.55
CA THR B 34 0.28 -22.89 -10.89
C THR B 34 1.00 -21.98 -11.86
N LEU B 35 0.70 -20.69 -11.76
CA LEU B 35 1.37 -19.70 -12.59
C LEU B 35 2.81 -19.67 -12.17
N ILE B 36 3.01 -19.81 -10.86
CA ILE B 36 4.34 -19.84 -10.29
C ILE B 36 5.08 -21.04 -10.88
N GLU B 37 4.29 -22.03 -11.30
CA GLU B 37 4.85 -23.22 -11.91
C GLU B 37 5.35 -22.84 -13.30
N HIS B 38 4.56 -22.07 -14.02
CA HIS B 38 4.94 -21.61 -15.35
C HIS B 38 6.03 -20.56 -15.21
N PHE B 39 6.21 -20.08 -13.97
CA PHE B 39 7.24 -19.09 -13.70
C PHE B 39 8.58 -19.79 -13.58
N GLU B 40 8.58 -20.90 -12.86
CA GLU B 40 9.79 -21.67 -12.69
C GLU B 40 10.04 -22.48 -13.96
N LYS B 41 8.98 -22.65 -14.74
CA LYS B 41 9.07 -23.39 -15.99
C LYS B 41 9.71 -22.52 -17.06
N GLN B 42 9.31 -21.25 -17.09
CA GLN B 42 9.86 -20.31 -18.06
C GLN B 42 11.26 -19.88 -17.62
N GLY B 43 11.40 -19.69 -16.33
CA GLY B 43 12.68 -19.27 -15.75
C GLY B 43 12.49 -18.00 -14.92
N LEU B 44 11.22 -17.68 -14.66
CA LEU B 44 10.88 -16.49 -13.90
C LEU B 44 10.98 -16.77 -12.39
N GLU B 45 12.04 -16.27 -11.78
CA GLU B 45 12.24 -16.45 -10.36
C GLU B 45 11.04 -15.89 -9.62
N VAL B 46 10.34 -16.76 -8.90
CA VAL B 46 9.17 -16.34 -8.17
C VAL B 46 9.56 -15.65 -6.88
N PHE B 47 8.82 -14.61 -6.53
CA PHE B 47 9.10 -13.86 -5.31
C PHE B 47 7.82 -13.53 -4.57
N ASN B 48 7.64 -14.16 -3.41
CA ASN B 48 6.45 -13.95 -2.59
C ASN B 48 5.67 -15.25 -2.42
N ALA B 49 4.35 -15.16 -2.60
CA ALA B 49 3.50 -16.33 -2.44
C ALA B 49 3.75 -16.99 -1.10
N HIS B 50 4.83 -17.76 -1.03
CA HIS B 50 5.19 -18.44 0.22
C HIS B 50 4.47 -19.78 0.33
N ARG B 51 3.70 -20.10 -0.71
CA ARG B 51 2.97 -21.37 -0.76
C ARG B 51 2.83 -21.98 0.64
N ARG B 52 3.53 -23.09 0.85
CA ARG B 52 3.48 -23.79 2.13
C ARG B 52 2.89 -22.93 3.24
N GLU B 53 3.75 -22.15 3.90
CA GLU B 53 3.32 -21.30 5.00
C GLU B 53 2.41 -20.17 4.52
N ALA B 54 2.47 -19.85 3.22
CA ALA B 54 1.64 -18.78 2.68
C ALA B 54 0.16 -19.05 2.90
N TRP B 55 -0.20 -20.32 2.94
CA TRP B 55 -1.59 -20.69 3.14
C TRP B 55 -1.71 -21.66 4.31
N GLY B 56 -0.56 -22.18 4.75
CA GLY B 56 -0.53 -23.09 5.88
C GLY B 56 -0.70 -22.30 7.17
N ALA B 57 0.03 -21.20 7.28
CA ALA B 57 -0.07 -20.33 8.45
C ALA B 57 -0.64 -18.98 8.00
N GLN B 58 -0.51 -18.71 6.71
CA GLN B 58 -1.01 -17.48 6.12
C GLN B 58 -0.80 -16.29 7.04
N VAL B 59 -1.27 -15.14 6.60
CA VAL B 59 -1.15 -13.92 7.38
C VAL B 59 0.03 -14.03 8.35
N LEU B 60 1.15 -14.49 7.85
CA LEU B 60 2.34 -14.62 8.68
C LEU B 60 2.44 -13.40 9.58
N THR B 61 3.63 -13.12 10.05
CA THR B 61 3.84 -11.98 10.92
C THR B 61 4.52 -10.84 10.17
N PRO B 62 4.11 -9.63 10.46
CA PRO B 62 4.66 -8.42 9.79
C PRO B 62 6.16 -8.53 9.52
N GLU B 63 6.90 -9.07 10.48
CA GLU B 63 8.35 -9.22 10.34
C GLU B 63 8.68 -10.23 9.24
N GLU B 64 7.65 -10.71 8.56
CA GLU B 64 7.83 -11.67 7.49
C GLU B 64 7.13 -11.20 6.22
N CYS B 65 5.84 -10.89 6.34
CA CYS B 65 5.06 -10.43 5.20
C CYS B 65 5.51 -9.05 4.74
N THR B 66 5.68 -8.14 5.69
CA THR B 66 6.10 -6.79 5.35
C THR B 66 7.49 -6.78 4.71
N PRO B 67 8.48 -7.18 5.46
CA PRO B 67 9.90 -7.21 4.99
C PRO B 67 10.07 -8.07 3.74
N LEU B 68 9.38 -9.21 3.69
CA LEU B 68 9.51 -10.09 2.53
C LEU B 68 8.76 -9.52 1.34
N ASP B 69 7.69 -8.79 1.61
CA ASP B 69 6.90 -8.19 0.53
C ASP B 69 7.72 -7.08 -0.11
N GLN B 70 8.26 -6.18 0.72
CA GLN B 70 9.09 -5.08 0.23
C GLN B 70 10.31 -5.62 -0.51
N LEU B 71 11.01 -6.55 0.12
CA LEU B 71 12.19 -7.14 -0.49
C LEU B 71 11.81 -7.83 -1.80
N GLU B 72 10.62 -8.42 -1.81
CA GLU B 72 10.14 -9.08 -3.01
C GLU B 72 9.74 -8.02 -4.04
N ILE B 73 9.34 -6.84 -3.52
CA ILE B 73 8.95 -5.74 -4.39
C ILE B 73 10.11 -5.38 -5.30
N ARG B 74 11.28 -5.20 -4.70
CA ARG B 74 12.48 -4.85 -5.46
C ARG B 74 13.16 -6.08 -6.04
N LYS B 75 13.07 -7.20 -5.34
CA LYS B 75 13.70 -8.43 -5.80
C LYS B 75 12.92 -9.05 -6.95
N ALA B 76 11.68 -8.62 -7.13
CA ALA B 76 10.85 -9.14 -8.20
C ALA B 76 10.96 -8.28 -9.45
N ASP B 77 11.49 -8.84 -10.52
CA ASP B 77 11.64 -8.11 -11.76
C ASP B 77 10.27 -7.69 -12.30
N VAL B 78 9.29 -8.58 -12.15
CA VAL B 78 7.95 -8.29 -12.62
C VAL B 78 6.96 -8.44 -11.48
N PHE B 79 6.57 -7.30 -10.89
CA PHE B 79 5.63 -7.31 -9.78
C PHE B 79 4.25 -7.78 -10.21
N VAL B 80 3.93 -9.03 -9.89
CA VAL B 80 2.62 -9.58 -10.22
C VAL B 80 1.88 -9.89 -8.93
N ALA B 81 0.72 -9.27 -8.74
CA ALA B 81 -0.03 -9.48 -7.50
C ALA B 81 -1.44 -10.00 -7.76
N ILE B 82 -2.18 -10.23 -6.68
CA ILE B 82 -3.54 -10.73 -6.77
C ILE B 82 -4.43 -10.07 -5.73
N PRO B 83 -5.10 -9.03 -6.13
CA PRO B 83 -6.03 -8.29 -5.25
C PRO B 83 -6.73 -9.23 -4.29
N GLY B 84 -7.94 -9.53 -4.64
CA GLY B 84 -8.77 -10.44 -3.84
C GLY B 84 -9.64 -9.69 -2.85
N ILE B 85 -10.46 -8.77 -3.34
CA ILE B 85 -11.33 -8.00 -2.46
C ILE B 85 -11.85 -8.88 -1.31
N PRO B 86 -12.08 -8.30 -0.17
CA PRO B 86 -11.84 -6.85 0.07
C PRO B 86 -10.42 -6.43 -0.27
N PRO B 87 -10.19 -5.15 -0.37
CA PRO B 87 -8.85 -4.60 -0.70
C PRO B 87 -7.76 -5.11 0.23
N SER B 88 -7.38 -6.36 0.07
CA SER B 88 -6.34 -6.96 0.89
C SER B 88 -5.17 -5.99 1.03
N PRO B 89 -5.09 -5.33 2.14
CA PRO B 89 -4.01 -4.34 2.43
C PRO B 89 -2.61 -4.92 2.18
N GLY B 90 -2.47 -6.23 2.33
CA GLY B 90 -1.20 -6.88 2.11
C GLY B 90 -0.74 -6.65 0.68
N THR B 91 -1.55 -7.10 -0.26
CA THR B 91 -1.22 -6.91 -1.65
C THR B 91 -1.21 -5.43 -1.98
N HIS B 92 -2.37 -4.77 -1.89
CA HIS B 92 -2.41 -3.34 -2.16
C HIS B 92 -1.08 -2.70 -1.84
N VAL B 93 -0.74 -2.61 -0.56
CA VAL B 93 0.52 -2.00 -0.17
C VAL B 93 1.66 -2.63 -0.95
N GLU B 94 1.54 -3.91 -1.26
CA GLU B 94 2.57 -4.59 -2.04
C GLU B 94 2.58 -4.03 -3.47
N ILE B 95 1.37 -3.84 -4.01
CA ILE B 95 1.21 -3.29 -5.35
C ILE B 95 1.74 -1.88 -5.37
N GLY B 96 1.17 -1.03 -4.52
CA GLY B 96 1.62 0.35 -4.43
C GLY B 96 3.11 0.37 -4.14
N TRP B 97 3.55 -0.58 -3.32
CA TRP B 97 4.94 -0.70 -2.97
C TRP B 97 5.78 -0.82 -4.23
N ALA B 98 5.28 -1.60 -5.18
CA ALA B 98 5.97 -1.79 -6.44
C ALA B 98 5.98 -0.48 -7.21
N SER B 99 4.92 0.32 -7.05
CA SER B 99 4.84 1.61 -7.71
C SER B 99 5.84 2.58 -7.09
N ALA B 100 5.81 2.68 -5.77
CA ALA B 100 6.73 3.55 -5.05
C ALA B 100 8.16 3.08 -5.23
N PHE B 101 8.32 1.77 -5.39
CA PHE B 101 9.63 1.17 -5.58
C PHE B 101 10.04 1.22 -7.06
N ASP B 102 9.04 1.44 -7.92
CA ASP B 102 9.27 1.52 -9.36
C ASP B 102 9.24 0.14 -10.01
N LYS B 103 9.36 -0.91 -9.21
CA LYS B 103 9.33 -2.26 -9.77
C LYS B 103 8.07 -2.47 -10.60
N PRO B 104 8.22 -2.64 -11.90
CA PRO B 104 7.08 -2.86 -12.82
C PRO B 104 5.94 -3.61 -12.14
N ILE B 105 4.70 -3.29 -12.50
CA ILE B 105 3.56 -3.95 -11.88
C ILE B 105 2.66 -4.65 -12.89
N VAL B 106 1.94 -5.64 -12.37
CA VAL B 106 1.00 -6.44 -13.16
C VAL B 106 0.14 -7.24 -12.19
N LEU B 107 -1.14 -6.91 -12.12
CA LEU B 107 -2.02 -7.61 -11.20
C LEU B 107 -2.96 -8.55 -11.92
N LEU B 108 -3.42 -9.57 -11.18
CA LEU B 108 -4.36 -10.54 -11.72
C LEU B 108 -5.75 -10.17 -11.23
N LEU B 109 -6.32 -9.13 -11.83
CA LEU B 109 -7.62 -8.64 -11.45
C LEU B 109 -8.61 -9.79 -11.21
N GLU B 110 -9.31 -9.72 -10.07
CA GLU B 110 -10.27 -10.75 -9.71
C GLU B 110 -11.67 -10.35 -10.16
N GLU B 111 -11.89 -10.27 -11.46
CA GLU B 111 -13.19 -9.87 -11.97
C GLU B 111 -14.17 -9.69 -10.81
N GLY B 112 -14.53 -8.43 -10.56
CA GLY B 112 -15.43 -8.12 -9.46
C GLY B 112 -14.63 -7.44 -8.34
N ARG B 113 -13.70 -8.20 -7.75
CA ARG B 113 -12.86 -7.67 -6.71
C ARG B 113 -11.97 -6.58 -7.30
N GLU B 114 -11.17 -6.98 -8.28
CA GLU B 114 -10.29 -6.07 -9.00
C GLU B 114 -11.04 -4.78 -9.28
N GLU B 115 -12.34 -4.91 -9.54
CA GLU B 115 -13.18 -3.76 -9.82
C GLU B 115 -13.32 -2.90 -8.59
N GLU B 116 -13.66 -3.52 -7.47
CA GLU B 116 -13.82 -2.79 -6.21
C GLU B 116 -12.51 -2.09 -5.85
N TYR B 117 -11.39 -2.65 -6.32
CA TYR B 117 -10.09 -2.05 -6.06
C TYR B 117 -10.01 -0.66 -6.67
N GLY B 118 -9.81 -0.65 -8.00
CA GLY B 118 -9.72 0.58 -8.77
C GLY B 118 -8.99 1.68 -8.01
N PHE B 119 -9.52 2.08 -6.88
CA PHE B 119 -8.90 3.14 -6.10
C PHE B 119 -7.40 3.21 -6.37
N LEU B 120 -6.63 2.30 -5.78
CA LEU B 120 -5.18 2.34 -5.98
C LEU B 120 -4.73 1.40 -7.08
N VAL B 121 -5.44 0.32 -7.26
CA VAL B 121 -5.07 -0.62 -8.31
C VAL B 121 -5.18 0.10 -9.65
N ARG B 122 -6.30 0.79 -9.85
CA ARG B 122 -6.50 1.56 -11.07
C ARG B 122 -5.59 2.77 -11.02
N GLY B 123 -5.68 3.53 -9.93
CA GLY B 123 -4.84 4.69 -9.79
C GLY B 123 -3.39 4.33 -10.12
N LEU B 124 -3.03 3.07 -9.89
CA LEU B 124 -1.69 2.61 -10.17
C LEU B 124 -1.51 2.31 -11.66
N GLY B 125 -2.53 1.71 -12.26
CA GLY B 125 -2.48 1.38 -13.68
C GLY B 125 -2.26 2.63 -14.52
N THR B 126 -2.67 3.77 -13.96
CA THR B 126 -2.54 5.04 -14.67
C THR B 126 -1.22 5.76 -14.32
N VAL B 127 -0.85 5.74 -13.04
CA VAL B 127 0.38 6.41 -12.63
C VAL B 127 1.62 5.59 -12.97
N ALA B 128 1.71 4.38 -12.44
CA ALA B 128 2.87 3.52 -12.70
C ALA B 128 2.47 2.31 -13.55
N ALA B 129 3.46 1.72 -14.21
CA ALA B 129 3.21 0.56 -15.05
C ALA B 129 2.50 -0.53 -14.26
N VAL B 130 1.17 -0.49 -14.28
CA VAL B 130 0.38 -1.49 -13.56
C VAL B 130 -0.57 -2.19 -14.51
N GLU B 131 -0.27 -3.45 -14.81
CA GLU B 131 -1.11 -4.22 -15.70
C GLU B 131 -2.36 -4.72 -15.00
N PHE B 132 -3.48 -4.69 -15.71
CA PHE B 132 -4.75 -5.14 -15.15
C PHE B 132 -5.23 -6.38 -15.88
N VAL B 133 -4.86 -7.54 -15.37
CA VAL B 133 -5.26 -8.78 -16.01
C VAL B 133 -6.42 -9.44 -15.28
N HIS B 134 -7.62 -9.31 -15.84
CA HIS B 134 -8.80 -9.93 -15.26
C HIS B 134 -8.78 -11.41 -15.58
N TYR B 135 -9.10 -12.27 -14.61
CA TYR B 135 -9.06 -13.70 -14.89
C TYR B 135 -10.24 -14.46 -14.31
N LYS B 136 -10.82 -15.31 -15.16
CA LYS B 136 -11.92 -16.17 -14.75
C LYS B 136 -11.38 -17.59 -14.62
N ASP B 137 -10.41 -17.88 -15.47
CA ASP B 137 -9.75 -19.18 -15.46
C ASP B 137 -8.23 -18.96 -15.41
N ILE B 138 -7.61 -19.39 -14.32
CA ILE B 138 -6.17 -19.20 -14.18
C ILE B 138 -5.44 -19.76 -15.38
N ALA B 139 -5.88 -20.94 -15.82
CA ALA B 139 -5.26 -21.58 -16.99
C ALA B 139 -5.17 -20.57 -18.13
N LEU B 140 -5.95 -19.50 -18.01
CA LEU B 140 -5.96 -18.45 -19.03
C LEU B 140 -5.10 -17.28 -18.57
N ALA B 141 -5.23 -16.93 -17.29
CA ALA B 141 -4.45 -15.82 -16.73
C ALA B 141 -2.96 -16.03 -17.01
N LYS B 142 -2.59 -17.28 -17.25
CA LYS B 142 -1.19 -17.61 -17.55
C LYS B 142 -0.74 -16.85 -18.80
N PRO B 143 -1.23 -17.25 -19.94
CA PRO B 143 -0.89 -16.60 -21.24
C PRO B 143 -1.19 -15.10 -21.25
N GLN B 144 -2.30 -14.71 -20.65
CA GLN B 144 -2.68 -13.29 -20.62
C GLN B 144 -1.73 -12.50 -19.74
N ILE B 145 -1.40 -13.08 -18.59
CA ILE B 145 -0.50 -12.43 -17.66
C ILE B 145 0.90 -12.36 -18.26
N ASP B 146 1.20 -13.29 -19.15
CA ASP B 146 2.51 -13.32 -19.81
C ASP B 146 2.63 -12.14 -20.76
N ALA B 147 1.63 -11.97 -21.61
CA ALA B 147 1.63 -10.88 -22.58
C ALA B 147 1.59 -9.54 -21.84
N ALA B 148 0.66 -9.43 -20.89
CA ALA B 148 0.52 -8.21 -20.11
C ALA B 148 1.78 -7.96 -19.30
N ILE B 149 2.40 -9.04 -18.84
CA ILE B 149 3.62 -8.94 -18.06
C ILE B 149 4.75 -8.37 -18.91
N ARG B 150 4.81 -8.78 -20.16
CA ARG B 150 5.85 -8.30 -21.06
C ARG B 150 5.62 -6.84 -21.43
N LYS B 151 4.35 -6.46 -21.62
CA LYS B 151 4.02 -5.09 -21.97
C LYS B 151 4.38 -4.15 -20.82
N VAL B 152 4.18 -4.64 -19.60
CA VAL B 152 4.50 -3.85 -18.42
C VAL B 152 6.00 -3.64 -18.31
N VAL B 153 6.76 -4.74 -18.34
CA VAL B 153 8.22 -4.64 -18.26
C VAL B 153 8.73 -3.81 -19.42
N ASP B 154 7.99 -3.84 -20.54
CA ASP B 154 8.37 -3.09 -21.72
C ASP B 154 7.93 -1.64 -21.58
N ARG B 155 6.98 -1.40 -20.69
CA ARG B 155 6.49 -0.04 -20.44
C ARG B 155 7.42 0.69 -19.48
N VAL B 156 7.93 -0.03 -18.50
CA VAL B 156 8.83 0.55 -17.52
C VAL B 156 10.24 0.62 -18.05
N ASN B 157 10.63 -0.40 -18.80
CA ASN B 157 11.99 -0.46 -19.35
C ASN B 157 12.01 0.07 -20.79
N ASN B 158 10.85 0.09 -21.42
CA ASN B 158 10.75 0.57 -22.80
C ASN B 158 12.02 1.32 -23.18
N PRO B 159 12.83 0.74 -24.01
CA PRO B 159 14.09 1.37 -24.48
C PRO B 159 13.84 2.66 -25.24
N ALA B 160 14.76 3.00 -26.15
CA ALA B 160 14.62 4.21 -26.94
C ALA B 160 15.69 4.26 -28.04
N ALA B 161 15.81 5.41 -28.69
CA ALA B 161 16.79 5.57 -29.75
C ALA B 161 18.14 5.00 -29.35
N THR B 162 18.87 4.47 -30.32
CA THR B 162 20.19 3.88 -30.06
C THR B 162 21.26 4.96 -30.15
N PRO B 163 21.82 5.34 -29.04
CA PRO B 163 22.88 6.37 -28.97
C PRO B 163 24.21 5.88 -29.53
N LYS A 1 19.60 23.32 9.17
CA LYS A 1 18.27 23.14 8.52
C LYS A 1 17.36 22.36 9.46
N ALA A 2 16.70 21.35 8.91
CA ALA A 2 15.80 20.52 9.71
C ALA A 2 14.50 21.26 9.99
N GLY A 3 13.39 20.53 9.97
CA GLY A 3 12.09 21.11 10.21
C GLY A 3 11.11 20.68 9.12
N VAL A 4 10.67 19.43 9.20
CA VAL A 4 9.73 18.91 8.22
C VAL A 4 9.22 20.02 7.32
N ARG A 5 9.88 20.22 6.19
CA ARG A 5 9.49 21.27 5.26
C ARG A 5 8.07 21.04 4.75
N SER A 6 7.66 19.77 4.68
CA SER A 6 6.32 19.42 4.23
C SER A 6 5.92 18.04 4.73
N VAL A 7 4.80 17.98 5.45
CA VAL A 7 4.31 16.72 6.00
C VAL A 7 3.22 16.12 5.12
N PHE A 8 3.41 14.85 4.77
CA PHE A 8 2.43 14.14 3.95
C PHE A 8 1.31 13.61 4.84
N LEU A 9 0.06 13.64 4.35
CA LEU A 9 -1.06 13.17 5.15
C LEU A 9 -2.03 12.33 4.31
N ALA A 10 -2.32 11.13 4.79
CA ALA A 10 -3.25 10.24 4.11
C ALA A 10 -4.23 9.64 5.11
N GLY A 11 -5.36 9.12 4.62
CA GLY A 11 -6.36 8.55 5.51
C GLY A 11 -6.94 7.26 4.93
N PRO A 12 -7.67 6.52 5.74
CA PRO A 12 -8.30 5.23 5.32
C PRO A 12 -9.51 5.47 4.43
N PHE A 13 -9.32 6.27 3.39
CA PHE A 13 -10.39 6.62 2.47
C PHE A 13 -11.51 5.59 2.45
N MET A 14 -11.83 5.07 1.27
CA MET A 14 -12.91 4.11 1.15
C MET A 14 -13.38 3.64 2.52
N GLY A 15 -12.59 2.77 3.15
CA GLY A 15 -12.94 2.24 4.46
C GLY A 15 -13.92 3.17 5.18
N LEU A 16 -13.44 4.34 5.60
CA LEU A 16 -14.30 5.29 6.28
C LEU A 16 -15.44 5.72 5.37
N VAL A 17 -15.12 5.91 4.09
CA VAL A 17 -16.13 6.32 3.13
C VAL A 17 -16.48 5.17 2.19
N ASN A 18 -17.77 4.96 1.94
CA ASN A 18 -18.18 3.90 1.04
C ASN A 18 -17.18 3.81 -0.12
N PRO A 19 -16.44 2.74 -0.18
CA PRO A 19 -15.41 2.53 -1.21
C PRO A 19 -15.71 3.31 -2.49
N GLU A 20 -15.62 4.63 -2.39
CA GLU A 20 -15.86 5.52 -3.52
C GLU A 20 -17.05 6.44 -3.28
N THR A 21 -17.12 6.98 -2.07
CA THR A 21 -18.20 7.89 -1.70
C THR A 21 -17.62 9.26 -1.40
N ASN A 22 -18.34 10.01 -0.58
CA ASN A 22 -17.88 11.34 -0.21
C ASN A 22 -18.10 11.56 1.29
N SER A 23 -18.41 10.48 2.00
CA SER A 23 -18.62 10.57 3.45
C SER A 23 -17.29 10.71 4.16
N MET A 24 -17.25 11.55 5.19
CA MET A 24 -16.01 11.75 5.93
C MET A 24 -16.27 12.44 7.27
N PRO A 25 -16.12 11.73 8.35
CA PRO A 25 -16.34 12.26 9.73
C PRO A 25 -15.70 13.63 9.94
N SER A 26 -16.52 14.58 10.38
CA SER A 26 -16.06 15.94 10.63
C SER A 26 -15.02 15.95 11.74
N ALA A 27 -15.33 15.25 12.83
CA ALA A 27 -14.41 15.17 13.97
C ALA A 27 -13.12 14.47 13.56
N GLU A 28 -13.04 14.09 12.29
CA GLU A 28 -11.85 13.42 11.77
C GLU A 28 -11.01 14.39 10.95
N GLN A 29 -11.59 14.84 9.84
CA GLN A 29 -10.88 15.80 9.00
C GLN A 29 -10.52 17.02 9.83
N LEU A 30 -11.36 17.30 10.82
CA LEU A 30 -11.11 18.45 11.70
C LEU A 30 -9.80 18.23 12.44
N PRO A 31 -9.69 17.16 13.17
CA PRO A 31 -8.42 16.84 13.88
C PRO A 31 -7.25 17.13 12.96
N PHE A 32 -7.43 16.72 11.71
CA PHE A 32 -6.43 16.96 10.69
C PHE A 32 -6.28 18.47 10.47
N LEU A 33 -7.38 19.20 10.60
CA LEU A 33 -7.34 20.64 10.42
C LEU A 33 -6.45 21.27 11.48
N THR A 34 -6.57 20.79 12.71
CA THR A 34 -5.76 21.31 13.80
C THR A 34 -4.27 21.07 13.52
N LEU A 35 -3.93 19.80 13.26
CA LEU A 35 -2.55 19.45 12.96
C LEU A 35 -2.11 20.16 11.68
N ILE A 36 -2.97 20.11 10.67
CA ILE A 36 -2.69 20.76 9.41
C ILE A 36 -2.38 22.22 9.68
N GLU A 37 -3.06 22.77 10.68
CA GLU A 37 -2.84 24.16 11.07
C GLU A 37 -1.43 24.31 11.62
N HIS A 38 -1.05 23.38 12.50
CA HIS A 38 0.28 23.40 13.09
C HIS A 38 1.32 23.12 12.01
N PHE A 39 0.86 22.48 10.94
CA PHE A 39 1.74 22.15 9.83
C PHE A 39 2.05 23.41 9.03
N GLU A 40 1.01 24.19 8.77
CA GLU A 40 1.17 25.43 8.04
C GLU A 40 1.68 26.52 8.97
N LYS A 41 1.60 26.24 10.27
CA LYS A 41 2.06 27.17 11.29
C LYS A 41 3.57 27.04 11.47
N GLN A 42 4.06 25.81 11.60
CA GLN A 42 5.50 25.59 11.75
C GLN A 42 6.19 25.81 10.41
N GLY A 43 5.53 25.38 9.35
CA GLY A 43 6.07 25.51 8.00
C GLY A 43 6.08 24.16 7.30
N LEU A 44 5.35 23.21 7.88
CA LEU A 44 5.27 21.86 7.33
C LEU A 44 4.16 21.77 6.30
N GLU A 45 4.54 21.90 5.04
CA GLU A 45 3.58 21.83 3.95
C GLU A 45 2.81 20.52 3.97
N VAL A 46 1.52 20.60 4.26
CA VAL A 46 0.69 19.41 4.30
C VAL A 46 0.38 18.95 2.88
N PHE A 47 1.13 17.97 2.41
CA PHE A 47 0.94 17.45 1.06
C PHE A 47 -0.07 16.30 1.08
N ASN A 48 -0.90 16.23 0.05
CA ASN A 48 -1.90 15.16 -0.05
C ASN A 48 -3.15 15.48 0.78
N ALA A 49 -3.13 15.08 2.04
CA ALA A 49 -4.27 15.33 2.92
C ALA A 49 -5.57 15.11 2.17
N HIS A 50 -6.61 15.77 2.63
CA HIS A 50 -7.91 15.67 2.02
C HIS A 50 -8.71 16.93 2.39
N ARG A 51 -8.17 18.08 2.03
CA ARG A 51 -8.83 19.34 2.34
C ARG A 51 -10.08 19.49 1.48
N ARG A 52 -10.19 20.61 0.76
CA ARG A 52 -11.35 20.81 -0.09
C ARG A 52 -11.90 19.46 -0.50
N GLU A 53 -10.99 18.51 -0.68
CA GLU A 53 -11.38 17.16 -1.03
C GLU A 53 -12.31 16.60 0.04
N ALA A 54 -11.77 16.39 1.23
CA ALA A 54 -12.58 15.87 2.33
C ALA A 54 -13.44 16.97 2.94
N TRP A 55 -13.50 18.12 2.28
CA TRP A 55 -14.28 19.24 2.78
C TRP A 55 -15.42 19.58 1.82
N GLY A 56 -15.42 18.95 0.65
CA GLY A 56 -16.47 19.19 -0.33
C GLY A 56 -16.50 18.10 -1.40
N ALA A 57 -15.33 17.53 -1.69
CA ALA A 57 -15.23 16.48 -2.70
C ALA A 57 -14.56 15.22 -2.14
N GLN A 58 -14.57 15.08 -0.82
CA GLN A 58 -13.94 13.92 -0.18
C GLN A 58 -13.95 12.72 -1.10
N VAL A 59 -13.06 11.76 -0.83
CA VAL A 59 -12.98 10.56 -1.66
C VAL A 59 -12.55 10.94 -3.06
N LEU A 60 -11.26 11.13 -3.24
CA LEU A 60 -10.72 11.53 -4.53
C LEU A 60 -11.04 10.49 -5.58
N THR A 61 -10.23 10.52 -6.62
CA THR A 61 -10.39 9.60 -7.72
C THR A 61 -9.03 9.03 -8.07
N PRO A 62 -8.98 7.75 -8.28
CA PRO A 62 -7.74 7.02 -8.60
C PRO A 62 -6.75 7.91 -9.38
N GLU A 63 -7.23 8.52 -10.45
CA GLU A 63 -6.39 9.38 -11.27
C GLU A 63 -5.96 10.60 -10.48
N GLU A 64 -6.27 10.59 -9.19
CA GLU A 64 -5.91 11.69 -8.32
C GLU A 64 -5.24 11.17 -7.05
N CYS A 65 -6.02 10.51 -6.20
CA CYS A 65 -5.51 9.96 -4.96
C CYS A 65 -4.29 9.07 -5.20
N THR A 66 -4.35 8.22 -6.22
CA THR A 66 -3.23 7.34 -6.50
C THR A 66 -1.96 8.12 -6.84
N PRO A 67 -1.84 8.58 -8.06
CA PRO A 67 -0.66 9.35 -8.52
C PRO A 67 -0.29 10.47 -7.55
N LEU A 68 -1.26 11.30 -7.19
CA LEU A 68 -0.99 12.40 -6.26
C LEU A 68 -0.46 11.86 -4.94
N ASP A 69 -0.98 10.70 -4.53
CA ASP A 69 -0.54 10.10 -3.30
C ASP A 69 0.93 9.73 -3.39
N GLN A 70 1.28 8.96 -4.42
CA GLN A 70 2.67 8.54 -4.60
C GLN A 70 3.57 9.75 -4.90
N LEU A 71 3.14 10.61 -5.81
CA LEU A 71 3.93 11.79 -6.15
C LEU A 71 4.18 12.60 -4.90
N GLU A 72 3.14 12.81 -4.11
CA GLU A 72 3.27 13.56 -2.88
C GLU A 72 4.01 12.70 -1.85
N ILE A 73 3.97 11.39 -2.05
CA ILE A 73 4.63 10.46 -1.15
C ILE A 73 6.14 10.69 -1.19
N ARG A 74 6.65 11.01 -2.38
CA ARG A 74 8.07 11.27 -2.54
C ARG A 74 8.34 12.77 -2.38
N LYS A 75 7.45 13.59 -2.95
CA LYS A 75 7.60 15.04 -2.85
C LYS A 75 7.61 15.46 -1.38
N ALA A 76 6.67 14.92 -0.62
CA ALA A 76 6.54 15.23 0.80
C ALA A 76 7.89 15.07 1.50
N ASP A 77 8.26 16.07 2.29
CA ASP A 77 9.52 16.01 3.03
C ASP A 77 9.44 14.95 4.12
N VAL A 78 8.24 14.79 4.68
CA VAL A 78 8.02 13.80 5.72
C VAL A 78 6.71 13.07 5.44
N PHE A 79 6.64 11.81 5.88
CA PHE A 79 5.45 11.03 5.64
C PHE A 79 4.64 10.80 6.91
N VAL A 80 3.43 11.36 6.94
CA VAL A 80 2.54 11.21 8.07
C VAL A 80 1.17 10.74 7.60
N ALA A 81 0.69 9.64 8.18
CA ALA A 81 -0.61 9.10 7.80
C ALA A 81 -1.43 8.75 9.04
N ILE A 82 -2.65 8.29 8.83
CA ILE A 82 -3.52 7.94 9.94
C ILE A 82 -4.24 6.63 9.69
N PRO A 83 -3.82 5.58 10.36
CA PRO A 83 -4.45 4.24 10.24
C PRO A 83 -5.95 4.37 10.08
N GLY A 84 -6.61 4.12 11.17
CA GLY A 84 -8.07 4.20 11.24
C GLY A 84 -8.70 2.93 10.67
N ILE A 85 -8.23 1.77 11.13
CA ILE A 85 -8.77 0.50 10.65
C ILE A 85 -10.19 0.68 10.14
N PRO A 86 -10.61 -0.16 9.21
CA PRO A 86 -9.78 -1.27 8.67
C PRO A 86 -8.42 -0.78 8.17
N PRO A 87 -7.47 -1.67 8.03
CA PRO A 87 -6.11 -1.33 7.56
C PRO A 87 -6.10 -0.19 6.55
N SER A 88 -6.36 1.01 7.03
CA SER A 88 -6.39 2.19 6.17
C SER A 88 -6.04 1.84 4.74
N PRO A 89 -6.96 1.25 4.02
CA PRO A 89 -6.74 0.85 2.62
C PRO A 89 -5.86 1.84 1.84
N GLY A 90 -6.43 3.00 1.53
CA GLY A 90 -5.70 4.03 0.79
C GLY A 90 -4.41 4.42 1.50
N THR A 91 -4.53 4.71 2.79
CA THR A 91 -3.35 5.08 3.57
C THR A 91 -2.30 4.00 3.47
N HIS A 92 -2.52 2.88 4.15
CA HIS A 92 -1.58 1.79 4.08
C HIS A 92 -0.84 1.84 2.75
N VAL A 93 -1.56 1.66 1.65
CA VAL A 93 -0.93 1.71 0.34
C VAL A 93 0.03 2.88 0.31
N GLU A 94 -0.41 3.99 0.89
CA GLU A 94 0.40 5.19 0.96
C GLU A 94 1.64 4.93 1.81
N ILE A 95 1.43 4.19 2.90
CA ILE A 95 2.51 3.85 3.80
C ILE A 95 3.48 2.90 3.11
N GLY A 96 2.95 1.78 2.61
CA GLY A 96 3.79 0.83 1.90
C GLY A 96 4.55 1.58 0.80
N TRP A 97 3.90 2.62 0.29
CA TRP A 97 4.51 3.44 -0.73
C TRP A 97 5.74 4.11 -0.16
N ALA A 98 5.56 4.75 0.99
CA ALA A 98 6.67 5.41 1.65
C ALA A 98 7.73 4.36 2.01
N SER A 99 7.34 3.09 1.91
CA SER A 99 8.26 2.00 2.20
C SER A 99 9.24 1.84 1.04
N ALA A 100 8.74 1.48 -0.15
CA ALA A 100 9.63 1.34 -1.29
C ALA A 100 10.12 2.73 -1.70
N PHE A 101 9.34 3.73 -1.31
CA PHE A 101 9.67 5.11 -1.60
C PHE A 101 10.92 5.50 -0.82
N ASP A 102 10.87 5.27 0.50
CA ASP A 102 11.99 5.58 1.38
C ASP A 102 11.68 6.80 2.25
N LYS A 103 10.76 7.64 1.79
CA LYS A 103 10.40 8.84 2.55
C LYS A 103 9.99 8.49 3.97
N PRO A 104 10.68 9.06 4.93
CA PRO A 104 10.40 8.83 6.38
C PRO A 104 8.91 8.63 6.65
N ILE A 105 8.57 7.68 7.51
CA ILE A 105 7.17 7.40 7.80
C ILE A 105 6.81 7.71 9.25
N VAL A 106 5.55 8.06 9.44
CA VAL A 106 5.01 8.39 10.75
C VAL A 106 3.49 8.34 10.71
N LEU A 107 2.91 7.32 11.35
CA LEU A 107 1.46 7.16 11.35
C LEU A 107 0.88 7.45 12.72
N LEU A 108 -0.40 7.81 12.75
CA LEU A 108 -1.08 8.10 14.00
C LEU A 108 -1.97 6.92 14.39
N LEU A 109 -1.39 5.98 15.13
CA LEU A 109 -2.11 4.80 15.56
C LEU A 109 -3.46 5.19 16.17
N GLU A 110 -4.46 4.36 15.93
CA GLU A 110 -5.80 4.63 16.45
C GLU A 110 -6.08 3.84 17.72
N GLU A 111 -5.19 3.96 18.70
CA GLU A 111 -5.36 3.26 19.96
C GLU A 111 -6.44 2.19 19.85
N GLY A 112 -6.25 1.29 18.89
CA GLY A 112 -7.19 0.21 18.63
C GLY A 112 -7.00 -0.28 17.20
N ARG A 113 -7.35 0.58 16.25
CA ARG A 113 -7.18 0.26 14.85
C ARG A 113 -5.73 -0.19 14.64
N GLU A 114 -4.83 0.60 15.18
CA GLU A 114 -3.41 0.33 15.09
C GLU A 114 -3.13 -1.11 15.51
N GLU A 115 -3.72 -1.51 16.62
CA GLU A 115 -3.56 -2.88 17.11
C GLU A 115 -4.01 -3.84 16.02
N GLU A 116 -5.05 -3.43 15.29
CA GLU A 116 -5.57 -4.24 14.21
C GLU A 116 -4.60 -4.23 13.03
N TYR A 117 -4.20 -3.04 12.59
CA TYR A 117 -3.28 -2.92 11.48
C TYR A 117 -2.19 -3.98 11.59
N GLY A 118 -1.31 -3.79 12.57
CA GLY A 118 -0.21 -4.70 12.82
C GLY A 118 0.38 -5.20 11.53
N PHE A 119 -0.39 -5.99 10.80
CA PHE A 119 0.05 -6.56 9.55
C PHE A 119 1.13 -5.69 8.89
N LEU A 120 0.72 -4.65 8.17
CA LEU A 120 1.70 -3.82 7.47
C LEU A 120 2.13 -2.60 8.28
N VAL A 121 1.27 -2.07 9.12
CA VAL A 121 1.68 -0.92 9.91
C VAL A 121 2.85 -1.36 10.80
N ARG A 122 2.66 -2.50 11.45
CA ARG A 122 3.71 -3.05 12.31
C ARG A 122 4.88 -3.47 11.44
N GLY A 123 4.63 -4.33 10.45
CA GLY A 123 5.68 -4.75 9.55
C GLY A 123 6.36 -3.53 8.95
N LEU A 124 5.66 -2.41 9.05
CA LEU A 124 6.17 -1.15 8.53
C LEU A 124 7.20 -0.56 9.49
N GLY A 125 6.86 -0.56 10.77
CA GLY A 125 7.76 -0.04 11.79
C GLY A 125 9.04 -0.85 11.83
N THR A 126 8.94 -2.10 11.39
CA THR A 126 10.10 -2.99 11.39
C THR A 126 10.89 -2.89 10.09
N VAL A 127 10.20 -2.63 8.97
CA VAL A 127 10.89 -2.53 7.68
C VAL A 127 11.50 -1.14 7.48
N ALA A 128 10.69 -0.10 7.57
CA ALA A 128 11.19 1.25 7.38
C ALA A 128 10.83 2.12 8.58
N ALA A 129 11.61 3.17 8.80
CA ALA A 129 11.37 4.06 9.92
C ALA A 129 9.92 4.52 9.95
N VAL A 130 9.07 3.67 10.48
CA VAL A 130 7.64 3.98 10.58
C VAL A 130 7.28 4.29 12.03
N GLU A 131 6.99 5.56 12.29
CA GLU A 131 6.65 5.98 13.64
C GLU A 131 5.21 5.63 13.98
N PHE A 132 5.05 4.87 15.06
CA PHE A 132 3.72 4.49 15.52
C PHE A 132 3.27 5.44 16.62
N VAL A 133 2.52 6.47 16.25
CA VAL A 133 2.05 7.44 17.24
C VAL A 133 0.58 7.24 17.59
N HIS A 134 0.34 6.60 18.73
CA HIS A 134 -1.02 6.37 19.21
C HIS A 134 -1.63 7.71 19.59
N TYR A 135 -2.88 7.95 19.22
CA TYR A 135 -3.47 9.23 19.57
C TYR A 135 -4.91 9.10 20.04
N LYS A 136 -5.12 9.38 21.32
CA LYS A 136 -6.46 9.34 21.91
C LYS A 136 -6.99 10.76 21.94
N ASP A 137 -6.13 11.66 21.47
CA ASP A 137 -6.44 13.09 21.40
C ASP A 137 -5.39 13.74 20.52
N ILE A 138 -5.84 14.41 19.46
CA ILE A 138 -4.91 15.05 18.53
C ILE A 138 -3.94 15.94 19.29
N ALA A 139 -4.43 16.60 20.32
CA ALA A 139 -3.58 17.48 21.12
C ALA A 139 -2.36 16.71 21.64
N LEU A 140 -2.54 15.41 21.86
CA LEU A 140 -1.46 14.56 22.33
C LEU A 140 -0.65 14.05 21.14
N ALA A 141 -1.33 13.82 20.02
CA ALA A 141 -0.69 13.35 18.81
C ALA A 141 0.16 14.47 18.20
N LYS A 142 -0.11 15.69 18.66
CA LYS A 142 0.63 16.84 18.17
C LYS A 142 2.05 16.82 18.70
N PRO A 143 2.19 16.85 20.01
CA PRO A 143 3.52 16.82 20.66
C PRO A 143 4.23 15.49 20.47
N GLN A 144 3.44 14.42 20.37
CA GLN A 144 4.02 13.10 20.17
C GLN A 144 4.42 12.92 18.72
N ILE A 145 3.56 13.36 17.81
CA ILE A 145 3.84 13.26 16.39
C ILE A 145 4.94 14.25 16.03
N ASP A 146 5.06 15.30 16.83
CA ASP A 146 6.07 16.32 16.60
C ASP A 146 7.46 15.80 16.99
N ALA A 147 7.60 15.35 18.23
CA ALA A 147 8.90 14.84 18.68
C ALA A 147 9.30 13.63 17.86
N ALA A 148 8.35 12.75 17.58
CA ALA A 148 8.63 11.56 16.81
C ALA A 148 8.95 11.93 15.36
N ILE A 149 8.28 12.94 14.84
CA ILE A 149 8.51 13.38 13.46
C ILE A 149 9.96 13.85 13.30
N ARG A 150 10.45 14.59 14.30
CA ARG A 150 11.83 15.10 14.24
C ARG A 150 12.85 13.98 14.35
N LYS A 151 12.74 13.20 15.41
CA LYS A 151 13.68 12.10 15.63
C LYS A 151 13.63 11.08 14.48
N VAL A 152 12.44 10.88 13.92
CA VAL A 152 12.30 9.94 12.83
C VAL A 152 12.96 10.46 11.57
N VAL A 153 12.83 11.78 11.34
CA VAL A 153 13.42 12.38 10.16
C VAL A 153 14.95 12.32 10.23
N ASP A 154 15.51 12.65 11.37
CA ASP A 154 16.98 12.61 11.53
C ASP A 154 17.44 11.16 11.66
N ARG A 155 16.52 10.29 12.06
CA ARG A 155 16.85 8.88 12.21
C ARG A 155 16.88 8.20 10.85
N VAL A 156 16.14 8.77 9.90
CA VAL A 156 16.10 8.20 8.55
C VAL A 156 17.07 8.93 7.62
N ASN A 157 17.40 10.17 7.95
CA ASN A 157 18.30 10.97 7.13
C ASN A 157 19.71 11.01 7.71
N ASN A 158 19.84 10.65 8.98
CA ASN A 158 21.15 10.67 9.62
C ASN A 158 21.06 10.00 10.98
N PRO A 159 21.00 8.69 10.99
CA PRO A 159 20.89 7.89 12.23
C PRO A 159 22.05 8.17 13.19
N ALA A 160 22.59 7.12 13.82
CA ALA A 160 23.68 7.30 14.76
C ALA A 160 25.00 6.79 14.15
N ALA A 161 26.02 7.65 14.17
CA ALA A 161 27.32 7.29 13.64
C ALA A 161 28.41 7.59 14.66
N THR A 162 29.67 7.56 14.22
CA THR A 162 30.78 7.81 15.13
C THR A 162 31.61 9.01 14.65
N PRO A 163 31.99 9.86 15.55
CA PRO A 163 32.80 11.07 15.23
C PRO A 163 34.27 10.73 15.03
N LYS B 1 14.65 -14.89 -24.09
CA LYS B 1 14.19 -15.12 -22.69
C LYS B 1 12.69 -14.87 -22.60
N ALA B 2 12.27 -14.21 -21.53
CA ALA B 2 10.85 -13.92 -21.35
C ALA B 2 10.13 -15.15 -20.80
N GLY B 3 9.20 -14.92 -19.88
CA GLY B 3 8.45 -16.01 -19.28
C GLY B 3 8.42 -15.86 -17.77
N VAL B 4 7.63 -14.89 -17.30
CA VAL B 4 7.51 -14.63 -15.88
C VAL B 4 8.27 -15.69 -15.07
N ARG B 5 9.52 -15.41 -14.75
CA ARG B 5 10.34 -16.36 -14.00
C ARG B 5 9.72 -16.62 -12.62
N SER B 6 9.05 -15.62 -12.07
CA SER B 6 8.40 -15.75 -10.77
C SER B 6 7.25 -14.77 -10.63
N VAL B 7 6.06 -15.28 -10.35
CA VAL B 7 4.88 -14.43 -10.21
C VAL B 7 4.57 -14.14 -8.74
N PHE B 8 4.47 -12.86 -8.41
CA PHE B 8 4.16 -12.45 -7.04
C PHE B 8 2.66 -12.58 -6.80
N LEU B 9 2.26 -13.00 -5.60
CA LEU B 9 0.83 -13.16 -5.32
C LEU B 9 0.48 -12.64 -3.92
N ALA B 10 -0.53 -11.78 -3.87
CA ALA B 10 -0.99 -11.21 -2.60
C ALA B 10 -2.52 -11.24 -2.52
N GLY B 11 -3.07 -11.04 -1.32
CA GLY B 11 -4.53 -11.07 -1.16
C GLY B 11 -5.00 -10.05 -0.12
N PRO B 12 -6.28 -9.78 -0.09
CA PRO B 12 -6.89 -8.81 0.88
C PRO B 12 -6.92 -9.39 2.28
N PHE B 13 -5.76 -9.80 2.76
CA PHE B 13 -5.64 -10.40 4.08
C PHE B 13 -6.71 -9.92 5.03
N MET B 14 -6.29 -9.37 6.16
CA MET B 14 -7.24 -8.91 7.15
C MET B 14 -8.65 -8.92 6.58
N GLY B 15 -8.95 -7.94 5.73
CA GLY B 15 -10.27 -7.84 5.11
C GLY B 15 -11.01 -9.18 5.14
N LEU B 16 -10.56 -10.13 4.32
CA LEU B 16 -11.19 -11.45 4.28
C LEU B 16 -11.10 -12.11 5.64
N VAL B 17 -9.95 -11.95 6.29
CA VAL B 17 -9.75 -12.55 7.60
C VAL B 17 -9.78 -11.49 8.69
N ASN B 18 -10.44 -11.78 9.79
CA ASN B 18 -10.51 -10.83 10.89
C ASN B 18 -9.14 -10.15 11.03
N PRO B 19 -9.06 -8.90 10.72
CA PRO B 19 -7.80 -8.12 10.80
C PRO B 19 -6.81 -8.71 11.78
N GLU B 20 -6.31 -9.91 11.45
CA GLU B 20 -5.34 -10.61 12.29
C GLU B 20 -5.86 -11.96 12.75
N THR B 21 -6.53 -12.66 11.84
CA THR B 21 -7.07 -13.98 12.15
C THR B 21 -6.40 -15.04 11.30
N ASN B 22 -7.10 -16.14 11.10
CA ASN B 22 -6.58 -17.22 10.30
C ASN B 22 -7.65 -17.77 9.37
N SER B 23 -8.75 -17.03 9.23
CA SER B 23 -9.83 -17.44 8.35
C SER B 23 -9.46 -17.15 6.90
N MET B 24 -9.82 -18.06 6.00
CA MET B 24 -9.51 -17.88 4.59
C MET B 24 -10.33 -18.84 3.72
N PRO B 25 -11.23 -18.31 2.94
CA PRO B 25 -12.10 -19.13 2.03
C PRO B 25 -11.31 -20.16 1.24
N SER B 26 -11.73 -21.42 1.36
CA SER B 26 -11.08 -22.50 0.65
C SER B 26 -11.17 -22.28 -0.86
N ALA B 27 -12.37 -21.91 -1.31
CA ALA B 27 -12.61 -21.67 -2.72
C ALA B 27 -11.84 -20.44 -3.19
N GLU B 28 -11.05 -19.87 -2.29
CA GLU B 28 -10.24 -18.70 -2.63
C GLU B 28 -8.79 -19.11 -2.79
N GLN B 29 -8.19 -19.59 -1.69
CA GLN B 29 -6.82 -20.04 -1.76
C GLN B 29 -6.68 -21.13 -2.80
N LEU B 30 -7.77 -21.89 -2.97
CA LEU B 30 -7.78 -22.97 -3.95
C LEU B 30 -7.59 -22.39 -5.35
N PRO B 31 -8.45 -21.49 -5.76
CA PRO B 31 -8.31 -20.83 -7.08
C PRO B 31 -6.85 -20.47 -7.27
N PHE B 32 -6.25 -19.94 -6.21
CA PHE B 32 -4.85 -19.59 -6.22
C PHE B 32 -4.00 -20.84 -6.42
N LEU B 33 -4.46 -21.96 -5.88
CA LEU B 33 -3.73 -23.21 -6.01
C LEU B 33 -3.67 -23.62 -7.47
N THR B 34 -4.77 -23.42 -8.18
CA THR B 34 -4.83 -23.76 -9.59
C THR B 34 -3.84 -22.89 -10.37
N LEU B 35 -3.95 -21.59 -10.19
CA LEU B 35 -3.03 -20.66 -10.87
C LEU B 35 -1.62 -20.93 -10.39
N ILE B 36 -1.48 -21.06 -9.08
CA ILE B 36 -0.18 -21.34 -8.48
C ILE B 36 0.39 -22.59 -9.13
N GLU B 37 -0.49 -23.52 -9.47
CA GLU B 37 -0.08 -24.75 -10.12
C GLU B 37 0.47 -24.43 -11.51
N HIS B 38 -0.26 -23.59 -12.24
CA HIS B 38 0.16 -23.18 -13.57
C HIS B 38 1.41 -22.33 -13.48
N PHE B 39 1.63 -21.75 -12.30
CA PHE B 39 2.81 -20.93 -12.07
C PHE B 39 4.03 -21.84 -11.92
N GLU B 40 3.87 -22.90 -11.14
CA GLU B 40 4.95 -23.84 -10.93
C GLU B 40 5.04 -24.78 -12.13
N LYS B 41 3.98 -24.77 -12.95
CA LYS B 41 3.93 -25.61 -14.13
C LYS B 41 4.69 -24.94 -15.27
N GLN B 42 4.43 -23.66 -15.50
CA GLN B 42 5.12 -22.93 -16.57
C GLN B 42 6.55 -22.62 -16.14
N GLY B 43 6.72 -22.29 -14.86
CA GLY B 43 8.03 -21.97 -14.31
C GLY B 43 7.97 -20.63 -13.58
N LEU B 44 6.76 -20.16 -13.32
CA LEU B 44 6.56 -18.89 -12.65
C LEU B 44 6.55 -19.07 -11.14
N GLU B 45 7.70 -18.84 -10.52
CA GLU B 45 7.84 -18.98 -9.08
C GLU B 45 6.85 -18.08 -8.36
N VAL B 46 5.88 -18.70 -7.69
CA VAL B 46 4.87 -17.95 -6.96
C VAL B 46 5.46 -17.41 -5.66
N PHE B 47 5.87 -16.15 -5.70
CA PHE B 47 6.47 -15.51 -4.52
C PHE B 47 5.39 -14.87 -3.65
N ASN B 48 5.58 -14.95 -2.34
CA ASN B 48 4.62 -14.37 -1.41
C ASN B 48 3.44 -15.31 -1.19
N ALA B 49 2.42 -15.17 -2.04
CA ALA B 49 1.22 -16.01 -1.93
C ALA B 49 0.82 -16.18 -0.47
N HIS B 50 0.10 -17.26 -0.20
CA HIS B 50 -0.33 -17.57 1.15
C HIS B 50 -0.54 -19.07 1.27
N ARG B 51 0.48 -19.83 0.89
CA ARG B 51 0.39 -21.29 0.93
C ARG B 51 0.25 -21.78 2.37
N ARG B 52 1.13 -22.71 2.78
CA ARG B 52 1.06 -23.22 4.13
C ARG B 52 0.46 -22.15 5.03
N GLU B 53 0.78 -20.91 4.71
CA GLU B 53 0.27 -19.78 5.46
C GLU B 53 -1.25 -19.81 5.44
N ALA B 54 -1.83 -19.65 4.27
CA ALA B 54 -3.28 -19.66 4.14
C ALA B 54 -3.79 -21.10 4.11
N TRP B 55 -2.91 -22.05 4.41
CA TRP B 55 -3.30 -23.45 4.40
C TRP B 55 -3.18 -24.05 5.81
N GLY B 56 -2.65 -23.26 6.74
CA GLY B 56 -2.50 -23.72 8.12
C GLY B 56 -2.20 -22.56 9.07
N ALA B 57 -1.52 -21.54 8.57
CA ALA B 57 -1.17 -20.39 9.39
C ALA B 57 -1.63 -19.09 8.75
N GLN B 58 -2.62 -19.18 7.87
CA GLN B 58 -3.15 -18.02 7.17
C GLN B 58 -2.99 -16.77 8.03
N VAL B 59 -2.98 -15.61 7.39
CA VAL B 59 -2.83 -14.36 8.11
C VAL B 59 -1.45 -14.31 8.76
N LEU B 60 -0.47 -13.95 7.95
CA LEU B 60 0.91 -13.87 8.42
C LEU B 60 1.03 -12.89 9.56
N THR B 61 2.23 -12.41 9.72
CA THR B 61 2.52 -11.46 10.77
C THR B 61 3.37 -10.34 10.20
N PRO B 62 3.05 -9.14 10.55
CA PRO B 62 3.74 -7.93 10.06
C PRO B 62 5.21 -8.19 9.78
N GLU B 63 5.90 -8.77 10.75
CA GLU B 63 7.33 -9.07 10.59
C GLU B 63 7.52 -10.15 9.54
N GLU B 64 6.43 -10.48 8.85
CA GLU B 64 6.46 -11.49 7.81
C GLU B 64 5.81 -10.96 6.55
N CYS B 65 4.49 -10.79 6.60
CA CYS B 65 3.75 -10.30 5.46
C CYS B 65 4.31 -8.98 4.93
N THR B 66 4.67 -8.07 5.83
CA THR B 66 5.20 -6.78 5.39
C THR B 66 6.52 -6.96 4.64
N PRO B 67 7.62 -7.12 5.36
CA PRO B 67 8.95 -7.30 4.74
C PRO B 67 8.93 -8.32 3.60
N LEU B 68 8.42 -9.51 3.88
CA LEU B 68 8.36 -10.53 2.85
C LEU B 68 7.56 -10.05 1.66
N ASP B 69 6.52 -9.27 1.92
CA ASP B 69 5.69 -8.75 0.85
C ASP B 69 6.50 -7.84 -0.05
N GLN B 70 7.13 -6.84 0.55
CA GLN B 70 7.93 -5.89 -0.21
C GLN B 70 9.17 -6.55 -0.81
N LEU B 71 9.87 -7.35 -0.01
CA LEU B 71 11.06 -8.04 -0.51
C LEU B 71 10.69 -8.89 -1.70
N GLU B 72 9.56 -9.58 -1.60
CA GLU B 72 9.09 -10.41 -2.68
C GLU B 72 8.52 -9.53 -3.77
N ILE B 73 8.09 -8.34 -3.38
CA ILE B 73 7.52 -7.39 -4.32
C ILE B 73 8.57 -7.00 -5.36
N ARG B 74 9.83 -6.90 -4.92
CA ARG B 74 10.92 -6.56 -5.82
C ARG B 74 11.54 -7.84 -6.39
N LYS B 75 11.71 -8.83 -5.53
CA LYS B 75 12.28 -10.11 -5.95
C LYS B 75 11.43 -10.72 -7.07
N ALA B 76 10.13 -10.75 -6.83
CA ALA B 76 9.20 -11.31 -7.80
C ALA B 76 9.46 -10.75 -9.19
N ASP B 77 9.61 -11.65 -10.17
CA ASP B 77 9.85 -11.23 -11.54
C ASP B 77 8.64 -10.48 -12.07
N VAL B 78 7.45 -10.94 -11.68
CA VAL B 78 6.20 -10.29 -12.09
C VAL B 78 5.31 -10.07 -10.87
N PHE B 79 4.46 -9.04 -10.90
CA PHE B 79 3.59 -8.75 -9.77
C PHE B 79 2.14 -9.06 -10.07
N VAL B 80 1.60 -10.05 -9.36
CA VAL B 80 0.21 -10.44 -9.53
C VAL B 80 -0.49 -10.46 -8.17
N ALA B 81 -1.62 -9.76 -8.08
CA ALA B 81 -2.36 -9.72 -6.82
C ALA B 81 -3.84 -9.95 -7.06
N ILE B 82 -4.62 -9.95 -5.99
CA ILE B 82 -6.06 -10.17 -6.11
C ILE B 82 -6.83 -9.22 -5.22
N PRO B 83 -7.44 -8.23 -5.81
CA PRO B 83 -8.28 -7.26 -5.09
C PRO B 83 -9.03 -7.94 -3.97
N GLY B 84 -10.28 -8.16 -4.24
CA GLY B 84 -11.18 -8.81 -3.30
C GLY B 84 -11.68 -7.84 -2.24
N ILE B 85 -12.18 -6.68 -2.69
CA ILE B 85 -12.68 -5.68 -1.77
C ILE B 85 -13.12 -6.31 -0.44
N PRO B 86 -13.09 -5.54 0.62
CA PRO B 86 -12.67 -4.11 0.61
C PRO B 86 -11.30 -3.93 -0.04
N PRO B 87 -10.98 -2.73 -0.45
CA PRO B 87 -9.68 -2.40 -1.10
C PRO B 87 -8.55 -3.27 -0.57
N SER B 88 -8.55 -4.53 -0.97
CA SER B 88 -7.51 -5.46 -0.56
C SER B 88 -6.45 -4.76 0.30
N PRO B 89 -6.75 -4.47 1.52
CA PRO B 89 -5.81 -3.80 2.45
C PRO B 89 -4.36 -4.22 2.21
N GLY B 90 -4.03 -5.44 2.63
CA GLY B 90 -2.68 -5.96 2.48
C GLY B 90 -2.23 -5.93 1.03
N THR B 91 -3.06 -6.46 0.14
CA THR B 91 -2.72 -6.46 -1.27
C THR B 91 -2.41 -5.05 -1.73
N HIS B 92 -3.46 -4.24 -1.86
CA HIS B 92 -3.27 -2.86 -2.28
C HIS B 92 -1.89 -2.38 -1.86
N VAL B 93 -1.63 -2.34 -0.56
CA VAL B 93 -0.31 -1.91 -0.10
C VAL B 93 0.74 -2.59 -0.95
N GLU B 94 0.52 -3.87 -1.20
CA GLU B 94 1.42 -4.66 -2.01
C GLU B 94 1.48 -4.06 -3.42
N ILE B 95 0.31 -3.71 -3.95
CA ILE B 95 0.24 -3.12 -5.27
C ILE B 95 0.94 -1.76 -5.28
N GLY B 96 0.50 -0.87 -4.41
CA GLY B 96 1.13 0.44 -4.30
C GLY B 96 2.63 0.25 -4.16
N TRP B 97 3.01 -0.85 -3.52
CA TRP B 97 4.42 -1.18 -3.34
C TRP B 97 5.03 -1.39 -4.71
N ALA B 98 4.42 -2.27 -5.50
CA ALA B 98 4.89 -2.53 -6.85
C ALA B 98 4.87 -1.23 -7.64
N SER B 99 4.21 -0.22 -7.08
CA SER B 99 4.12 1.08 -7.73
C SER B 99 5.45 1.82 -7.58
N ALA B 100 5.83 2.16 -6.34
CA ALA B 100 7.10 2.82 -6.13
C ALA B 100 8.22 1.84 -6.45
N PHE B 101 7.90 0.56 -6.30
CA PHE B 101 8.83 -0.52 -6.57
C PHE B 101 9.19 -0.54 -8.06
N ASP B 102 8.15 -0.48 -8.91
CA ASP B 102 8.33 -0.50 -10.36
C ASP B 102 8.01 -1.87 -10.95
N LYS B 103 8.11 -2.91 -10.12
CA LYS B 103 7.84 -4.27 -10.59
C LYS B 103 6.48 -4.35 -11.28
N PRO B 104 6.47 -4.77 -12.53
CA PRO B 104 5.23 -4.93 -13.33
C PRO B 104 4.05 -5.40 -12.47
N ILE B 105 2.89 -4.76 -12.64
CA ILE B 105 1.72 -5.13 -11.84
C ILE B 105 0.64 -5.80 -12.68
N VAL B 106 -0.12 -6.66 -12.01
CA VAL B 106 -1.22 -7.39 -12.64
C VAL B 106 -2.16 -7.93 -11.58
N LEU B 107 -3.33 -7.31 -11.44
CA LEU B 107 -4.28 -7.75 -10.43
C LEU B 107 -5.45 -8.48 -11.06
N LEU B 108 -6.15 -9.28 -10.26
CA LEU B 108 -7.31 -10.01 -10.74
C LEU B 108 -8.57 -9.37 -10.20
N LEU B 109 -9.12 -8.44 -10.97
CA LEU B 109 -10.32 -7.72 -10.56
C LEU B 109 -11.40 -8.70 -10.13
N GLU B 110 -12.18 -8.30 -9.14
CA GLU B 110 -13.25 -9.16 -8.64
C GLU B 110 -14.60 -8.77 -9.23
N GLU B 111 -14.66 -8.66 -10.55
CA GLU B 111 -15.93 -8.30 -11.21
C GLU B 111 -16.91 -7.76 -10.18
N GLY B 112 -16.49 -6.71 -9.48
CA GLY B 112 -17.30 -6.08 -8.45
C GLY B 112 -16.39 -5.34 -7.48
N ARG B 113 -15.62 -6.09 -6.71
CA ARG B 113 -14.69 -5.48 -5.77
C ARG B 113 -13.83 -4.48 -6.54
N GLU B 114 -13.34 -4.94 -7.69
CA GLU B 114 -12.51 -4.12 -8.56
C GLU B 114 -13.18 -2.79 -8.82
N GLU B 115 -14.48 -2.85 -9.08
CA GLU B 115 -15.26 -1.64 -9.33
C GLU B 115 -15.19 -0.76 -8.11
N GLU B 116 -15.14 -1.39 -6.95
CA GLU B 116 -15.03 -0.66 -5.68
C GLU B 116 -13.62 -0.09 -5.52
N TYR B 117 -12.62 -0.96 -5.68
CA TYR B 117 -11.23 -0.52 -5.56
C TYR B 117 -11.06 0.85 -6.20
N GLY B 118 -11.10 0.86 -7.54
CA GLY B 118 -10.96 2.09 -8.32
C GLY B 118 -9.89 2.99 -7.72
N PHE B 119 -10.20 3.53 -6.57
CA PHE B 119 -9.28 4.41 -5.88
C PHE B 119 -7.83 4.16 -6.30
N LEU B 120 -7.19 3.15 -5.70
CA LEU B 120 -5.79 2.89 -6.01
C LEU B 120 -5.59 1.82 -7.07
N VAL B 121 -6.52 0.88 -7.18
CA VAL B 121 -6.35 -0.13 -8.21
C VAL B 121 -6.43 0.58 -9.57
N ARG B 122 -7.42 1.45 -9.71
CA ARG B 122 -7.58 2.22 -10.92
C ARG B 122 -6.42 3.20 -11.04
N GLY B 123 -6.23 4.05 -10.03
CA GLY B 123 -5.13 4.98 -10.08
C GLY B 123 -3.84 4.22 -10.34
N LEU B 124 -3.90 2.92 -10.08
CA LEU B 124 -2.76 2.04 -10.27
C LEU B 124 -2.56 1.75 -11.75
N GLY B 125 -3.65 1.44 -12.44
CA GLY B 125 -3.57 1.15 -13.87
C GLY B 125 -3.15 2.40 -14.63
N THR B 126 -3.40 3.57 -14.03
CA THR B 126 -3.03 4.83 -14.67
C THR B 126 -1.60 5.24 -14.33
N VAL B 127 -1.17 4.95 -13.10
CA VAL B 127 0.18 5.33 -12.69
C VAL B 127 1.22 4.35 -13.20
N ALA B 128 1.08 3.08 -12.86
CA ALA B 128 2.04 2.08 -13.30
C ALA B 128 1.34 0.97 -14.06
N ALA B 129 2.08 0.26 -14.89
CA ALA B 129 1.52 -0.83 -15.68
C ALA B 129 0.79 -1.82 -14.77
N VAL B 130 -0.43 -1.48 -14.41
CA VAL B 130 -1.25 -2.32 -13.56
C VAL B 130 -2.34 -2.99 -14.40
N GLU B 131 -2.20 -4.29 -14.60
CA GLU B 131 -3.16 -5.03 -15.40
C GLU B 131 -4.42 -5.36 -14.60
N PHE B 132 -5.57 -4.89 -15.11
CA PHE B 132 -6.84 -5.17 -14.45
C PHE B 132 -7.48 -6.40 -15.08
N VAL B 133 -7.28 -7.56 -14.46
CA VAL B 133 -7.84 -8.79 -15.00
C VAL B 133 -9.08 -9.24 -14.24
N HIS B 134 -10.26 -8.93 -14.78
CA HIS B 134 -11.53 -9.34 -14.16
C HIS B 134 -11.66 -10.85 -14.25
N TYR B 135 -12.05 -11.50 -13.15
CA TYR B 135 -12.17 -12.96 -13.19
C TYR B 135 -13.43 -13.46 -12.50
N LYS B 136 -14.33 -14.03 -13.31
CA LYS B 136 -15.55 -14.61 -12.80
C LYS B 136 -15.34 -16.12 -12.72
N ASP B 137 -14.14 -16.50 -13.12
CA ASP B 137 -13.71 -17.89 -13.12
C ASP B 137 -12.20 -17.93 -13.31
N ILE B 138 -11.49 -18.54 -12.37
CA ILE B 138 -10.05 -18.63 -12.45
C ILE B 138 -9.61 -19.16 -13.81
N ALA B 139 -10.36 -20.11 -14.32
CA ALA B 139 -10.04 -20.70 -15.62
C ALA B 139 -9.94 -19.60 -16.68
N LEU B 140 -10.72 -18.54 -16.49
CA LEU B 140 -10.72 -17.42 -17.42
C LEU B 140 -9.60 -16.45 -17.05
N ALA B 141 -9.34 -16.34 -15.74
CA ALA B 141 -8.30 -15.45 -15.26
C ALA B 141 -6.93 -16.04 -15.60
N LYS B 142 -6.92 -17.31 -15.96
CA LYS B 142 -5.67 -17.97 -16.31
C LYS B 142 -5.18 -17.49 -17.66
N PRO B 143 -5.97 -17.67 -18.67
CA PRO B 143 -5.63 -17.25 -20.06
C PRO B 143 -5.59 -15.74 -20.18
N GLN B 144 -6.42 -15.05 -19.39
CA GLN B 144 -6.46 -13.60 -19.42
C GLN B 144 -5.29 -13.03 -18.64
N ILE B 145 -5.02 -13.62 -17.49
CA ILE B 145 -3.91 -13.17 -16.66
C ILE B 145 -2.60 -13.57 -17.30
N ASP B 146 -2.67 -14.60 -18.15
CA ASP B 146 -1.48 -15.08 -18.84
C ASP B 146 -1.09 -14.13 -19.97
N ALA B 147 -2.03 -13.86 -20.86
CA ALA B 147 -1.76 -12.97 -21.99
C ALA B 147 -1.44 -11.56 -21.50
N ALA B 148 -2.17 -11.12 -20.48
CA ALA B 148 -1.94 -9.80 -19.92
C ALA B 148 -0.60 -9.76 -19.20
N ILE B 149 -0.26 -10.86 -18.53
CA ILE B 149 1.00 -10.95 -17.81
C ILE B 149 2.19 -10.79 -18.76
N ARG B 150 2.10 -11.41 -19.93
CA ARG B 150 3.18 -11.34 -20.91
C ARG B 150 3.29 -9.94 -21.52
N LYS B 151 2.17 -9.44 -22.04
CA LYS B 151 2.17 -8.12 -22.66
C LYS B 151 2.52 -7.03 -21.65
N VAL B 152 2.11 -7.23 -20.41
CA VAL B 152 2.39 -6.24 -19.38
C VAL B 152 3.87 -6.27 -19.03
N VAL B 153 4.45 -7.45 -18.99
CA VAL B 153 5.87 -7.58 -18.67
C VAL B 153 6.73 -6.92 -19.74
N ASP B 154 6.43 -7.20 -21.01
CA ASP B 154 7.21 -6.61 -22.09
C ASP B 154 6.84 -5.14 -22.26
N ARG B 155 5.65 -4.79 -21.80
CA ARG B 155 5.18 -3.41 -21.88
C ARG B 155 5.87 -2.56 -20.82
N VAL B 156 6.31 -3.20 -19.75
CA VAL B 156 6.99 -2.50 -18.67
C VAL B 156 8.51 -2.63 -18.78
N ASN B 157 8.95 -3.67 -19.47
CA ASN B 157 10.39 -3.90 -19.62
C ASN B 157 10.88 -3.43 -20.99
N ASN B 158 9.96 -3.35 -21.95
CA ASN B 158 10.34 -2.92 -23.30
C ASN B 158 9.10 -2.56 -24.11
N PRO B 159 8.52 -1.42 -23.83
CA PRO B 159 7.30 -0.94 -24.55
C PRO B 159 7.50 -0.89 -26.06
N ALA B 160 6.88 0.10 -26.69
CA ALA B 160 6.99 0.26 -28.14
C ALA B 160 8.01 1.34 -28.50
N ALA B 161 8.95 0.97 -29.35
CA ALA B 161 9.99 1.89 -29.79
C ALA B 161 10.07 1.89 -31.31
N THR B 162 11.16 2.45 -31.84
CA THR B 162 11.33 2.49 -33.29
C THR B 162 12.62 1.79 -33.71
N PRO B 163 12.59 1.07 -34.80
CA PRO B 163 13.77 0.33 -35.32
C PRO B 163 14.70 1.23 -36.13
N LYS A 1 17.59 21.13 15.52
CA LYS A 1 17.95 21.06 14.08
C LYS A 1 16.68 20.83 13.26
N ALA A 2 15.72 20.11 13.83
CA ALA A 2 14.47 19.83 13.14
C ALA A 2 14.76 19.15 11.81
N GLY A 3 13.70 18.74 11.11
CA GLY A 3 13.87 18.06 9.83
C GLY A 3 12.56 17.98 9.02
N VAL A 4 11.51 18.64 9.49
CA VAL A 4 10.24 18.60 8.77
C VAL A 4 9.97 19.94 8.09
N ARG A 5 9.98 19.94 6.76
CA ARG A 5 9.73 21.16 6.00
C ARG A 5 8.37 21.04 5.29
N SER A 6 8.03 19.81 4.92
CA SER A 6 6.76 19.55 4.25
C SER A 6 6.24 18.17 4.63
N VAL A 7 5.00 18.12 5.11
CA VAL A 7 4.42 16.87 5.55
C VAL A 7 3.30 16.38 4.61
N PHE A 8 3.26 15.06 4.41
CA PHE A 8 2.24 14.43 3.59
C PHE A 8 1.20 13.77 4.50
N LEU A 9 -0.08 13.91 4.19
CA LEU A 9 -1.12 13.31 5.04
C LEU A 9 -2.20 12.61 4.22
N ALA A 10 -2.61 11.44 4.71
CA ALA A 10 -3.64 10.64 4.05
C ALA A 10 -4.30 9.72 5.07
N GLY A 11 -5.62 9.63 5.02
CA GLY A 11 -6.36 8.80 5.97
C GLY A 11 -6.81 7.48 5.35
N PRO A 12 -7.49 6.68 6.12
CA PRO A 12 -8.00 5.36 5.66
C PRO A 12 -8.88 5.49 4.42
N PHE A 13 -9.03 6.71 3.93
CA PHE A 13 -9.85 6.96 2.75
C PHE A 13 -10.84 5.82 2.49
N MET A 14 -11.06 5.53 1.21
CA MET A 14 -11.99 4.47 0.83
C MET A 14 -12.34 3.58 2.02
N GLY A 15 -11.34 3.27 2.84
CA GLY A 15 -11.56 2.43 4.00
C GLY A 15 -12.42 3.16 5.04
N LEU A 16 -11.87 4.22 5.62
CA LEU A 16 -12.61 4.99 6.61
C LEU A 16 -14.00 5.28 6.08
N VAL A 17 -14.12 5.16 4.76
CA VAL A 17 -15.39 5.40 4.09
C VAL A 17 -15.83 4.12 3.39
N ASN A 18 -16.94 4.18 2.69
CA ASN A 18 -17.42 3.02 1.95
C ASN A 18 -16.71 2.97 0.60
N PRO A 19 -16.01 1.89 0.34
CA PRO A 19 -15.25 1.72 -0.92
C PRO A 19 -15.77 2.57 -2.07
N GLU A 20 -15.39 3.85 -2.06
CA GLU A 20 -15.79 4.81 -3.09
C GLU A 20 -17.13 5.46 -2.77
N THR A 21 -17.23 5.99 -1.56
CA THR A 21 -18.44 6.66 -1.12
C THR A 21 -18.06 7.95 -0.41
N ASN A 22 -18.98 8.52 0.36
CA ASN A 22 -18.69 9.76 1.06
C ASN A 22 -19.29 9.76 2.46
N SER A 23 -18.46 9.36 3.44
CA SER A 23 -18.88 9.32 4.84
C SER A 23 -17.71 9.61 5.75
N MET A 24 -16.93 10.61 5.38
CA MET A 24 -15.75 11.00 6.14
C MET A 24 -16.15 11.93 7.30
N PRO A 25 -16.09 11.41 8.49
CA PRO A 25 -16.43 12.17 9.72
C PRO A 25 -15.95 13.61 9.66
N SER A 26 -16.89 14.54 9.87
CA SER A 26 -16.54 15.96 9.85
C SER A 26 -15.68 16.29 11.07
N ALA A 27 -16.17 15.91 12.24
CA ALA A 27 -15.43 16.15 13.47
C ALA A 27 -14.02 15.57 13.36
N GLU A 28 -13.80 14.80 12.30
CA GLU A 28 -12.48 14.20 12.07
C GLU A 28 -11.64 15.13 11.22
N GLN A 29 -12.21 15.56 10.10
CA GLN A 29 -11.50 16.48 9.21
C GLN A 29 -10.97 17.65 10.03
N LEU A 30 -11.72 18.02 11.07
CA LEU A 30 -11.33 19.11 11.93
C LEU A 30 -9.99 18.79 12.58
N PRO A 31 -9.94 17.75 13.36
CA PRO A 31 -8.68 17.31 14.01
C PRO A 31 -7.53 17.41 13.02
N PHE A 32 -7.85 17.12 11.76
CA PHE A 32 -6.87 17.19 10.68
C PHE A 32 -6.50 18.64 10.40
N LEU A 33 -7.47 19.53 10.48
CA LEU A 33 -7.21 20.95 10.24
C LEU A 33 -6.30 21.49 11.34
N THR A 34 -6.43 20.90 12.53
CA THR A 34 -5.61 21.30 13.67
C THR A 34 -4.18 20.86 13.46
N LEU A 35 -3.98 19.58 13.15
CA LEU A 35 -2.64 19.07 12.91
C LEU A 35 -2.08 19.74 11.67
N ILE A 36 -2.82 19.63 10.57
CA ILE A 36 -2.42 20.25 9.32
C ILE A 36 -2.07 21.71 9.56
N GLU A 37 -2.78 22.32 10.49
CA GLU A 37 -2.53 23.72 10.83
C GLU A 37 -1.18 23.86 11.50
N HIS A 38 -0.88 22.94 12.41
CA HIS A 38 0.41 22.97 13.10
C HIS A 38 1.53 22.76 12.10
N PHE A 39 1.17 22.14 10.99
CA PHE A 39 2.12 21.90 9.92
C PHE A 39 2.40 23.20 9.19
N GLU A 40 1.34 23.74 8.57
CA GLU A 40 1.46 25.00 7.85
C GLU A 40 1.87 26.11 8.82
N LYS A 41 1.78 25.81 10.12
CA LYS A 41 2.12 26.79 11.16
C LYS A 41 3.58 26.68 11.55
N GLN A 42 4.05 25.45 11.76
CA GLN A 42 5.44 25.24 12.15
C GLN A 42 6.37 25.44 10.96
N GLY A 43 5.90 25.08 9.78
CA GLY A 43 6.70 25.22 8.57
C GLY A 43 6.67 23.93 7.75
N LEU A 44 5.65 23.14 7.97
CA LEU A 44 5.49 21.86 7.28
C LEU A 44 4.34 21.92 6.30
N GLU A 45 4.68 22.10 5.03
CA GLU A 45 3.67 22.16 4.00
C GLU A 45 3.07 20.79 3.82
N VAL A 46 1.80 20.68 4.13
CA VAL A 46 1.12 19.40 4.02
C VAL A 46 0.33 19.30 2.74
N PHE A 47 0.50 18.19 2.05
CA PHE A 47 -0.23 17.96 0.82
C PHE A 47 -0.87 16.57 0.85
N ASN A 48 -1.73 16.30 -0.12
CA ASN A 48 -2.42 15.02 -0.20
C ASN A 48 -3.85 15.17 0.32
N ALA A 49 -4.01 15.07 1.64
CA ALA A 49 -5.33 15.20 2.26
C ALA A 49 -6.42 15.17 1.20
N HIS A 50 -7.29 16.17 1.23
CA HIS A 50 -8.38 16.28 0.28
C HIS A 50 -9.19 17.52 0.60
N ARG A 51 -8.97 18.06 1.79
CA ARG A 51 -9.67 19.27 2.23
C ARG A 51 -10.82 19.58 1.30
N ARG A 52 -10.66 20.61 0.48
CA ARG A 52 -11.71 20.99 -0.46
C ARG A 52 -12.60 19.79 -0.79
N GLU A 53 -11.98 18.68 -1.14
CA GLU A 53 -12.74 17.47 -1.48
C GLU A 53 -13.02 16.63 -0.25
N ALA A 54 -12.25 16.80 0.80
CA ALA A 54 -12.46 16.04 2.03
C ALA A 54 -13.60 16.63 2.84
N TRP A 55 -14.02 17.84 2.46
CA TRP A 55 -15.10 18.52 3.14
C TRP A 55 -16.24 18.80 2.15
N GLY A 56 -15.88 18.85 0.86
CA GLY A 56 -16.87 19.11 -0.17
C GLY A 56 -17.18 17.85 -0.96
N ALA A 57 -16.30 16.86 -0.87
CA ALA A 57 -16.50 15.60 -1.58
C ALA A 57 -15.33 14.65 -1.34
N GLN A 58 -15.26 14.09 -0.13
CA GLN A 58 -14.19 13.18 0.22
C GLN A 58 -14.16 11.98 -0.71
N VAL A 59 -13.48 10.92 -0.29
CA VAL A 59 -13.39 9.72 -1.10
C VAL A 59 -13.07 10.10 -2.53
N LEU A 60 -11.96 10.81 -2.70
CA LEU A 60 -11.55 11.24 -4.03
C LEU A 60 -11.66 10.10 -5.02
N THR A 61 -11.01 10.26 -6.15
CA THR A 61 -11.05 9.24 -7.19
C THR A 61 -9.65 8.76 -7.54
N PRO A 62 -9.52 7.49 -7.79
CA PRO A 62 -8.24 6.85 -8.14
C PRO A 62 -7.36 7.74 -9.03
N GLU A 63 -7.97 8.32 -10.05
CA GLU A 63 -7.26 9.18 -11.00
C GLU A 63 -6.66 10.39 -10.28
N GLU A 64 -7.15 10.68 -9.09
CA GLU A 64 -6.64 11.83 -8.34
C GLU A 64 -5.84 11.35 -7.14
N CYS A 65 -6.53 10.72 -6.20
CA CYS A 65 -5.90 10.24 -4.98
C CYS A 65 -4.70 9.34 -5.28
N THR A 66 -4.84 8.40 -6.21
CA THR A 66 -3.76 7.48 -6.51
C THR A 66 -2.55 8.20 -7.11
N PRO A 67 -2.71 8.82 -8.25
CA PRO A 67 -1.60 9.55 -8.93
C PRO A 67 -0.97 10.63 -8.05
N LEU A 68 -1.81 11.55 -7.58
CA LEU A 68 -1.32 12.65 -6.75
C LEU A 68 -0.73 12.13 -5.44
N ASP A 69 -1.41 11.16 -4.83
CA ASP A 69 -0.90 10.60 -3.59
C ASP A 69 0.38 9.83 -3.84
N GLN A 70 0.48 9.24 -5.03
CA GLN A 70 1.68 8.48 -5.39
C GLN A 70 2.89 9.41 -5.44
N LEU A 71 2.77 10.48 -6.24
CA LEU A 71 3.88 11.43 -6.35
C LEU A 71 4.10 12.12 -5.00
N GLU A 72 3.00 12.33 -4.27
CA GLU A 72 3.09 12.96 -2.97
C GLU A 72 3.83 12.05 -1.99
N ILE A 73 3.72 10.74 -2.20
CA ILE A 73 4.41 9.79 -1.34
C ILE A 73 5.91 9.94 -1.55
N ARG A 74 6.35 9.74 -2.79
CA ARG A 74 7.77 9.85 -3.11
C ARG A 74 8.28 11.28 -2.90
N LYS A 75 7.39 12.26 -3.00
CA LYS A 75 7.77 13.66 -2.83
C LYS A 75 7.80 14.02 -1.34
N ALA A 76 6.63 14.06 -0.74
CA ALA A 76 6.51 14.41 0.68
C ALA A 76 7.84 14.25 1.41
N ASP A 77 8.28 15.31 2.07
CA ASP A 77 9.52 15.29 2.82
C ASP A 77 9.36 14.43 4.06
N VAL A 78 8.17 14.50 4.66
CA VAL A 78 7.86 13.72 5.85
C VAL A 78 6.56 12.97 5.62
N PHE A 79 6.64 11.74 5.11
CA PHE A 79 5.44 10.95 4.84
C PHE A 79 4.68 10.68 6.12
N VAL A 80 3.52 11.32 6.25
CA VAL A 80 2.68 11.13 7.43
C VAL A 80 1.32 10.61 7.01
N ALA A 81 0.93 9.44 7.53
CA ALA A 81 -0.35 8.84 7.18
C ALA A 81 -1.14 8.48 8.43
N ILE A 82 -2.36 7.97 8.23
CA ILE A 82 -3.21 7.59 9.35
C ILE A 82 -3.97 6.32 9.04
N PRO A 83 -3.77 5.30 9.84
CA PRO A 83 -4.48 4.00 9.69
C PRO A 83 -5.97 4.19 9.78
N GLY A 84 -6.45 4.06 10.97
CA GLY A 84 -7.87 4.22 11.28
C GLY A 84 -8.65 2.92 11.07
N ILE A 85 -8.26 1.87 11.78
CA ILE A 85 -8.95 0.59 11.65
C ILE A 85 -10.38 0.81 11.15
N PRO A 86 -10.85 -0.08 10.32
CA PRO A 86 -10.07 -1.27 9.85
C PRO A 86 -8.76 -0.87 9.18
N PRO A 87 -7.91 -1.83 8.94
CA PRO A 87 -6.57 -1.61 8.30
C PRO A 87 -6.63 -0.66 7.10
N SER A 88 -6.72 0.63 7.37
CA SER A 88 -6.77 1.63 6.31
C SER A 88 -6.09 1.10 5.04
N PRO A 89 -6.87 0.73 4.07
CA PRO A 89 -6.35 0.21 2.77
C PRO A 89 -5.66 1.28 1.94
N GLY A 90 -6.33 2.42 1.78
CA GLY A 90 -5.76 3.51 1.01
C GLY A 90 -4.50 4.02 1.66
N THR A 91 -4.61 4.50 2.90
CA THR A 91 -3.45 4.99 3.61
C THR A 91 -2.35 3.94 3.54
N HIS A 92 -2.65 2.72 3.98
CA HIS A 92 -1.67 1.64 3.92
C HIS A 92 -0.84 1.78 2.67
N VAL A 93 -1.48 1.60 1.52
CA VAL A 93 -0.77 1.75 0.26
C VAL A 93 0.04 3.02 0.29
N GLU A 94 -0.47 4.03 1.00
CA GLU A 94 0.24 5.29 1.11
C GLU A 94 1.54 5.07 1.88
N ILE A 95 1.43 4.41 3.02
CA ILE A 95 2.59 4.10 3.83
C ILE A 95 3.52 3.20 3.02
N GLY A 96 2.97 2.08 2.58
CA GLY A 96 3.74 1.15 1.75
C GLY A 96 4.43 1.91 0.63
N TRP A 97 3.72 2.89 0.08
CA TRP A 97 4.24 3.71 -0.99
C TRP A 97 5.50 4.43 -0.53
N ALA A 98 5.39 5.11 0.60
CA ALA A 98 6.52 5.84 1.15
C ALA A 98 7.64 4.86 1.49
N SER A 99 7.29 3.58 1.57
CA SER A 99 8.28 2.55 1.88
C SER A 99 8.99 2.13 0.59
N ALA A 100 8.24 1.62 -0.37
CA ALA A 100 8.81 1.21 -1.64
C ALA A 100 9.57 2.39 -2.23
N PHE A 101 9.22 3.59 -1.79
CA PHE A 101 9.87 4.79 -2.27
C PHE A 101 10.99 5.20 -1.31
N ASP A 102 10.83 4.85 -0.04
CA ASP A 102 11.85 5.12 0.99
C ASP A 102 11.60 6.42 1.74
N LYS A 103 10.80 7.31 1.19
CA LYS A 103 10.53 8.58 1.86
C LYS A 103 10.15 8.35 3.32
N PRO A 104 10.84 8.99 4.23
CA PRO A 104 10.58 8.84 5.68
C PRO A 104 9.08 8.76 5.96
N ILE A 105 8.70 7.94 6.94
CA ILE A 105 7.28 7.76 7.26
C ILE A 105 7.00 8.06 8.73
N VAL A 106 5.72 8.33 8.99
CA VAL A 106 5.22 8.62 10.34
C VAL A 106 3.71 8.54 10.34
N LEU A 107 3.16 7.59 11.10
CA LEU A 107 1.72 7.43 11.14
C LEU A 107 1.13 7.79 12.50
N LEU A 108 -0.12 8.24 12.47
CA LEU A 108 -0.82 8.61 13.70
C LEU A 108 -1.62 7.41 14.18
N LEU A 109 -0.89 6.43 14.71
CA LEU A 109 -1.50 5.22 15.22
C LEU A 109 -2.81 5.51 15.93
N GLU A 110 -3.81 4.66 15.68
CA GLU A 110 -5.12 4.82 16.30
C GLU A 110 -5.22 3.91 17.53
N GLU A 111 -4.36 4.16 18.51
CA GLU A 111 -4.38 3.36 19.73
C GLU A 111 -5.32 2.17 19.56
N GLY A 112 -4.75 0.99 19.36
CA GLY A 112 -5.57 -0.20 19.16
C GLY A 112 -5.66 -0.55 17.67
N ARG A 113 -6.14 0.40 16.88
CA ARG A 113 -6.27 0.19 15.44
C ARG A 113 -4.90 -0.04 14.83
N GLU A 114 -4.01 0.91 15.07
CA GLU A 114 -2.64 0.83 14.58
C GLU A 114 -2.14 -0.59 14.76
N GLU A 115 -2.59 -1.22 15.83
CA GLU A 115 -2.21 -2.60 16.12
C GLU A 115 -2.90 -3.51 15.12
N GLU A 116 -4.21 -3.34 14.98
CA GLU A 116 -4.96 -4.14 14.03
C GLU A 116 -4.25 -4.08 12.69
N TYR A 117 -3.66 -2.92 12.39
CA TYR A 117 -2.91 -2.75 11.16
C TYR A 117 -1.76 -3.74 11.16
N GLY A 118 -0.85 -3.51 12.10
CA GLY A 118 0.32 -4.37 12.30
C GLY A 118 0.90 -4.84 10.99
N PHE A 119 0.20 -5.77 10.34
CA PHE A 119 0.67 -6.32 9.09
C PHE A 119 1.69 -5.40 8.41
N LEU A 120 1.23 -4.33 7.76
CA LEU A 120 2.16 -3.46 7.06
C LEU A 120 2.53 -2.23 7.86
N VAL A 121 1.59 -1.69 8.62
CA VAL A 121 1.92 -0.53 9.42
C VAL A 121 3.08 -0.89 10.32
N ARG A 122 2.96 -2.01 11.01
CA ARG A 122 4.04 -2.48 11.88
C ARG A 122 5.21 -2.95 11.03
N GLY A 123 4.93 -3.85 10.08
CA GLY A 123 5.98 -4.33 9.22
C GLY A 123 6.80 -3.14 8.72
N LEU A 124 6.16 -1.98 8.64
CA LEU A 124 6.83 -0.78 8.19
C LEU A 124 7.62 -0.15 9.33
N GLY A 125 6.97 0.07 10.45
CA GLY A 125 7.64 0.65 11.60
C GLY A 125 8.97 -0.04 11.83
N THR A 126 9.11 -1.24 11.29
CA THR A 126 10.34 -2.00 11.46
C THR A 126 11.21 -2.01 10.20
N VAL A 127 10.59 -2.00 9.01
CA VAL A 127 11.37 -2.03 7.77
C VAL A 127 11.73 -0.62 7.29
N ALA A 128 10.94 0.38 7.69
CA ALA A 128 11.20 1.76 7.27
C ALA A 128 10.91 2.74 8.39
N ALA A 129 11.57 3.89 8.32
CA ALA A 129 11.38 4.93 9.32
C ALA A 129 9.92 5.32 9.45
N VAL A 130 9.16 4.48 10.13
CA VAL A 130 7.74 4.72 10.31
C VAL A 130 7.42 5.05 11.76
N GLU A 131 7.33 6.34 12.07
CA GLU A 131 7.03 6.76 13.43
C GLU A 131 5.65 6.25 13.83
N PHE A 132 5.59 5.48 14.89
CA PHE A 132 4.33 4.94 15.36
C PHE A 132 3.75 5.77 16.49
N VAL A 133 2.96 6.78 16.11
CA VAL A 133 2.35 7.67 17.09
C VAL A 133 1.04 7.08 17.62
N HIS A 134 1.03 6.63 18.87
CA HIS A 134 -0.21 6.10 19.41
C HIS A 134 -1.18 7.25 19.66
N TYR A 135 -2.41 7.06 19.22
CA TYR A 135 -3.44 8.09 19.30
C TYR A 135 -3.92 8.35 20.72
N LYS A 136 -4.90 9.26 20.81
CA LYS A 136 -5.51 9.63 22.07
C LYS A 136 -5.45 11.15 22.25
N ASP A 137 -6.52 11.82 21.83
CA ASP A 137 -6.58 13.27 21.92
C ASP A 137 -5.64 13.88 20.89
N ILE A 138 -6.21 14.56 19.90
CA ILE A 138 -5.41 15.18 18.86
C ILE A 138 -4.33 16.06 19.48
N ALA A 139 -4.70 16.76 20.53
CA ALA A 139 -3.75 17.62 21.24
C ALA A 139 -2.60 16.77 21.77
N LEU A 140 -2.81 15.45 21.77
CA LEU A 140 -1.79 14.52 22.24
C LEU A 140 -1.06 13.90 21.05
N ALA A 141 -1.79 13.73 19.95
CA ALA A 141 -1.21 13.16 18.74
C ALA A 141 -0.31 14.19 18.06
N LYS A 142 -0.67 15.46 18.23
CA LYS A 142 0.11 16.54 17.64
C LYS A 142 1.49 16.61 18.29
N PRO A 143 1.53 16.60 19.60
CA PRO A 143 2.80 16.66 20.36
C PRO A 143 3.64 15.40 20.19
N GLN A 144 2.97 14.26 20.24
CA GLN A 144 3.65 12.99 20.10
C GLN A 144 4.15 12.82 18.66
N ILE A 145 3.39 13.38 17.71
CA ILE A 145 3.77 13.28 16.31
C ILE A 145 4.98 14.16 16.04
N ASP A 146 5.04 15.29 16.75
CA ASP A 146 6.16 16.20 16.57
C ASP A 146 7.45 15.61 17.12
N ALA A 147 7.39 15.12 18.35
CA ALA A 147 8.57 14.53 18.98
C ALA A 147 9.03 13.32 18.19
N ALA A 148 8.08 12.43 17.89
CA ALA A 148 8.41 11.23 17.12
C ALA A 148 8.96 11.61 15.76
N ILE A 149 8.43 12.71 15.21
CA ILE A 149 8.87 13.18 13.90
C ILE A 149 10.34 13.60 13.93
N ARG A 150 10.75 14.25 15.02
CA ARG A 150 12.14 14.70 15.15
C ARG A 150 13.06 13.54 15.49
N LYS A 151 12.65 12.73 16.45
CA LYS A 151 13.44 11.58 16.87
C LYS A 151 13.68 10.64 15.70
N VAL A 152 12.62 10.38 14.95
CA VAL A 152 12.72 9.49 13.80
C VAL A 152 13.55 10.15 12.70
N VAL A 153 13.32 11.44 12.47
CA VAL A 153 14.08 12.14 11.44
C VAL A 153 15.55 12.14 11.82
N ASP A 154 15.83 12.13 13.11
CA ASP A 154 17.21 12.11 13.59
C ASP A 154 17.75 10.70 13.53
N ARG A 155 16.90 9.74 13.86
CA ARG A 155 17.28 8.34 13.84
C ARG A 155 17.51 7.85 12.41
N VAL A 156 16.81 8.46 11.46
CA VAL A 156 16.95 8.08 10.06
C VAL A 156 18.12 8.82 9.39
N ASN A 157 18.26 10.09 9.72
CA ASN A 157 19.33 10.89 9.12
C ASN A 157 20.66 10.61 9.80
N ASN A 158 20.66 10.62 11.13
CA ASN A 158 21.88 10.37 11.88
C ASN A 158 22.94 11.40 11.51
N PRO A 159 23.13 12.36 12.36
CA PRO A 159 24.14 13.44 12.15
C PRO A 159 25.55 13.00 12.52
N ALA A 160 25.83 12.99 13.81
CA ALA A 160 27.16 12.59 14.30
C ALA A 160 28.24 13.41 13.60
N ALA A 161 29.42 13.45 14.21
CA ALA A 161 30.53 14.21 13.64
C ALA A 161 31.44 13.31 12.82
N THR A 162 31.30 13.38 11.50
CA THR A 162 32.13 12.57 10.61
C THR A 162 33.60 12.70 11.03
N PRO A 163 34.48 12.01 10.34
CA PRO A 163 35.94 12.02 10.65
C PRO A 163 36.42 13.41 11.10
N LYS B 1 9.64 -12.18 -27.68
CA LYS B 1 10.79 -11.67 -26.89
C LYS B 1 10.56 -11.97 -25.41
N ALA B 2 9.29 -11.88 -25.01
CA ALA B 2 8.93 -12.14 -23.62
C ALA B 2 9.58 -11.10 -22.70
N GLY B 3 9.26 -11.15 -21.41
CA GLY B 3 9.85 -10.20 -20.47
C GLY B 3 9.59 -10.58 -19.01
N VAL B 4 9.19 -11.83 -18.77
CA VAL B 4 8.94 -12.27 -17.40
C VAL B 4 9.91 -13.37 -17.01
N ARG B 5 10.82 -13.05 -16.10
CA ARG B 5 11.80 -14.01 -15.63
C ARG B 5 11.48 -14.43 -14.20
N SER B 6 10.92 -13.50 -13.44
CA SER B 6 10.56 -13.77 -12.05
C SER B 6 9.30 -12.97 -11.68
N VAL B 7 8.29 -13.68 -11.17
CA VAL B 7 7.04 -13.03 -10.80
C VAL B 7 6.82 -12.97 -9.29
N PHE B 8 6.25 -11.86 -8.84
CA PHE B 8 5.92 -11.66 -7.43
C PHE B 8 4.42 -11.85 -7.24
N LEU B 9 4.00 -12.52 -6.17
CA LEU B 9 2.58 -12.74 -5.95
C LEU B 9 2.18 -12.51 -4.49
N ALA B 10 1.05 -11.83 -4.31
CA ALA B 10 0.51 -11.56 -2.98
C ALA B 10 -0.99 -11.34 -3.07
N GLY B 11 -1.75 -11.92 -2.14
CA GLY B 11 -3.19 -11.79 -2.17
C GLY B 11 -3.68 -10.80 -1.12
N PRO B 12 -4.98 -10.66 -1.03
CA PRO B 12 -5.62 -9.72 -0.06
C PRO B 12 -5.22 -10.01 1.39
N PHE B 13 -4.35 -10.99 1.57
CA PHE B 13 -3.88 -11.36 2.90
C PHE B 13 -4.82 -10.86 3.99
N MET B 14 -4.23 -10.44 5.11
CA MET B 14 -5.00 -9.95 6.24
C MET B 14 -6.44 -9.65 5.83
N GLY B 15 -6.60 -9.08 4.63
CA GLY B 15 -7.93 -8.74 4.13
C GLY B 15 -8.72 -10.01 3.82
N LEU B 16 -8.26 -10.77 2.83
CA LEU B 16 -8.92 -12.00 2.45
C LEU B 16 -9.16 -12.84 3.70
N VAL B 17 -8.44 -12.47 4.74
CA VAL B 17 -8.55 -13.15 6.02
C VAL B 17 -8.95 -12.15 7.09
N ASN B 18 -9.09 -12.63 8.31
CA ASN B 18 -9.45 -11.75 9.41
C ASN B 18 -8.20 -11.03 9.90
N PRO B 19 -8.18 -9.73 9.84
CA PRO B 19 -7.03 -8.91 10.27
C PRO B 19 -6.09 -9.63 11.25
N GLU B 20 -5.25 -10.50 10.71
CA GLU B 20 -4.28 -11.26 11.50
C GLU B 20 -4.86 -12.57 12.02
N THR B 21 -5.49 -13.32 11.13
CA THR B 21 -6.09 -14.61 11.50
C THR B 21 -5.70 -15.65 10.46
N ASN B 22 -6.43 -16.76 10.42
CA ASN B 22 -6.11 -17.80 9.45
C ASN B 22 -7.39 -18.41 8.86
N SER B 23 -7.76 -17.91 7.68
CA SER B 23 -8.96 -18.38 6.99
C SER B 23 -8.77 -18.25 5.48
N MET B 24 -7.58 -18.61 5.02
CA MET B 24 -7.25 -18.52 3.59
C MET B 24 -7.77 -19.73 2.83
N PRO B 25 -8.80 -19.53 2.05
CA PRO B 25 -9.42 -20.60 1.24
C PRO B 25 -8.38 -21.56 0.63
N SER B 26 -8.51 -22.84 0.95
CA SER B 26 -7.60 -23.85 0.42
C SER B 26 -7.78 -23.98 -1.09
N ALA B 27 -9.03 -24.13 -1.50
CA ALA B 27 -9.35 -24.26 -2.92
C ALA B 27 -8.81 -23.05 -3.68
N GLU B 28 -8.39 -22.04 -2.92
CA GLU B 28 -7.84 -20.83 -3.51
C GLU B 28 -6.33 -20.96 -3.68
N GLN B 29 -5.66 -21.36 -2.60
CA GLN B 29 -4.22 -21.55 -2.65
C GLN B 29 -3.88 -22.44 -3.83
N LEU B 30 -4.80 -23.36 -4.13
CA LEU B 30 -4.61 -24.26 -5.25
C LEU B 30 -4.46 -23.46 -6.53
N PRO B 31 -5.50 -22.76 -6.89
CA PRO B 31 -5.48 -21.91 -8.10
C PRO B 31 -4.14 -21.18 -8.18
N PHE B 32 -3.62 -20.83 -7.01
CA PHE B 32 -2.33 -20.16 -6.94
C PHE B 32 -1.23 -21.13 -7.33
N LEU B 33 -1.33 -22.38 -6.87
CA LEU B 33 -0.34 -23.38 -7.20
C LEU B 33 -0.34 -23.62 -8.72
N THR B 34 -1.50 -23.45 -9.35
CA THR B 34 -1.60 -23.64 -10.80
C THR B 34 -0.89 -22.51 -11.51
N LEU B 35 -1.23 -21.27 -11.18
CA LEU B 35 -0.60 -20.11 -11.79
C LEU B 35 0.88 -20.09 -11.41
N ILE B 36 1.15 -20.17 -10.12
CA ILE B 36 2.52 -20.18 -9.62
C ILE B 36 3.29 -21.27 -10.36
N GLU B 37 2.59 -22.36 -10.69
CA GLU B 37 3.20 -23.47 -11.41
C GLU B 37 3.56 -23.03 -12.84
N HIS B 38 2.64 -22.32 -13.49
CA HIS B 38 2.91 -21.85 -14.85
C HIS B 38 4.08 -20.88 -14.83
N PHE B 39 4.31 -20.30 -13.65
CA PHE B 39 5.41 -19.37 -13.48
C PHE B 39 6.71 -20.16 -13.41
N GLU B 40 6.82 -21.01 -12.39
CA GLU B 40 8.02 -21.84 -12.23
C GLU B 40 8.16 -22.77 -13.42
N LYS B 41 7.09 -22.82 -14.22
CA LYS B 41 7.08 -23.69 -15.39
C LYS B 41 7.57 -22.95 -16.63
N GLN B 42 7.07 -21.73 -16.83
CA GLN B 42 7.46 -20.95 -18.00
C GLN B 42 8.86 -20.37 -17.81
N GLY B 43 9.21 -20.08 -16.57
CA GLY B 43 10.53 -19.52 -16.25
C GLY B 43 10.39 -18.28 -15.38
N LEU B 44 9.25 -18.17 -14.73
CA LEU B 44 8.97 -17.02 -13.86
C LEU B 44 9.03 -17.43 -12.41
N GLU B 45 10.16 -17.14 -11.77
CA GLU B 45 10.33 -17.48 -10.38
C GLU B 45 9.43 -16.60 -9.54
N VAL B 46 8.46 -17.21 -8.89
CA VAL B 46 7.52 -16.45 -8.08
C VAL B 46 7.90 -16.49 -6.62
N PHE B 47 7.94 -15.32 -6.01
CA PHE B 47 8.25 -15.23 -4.60
C PHE B 47 7.18 -14.41 -3.88
N ASN B 48 7.23 -14.42 -2.55
CA ASN B 48 6.24 -13.70 -1.75
C ASN B 48 5.19 -14.66 -1.22
N ALA B 49 4.19 -14.94 -2.03
CA ALA B 49 3.11 -15.85 -1.62
C ALA B 49 3.20 -16.13 -0.12
N HIS B 50 3.23 -17.42 0.22
CA HIS B 50 3.32 -17.85 1.61
C HIS B 50 3.30 -19.37 1.66
N ARG B 51 2.87 -19.97 0.56
CA ARG B 51 2.80 -21.42 0.46
C ARG B 51 2.96 -22.08 1.83
N ARG B 52 4.15 -22.62 2.09
CA ARG B 52 4.41 -23.28 3.36
C ARG B 52 3.53 -22.67 4.46
N GLU B 53 3.52 -21.36 4.53
CA GLU B 53 2.73 -20.66 5.53
C GLU B 53 1.32 -20.37 5.03
N ALA B 54 1.14 -20.34 3.72
CA ALA B 54 -0.19 -20.07 3.18
C ALA B 54 -1.04 -21.33 3.22
N TRP B 55 -0.40 -22.45 3.54
CA TRP B 55 -1.11 -23.73 3.62
C TRP B 55 -0.92 -24.34 5.01
N GLY B 56 0.14 -23.92 5.69
CA GLY B 56 0.42 -24.42 7.03
C GLY B 56 0.16 -23.35 8.08
N ALA B 57 0.04 -22.12 7.62
CA ALA B 57 -0.21 -20.99 8.52
C ALA B 57 -0.20 -19.66 7.75
N GLN B 58 -1.28 -19.40 7.02
CA GLN B 58 -1.37 -18.17 6.24
C GLN B 58 -1.32 -16.95 7.15
N VAL B 59 -1.78 -15.82 6.62
CA VAL B 59 -1.79 -14.58 7.38
C VAL B 59 -0.46 -14.42 8.11
N LEU B 60 0.61 -14.43 7.35
CA LEU B 60 1.94 -14.29 7.93
C LEU B 60 1.96 -13.18 8.97
N THR B 61 3.16 -12.71 9.29
CA THR B 61 3.31 -11.68 10.28
C THR B 61 4.05 -10.47 9.70
N PRO B 62 3.64 -9.29 10.07
CA PRO B 62 4.25 -8.02 9.57
C PRO B 62 5.76 -8.13 9.42
N GLU B 63 6.40 -8.70 10.44
CA GLU B 63 7.85 -8.84 10.44
C GLU B 63 8.32 -9.70 9.27
N GLU B 64 7.41 -10.45 8.69
CA GLU B 64 7.75 -11.32 7.56
C GLU B 64 7.17 -10.78 6.26
N CYS B 65 5.84 -10.83 6.19
CA CYS B 65 5.12 -10.37 5.00
C CYS B 65 5.48 -8.95 4.59
N THR B 66 5.58 -8.04 5.57
CA THR B 66 5.91 -6.65 5.26
C THR B 66 7.33 -6.51 4.70
N PRO B 67 8.32 -6.85 5.49
CA PRO B 67 9.75 -6.74 5.07
C PRO B 67 10.05 -7.52 3.80
N LEU B 68 9.77 -8.82 3.83
CA LEU B 68 10.04 -9.68 2.69
C LEU B 68 9.21 -9.25 1.48
N ASP B 69 7.94 -8.95 1.70
CA ASP B 69 7.10 -8.53 0.58
C ASP B 69 7.57 -7.17 0.05
N GLN B 70 8.11 -6.36 0.95
CA GLN B 70 8.60 -5.04 0.56
C GLN B 70 9.78 -5.16 -0.40
N LEU B 71 10.80 -5.92 0.00
CA LEU B 71 11.95 -6.11 -0.86
C LEU B 71 11.52 -6.86 -2.11
N GLU B 72 10.54 -7.76 -1.93
CA GLU B 72 10.03 -8.54 -3.04
C GLU B 72 9.30 -7.64 -4.02
N ILE B 73 8.74 -6.54 -3.51
CA ILE B 73 8.03 -5.61 -4.39
C ILE B 73 9.05 -4.90 -5.26
N ARG B 74 10.02 -4.26 -4.63
CA ARG B 74 11.06 -3.55 -5.38
C ARG B 74 11.92 -4.52 -6.20
N LYS B 75 12.02 -5.77 -5.74
CA LYS B 75 12.83 -6.77 -6.44
C LYS B 75 12.06 -7.40 -7.60
N ALA B 76 11.04 -8.16 -7.25
CA ALA B 76 10.20 -8.83 -8.24
C ALA B 76 10.36 -8.21 -9.62
N ASP B 77 10.64 -9.03 -10.62
CA ASP B 77 10.79 -8.55 -11.98
C ASP B 77 9.43 -8.19 -12.54
N VAL B 78 8.43 -8.97 -12.16
CA VAL B 78 7.06 -8.73 -12.62
C VAL B 78 6.12 -8.72 -11.43
N PHE B 79 5.88 -7.54 -10.87
CA PHE B 79 5.01 -7.44 -9.71
C PHE B 79 3.61 -7.89 -10.06
N VAL B 80 3.21 -9.03 -9.52
CA VAL B 80 1.88 -9.55 -9.75
C VAL B 80 1.15 -9.72 -8.42
N ALA B 81 0.03 -9.02 -8.26
CA ALA B 81 -0.72 -9.11 -7.02
C ALA B 81 -2.17 -9.49 -7.30
N ILE B 82 -2.95 -9.64 -6.24
CA ILE B 82 -4.35 -10.02 -6.37
C ILE B 82 -5.21 -9.28 -5.35
N PRO B 83 -6.15 -8.51 -5.84
CA PRO B 83 -7.09 -7.75 -4.99
C PRO B 83 -7.86 -8.69 -4.08
N GLY B 84 -9.00 -9.09 -4.59
CA GLY B 84 -9.89 -10.01 -3.89
C GLY B 84 -10.83 -9.29 -2.92
N ILE B 85 -11.63 -8.37 -3.46
CA ILE B 85 -12.57 -7.63 -2.62
C ILE B 85 -12.89 -8.42 -1.36
N PRO B 86 -13.02 -7.73 -0.25
CA PRO B 86 -12.90 -6.24 -0.19
C PRO B 86 -11.54 -5.75 -0.71
N PRO B 87 -11.42 -4.47 -0.91
CA PRO B 87 -10.18 -3.83 -1.42
C PRO B 87 -8.93 -4.36 -0.74
N SER B 88 -8.52 -5.57 -1.12
CA SER B 88 -7.32 -6.18 -0.56
C SER B 88 -6.39 -5.12 0.00
N PRO B 89 -6.34 -5.01 1.31
CA PRO B 89 -5.47 -4.01 2.00
C PRO B 89 -3.99 -4.35 1.88
N GLY B 90 -3.64 -5.59 2.20
CA GLY B 90 -2.27 -6.03 2.14
C GLY B 90 -1.74 -5.95 0.71
N THR B 91 -2.39 -6.68 -0.18
CA THR B 91 -1.99 -6.66 -1.57
C THR B 91 -1.87 -5.21 -2.04
N HIS B 92 -2.95 -4.45 -1.88
CA HIS B 92 -2.92 -3.04 -2.26
C HIS B 92 -1.56 -2.47 -1.95
N VAL B 93 -1.24 -2.34 -0.67
CA VAL B 93 0.05 -1.83 -0.27
C VAL B 93 1.14 -2.48 -1.10
N GLU B 94 0.90 -3.74 -1.49
CA GLU B 94 1.87 -4.46 -2.32
C GLU B 94 1.93 -3.79 -3.68
N ILE B 95 0.75 -3.56 -4.27
CA ILE B 95 0.69 -2.91 -5.56
C ILE B 95 1.25 -1.50 -5.44
N GLY B 96 0.70 -0.74 -4.51
CA GLY B 96 1.19 0.61 -4.28
C GLY B 96 2.71 0.56 -4.13
N TRP B 97 3.18 -0.46 -3.42
CA TRP B 97 4.61 -0.65 -3.20
C TRP B 97 5.35 -0.73 -4.53
N ALA B 98 4.90 -1.61 -5.40
CA ALA B 98 5.53 -1.76 -6.71
C ALA B 98 5.41 -0.47 -7.48
N SER B 99 4.49 0.39 -7.04
CA SER B 99 4.30 1.68 -7.68
C SER B 99 5.35 2.65 -7.17
N ALA B 100 5.30 2.94 -5.88
CA ALA B 100 6.27 3.82 -5.27
C ALA B 100 7.67 3.34 -5.61
N PHE B 101 7.77 2.07 -5.96
CA PHE B 101 9.07 1.50 -6.31
C PHE B 101 9.25 1.51 -7.83
N ASP B 102 8.13 1.48 -8.56
CA ASP B 102 8.15 1.53 -10.03
C ASP B 102 8.17 0.15 -10.67
N LYS B 103 8.56 -0.87 -9.93
CA LYS B 103 8.62 -2.22 -10.51
C LYS B 103 7.31 -2.55 -11.24
N PRO B 104 7.40 -2.94 -12.49
CA PRO B 104 6.20 -3.30 -13.31
C PRO B 104 5.16 -4.03 -12.48
N ILE B 105 3.88 -3.73 -12.73
CA ILE B 105 2.82 -4.37 -11.98
C ILE B 105 1.80 -5.07 -12.89
N VAL B 106 1.08 -6.00 -12.28
CA VAL B 106 0.06 -6.78 -12.96
C VAL B 106 -0.80 -7.49 -11.92
N LEU B 107 -2.08 -7.17 -11.89
CA LEU B 107 -2.96 -7.79 -10.90
C LEU B 107 -3.97 -8.70 -11.55
N LEU B 108 -4.42 -9.69 -10.79
CA LEU B 108 -5.41 -10.63 -11.27
C LEU B 108 -6.79 -10.15 -10.84
N LEU B 109 -7.26 -9.08 -11.49
CA LEU B 109 -8.55 -8.50 -11.17
C LEU B 109 -9.58 -9.57 -10.84
N GLU B 110 -10.38 -9.29 -9.82
CA GLU B 110 -11.42 -10.22 -9.41
C GLU B 110 -12.77 -9.82 -10.00
N GLU B 111 -12.84 -9.79 -11.33
CA GLU B 111 -14.08 -9.43 -12.02
C GLU B 111 -15.08 -8.88 -11.01
N GLY B 112 -15.23 -7.56 -10.99
CA GLY B 112 -16.15 -6.93 -10.06
C GLY B 112 -15.39 -6.34 -8.87
N ARG B 113 -14.65 -7.20 -8.17
CA ARG B 113 -13.87 -6.76 -7.02
C ARG B 113 -12.85 -5.73 -7.48
N GLU B 114 -12.03 -6.13 -8.43
CA GLU B 114 -11.00 -5.26 -8.98
C GLU B 114 -11.58 -3.87 -9.14
N GLU B 115 -12.86 -3.82 -9.48
CA GLU B 115 -13.55 -2.55 -9.63
C GLU B 115 -13.72 -1.91 -8.27
N GLU B 116 -14.23 -2.70 -7.32
CA GLU B 116 -14.41 -2.19 -5.97
C GLU B 116 -13.10 -1.60 -5.48
N TYR B 117 -11.99 -2.18 -5.95
CA TYR B 117 -10.68 -1.67 -5.60
C TYR B 117 -10.56 -0.27 -6.13
N GLY B 118 -10.61 -0.19 -7.46
CA GLY B 118 -10.55 1.08 -8.17
C GLY B 118 -9.57 2.06 -7.54
N PHE B 119 -9.98 2.63 -6.43
CA PHE B 119 -9.16 3.61 -5.76
C PHE B 119 -7.69 3.50 -6.16
N LEU B 120 -6.96 2.52 -5.63
CA LEU B 120 -5.54 2.41 -5.97
C LEU B 120 -5.26 1.39 -7.05
N VAL B 121 -6.01 0.30 -7.07
CA VAL B 121 -5.79 -0.69 -8.10
C VAL B 121 -5.94 0.00 -9.44
N ARG B 122 -7.04 0.72 -9.61
CA ARG B 122 -7.27 1.46 -10.84
C ARG B 122 -6.30 2.63 -10.91
N GLY B 123 -6.29 3.46 -9.87
CA GLY B 123 -5.37 4.58 -9.85
C GLY B 123 -4.00 4.12 -10.31
N LEU B 124 -3.72 2.84 -10.10
CA LEU B 124 -2.43 2.28 -10.49
C LEU B 124 -2.44 1.89 -11.97
N GLY B 125 -3.46 1.16 -12.38
CA GLY B 125 -3.57 0.75 -13.77
C GLY B 125 -3.34 1.95 -14.68
N THR B 126 -3.53 3.14 -14.12
CA THR B 126 -3.37 4.37 -14.89
C THR B 126 -2.05 5.08 -14.58
N VAL B 127 -1.58 5.02 -13.34
CA VAL B 127 -0.34 5.72 -12.99
C VAL B 127 0.90 4.84 -13.22
N ALA B 128 0.75 3.53 -13.13
CA ALA B 128 1.89 2.63 -13.32
C ALA B 128 1.49 1.41 -14.13
N ALA B 129 2.48 0.79 -14.75
CA ALA B 129 2.25 -0.40 -15.56
C ALA B 129 1.53 -1.46 -14.74
N VAL B 130 0.22 -1.30 -14.58
CA VAL B 130 -0.55 -2.27 -13.82
C VAL B 130 -1.53 -3.02 -14.71
N GLU B 131 -1.13 -4.22 -15.13
CA GLU B 131 -1.99 -5.04 -15.97
C GLU B 131 -3.26 -5.39 -15.20
N PHE B 132 -4.40 -5.07 -15.78
CA PHE B 132 -5.67 -5.35 -15.13
C PHE B 132 -6.31 -6.61 -15.71
N VAL B 133 -5.98 -7.75 -15.14
CA VAL B 133 -6.51 -9.01 -15.61
C VAL B 133 -7.87 -9.30 -14.98
N HIS B 134 -8.95 -9.21 -15.75
CA HIS B 134 -10.25 -9.52 -15.18
C HIS B 134 -10.34 -11.02 -14.95
N TYR B 135 -10.80 -11.38 -13.76
CA TYR B 135 -10.89 -12.78 -13.37
C TYR B 135 -11.98 -13.55 -14.10
N LYS B 136 -12.11 -14.82 -13.71
CA LYS B 136 -13.09 -15.73 -14.28
C LYS B 136 -12.39 -17.00 -14.78
N ASP B 137 -12.37 -18.03 -13.92
CA ASP B 137 -11.72 -19.29 -14.26
C ASP B 137 -10.21 -19.10 -14.26
N ILE B 138 -9.52 -19.73 -13.31
CA ILE B 138 -8.07 -19.59 -13.23
C ILE B 138 -7.46 -19.89 -14.59
N ALA B 139 -8.00 -20.91 -15.27
CA ALA B 139 -7.50 -21.27 -16.58
C ALA B 139 -7.69 -20.10 -17.54
N LEU B 140 -8.47 -19.12 -17.10
CA LEU B 140 -8.72 -17.93 -17.91
C LEU B 140 -7.83 -16.78 -17.43
N ALA B 141 -7.54 -16.78 -16.12
CA ALA B 141 -6.69 -15.75 -15.54
C ALA B 141 -5.24 -16.00 -15.91
N LYS B 142 -4.89 -17.28 -16.07
CA LYS B 142 -3.52 -17.66 -16.42
C LYS B 142 -3.17 -17.16 -17.83
N PRO B 143 -4.05 -17.41 -18.77
CA PRO B 143 -3.84 -16.97 -20.19
C PRO B 143 -3.94 -15.46 -20.34
N GLN B 144 -4.91 -14.86 -19.66
CA GLN B 144 -5.09 -13.41 -19.73
C GLN B 144 -3.96 -12.71 -18.99
N ILE B 145 -3.43 -13.36 -17.97
CA ILE B 145 -2.34 -12.78 -17.21
C ILE B 145 -1.04 -12.85 -18.02
N ASP B 146 -0.90 -13.91 -18.81
CA ASP B 146 0.29 -14.06 -19.64
C ASP B 146 0.30 -13.04 -20.77
N ALA B 147 -0.81 -12.93 -21.49
CA ALA B 147 -0.89 -11.98 -22.58
C ALA B 147 -0.75 -10.56 -22.06
N ALA B 148 -1.48 -10.24 -20.99
CA ALA B 148 -1.40 -8.91 -20.40
C ALA B 148 0.01 -8.64 -19.89
N ILE B 149 0.66 -9.70 -19.42
CA ILE B 149 2.02 -9.57 -18.90
C ILE B 149 2.99 -9.17 -20.01
N ARG B 150 2.83 -9.78 -21.17
CA ARG B 150 3.71 -9.48 -22.30
C ARG B 150 3.38 -8.12 -22.90
N LYS B 151 2.10 -7.88 -23.16
CA LYS B 151 1.68 -6.62 -23.74
C LYS B 151 2.11 -5.45 -22.88
N VAL B 152 1.89 -5.59 -21.58
CA VAL B 152 2.26 -4.52 -20.66
C VAL B 152 3.78 -4.40 -20.59
N VAL B 153 4.47 -5.54 -20.52
CA VAL B 153 5.92 -5.51 -20.46
C VAL B 153 6.47 -4.84 -21.71
N ASP B 154 5.75 -5.00 -22.81
CA ASP B 154 6.15 -4.41 -24.07
C ASP B 154 5.78 -2.93 -24.10
N ARG B 155 4.63 -2.63 -23.52
CA ARG B 155 4.15 -1.25 -23.48
C ARG B 155 4.99 -0.42 -22.52
N VAL B 156 5.53 -1.07 -21.49
CA VAL B 156 6.35 -0.38 -20.50
C VAL B 156 7.79 -0.26 -20.95
N ASN B 157 8.30 -1.30 -21.60
CA ASN B 157 9.68 -1.28 -22.05
C ASN B 157 9.81 -0.53 -23.37
N ASN B 158 8.92 -0.84 -24.30
CA ASN B 158 8.94 -0.18 -25.61
C ASN B 158 10.29 -0.42 -26.29
N PRO B 159 10.32 -1.31 -27.23
CA PRO B 159 11.57 -1.66 -27.97
C PRO B 159 11.87 -0.67 -29.09
N ALA B 160 11.11 -0.76 -30.17
CA ALA B 160 11.29 0.14 -31.31
C ALA B 160 12.75 0.14 -31.75
N ALA B 161 13.00 0.55 -32.99
CA ALA B 161 14.35 0.60 -33.51
C ALA B 161 14.96 1.98 -33.34
N THR B 162 15.81 2.13 -32.34
CA THR B 162 16.47 3.41 -32.09
C THR B 162 17.04 3.97 -33.39
N PRO B 163 17.61 5.14 -33.34
CA PRO B 163 18.20 5.79 -34.53
C PRO B 163 18.88 4.79 -35.47
#